data_9KDD
#
_entry.id   9KDD
#
_cell.length_a   1.00
_cell.length_b   1.00
_cell.length_c   1.00
_cell.angle_alpha   90.00
_cell.angle_beta   90.00
_cell.angle_gamma   90.00
#
_symmetry.space_group_name_H-M   'P 1'
#
loop_
_entity.id
_entity.type
_entity.pdbx_description
1 polymer 'Short transient receptor potential channel 3'
2 non-polymer 'ZINC ION'
3 non-polymer 3-[1-(5,6,7,8-tetrahydro-4~{H}-cyclohepta[b]thiophen-2-ylcarbonyl)piperidin-4-yl]-1~{H}-benzimidazol-2-one
#
_entity_poly.entity_id   1
_entity_poly.type   'polypeptide(L)'
_entity_poly.pdbx_seq_one_letter_code
;MSTKVRKCKEQARVTFPAPEEEEDEGEDEGAEPQRRRRGWRGVNGGLEPRSAPSQREPHGYCPPPFSHGPDLSMEGSPSL
RRMTVMREKGRRQAVRGPAFMFNDRGTSLTAEEERFLDAAEYGNIPVVRKMLEESKTLNVNCVDYMGQNALQLAVGNEHL
EVTELLLKKENLARIGDALLLAISKGYVRIVEAILNHPGFAASKRLTLSPCEQELQDDDFYAYDEDGTRFSPDITPIILA
AHCQKYEVVHMLLMKGARIERPHDYFCKCGDCMEKQRHDSFSHSRSRINAYKGLASPAYLSLSSEDPVLTALELSNELAK
LANIEKEFKNDYRKLSMQCKDFVVGVLDLCRDSEEVEAILNGDLESAEPLEVHRHKASLSRVKLAIKYEVKKFVAHPNCQ
QQLLTIWYENLSGLREQTIAIKCLVVLVVALGLPFLAIGYWIAPCSRLGKILRSPFMKFVAHAASFIIFLGLLVFNASDR
FEGITTLPNITVTDYPKQIFRVKTTQFTWTEMLIMVWVLGMMWSECKELWLEGPREYILQLWNVLDFGMLSIFIAAFTAR
FLAFLQATKAQQYVDSYVQESDLSEVTLPPEIQYFTYARDKWLPSDPQIISEGLYAIAVVLSFSRIAYILPANESFGPLQ
ISLGRTVKDIFKFMVLFIMVFFAFMIGMFILYSYYLGAKVNAAFTTVEESFKTLFWSIFGLSEVTSVVLKYDHKFIENIG
YVLYGIYNVTMVVVLLNMLIAMINSSYQEIEDDSDVEWKFARSKLWLSYFDDGKTLPPPFSLVPSPKSFVYFIMRIVNFP
KCRRRRLQKDIEMGMGNSKSRLNLFTQSNSRVFESHSFNSILNQPTRYQQIMKRLIKRYVLKAQVDKENDEVNEGELKEI
KQDISSLRYELLEDKSQATEELAILIHKLSEKLNPSMLRCE
;
_entity_poly.pdbx_strand_id   A,B,C,D
#
loop_
_chem_comp.id
_chem_comp.type
_chem_comp.name
_chem_comp.formula
A1L5P non-polymer 3-[1-(5,6,7,8-tetrahydro-4~{H}-cyclohepta[b]thiophen-2-ylcarbonyl)piperidin-4-yl]-1~{H}-benzimidazol-2-one 'C22 H25 N3 O2 S'
ZN non-polymer 'ZINC ION' 'Zn 2'
#
# COMPACT_ATOMS: atom_id res chain seq x y z
N THR A 107 -19.68 5.47 55.42
CA THR A 107 -20.82 4.62 55.76
C THR A 107 -21.73 5.30 56.77
N SER A 108 -22.53 6.24 56.30
CA SER A 108 -23.46 6.98 57.13
C SER A 108 -24.85 6.34 57.19
N LEU A 109 -25.06 5.23 56.50
CA LEU A 109 -26.37 4.60 56.46
C LEU A 109 -26.56 3.68 57.67
N THR A 110 -27.80 3.59 58.13
CA THR A 110 -28.13 2.80 59.30
C THR A 110 -28.14 1.32 58.96
N ALA A 111 -28.32 0.48 59.98
CA ALA A 111 -28.27 -0.97 59.79
C ALA A 111 -29.48 -1.47 59.01
N GLU A 112 -30.68 -1.03 59.40
CA GLU A 112 -31.90 -1.51 58.75
C GLU A 112 -31.94 -1.11 57.28
N GLU A 113 -31.61 0.14 56.99
CA GLU A 113 -31.60 0.58 55.60
C GLU A 113 -30.50 -0.11 54.80
N GLU A 114 -29.36 -0.40 55.44
CA GLU A 114 -28.32 -1.16 54.76
C GLU A 114 -28.80 -2.56 54.40
N ARG A 115 -29.48 -3.22 55.34
CA ARG A 115 -30.02 -4.55 55.07
C ARG A 115 -31.03 -4.50 53.94
N PHE A 116 -31.93 -3.51 53.96
CA PHE A 116 -32.93 -3.39 52.90
C PHE A 116 -32.27 -3.14 51.54
N LEU A 117 -31.26 -2.27 51.51
CA LEU A 117 -30.60 -1.95 50.25
C LEU A 117 -29.83 -3.14 49.70
N ASP A 118 -29.12 -3.88 50.55
CA ASP A 118 -28.39 -5.05 50.05
C ASP A 118 -29.34 -6.15 49.62
N ALA A 119 -30.48 -6.30 50.31
CA ALA A 119 -31.49 -7.27 49.86
C ALA A 119 -32.05 -6.87 48.51
N ALA A 120 -32.30 -5.58 48.30
CA ALA A 120 -32.79 -5.12 47.00
C ALA A 120 -31.76 -5.36 45.91
N GLU A 121 -30.48 -5.09 46.20
CA GLU A 121 -29.44 -5.29 45.20
C GLU A 121 -29.30 -6.77 44.85
N TYR A 122 -29.31 -7.64 45.87
CA TYR A 122 -29.18 -9.07 45.64
C TYR A 122 -30.56 -9.71 45.48
N ASN A 124 -32.91 -11.33 47.28
CA ASN A 124 -33.90 -11.91 48.18
C ASN A 124 -35.17 -11.08 48.23
N ILE A 125 -36.15 -11.46 47.41
CA ILE A 125 -37.44 -10.76 47.39
C ILE A 125 -38.16 -10.81 48.74
N PRO A 126 -38.21 -11.93 49.47
CA PRO A 126 -38.98 -11.91 50.74
C PRO A 126 -38.45 -10.92 51.75
N VAL A 127 -37.14 -10.71 51.81
CA VAL A 127 -36.57 -9.75 52.75
C VAL A 127 -37.05 -8.34 52.41
N VAL A 128 -37.02 -7.98 51.13
CA VAL A 128 -37.49 -6.67 50.70
C VAL A 128 -38.98 -6.52 50.98
N ARG A 129 -39.76 -7.57 50.71
CA ARG A 129 -41.19 -7.51 50.96
C ARG A 129 -41.49 -7.30 52.44
N LYS A 130 -40.76 -8.01 53.30
CA LYS A 130 -40.97 -7.86 54.74
C LYS A 130 -40.55 -6.49 55.23
N MET A 131 -39.42 -5.97 54.71
CA MET A 131 -38.92 -4.68 55.17
C MET A 131 -39.80 -3.53 54.70
N LEU A 132 -40.39 -3.66 53.50
CA LEU A 132 -41.16 -2.57 52.91
C LEU A 132 -42.65 -2.62 53.28
N GLU A 133 -43.07 -3.59 54.10
CA GLU A 133 -44.47 -3.73 54.46
C GLU A 133 -44.67 -3.40 55.93
N GLU A 134 -45.60 -2.49 56.21
CA GLU A 134 -46.00 -2.12 57.56
C GLU A 134 -44.79 -1.70 58.40
N SER A 135 -43.95 -0.84 57.83
CA SER A 135 -42.78 -0.32 58.52
C SER A 135 -42.71 1.18 58.28
N LYS A 136 -42.82 1.96 59.36
CA LYS A 136 -42.69 3.41 59.24
C LYS A 136 -41.28 3.81 58.83
N THR A 137 -40.28 3.10 59.33
CA THR A 137 -38.89 3.35 58.96
C THR A 137 -38.58 2.72 57.61
N LEU A 138 -37.29 2.67 57.26
CA LEU A 138 -36.84 2.12 55.98
C LEU A 138 -37.45 2.88 54.81
N ASN A 139 -37.08 4.16 54.71
CA ASN A 139 -37.58 5.02 53.64
C ASN A 139 -37.20 4.45 52.28
N VAL A 140 -38.13 4.53 51.33
CA VAL A 140 -37.93 3.91 50.03
C VAL A 140 -36.87 4.66 49.22
N ASN A 141 -36.88 6.00 49.27
CA ASN A 141 -35.98 6.79 48.44
C ASN A 141 -34.63 7.04 49.11
N CYS A 142 -34.25 6.21 50.07
CA CYS A 142 -32.93 6.32 50.69
C CYS A 142 -31.90 5.59 49.84
N VAL A 143 -30.67 6.09 49.88
CA VAL A 143 -29.57 5.51 49.12
C VAL A 143 -28.32 5.53 49.98
N ASP A 144 -27.26 4.90 49.47
CA ASP A 144 -25.98 4.90 50.16
C ASP A 144 -25.37 6.30 50.14
N TYR A 145 -24.22 6.44 50.80
CA TYR A 145 -23.54 7.72 50.82
C TYR A 145 -23.11 8.15 49.43
N MET A 146 -22.57 7.21 48.64
CA MET A 146 -22.18 7.48 47.27
C MET A 146 -22.62 6.36 46.33
N GLY A 147 -23.58 5.56 46.76
CA GLY A 147 -24.09 4.45 45.99
C GLY A 147 -25.32 4.81 45.18
N GLN A 148 -26.13 3.80 44.89
CA GLN A 148 -27.33 3.95 44.08
C GLN A 148 -28.57 3.83 44.96
N ASN A 149 -29.69 4.33 44.45
CA ASN A 149 -30.96 4.24 45.16
C ASN A 149 -31.41 2.77 45.23
N ALA A 150 -32.42 2.52 46.06
CA ALA A 150 -33.01 1.19 46.12
C ALA A 150 -33.59 0.79 44.77
N LEU A 151 -34.35 1.70 44.16
CA LEU A 151 -34.87 1.42 42.82
C LEU A 151 -33.75 1.29 41.80
N GLN A 152 -32.73 2.14 41.91
CA GLN A 152 -31.61 2.06 40.97
C GLN A 152 -30.85 0.74 41.13
N LEU A 153 -30.67 0.28 42.37
CA LEU A 153 -30.01 -1.01 42.59
C LEU A 153 -30.87 -2.16 42.09
N ALA A 154 -32.19 -2.06 42.25
CA ALA A 154 -33.08 -3.12 41.80
C ALA A 154 -33.21 -3.15 40.28
N VAL A 155 -32.95 -2.03 39.62
CA VAL A 155 -33.02 -1.97 38.16
C VAL A 155 -31.69 -2.31 37.50
N GLY A 156 -30.56 -1.91 38.09
CA GLY A 156 -29.27 -2.23 37.50
C GLY A 156 -29.02 -3.72 37.39
N ASN A 157 -29.52 -4.50 38.34
CA ASN A 157 -29.50 -5.95 38.30
C ASN A 157 -30.92 -6.44 38.10
N GLU A 158 -31.14 -7.24 37.05
CA GLU A 158 -32.49 -7.55 36.59
C GLU A 158 -33.31 -8.30 37.63
N HIS A 159 -34.33 -7.63 38.17
CA HIS A 159 -35.27 -8.24 39.12
C HIS A 159 -36.57 -7.46 39.01
N LEU A 160 -37.54 -8.02 38.28
CA LEU A 160 -38.76 -7.28 37.96
C LEU A 160 -39.69 -7.16 39.18
N GLU A 161 -39.80 -8.23 39.97
CA GLU A 161 -40.74 -8.21 41.08
C GLU A 161 -40.32 -7.23 42.16
N VAL A 162 -39.01 -7.19 42.48
CA VAL A 162 -38.53 -6.23 43.46
C VAL A 162 -38.70 -4.81 42.94
N THR A 163 -38.49 -4.61 41.64
CA THR A 163 -38.70 -3.29 41.05
C THR A 163 -40.16 -2.87 41.16
N GLU A 164 -41.09 -3.79 40.91
CA GLU A 164 -42.51 -3.47 41.03
C GLU A 164 -42.88 -3.15 42.48
N LEU A 165 -42.33 -3.92 43.43
CA LEU A 165 -42.59 -3.62 44.84
C LEU A 165 -42.05 -2.25 45.23
N LEU A 166 -40.86 -1.91 44.74
CA LEU A 166 -40.30 -0.58 45.00
C LEU A 166 -41.16 0.51 44.39
N LEU A 167 -41.65 0.30 43.16
CA LEU A 167 -42.44 1.31 42.48
C LEU A 167 -43.86 1.40 43.01
N LYS A 168 -44.29 0.42 43.80
CA LYS A 168 -45.65 0.49 44.37
C LYS A 168 -45.81 1.71 45.28
N LYS A 169 -44.72 2.17 45.90
CA LYS A 169 -44.79 3.35 46.75
C LYS A 169 -45.10 4.59 45.93
N GLU A 170 -46.01 5.42 46.43
CA GLU A 170 -46.40 6.63 45.70
C GLU A 170 -45.26 7.63 45.61
N ASN A 171 -44.51 7.79 46.69
CA ASN A 171 -43.41 8.76 46.74
C ASN A 171 -42.09 8.02 46.58
N LEU A 172 -41.38 8.31 45.48
CA LEU A 172 -40.10 7.69 45.21
C LEU A 172 -39.28 8.62 44.34
N ALA A 173 -37.96 8.41 44.35
CA ALA A 173 -37.03 9.25 43.62
C ALA A 173 -36.21 8.40 42.65
N ARG A 174 -35.53 9.10 41.72
CA ARG A 174 -34.66 8.48 40.73
C ARG A 174 -35.40 7.48 39.86
N ILE A 175 -36.67 7.78 39.57
CA ILE A 175 -37.44 6.95 38.64
C ILE A 175 -36.92 7.12 37.21
N GLY A 176 -36.65 8.36 36.81
CA GLY A 176 -36.13 8.60 35.48
C GLY A 176 -34.77 7.98 35.25
N ASP A 177 -33.89 8.05 36.26
CA ASP A 177 -32.59 7.41 36.12
C ASP A 177 -32.74 5.90 36.02
N ALA A 178 -33.68 5.32 36.76
CA ALA A 178 -33.94 3.88 36.64
C ALA A 178 -34.41 3.54 35.24
N LEU A 179 -35.31 4.35 34.67
CA LEU A 179 -35.77 4.11 33.31
C LEU A 179 -34.62 4.20 32.32
N LEU A 180 -33.74 5.20 32.48
CA LEU A 180 -32.61 5.35 31.56
C LEU A 180 -31.64 4.18 31.67
N LEU A 181 -31.38 3.72 32.89
CA LEU A 181 -30.47 2.58 33.08
C LEU A 181 -31.06 1.31 32.50
N ALA A 182 -32.37 1.10 32.66
CA ALA A 182 -33.02 -0.06 32.07
C ALA A 182 -32.99 0.02 30.54
N ILE A 183 -33.24 1.21 29.98
CA ILE A 183 -33.27 1.37 28.53
C ILE A 183 -31.89 1.17 27.93
N SER A 184 -30.84 1.58 28.66
CA SER A 184 -29.49 1.43 28.14
C SER A 184 -29.14 -0.04 27.88
N LYS A 185 -29.86 -0.96 28.49
CA LYS A 185 -29.69 -2.39 28.28
C LYS A 185 -31.01 -2.99 27.79
N GLY A 186 -31.04 -4.32 27.68
CA GLY A 186 -32.21 -4.99 27.15
C GLY A 186 -33.24 -5.38 28.20
N TYR A 187 -33.45 -4.50 29.18
CA TYR A 187 -34.34 -4.78 30.30
C TYR A 187 -35.75 -4.32 29.93
N VAL A 188 -36.39 -5.11 29.09
CA VAL A 188 -37.68 -4.71 28.50
C VAL A 188 -38.77 -4.68 29.56
N ARG A 189 -38.88 -5.74 30.37
CA ARG A 189 -39.96 -5.81 31.35
C ARG A 189 -39.80 -4.75 32.43
N ILE A 190 -38.56 -4.46 32.82
CA ILE A 190 -38.31 -3.40 33.79
C ILE A 190 -38.77 -2.06 33.22
N VAL A 191 -38.49 -1.81 31.93
CA VAL A 191 -38.94 -0.58 31.30
C VAL A 191 -40.46 -0.51 31.28
N GLU A 192 -41.13 -1.64 30.98
CA GLU A 192 -42.59 -1.66 30.98
C GLU A 192 -43.14 -1.33 32.36
N ALA A 193 -42.58 -1.95 33.41
CA ALA A 193 -43.05 -1.68 34.76
C ALA A 193 -42.84 -0.22 35.15
N ILE A 194 -41.67 0.34 34.81
CA ILE A 194 -41.39 1.72 35.16
C ILE A 194 -42.31 2.67 34.42
N LEU A 195 -42.57 2.40 33.13
CA LEU A 195 -43.48 3.26 32.37
C LEU A 195 -44.91 3.13 32.87
N ASN A 196 -45.27 1.97 33.43
CA ASN A 196 -46.61 1.81 33.98
C ASN A 196 -46.85 2.66 35.22
N HIS A 197 -45.79 3.23 35.80
CA HIS A 197 -45.94 4.06 36.98
C HIS A 197 -46.75 5.32 36.65
N PRO A 198 -47.63 5.76 37.55
CA PRO A 198 -48.46 6.94 37.24
C PRO A 198 -47.66 8.23 37.07
N GLY A 199 -46.42 8.29 37.57
CA GLY A 199 -45.64 9.50 37.44
C GLY A 199 -45.38 9.89 35.99
N PHE A 200 -45.07 8.90 35.14
CA PHE A 200 -44.86 9.17 33.73
C PHE A 200 -46.17 9.55 33.04
N ALA A 201 -47.24 8.83 33.36
CA ALA A 201 -48.52 9.06 32.67
C ALA A 201 -49.08 10.44 32.98
N ALA A 202 -48.98 10.88 34.24
CA ALA A 202 -49.57 12.14 34.67
C ALA A 202 -48.61 13.32 34.57
N SER A 203 -47.60 13.23 33.70
CA SER A 203 -46.64 14.32 33.56
C SER A 203 -45.98 14.23 32.19
N LYS A 204 -45.31 15.32 31.82
CA LYS A 204 -44.53 15.40 30.59
C LYS A 204 -43.12 14.87 30.76
N ARG A 205 -42.86 14.10 31.82
CA ARG A 205 -41.51 13.59 32.05
C ARG A 205 -41.10 12.59 30.99
N LEU A 206 -42.06 11.82 30.46
CA LEU A 206 -41.74 10.78 29.49
C LEU A 206 -41.21 11.37 28.19
N THR A 207 -41.78 12.49 27.74
CA THR A 207 -41.47 12.99 26.40
C THR A 207 -40.30 13.97 26.40
N LEU A 208 -40.42 15.06 27.14
CA LEU A 208 -39.47 16.15 27.03
C LEU A 208 -38.20 15.87 27.84
N SER A 209 -37.09 16.45 27.40
CA SER A 209 -35.77 16.13 27.93
C SER A 209 -35.61 16.60 29.37
N PRO A 210 -34.80 15.89 30.15
CA PRO A 210 -34.63 16.27 31.57
C PRO A 210 -34.12 17.69 31.77
N CYS A 211 -33.29 18.19 30.86
CA CYS A 211 -32.71 19.52 31.04
C CYS A 211 -33.79 20.60 31.03
N GLU A 212 -34.79 20.47 30.16
CA GLU A 212 -35.80 21.50 29.99
C GLU A 212 -37.22 20.97 30.18
N GLN A 213 -37.38 19.84 30.86
CA GLN A 213 -38.72 19.30 31.08
C GLN A 213 -39.58 20.25 31.92
N GLU A 214 -39.00 20.80 32.99
CA GLU A 214 -39.72 21.67 33.91
C GLU A 214 -38.68 22.43 34.73
N LEU A 215 -39.14 23.04 35.83
CA LEU A 215 -38.22 23.66 36.76
C LEU A 215 -37.33 22.63 37.44
N GLN A 216 -37.67 21.34 37.32
CA GLN A 216 -36.86 20.21 37.78
C GLN A 216 -36.37 20.39 39.21
N ASP A 217 -37.26 20.87 40.08
CA ASP A 217 -36.94 20.91 41.50
C ASP A 217 -36.74 19.52 42.06
N ASP A 218 -37.57 18.56 41.63
CA ASP A 218 -37.42 17.18 42.05
C ASP A 218 -36.35 16.48 41.22
N ASP A 219 -35.59 15.60 41.86
CA ASP A 219 -34.52 14.85 41.21
C ASP A 219 -35.12 13.64 40.51
N PHE A 220 -35.62 13.85 39.28
CA PHE A 220 -36.25 12.78 38.53
C PHE A 220 -35.21 11.91 37.83
N TYR A 221 -34.43 12.51 36.92
CA TYR A 221 -33.42 11.79 36.15
C TYR A 221 -32.04 11.89 36.78
N ALA A 222 -31.93 12.46 37.97
CA ALA A 222 -30.63 12.73 38.57
C ALA A 222 -29.88 11.45 38.88
N TYR A 223 -28.57 11.48 38.67
CA TYR A 223 -27.68 10.38 39.00
C TYR A 223 -27.24 10.54 40.45
N ASP A 224 -26.17 9.86 40.86
CA ASP A 224 -25.77 9.77 42.26
C ASP A 224 -25.79 11.11 42.99
N GLU A 225 -24.92 12.04 42.61
CA GLU A 225 -24.80 13.29 43.34
C GLU A 225 -25.21 14.50 42.52
N ASP A 226 -24.60 14.72 41.35
CA ASP A 226 -24.87 15.93 40.57
C ASP A 226 -25.18 15.65 39.12
N GLY A 227 -24.53 14.65 38.53
CA GLY A 227 -24.68 14.38 37.11
C GLY A 227 -25.96 13.65 36.79
N THR A 228 -26.05 13.19 35.54
CA THR A 228 -27.20 12.43 35.07
C THR A 228 -26.74 11.15 34.38
N PHE A 230 -25.67 9.90 31.55
CA PHE A 230 -25.88 10.38 30.19
C PHE A 230 -26.13 11.89 30.18
N SER A 231 -26.02 12.49 28.99
CA SER A 231 -26.17 13.93 28.88
C SER A 231 -27.60 14.35 29.22
N PRO A 232 -27.76 15.55 29.77
CA PRO A 232 -29.12 16.00 30.14
C PRO A 232 -30.07 16.12 28.96
N ASP A 233 -29.56 16.24 27.74
CA ASP A 233 -30.40 16.41 26.57
C ASP A 233 -30.90 15.09 26.01
N ILE A 234 -30.47 13.96 26.55
CA ILE A 234 -30.82 12.66 26.02
C ILE A 234 -32.11 12.19 26.67
N THR A 235 -33.18 12.13 25.89
CA THR A 235 -34.45 11.57 26.34
C THR A 235 -34.35 10.06 26.39
N PRO A 236 -35.28 9.39 27.07
CA PRO A 236 -35.30 7.92 27.01
C PRO A 236 -35.45 7.38 25.59
N ILE A 237 -36.23 8.05 24.75
CA ILE A 237 -36.40 7.61 23.37
C ILE A 237 -35.10 7.78 22.59
N ILE A 238 -34.41 8.90 22.80
CA ILE A 238 -33.14 9.12 22.12
C ILE A 238 -32.10 8.10 22.58
N LEU A 239 -32.09 7.78 23.88
CA LEU A 239 -31.16 6.75 24.37
C LEU A 239 -31.48 5.39 23.77
N ALA A 240 -32.76 5.04 23.67
CA ALA A 240 -33.15 3.77 23.07
C ALA A 240 -32.73 3.71 21.62
N ALA A 241 -32.90 4.81 20.89
CA ALA A 241 -32.44 4.87 19.50
C ALA A 241 -30.91 4.73 19.41
N HIS A 242 -30.19 5.38 20.33
CA HIS A 242 -28.73 5.29 20.35
C HIS A 242 -28.28 3.86 20.55
N CYS A 243 -28.89 3.17 21.51
CA CYS A 243 -28.51 1.79 21.80
C CYS A 243 -29.11 0.80 20.81
N GLN A 244 -30.05 1.24 19.97
CA GLN A 244 -30.71 0.41 18.97
C GLN A 244 -31.42 -0.77 19.61
N LYS A 245 -32.36 -0.45 20.49
CA LYS A 245 -33.21 -1.44 21.14
C LYS A 245 -34.58 -1.35 20.48
N TYR A 246 -34.83 -2.26 19.53
CA TYR A 246 -36.06 -2.20 18.73
C TYR A 246 -37.30 -2.34 19.61
N GLU A 247 -37.28 -3.26 20.57
CA GLU A 247 -38.42 -3.43 21.45
C GLU A 247 -38.65 -2.20 22.31
N VAL A 248 -37.59 -1.63 22.86
CA VAL A 248 -37.72 -0.44 23.71
C VAL A 248 -38.17 0.75 22.89
N VAL A 249 -37.62 0.91 21.68
CA VAL A 249 -38.04 2.01 20.80
C VAL A 249 -39.52 1.86 20.47
N HIS A 250 -39.96 0.64 20.16
CA HIS A 250 -41.37 0.40 19.87
C HIS A 250 -42.25 0.74 21.06
N MET A 251 -41.84 0.32 22.26
CA MET A 251 -42.61 0.62 23.45
C MET A 251 -42.73 2.12 23.69
N LEU A 252 -41.61 2.84 23.57
CA LEU A 252 -41.63 4.27 23.80
C LEU A 252 -42.45 5.00 22.75
N LEU A 253 -42.40 4.52 21.50
CA LEU A 253 -43.23 5.11 20.46
C LEU A 253 -44.70 4.89 20.74
N MET A 254 -45.07 3.71 21.25
CA MET A 254 -46.47 3.48 21.62
C MET A 254 -46.89 4.37 22.77
N LYS A 255 -45.95 4.79 23.62
CA LYS A 255 -46.26 5.70 24.72
C LYS A 255 -46.32 7.15 24.29
N GLY A 256 -45.96 7.47 23.05
CA GLY A 256 -46.01 8.82 22.55
C GLY A 256 -44.68 9.55 22.50
N ALA A 257 -43.58 8.87 22.81
CA ALA A 257 -42.26 9.49 22.83
C ALA A 257 -41.68 9.53 21.42
N ARG A 258 -41.45 10.74 20.91
CA ARG A 258 -40.87 10.93 19.59
C ARG A 258 -39.65 11.83 19.70
N ILE A 259 -38.64 11.56 18.87
CA ILE A 259 -37.47 12.42 18.82
C ILE A 259 -37.81 13.67 18.02
N GLU A 260 -37.73 14.83 18.67
CA GLU A 260 -38.01 16.09 18.01
C GLU A 260 -36.84 16.47 17.13
N ARG A 261 -37.11 16.74 15.85
CA ARG A 261 -36.05 17.08 14.92
C ARG A 261 -35.45 18.44 15.27
N PRO A 262 -34.15 18.54 15.45
CA PRO A 262 -33.54 19.84 15.76
C PRO A 262 -33.69 20.83 14.62
N HIS A 263 -33.74 22.10 14.97
CA HIS A 263 -33.95 23.16 14.01
C HIS A 263 -32.75 23.28 13.06
N ASP A 264 -32.90 24.16 12.07
CA ASP A 264 -31.82 24.43 11.14
C ASP A 264 -30.65 25.08 11.88
N TYR A 265 -29.44 24.89 11.34
CA TYR A 265 -28.26 25.47 11.97
C TYR A 265 -28.34 26.98 12.03
N PHE A 266 -28.91 27.60 11.00
CA PHE A 266 -29.07 29.05 10.95
C PHE A 266 -30.43 29.51 11.45
N CYS A 267 -31.05 28.76 12.36
CA CYS A 267 -32.34 29.15 12.89
C CYS A 267 -32.21 30.41 13.74
N LYS A 268 -33.21 31.28 13.65
CA LYS A 268 -33.22 32.54 14.39
C LYS A 268 -34.35 32.62 15.39
N CYS A 269 -34.92 31.49 15.81
CA CYS A 269 -35.97 31.52 16.81
C CYS A 269 -35.39 31.89 18.17
N GLY A 270 -36.27 32.27 19.09
CA GLY A 270 -35.82 32.71 20.39
C GLY A 270 -35.11 31.62 21.17
N ASP A 271 -35.64 30.40 21.10
CA ASP A 271 -35.06 29.29 21.85
C ASP A 271 -33.66 28.96 21.34
N CYS A 272 -33.48 28.94 20.01
CA CYS A 272 -32.17 28.64 19.45
C CYS A 272 -31.15 29.70 19.82
N MET A 273 -31.53 30.98 19.75
CA MET A 273 -30.62 32.04 20.18
C MET A 273 -30.30 31.93 21.67
N GLU A 274 -31.29 31.61 22.49
CA GLU A 274 -31.06 31.49 23.93
C GLU A 274 -30.09 30.35 24.24
N LYS A 275 -30.23 29.23 23.55
CA LYS A 275 -29.30 28.12 23.75
C LYS A 275 -27.92 28.43 23.16
N GLN A 276 -27.86 29.23 22.10
CA GLN A 276 -26.57 29.56 21.50
C GLN A 276 -25.81 30.59 22.31
N ARG A 277 -26.51 31.46 23.03
CA ARG A 277 -25.84 32.50 23.79
C ARG A 277 -24.91 31.91 24.84
N HIS A 278 -25.42 30.99 25.65
CA HIS A 278 -24.65 30.35 26.70
C HIS A 278 -24.51 28.87 26.38
N ASP A 279 -23.29 28.36 26.46
CA ASP A 279 -22.99 26.96 26.21
C ASP A 279 -23.41 26.54 24.81
N SER A 280 -22.76 27.14 23.82
CA SER A 280 -22.95 26.72 22.43
C SER A 280 -22.42 25.30 22.20
N PHE A 281 -21.43 24.89 22.99
CA PHE A 281 -20.93 23.52 22.89
C PHE A 281 -22.01 22.52 23.26
N SER A 282 -22.76 22.80 24.33
CA SER A 282 -23.87 21.91 24.69
C SER A 282 -24.95 21.92 23.62
N HIS A 283 -25.18 23.06 22.97
CA HIS A 283 -26.16 23.13 21.89
C HIS A 283 -25.74 22.23 20.72
N SER A 284 -24.48 22.31 20.32
CA SER A 284 -23.99 21.45 19.24
C SER A 284 -24.05 19.99 19.63
N ARG A 285 -23.67 19.67 20.88
CA ARG A 285 -23.69 18.29 21.34
C ARG A 285 -25.10 17.74 21.37
N SER A 286 -26.07 18.54 21.81
CA SER A 286 -27.45 18.08 21.84
C SER A 286 -28.00 17.89 20.43
N ARG A 287 -27.62 18.77 19.50
CA ARG A 287 -28.02 18.57 18.11
C ARG A 287 -27.46 17.26 17.56
N ILE A 288 -26.18 16.98 17.84
CA ILE A 288 -25.58 15.74 17.37
C ILE A 288 -26.27 14.54 18.00
N ASN A 289 -26.63 14.63 19.28
CA ASN A 289 -27.34 13.53 19.94
C ASN A 289 -28.70 13.29 19.31
N ALA A 290 -29.44 14.37 19.02
CA ALA A 290 -30.75 14.22 18.40
C ALA A 290 -30.62 13.59 17.01
N TYR A 291 -29.61 13.99 16.24
CA TYR A 291 -29.43 13.41 14.93
C TYR A 291 -28.93 11.96 15.01
N LYS A 292 -28.17 11.63 16.05
CA LYS A 292 -27.77 10.24 16.26
C LYS A 292 -28.99 9.37 16.58
N GLY A 293 -29.93 9.92 17.35
CA GLY A 293 -31.18 9.21 17.59
C GLY A 293 -32.02 9.06 16.34
N LEU A 294 -32.12 10.14 15.55
CA LEU A 294 -32.94 10.10 14.34
C LEU A 294 -32.35 9.16 13.29
N ALA A 295 -31.03 9.17 13.12
CA ALA A 295 -30.37 8.34 12.13
C ALA A 295 -30.21 6.90 12.58
N SER A 296 -30.80 6.52 13.70
CA SER A 296 -30.71 5.15 14.19
C SER A 296 -31.59 4.25 13.34
N PRO A 297 -31.09 3.09 12.90
CA PRO A 297 -31.95 2.18 12.11
C PRO A 297 -33.20 1.76 12.83
N ALA A 298 -33.16 1.59 14.16
CA ALA A 298 -34.36 1.24 14.91
C ALA A 298 -35.41 2.33 14.82
N TYR A 299 -35.01 3.58 15.10
CA TYR A 299 -35.96 4.69 15.02
C TYR A 299 -36.41 4.92 13.58
N LEU A 300 -35.49 4.79 12.62
CA LEU A 300 -35.85 4.95 11.22
C LEU A 300 -36.92 3.95 10.80
N SER A 301 -36.74 2.68 11.19
CA SER A 301 -37.66 1.64 10.74
C SER A 301 -38.99 1.69 11.48
N LEU A 302 -38.97 2.03 12.77
CA LEU A 302 -40.19 1.94 13.58
C LEU A 302 -40.94 3.25 13.72
N SER A 303 -40.36 4.38 13.32
CA SER A 303 -40.93 5.67 13.65
C SER A 303 -41.85 6.24 12.59
N SER A 304 -41.63 5.91 11.32
CA SER A 304 -42.38 6.50 10.23
C SER A 304 -42.78 5.44 9.21
N GLU A 305 -43.84 5.73 8.48
CA GLU A 305 -44.20 4.98 7.29
C GLU A 305 -43.40 5.55 6.12
N ASP A 306 -43.01 4.67 5.20
CA ASP A 306 -42.06 4.99 4.15
C ASP A 306 -40.75 5.49 4.77
N PRO A 307 -40.00 4.61 5.43
CA PRO A 307 -38.74 5.06 6.06
C PRO A 307 -37.56 5.16 5.11
N VAL A 308 -37.64 4.62 3.89
CA VAL A 308 -36.53 4.77 2.96
C VAL A 308 -36.40 6.21 2.50
N LEU A 309 -37.53 6.88 2.24
CA LEU A 309 -37.51 8.29 1.90
C LEU A 309 -36.99 9.13 3.06
N THR A 310 -37.44 8.81 4.28
CA THR A 310 -36.96 9.52 5.46
C THR A 310 -35.46 9.37 5.62
N ALA A 311 -34.95 8.16 5.42
CA ALA A 311 -33.51 7.93 5.56
C ALA A 311 -32.72 8.66 4.48
N LEU A 312 -33.24 8.69 3.25
CA LEU A 312 -32.56 9.43 2.18
C LEU A 312 -32.49 10.92 2.50
N GLU A 313 -33.62 11.50 2.90
CA GLU A 313 -33.65 12.92 3.21
C GLU A 313 -32.75 13.24 4.40
N LEU A 314 -32.75 12.38 5.42
CA LEU A 314 -31.90 12.59 6.59
C LEU A 314 -30.43 12.47 6.23
N SER A 315 -30.09 11.54 5.34
CA SER A 315 -28.71 11.42 4.88
C SER A 315 -28.27 12.71 4.20
N ASN A 316 -29.12 13.26 3.33
CA ASN A 316 -28.77 14.52 2.67
C ASN A 316 -28.60 15.65 3.68
N GLU A 317 -29.51 15.74 4.65
CA GLU A 317 -29.44 16.79 5.66
C GLU A 317 -28.17 16.66 6.49
N LEU A 318 -27.79 15.44 6.86
CA LEU A 318 -26.59 15.23 7.64
C LEU A 318 -25.33 15.53 6.85
N ALA A 319 -25.34 15.25 5.54
CA ALA A 319 -24.21 15.64 4.71
C ALA A 319 -24.06 17.15 4.63
N LYS A 320 -25.19 17.86 4.48
CA LYS A 320 -25.13 19.31 4.48
C LYS A 320 -24.63 19.86 5.80
N LEU A 321 -25.06 19.26 6.91
CA LEU A 321 -24.56 19.67 8.23
C LEU A 321 -23.07 19.39 8.36
N ALA A 322 -22.60 18.26 7.84
CA ALA A 322 -21.17 17.97 7.88
C ALA A 322 -20.39 19.03 7.13
N ASN A 323 -20.90 19.48 5.98
CA ASN A 323 -20.25 20.57 5.27
C ASN A 323 -20.28 21.86 6.07
N ILE A 324 -21.41 22.15 6.72
CA ILE A 324 -21.57 23.44 7.39
C ILE A 324 -20.70 23.53 8.64
N GLU A 325 -20.68 22.47 9.45
CA GLU A 325 -19.98 22.50 10.74
C GLU A 325 -18.47 22.55 10.54
N LYS A 326 -17.92 21.45 10.03
CA LYS A 326 -16.48 21.23 9.86
C LYS A 326 -15.77 20.98 11.19
N GLU A 327 -16.48 21.14 12.32
CA GLU A 327 -15.91 20.71 13.59
C GLU A 327 -16.23 19.26 13.85
N PHE A 328 -17.52 18.93 13.84
CA PHE A 328 -18.03 17.58 14.01
C PHE A 328 -18.39 16.97 12.67
N LYS A 329 -17.60 17.26 11.64
CA LYS A 329 -17.87 16.74 10.31
C LYS A 329 -17.86 15.21 10.30
N ASN A 330 -16.95 14.60 11.04
CA ASN A 330 -16.88 13.14 11.08
C ASN A 330 -18.14 12.55 11.68
N ASP A 331 -18.69 13.17 12.73
CA ASP A 331 -19.91 12.67 13.35
C ASP A 331 -21.06 12.67 12.36
N TYR A 332 -21.26 13.80 11.67
CA TYR A 332 -22.36 13.90 10.72
C TYR A 332 -22.15 12.97 9.52
N ARG A 333 -20.90 12.80 9.07
CA ARG A 333 -20.63 11.87 7.99
C ARG A 333 -20.94 10.43 8.41
N LYS A 334 -20.60 10.07 9.65
CA LYS A 334 -20.92 8.74 10.14
C LYS A 334 -22.43 8.53 10.21
N LEU A 335 -23.17 9.55 10.66
CA LEU A 335 -24.63 9.43 10.69
C LEU A 335 -25.22 9.31 9.30
N SER A 336 -24.72 10.09 8.34
CA SER A 336 -25.21 9.98 6.97
C SER A 336 -24.90 8.60 6.39
N MET A 337 -23.72 8.07 6.70
CA MET A 337 -23.41 6.70 6.28
C MET A 337 -24.34 5.70 6.91
N GLN A 338 -24.77 5.93 8.16
CA GLN A 338 -25.76 5.07 8.78
C GLN A 338 -27.07 5.08 7.99
N CYS A 339 -27.53 6.27 7.60
CA CYS A 339 -28.76 6.37 6.83
C CYS A 339 -28.62 5.67 5.48
N LYS A 340 -27.50 5.87 4.80
CA LYS A 340 -27.27 5.22 3.52
C LYS A 340 -27.24 3.70 3.67
N ASP A 341 -26.60 3.21 4.74
CA ASP A 341 -26.55 1.78 4.99
C ASP A 341 -27.94 1.21 5.24
N PHE A 342 -28.78 1.93 5.98
CA PHE A 342 -30.14 1.48 6.21
C PHE A 342 -30.90 1.36 4.89
N VAL A 343 -30.78 2.38 4.03
CA VAL A 343 -31.48 2.35 2.75
C VAL A 343 -30.99 1.17 1.89
N VAL A 344 -29.68 0.98 1.85
CA VAL A 344 -29.11 -0.10 1.04
C VAL A 344 -29.58 -1.46 1.56
N GLY A 345 -29.60 -1.64 2.88
CA GLY A 345 -30.06 -2.90 3.43
C GLY A 345 -31.53 -3.18 3.14
N VAL A 346 -32.37 -2.15 3.29
CA VAL A 346 -33.79 -2.33 2.99
C VAL A 346 -33.98 -2.71 1.53
N LEU A 347 -33.20 -2.11 0.63
CA LEU A 347 -33.25 -2.54 -0.77
C LEU A 347 -32.77 -3.98 -0.92
N ASP A 348 -31.71 -4.36 -0.20
CA ASP A 348 -31.13 -5.69 -0.29
C ASP A 348 -32.12 -6.77 0.12
N LEU A 349 -33.03 -6.46 1.03
CA LEU A 349 -34.02 -7.45 1.48
C LEU A 349 -35.02 -7.86 0.41
N CYS A 350 -35.13 -7.12 -0.69
CA CYS A 350 -36.17 -7.40 -1.66
C CYS A 350 -35.92 -8.72 -2.37
N ARG A 351 -36.99 -9.50 -2.56
CA ARG A 351 -36.89 -10.78 -3.25
C ARG A 351 -37.96 -10.97 -4.31
N ASP A 352 -38.62 -9.89 -4.73
CA ASP A 352 -39.60 -9.96 -5.80
C ASP A 352 -39.53 -8.66 -6.58
N SER A 353 -40.01 -8.71 -7.83
CA SER A 353 -39.99 -7.51 -8.66
C SER A 353 -40.91 -6.43 -8.09
N GLU A 354 -42.01 -6.83 -7.48
CA GLU A 354 -42.93 -5.85 -6.89
C GLU A 354 -42.25 -5.08 -5.76
N GLU A 355 -41.54 -5.79 -4.88
CA GLU A 355 -40.83 -5.13 -3.79
C GLU A 355 -39.71 -4.24 -4.32
N VAL A 356 -38.97 -4.73 -5.32
CA VAL A 356 -37.87 -3.95 -5.88
C VAL A 356 -38.40 -2.67 -6.50
N GLU A 357 -39.52 -2.75 -7.23
CA GLU A 357 -40.12 -1.56 -7.80
C GLU A 357 -40.59 -0.61 -6.70
N ALA A 358 -41.27 -1.13 -5.69
CA ALA A 358 -41.76 -0.28 -4.61
C ALA A 358 -40.61 0.47 -3.93
N ILE A 359 -39.47 -0.19 -3.77
CA ILE A 359 -38.32 0.49 -3.18
C ILE A 359 -37.74 1.51 -4.16
N LEU A 360 -37.61 1.15 -5.43
CA LEU A 360 -36.93 2.00 -6.39
C LEU A 360 -37.77 3.22 -6.80
N ASN A 361 -39.09 3.15 -6.66
CA ASN A 361 -39.93 4.32 -6.79
C ASN A 361 -41.10 4.20 -5.83
N GLY A 362 -41.46 5.31 -5.20
CA GLY A 362 -42.45 5.30 -4.13
C GLY A 362 -43.87 5.08 -4.59
N ASP A 363 -44.82 5.57 -3.81
CA ASP A 363 -46.23 5.43 -4.14
C ASP A 363 -46.64 6.42 -5.23
N SER A 378 -40.91 5.88 -13.67
CA SER A 378 -40.35 7.03 -12.95
C SER A 378 -39.58 6.56 -11.72
N LEU A 379 -38.29 6.31 -11.90
CA LEU A 379 -37.46 5.79 -10.83
C LEU A 379 -37.14 6.88 -9.83
N SER A 380 -38.13 7.25 -9.00
CA SER A 380 -37.99 8.42 -8.14
C SER A 380 -36.89 8.23 -7.10
N ARG A 381 -36.88 7.09 -6.41
CA ARG A 381 -35.89 6.88 -5.36
C ARG A 381 -34.49 6.69 -5.92
N VAL A 382 -34.35 6.09 -7.11
CA VAL A 382 -33.04 6.00 -7.74
C VAL A 382 -32.51 7.39 -8.08
N LYS A 383 -33.39 8.25 -8.61
CA LYS A 383 -32.98 9.62 -8.92
C LYS A 383 -32.60 10.38 -7.65
N LEU A 384 -33.35 10.19 -6.57
CA LEU A 384 -33.03 10.84 -5.31
C LEU A 384 -31.69 10.35 -4.76
N ALA A 385 -31.43 9.05 -4.87
CA ALA A 385 -30.15 8.51 -4.41
C ALA A 385 -28.99 9.01 -5.25
N ILE A 386 -29.22 9.17 -6.56
CA ILE A 386 -28.20 9.77 -7.41
C ILE A 386 -27.94 11.21 -7.00
N LYS A 387 -28.99 11.95 -6.71
CA LYS A 387 -28.85 13.34 -6.26
C LYS A 387 -28.10 13.41 -4.93
N TYR A 388 -28.39 12.48 -4.02
CA TYR A 388 -27.82 12.49 -2.68
C TYR A 388 -26.54 11.69 -2.55
N GLU A 389 -26.00 11.19 -3.68
CA GLU A 389 -24.76 10.42 -3.69
C GLU A 389 -24.85 9.18 -2.80
N VAL A 390 -26.00 8.51 -2.84
CA VAL A 390 -26.17 7.22 -2.16
C VAL A 390 -25.73 6.18 -3.20
N LYS A 391 -24.43 5.95 -3.26
CA LYS A 391 -23.84 5.19 -4.36
C LYS A 391 -24.07 3.69 -4.24
N LYS A 392 -24.07 3.15 -3.02
CA LYS A 392 -24.27 1.72 -2.85
C LYS A 392 -25.71 1.30 -3.11
N PHE A 393 -26.67 2.21 -2.94
CA PHE A 393 -28.06 1.88 -3.25
C PHE A 393 -28.28 1.80 -4.75
N VAL A 394 -27.70 2.73 -5.51
CA VAL A 394 -27.85 2.72 -6.96
C VAL A 394 -27.06 1.56 -7.57
N ALA A 395 -25.89 1.27 -7.04
CA ALA A 395 -25.02 0.23 -7.57
C ALA A 395 -25.40 -1.18 -7.09
N HIS A 396 -26.41 -1.30 -6.24
CA HIS A 396 -26.83 -2.61 -5.77
C HIS A 396 -27.42 -3.41 -6.93
N PRO A 397 -27.18 -4.72 -6.98
CA PRO A 397 -27.70 -5.52 -8.11
C PRO A 397 -29.22 -5.45 -8.25
N ASN A 398 -29.95 -5.30 -7.16
CA ASN A 398 -31.41 -5.21 -7.25
C ASN A 398 -31.84 -3.98 -8.03
N CYS A 399 -31.15 -2.86 -7.86
CA CYS A 399 -31.40 -1.67 -8.66
C CYS A 399 -30.81 -1.78 -10.06
N GLN A 400 -29.64 -2.41 -10.19
CA GLN A 400 -28.97 -2.48 -11.48
C GLN A 400 -29.74 -3.33 -12.48
N GLN A 401 -30.35 -4.42 -12.02
CA GLN A 401 -31.14 -5.24 -12.93
C GLN A 401 -32.34 -4.48 -13.45
N GLN A 402 -33.01 -3.72 -12.59
CA GLN A 402 -34.13 -2.90 -13.03
C GLN A 402 -33.66 -1.83 -14.01
N LEU A 403 -32.52 -1.21 -13.74
CA LEU A 403 -32.00 -0.20 -14.65
C LEU A 403 -31.66 -0.79 -16.02
N LEU A 404 -31.06 -1.98 -16.04
CA LEU A 404 -30.80 -2.67 -17.30
C LEU A 404 -32.08 -3.04 -18.02
N THR A 405 -33.15 -3.31 -17.27
CA THR A 405 -34.43 -3.61 -17.92
C THR A 405 -34.92 -2.47 -18.80
N ILE A 406 -34.88 -1.24 -18.26
CA ILE A 406 -35.27 -0.09 -19.07
C ILE A 406 -34.19 0.23 -20.11
N TRP A 407 -32.92 0.06 -19.75
CA TRP A 407 -31.83 0.38 -20.65
C TRP A 407 -31.91 -0.44 -21.94
N TYR A 408 -32.06 -1.75 -21.81
CA TYR A 408 -32.20 -2.64 -22.96
C TYR A 408 -33.67 -2.93 -23.24
N GLU A 409 -34.44 -1.86 -23.41
CA GLU A 409 -35.86 -1.98 -23.69
C GLU A 409 -36.09 -2.19 -25.17
N ASN A 410 -37.14 -2.94 -25.51
CA ASN A 410 -37.55 -3.25 -26.88
C ASN A 410 -36.48 -3.99 -27.67
N LEU A 411 -35.37 -4.38 -27.04
CA LEU A 411 -34.30 -5.13 -27.68
C LEU A 411 -33.74 -6.09 -26.62
N SER A 412 -34.08 -7.37 -26.77
CA SER A 412 -33.71 -8.35 -25.76
C SER A 412 -32.46 -9.14 -26.15
N GLY A 413 -32.40 -9.60 -27.41
CA GLY A 413 -31.25 -10.37 -27.84
C GLY A 413 -29.96 -9.56 -27.85
N LEU A 414 -30.05 -8.26 -28.14
CA LEU A 414 -28.86 -7.43 -28.22
C LEU A 414 -28.19 -7.25 -26.87
N ARG A 415 -28.90 -7.49 -25.76
CA ARG A 415 -28.27 -7.40 -24.45
C ARG A 415 -27.16 -8.45 -24.31
N GLU A 416 -27.40 -9.66 -24.81
CA GLU A 416 -26.46 -10.76 -24.65
C GLU A 416 -25.34 -10.76 -25.68
N GLN A 417 -25.37 -9.85 -26.65
CA GLN A 417 -24.33 -9.80 -27.66
C GLN A 417 -23.02 -9.31 -27.06
N THR A 418 -21.92 -9.64 -27.75
CA THR A 418 -20.60 -9.24 -27.30
C THR A 418 -20.38 -7.75 -27.51
N ILE A 419 -19.26 -7.26 -26.97
CA ILE A 419 -18.90 -5.85 -27.14
C ILE A 419 -18.61 -5.53 -28.60
N ALA A 420 -18.03 -6.49 -29.33
CA ALA A 420 -17.74 -6.27 -30.74
C ALA A 420 -19.03 -6.07 -31.55
N ILE A 421 -20.08 -6.83 -31.23
CA ILE A 421 -21.35 -6.65 -31.91
C ILE A 421 -21.92 -5.27 -31.62
N LYS A 422 -21.79 -4.81 -30.37
CA LYS A 422 -22.25 -3.46 -30.03
C LYS A 422 -21.48 -2.40 -30.79
N CYS A 423 -20.16 -2.58 -30.92
CA CYS A 423 -19.37 -1.63 -31.70
C CYS A 423 -19.78 -1.64 -33.17
N LEU A 424 -20.07 -2.82 -33.71
CA LEU A 424 -20.55 -2.91 -35.08
C LEU A 424 -21.90 -2.19 -35.23
N VAL A 425 -22.76 -2.31 -34.23
CA VAL A 425 -24.04 -1.59 -34.26
C VAL A 425 -23.80 -0.08 -34.24
N VAL A 426 -22.84 0.38 -33.42
CA VAL A 426 -22.51 1.80 -33.40
C VAL A 426 -22.01 2.26 -34.77
N LEU A 427 -21.17 1.44 -35.41
CA LEU A 427 -20.67 1.80 -36.73
C LEU A 427 -21.79 1.86 -37.76
N VAL A 428 -22.71 0.90 -37.71
CA VAL A 428 -23.84 0.90 -38.64
C VAL A 428 -24.70 2.13 -38.44
N VAL A 429 -24.95 2.49 -37.17
CA VAL A 429 -25.75 3.68 -36.88
C VAL A 429 -25.03 4.94 -37.37
N ALA A 430 -23.70 4.98 -37.20
CA ALA A 430 -22.94 6.12 -37.70
C ALA A 430 -23.07 6.24 -39.21
N LEU A 431 -23.01 5.11 -39.91
CA LEU A 431 -23.15 5.14 -41.37
C LEU A 431 -24.56 5.57 -41.79
N GLY A 432 -25.58 5.09 -41.09
CA GLY A 432 -26.95 5.32 -41.55
C GLY A 432 -27.78 6.29 -40.74
N LEU A 433 -27.12 7.15 -39.96
CA LEU A 433 -27.85 8.12 -39.13
C LEU A 433 -28.78 9.03 -39.92
N PRO A 434 -28.38 9.65 -41.04
CA PRO A 434 -29.35 10.47 -41.79
C PRO A 434 -30.56 9.69 -42.25
N PHE A 435 -30.38 8.43 -42.66
CA PHE A 435 -31.51 7.64 -43.15
C PHE A 435 -32.53 7.37 -42.05
N LEU A 436 -32.07 6.95 -40.87
CA LEU A 436 -33.00 6.73 -39.77
C LEU A 436 -33.59 8.04 -39.27
N ALA A 437 -32.82 9.13 -39.32
CA ALA A 437 -33.35 10.43 -38.91
C ALA A 437 -34.50 10.87 -39.82
N ILE A 438 -34.34 10.71 -41.13
CA ILE A 438 -35.42 11.09 -42.04
C ILE A 438 -36.57 10.09 -41.97
N GLY A 439 -36.27 8.82 -41.68
CA GLY A 439 -37.34 7.85 -41.50
C GLY A 439 -38.08 8.00 -40.20
N TYR A 440 -37.54 8.77 -39.26
CA TYR A 440 -38.24 9.04 -38.00
C TYR A 440 -39.56 9.78 -38.21
N TRP A 441 -39.77 10.39 -39.38
CA TRP A 441 -41.05 11.03 -39.64
C TRP A 441 -42.19 10.02 -39.67
N ILE A 442 -41.89 8.76 -39.94
CA ILE A 442 -42.88 7.68 -39.92
C ILE A 442 -42.56 6.62 -38.87
N ALA A 443 -41.37 6.67 -38.26
CA ALA A 443 -40.97 5.61 -37.33
C ALA A 443 -41.92 5.39 -36.16
N PRO A 444 -42.49 6.41 -35.50
CA PRO A 444 -43.42 6.12 -34.40
C PRO A 444 -44.60 5.25 -34.81
N CYS A 445 -45.06 5.37 -36.06
CA CYS A 445 -46.08 4.47 -36.58
C CYS A 445 -45.51 3.13 -37.02
N SER A 446 -44.19 2.97 -37.03
CA SER A 446 -43.53 1.74 -37.43
C SER A 446 -42.90 1.05 -36.23
N ARG A 447 -42.47 -0.20 -36.45
CA ARG A 447 -41.83 -0.96 -35.39
C ARG A 447 -40.46 -0.41 -35.05
N LEU A 448 -39.73 0.11 -36.05
CA LEU A 448 -38.39 0.61 -35.84
C LEU A 448 -38.36 1.83 -34.92
N GLY A 449 -39.48 2.55 -34.82
CA GLY A 449 -39.53 3.68 -33.89
C GLY A 449 -39.35 3.23 -32.45
N LYS A 450 -39.96 2.10 -32.08
CA LYS A 450 -39.75 1.56 -30.74
C LYS A 450 -38.30 1.16 -30.53
N ILE A 451 -37.67 0.60 -31.56
CA ILE A 451 -36.27 0.18 -31.45
C ILE A 451 -35.38 1.39 -31.22
N LEU A 452 -35.55 2.44 -32.03
CA LEU A 452 -34.66 3.60 -31.91
C LEU A 452 -34.95 4.43 -30.67
N ARG A 453 -36.14 4.28 -30.08
CA ARG A 453 -36.51 5.05 -28.91
C ARG A 453 -36.10 4.38 -27.60
N SER A 454 -35.42 3.24 -27.66
CA SER A 454 -34.89 2.65 -26.45
C SER A 454 -33.67 3.44 -25.99
N PRO A 455 -33.46 3.52 -24.66
CA PRO A 455 -32.33 4.33 -24.17
C PRO A 455 -30.98 3.90 -24.73
N PHE A 456 -30.76 2.60 -24.92
CA PHE A 456 -29.50 2.14 -25.48
C PHE A 456 -29.31 2.65 -26.90
N MET A 457 -30.38 2.64 -27.71
CA MET A 457 -30.27 3.18 -29.06
C MET A 457 -30.08 4.69 -29.07
N LYS A 458 -30.69 5.40 -28.12
CA LYS A 458 -30.41 6.83 -28.00
C LYS A 458 -28.94 7.09 -27.69
N PHE A 459 -28.38 6.32 -26.76
CA PHE A 459 -26.96 6.46 -26.44
C PHE A 459 -26.09 6.14 -27.64
N VAL A 460 -26.43 5.07 -28.37
CA VAL A 460 -25.67 4.69 -29.56
C VAL A 460 -25.75 5.77 -30.62
N ALA A 461 -26.94 6.36 -30.80
CA ALA A 461 -27.10 7.44 -31.77
C ALA A 461 -26.28 8.66 -31.38
N HIS A 462 -26.25 9.01 -30.10
CA HIS A 462 -25.44 10.15 -29.67
C HIS A 462 -23.96 9.87 -29.85
N ALA A 463 -23.51 8.66 -29.54
CA ALA A 463 -22.10 8.31 -29.74
C ALA A 463 -21.74 8.34 -31.22
N ALA A 464 -22.64 7.84 -32.07
CA ALA A 464 -22.41 7.89 -33.51
C ALA A 464 -22.36 9.32 -34.01
N SER A 465 -23.21 10.18 -33.46
CA SER A 465 -23.19 11.60 -33.81
C SER A 465 -21.85 12.23 -33.43
N PHE A 466 -21.34 11.94 -32.23
CA PHE A 466 -20.05 12.47 -31.84
C PHE A 466 -18.93 11.95 -32.74
N ILE A 467 -19.00 10.66 -33.11
CA ILE A 467 -18.01 10.09 -34.01
C ILE A 467 -18.06 10.80 -35.37
N ILE A 468 -19.26 11.08 -35.87
CA ILE A 468 -19.40 11.76 -37.15
C ILE A 468 -18.87 13.18 -37.05
N PHE A 469 -19.07 13.84 -35.91
CA PHE A 469 -18.52 15.19 -35.72
C PHE A 469 -17.00 15.16 -35.77
N LEU A 470 -16.38 14.21 -35.08
CA LEU A 470 -14.93 14.09 -35.13
C LEU A 470 -14.45 13.76 -36.53
N GLY A 471 -15.20 12.91 -37.24
CA GLY A 471 -14.86 12.61 -38.62
C GLY A 471 -14.93 13.82 -39.52
N LEU A 472 -15.95 14.67 -39.32
CA LEU A 472 -16.04 15.91 -40.07
C LEU A 472 -14.86 16.83 -39.76
N LEU A 473 -14.49 16.93 -38.48
CA LEU A 473 -13.36 17.77 -38.11
C LEU A 473 -12.08 17.29 -38.77
N VAL A 474 -11.86 15.98 -38.80
CA VAL A 474 -10.66 15.44 -39.43
C VAL A 474 -10.72 15.59 -40.95
N PHE A 475 -11.88 15.35 -41.55
CA PHE A 475 -12.02 15.35 -43.00
C PHE A 475 -11.98 16.76 -43.57
N ASN A 476 -12.35 17.77 -42.77
CA ASN A 476 -12.23 19.15 -43.24
C ASN A 476 -10.78 19.57 -43.41
N ALA A 477 -9.85 18.91 -42.72
CA ALA A 477 -8.43 19.18 -42.84
C ALA A 477 -7.77 18.39 -43.95
N SER A 478 -8.55 17.64 -44.73
CA SER A 478 -7.99 16.88 -45.85
C SER A 478 -7.47 17.84 -46.93
N ASP A 479 -6.73 17.25 -47.86
CA ASP A 479 -5.93 17.94 -48.89
C ASP A 479 -4.74 18.66 -48.26
N ARG A 480 -4.58 18.61 -46.95
CA ARG A 480 -3.39 19.12 -46.28
C ARG A 480 -2.70 18.05 -45.45
N PHE A 481 -3.17 16.80 -45.51
CA PHE A 481 -2.57 15.74 -44.72
C PHE A 481 -1.10 15.54 -45.09
N GLU A 482 -0.79 15.59 -46.38
CA GLU A 482 0.58 15.52 -46.86
C GLU A 482 1.22 16.88 -47.00
N GLY A 483 0.54 17.94 -46.59
CA GLY A 483 1.05 19.29 -46.65
C GLY A 483 0.43 20.09 -47.78
N ILE A 484 0.46 21.40 -47.62
CA ILE A 484 -0.03 22.32 -48.64
C ILE A 484 0.93 22.33 -49.82
N THR A 485 0.41 22.63 -51.00
CA THR A 485 1.21 22.60 -52.22
C THR A 485 1.81 23.95 -52.57
N THR A 486 1.21 25.04 -52.10
CA THR A 486 1.68 26.39 -52.40
C THR A 486 2.30 27.02 -51.16
N LEU A 487 3.39 27.75 -51.36
CA LEU A 487 4.05 28.44 -50.26
C LEU A 487 3.15 29.55 -49.71
N PRO A 488 3.26 29.88 -48.43
CA PRO A 488 2.42 30.94 -47.86
C PRO A 488 2.66 32.30 -48.49
N ASN A 489 3.78 32.50 -49.17
CA ASN A 489 4.07 33.78 -49.80
C ASN A 489 3.34 33.96 -51.13
N ILE A 490 2.80 32.90 -51.70
CA ILE A 490 2.23 32.92 -53.04
C ILE A 490 0.72 32.80 -52.96
N THR A 491 0.03 33.63 -53.76
CA THR A 491 -1.42 33.64 -53.84
C THR A 491 -1.87 32.94 -55.12
N VAL A 492 -2.89 32.10 -54.99
CA VAL A 492 -3.49 31.40 -56.12
C VAL A 492 -4.98 31.71 -56.12
N THR A 493 -5.48 32.18 -57.26
CA THR A 493 -6.89 32.53 -57.41
C THR A 493 -7.46 31.82 -58.62
N ASP A 494 -8.76 31.51 -58.55
CA ASP A 494 -9.43 30.81 -59.64
C ASP A 494 -9.46 31.67 -60.90
N TYR A 495 -9.81 32.95 -60.75
CA TYR A 495 -9.83 33.89 -61.86
C TYR A 495 -9.17 35.18 -61.41
N PRO A 496 -8.59 35.95 -62.34
CA PRO A 496 -7.88 37.17 -61.93
C PRO A 496 -8.74 38.17 -61.18
N LYS A 497 -10.02 38.29 -61.52
CA LYS A 497 -10.89 39.26 -60.88
C LYS A 497 -11.19 38.94 -59.43
N GLN A 498 -10.86 37.73 -58.97
CA GLN A 498 -11.20 37.32 -57.61
C GLN A 498 -10.18 37.84 -56.61
N ILE A 499 -10.66 38.20 -55.44
CA ILE A 499 -9.84 38.58 -54.31
C ILE A 499 -9.34 37.32 -53.62
N PHE A 500 -8.04 37.30 -53.30
CA PHE A 500 -7.44 36.11 -52.69
C PHE A 500 -8.08 35.79 -51.35
N ARG A 501 -8.34 36.82 -50.53
CA ARG A 501 -8.94 36.58 -49.23
C ARG A 501 -10.35 36.05 -49.36
N VAL A 502 -11.03 36.35 -50.47
CA VAL A 502 -12.33 35.74 -50.74
C VAL A 502 -12.18 34.23 -50.86
N LYS A 503 -11.19 33.78 -51.62
CA LYS A 503 -10.96 32.35 -51.78
C LYS A 503 -10.55 31.71 -50.46
N THR A 504 -9.71 32.38 -49.67
CA THR A 504 -9.26 31.79 -48.42
C THR A 504 -10.35 31.77 -47.35
N THR A 505 -11.31 32.68 -47.42
CA THR A 505 -12.34 32.78 -46.38
C THR A 505 -13.69 32.21 -46.78
N GLN A 506 -13.89 31.90 -48.07
CA GLN A 506 -15.19 31.39 -48.50
C GLN A 506 -15.44 30.02 -47.89
N PHE A 507 -16.70 29.76 -47.56
CA PHE A 507 -17.05 28.55 -46.85
C PHE A 507 -17.32 27.40 -47.82
N THR A 508 -16.83 26.22 -47.48
CA THR A 508 -17.17 24.98 -48.18
C THR A 508 -18.20 24.21 -47.37
N TRP A 509 -18.70 23.13 -47.97
CA TRP A 509 -19.85 22.43 -47.39
C TRP A 509 -19.51 21.82 -46.03
N THR A 510 -18.30 21.26 -45.89
CA THR A 510 -17.97 20.52 -44.67
C THR A 510 -18.04 21.40 -43.43
N GLU A 511 -17.48 22.61 -43.48
CA GLU A 511 -17.56 23.47 -42.29
C GLU A 511 -18.93 24.09 -42.13
N MET A 512 -19.75 24.12 -43.19
CA MET A 512 -21.16 24.45 -43.00
C MET A 512 -21.85 23.39 -42.17
N LEU A 513 -21.60 22.11 -42.46
CA LEU A 513 -22.12 21.05 -41.60
C LEU A 513 -21.54 21.15 -40.20
N ILE A 514 -20.26 21.50 -40.08
CA ILE A 514 -19.65 21.66 -38.76
C ILE A 514 -20.35 22.75 -37.97
N MET A 515 -20.67 23.87 -38.62
CA MET A 515 -21.45 24.93 -37.97
C MET A 515 -22.82 24.43 -37.55
N VAL A 516 -23.50 23.68 -38.43
CA VAL A 516 -24.83 23.18 -38.10
C VAL A 516 -24.78 22.31 -36.85
N TRP A 517 -23.79 21.42 -36.80
CA TRP A 517 -23.63 20.53 -35.65
C TRP A 517 -23.29 21.31 -34.39
N VAL A 518 -22.38 22.28 -34.50
CA VAL A 518 -21.97 23.07 -33.34
C VAL A 518 -23.16 23.87 -32.81
N LEU A 519 -23.97 24.43 -33.70
CA LEU A 519 -25.19 25.10 -33.28
C LEU A 519 -26.16 24.11 -32.63
N GLY A 520 -26.17 22.87 -33.10
CA GLY A 520 -27.01 21.86 -32.46
C GLY A 520 -26.61 21.61 -31.02
N MET A 521 -25.32 21.40 -30.77
CA MET A 521 -24.88 21.20 -29.39
C MET A 521 -25.06 22.47 -28.56
N MET A 522 -24.85 23.64 -29.17
CA MET A 522 -25.09 24.89 -28.45
C MET A 522 -26.55 25.02 -28.04
N TRP A 523 -27.47 24.69 -28.95
CA TRP A 523 -28.89 24.78 -28.63
C TRP A 523 -29.25 23.82 -27.51
N SER A 524 -28.74 22.58 -27.58
CA SER A 524 -29.00 21.63 -26.50
C SER A 524 -28.48 22.16 -25.16
N GLU A 525 -27.20 22.53 -25.13
CA GLU A 525 -26.59 22.98 -23.88
C GLU A 525 -27.30 24.20 -23.33
N CYS A 526 -27.74 25.11 -24.21
CA CYS A 526 -28.53 26.25 -23.76
C CYS A 526 -29.86 25.79 -23.18
N LYS A 527 -30.44 24.72 -23.72
CA LYS A 527 -31.68 24.20 -23.16
C LYS A 527 -31.48 23.72 -21.72
N GLU A 528 -30.46 22.90 -21.48
CA GLU A 528 -30.23 22.48 -20.09
C GLU A 528 -29.80 23.64 -19.21
N LEU A 529 -29.07 24.62 -19.77
CA LEU A 529 -28.65 25.77 -18.98
C LEU A 529 -29.85 26.59 -18.51
N TRP A 530 -30.83 26.78 -19.40
CA TRP A 530 -32.02 27.54 -19.03
C TRP A 530 -32.92 26.73 -18.10
N LEU A 531 -32.97 25.41 -18.29
CA LEU A 531 -33.80 24.59 -17.43
C LEU A 531 -33.24 24.50 -16.01
N GLU A 532 -31.92 24.44 -15.87
CA GLU A 532 -31.29 24.28 -14.56
C GLU A 532 -30.88 25.59 -13.91
N GLY A 533 -30.68 26.64 -14.70
CA GLY A 533 -30.26 27.91 -14.15
C GLY A 533 -28.75 28.08 -14.21
N PRO A 534 -28.29 29.33 -14.26
CA PRO A 534 -26.85 29.57 -14.41
C PRO A 534 -26.02 29.10 -13.23
N ARG A 535 -26.43 29.47 -12.00
CA ARG A 535 -25.63 29.10 -10.83
C ARG A 535 -25.56 27.59 -10.66
N GLU A 536 -26.68 26.89 -10.86
CA GLU A 536 -26.68 25.44 -10.77
C GLU A 536 -25.79 24.81 -11.84
N TYR A 537 -25.82 25.35 -13.06
CA TYR A 537 -25.05 24.79 -14.17
C TYR A 537 -23.56 25.04 -14.02
N ILE A 538 -23.17 26.15 -13.37
CA ILE A 538 -21.76 26.47 -13.26
C ILE A 538 -21.03 25.48 -12.36
N LEU A 539 -21.69 24.98 -11.30
CA LEU A 539 -21.03 24.17 -10.30
C LEU A 539 -20.46 22.86 -10.83
N GLN A 540 -20.88 22.41 -12.01
CA GLN A 540 -20.28 21.24 -12.65
C GLN A 540 -19.14 21.73 -13.52
N LEU A 541 -17.92 21.32 -13.18
CA LEU A 541 -16.74 21.76 -13.93
C LEU A 541 -16.78 21.24 -15.35
N TRP A 542 -17.20 19.99 -15.54
CA TRP A 542 -17.17 19.42 -16.88
C TRP A 542 -18.20 20.08 -17.79
N ASN A 543 -19.33 20.49 -17.21
CA ASN A 543 -20.35 21.20 -17.99
C ASN A 543 -19.82 22.54 -18.48
N VAL A 544 -19.09 23.27 -17.63
CA VAL A 544 -18.54 24.55 -18.08
C VAL A 544 -17.40 24.32 -19.07
N LEU A 545 -16.70 23.19 -18.95
CA LEU A 545 -15.73 22.83 -19.98
C LEU A 545 -16.41 22.63 -21.33
N ASP A 546 -17.53 21.90 -21.35
CA ASP A 546 -18.27 21.69 -22.59
C ASP A 546 -18.79 23.02 -23.14
N PHE A 547 -19.33 23.88 -22.29
CA PHE A 547 -19.81 25.18 -22.73
C PHE A 547 -18.67 26.02 -23.28
N GLY A 548 -17.50 25.96 -22.65
CA GLY A 548 -16.35 26.68 -23.18
C GLY A 548 -15.91 26.17 -24.54
N MET A 549 -15.94 24.85 -24.73
CA MET A 549 -15.57 24.29 -26.02
C MET A 549 -16.54 24.74 -27.11
N LEU A 550 -17.84 24.70 -26.82
CA LEU A 550 -18.82 25.19 -27.79
C LEU A 550 -18.64 26.69 -28.06
N SER A 551 -18.36 27.47 -27.02
CA SER A 551 -18.18 28.91 -27.20
C SER A 551 -16.93 29.22 -28.00
N ILE A 552 -15.87 28.41 -27.84
CA ILE A 552 -14.68 28.61 -28.64
C ILE A 552 -14.95 28.29 -30.11
N PHE A 553 -15.72 27.23 -30.37
CA PHE A 553 -16.16 27.01 -31.75
C PHE A 553 -16.93 28.21 -32.29
N ILE A 554 -17.86 28.74 -31.50
CA ILE A 554 -18.67 29.86 -31.97
C ILE A 554 -17.81 31.08 -32.25
N ALA A 555 -16.84 31.35 -31.37
CA ALA A 555 -15.94 32.49 -31.57
C ALA A 555 -15.08 32.31 -32.81
N ALA A 556 -14.55 31.10 -33.03
CA ALA A 556 -13.75 30.86 -34.23
C ALA A 556 -14.58 31.07 -35.50
N PHE A 557 -15.80 30.55 -35.51
CA PHE A 557 -16.63 30.70 -36.70
C PHE A 557 -17.08 32.15 -36.89
N THR A 558 -17.29 32.89 -35.80
CA THR A 558 -17.61 34.30 -35.92
C THR A 558 -16.45 35.09 -36.51
N ALA A 559 -15.23 34.81 -36.06
CA ALA A 559 -14.06 35.48 -36.64
C ALA A 559 -13.92 35.14 -38.12
N ARG A 560 -14.16 33.88 -38.48
CA ARG A 560 -14.14 33.50 -39.89
C ARG A 560 -15.21 34.25 -40.67
N PHE A 561 -16.39 34.46 -40.07
CA PHE A 561 -17.47 35.16 -40.76
C PHE A 561 -17.13 36.63 -40.98
N LEU A 562 -16.54 37.30 -39.98
CA LEU A 562 -16.09 38.67 -40.21
C LEU A 562 -15.00 38.76 -41.27
N ALA A 563 -14.07 37.80 -41.28
CA ALA A 563 -13.07 37.78 -42.34
C ALA A 563 -13.71 37.62 -43.71
N PHE A 564 -14.71 36.74 -43.81
CA PHE A 564 -15.42 36.54 -45.06
C PHE A 564 -16.16 37.82 -45.48
N LEU A 565 -16.76 38.51 -44.52
CA LEU A 565 -17.49 39.74 -44.83
C LEU A 565 -16.53 40.81 -45.36
N GLN A 566 -15.37 40.96 -44.72
CA GLN A 566 -14.38 41.92 -45.21
C GLN A 566 -13.93 41.55 -46.62
N ALA A 567 -13.64 40.26 -46.84
CA ALA A 567 -13.17 39.84 -48.15
C ALA A 567 -14.23 40.07 -49.22
N THR A 568 -15.49 39.78 -48.92
CA THR A 568 -16.54 39.96 -49.93
C THR A 568 -16.85 41.43 -50.16
N LYS A 569 -16.67 42.28 -49.15
CA LYS A 569 -16.77 43.73 -49.38
C LYS A 569 -15.68 44.18 -50.34
N ALA A 570 -14.45 43.69 -50.14
CA ALA A 570 -13.38 44.01 -51.07
C ALA A 570 -13.67 43.51 -52.48
N GLN A 571 -14.22 42.29 -52.58
CA GLN A 571 -14.57 41.74 -53.88
C GLN A 571 -15.64 42.57 -54.57
N GLN A 572 -16.66 42.98 -53.82
CA GLN A 572 -17.71 43.83 -54.38
C GLN A 572 -17.13 45.13 -54.90
N TYR A 573 -16.24 45.76 -54.11
CA TYR A 573 -15.60 46.99 -54.55
C TYR A 573 -14.82 46.79 -55.85
N VAL A 574 -13.99 45.74 -55.89
CA VAL A 574 -13.10 45.56 -57.02
C VAL A 574 -13.87 45.20 -58.28
N ASP A 575 -14.95 44.43 -58.15
CA ASP A 575 -15.74 44.11 -59.34
C ASP A 575 -16.58 45.30 -59.78
N SER A 576 -17.02 46.14 -58.85
CA SER A 576 -17.88 47.27 -59.21
C SER A 576 -17.09 48.38 -59.88
N TYR A 577 -15.90 48.71 -59.35
CA TYR A 577 -15.22 49.94 -59.77
C TYR A 577 -14.24 49.73 -60.92
N VAL A 578 -13.20 48.91 -60.72
CA VAL A 578 -12.15 48.80 -61.72
C VAL A 578 -12.56 47.80 -62.79
N GLN A 579 -12.28 48.13 -64.05
CA GLN A 579 -12.64 47.31 -65.19
C GLN A 579 -11.38 46.96 -65.97
N GLU A 580 -10.71 45.88 -65.57
CA GLU A 580 -9.53 45.42 -66.28
C GLU A 580 -9.59 43.90 -66.39
N SER A 581 -8.91 43.37 -67.40
CA SER A 581 -8.90 41.92 -67.60
C SER A 581 -8.16 41.20 -66.47
N ASP A 582 -7.05 41.77 -66.00
CA ASP A 582 -6.23 41.16 -64.98
C ASP A 582 -6.11 42.10 -63.79
N LEU A 583 -6.27 41.55 -62.58
CA LEU A 583 -6.20 42.37 -61.38
C LEU A 583 -4.77 42.73 -60.99
N SER A 584 -3.78 41.97 -61.48
CA SER A 584 -2.40 42.20 -61.08
C SER A 584 -1.92 43.59 -61.49
N GLU A 585 -2.28 44.03 -62.70
CA GLU A 585 -1.86 45.34 -63.18
C GLU A 585 -2.56 46.48 -62.47
N VAL A 586 -3.62 46.21 -61.71
CA VAL A 586 -4.40 47.26 -61.06
C VAL A 586 -3.67 47.74 -59.81
N THR A 587 -3.62 49.06 -59.62
CA THR A 587 -3.08 49.67 -58.41
C THR A 587 -4.27 50.01 -57.51
N LEU A 588 -4.71 49.02 -56.73
CA LEU A 588 -5.90 49.15 -55.92
C LEU A 588 -5.64 50.09 -54.73
N PRO A 589 -6.69 50.70 -54.20
CA PRO A 589 -6.54 51.49 -52.98
C PRO A 589 -6.06 50.61 -51.84
N PRO A 590 -5.29 51.17 -50.91
CA PRO A 590 -4.67 50.32 -49.88
C PRO A 590 -5.65 49.51 -49.05
N GLU A 591 -6.81 50.07 -48.71
CA GLU A 591 -7.80 49.32 -47.95
C GLU A 591 -8.29 48.11 -48.74
N ILE A 592 -8.51 48.28 -50.04
CA ILE A 592 -8.92 47.17 -50.88
C ILE A 592 -7.71 46.33 -51.29
N GLN A 593 -6.54 46.96 -51.43
CA GLN A 593 -5.32 46.25 -51.78
C GLN A 593 -4.84 45.30 -50.68
N TYR A 594 -5.26 45.54 -49.43
CA TYR A 594 -4.81 44.68 -48.34
C TYR A 594 -5.28 43.25 -48.55
N PHE A 595 -6.49 43.05 -49.03
CA PHE A 595 -7.07 41.73 -49.17
C PHE A 595 -6.52 40.97 -50.37
N THR A 596 -5.48 41.47 -51.02
CA THR A 596 -4.81 40.73 -52.08
C THR A 596 -3.49 40.11 -51.61
N TYR A 597 -3.02 40.45 -50.42
CA TYR A 597 -1.74 39.91 -49.97
C TYR A 597 -1.88 38.45 -49.53
N ALA A 598 -0.73 37.80 -49.40
CA ALA A 598 -0.66 36.38 -49.05
C ALA A 598 -0.66 36.21 -47.53
N ARG A 599 -0.36 35.00 -47.07
CA ARG A 599 -0.39 34.70 -45.64
C ARG A 599 0.64 35.51 -44.87
N ASP A 600 1.82 35.74 -45.47
CA ASP A 600 2.90 36.41 -44.77
C ASP A 600 2.54 37.85 -44.42
N LYS A 601 1.86 38.54 -45.33
CA LYS A 601 1.58 39.96 -45.19
C LYS A 601 0.20 40.24 -44.60
N TRP A 602 -0.30 39.31 -43.76
CA TRP A 602 -1.49 39.57 -42.96
C TRP A 602 -1.13 40.28 -41.66
N LEU A 603 -2.08 41.02 -41.13
CA LEU A 603 -1.89 41.66 -39.83
C LEU A 603 -1.85 40.59 -38.73
N PRO A 604 -1.11 40.85 -37.65
CA PRO A 604 -1.09 39.90 -36.53
C PRO A 604 -2.47 39.65 -35.94
N SER A 605 -3.33 40.66 -35.91
CA SER A 605 -4.69 40.53 -35.39
C SER A 605 -5.70 40.28 -36.50
N ASP A 606 -5.27 39.66 -37.60
CA ASP A 606 -6.18 39.38 -38.70
C ASP A 606 -7.29 38.45 -38.22
N PRO A 607 -8.53 38.67 -38.61
CA PRO A 607 -9.63 37.82 -38.14
C PRO A 607 -9.45 36.35 -38.49
N GLN A 608 -8.85 36.04 -39.64
CA GLN A 608 -8.62 34.64 -39.99
C GLN A 608 -7.56 33.99 -39.11
N ILE A 609 -6.54 34.75 -38.70
CA ILE A 609 -5.56 34.23 -37.75
C ILE A 609 -6.24 33.84 -36.45
N ILE A 610 -7.09 34.72 -35.93
CA ILE A 610 -7.84 34.42 -34.70
C ILE A 610 -8.74 33.22 -34.91
N SER A 611 -9.39 33.15 -36.07
CA SER A 611 -10.30 32.03 -36.37
C SER A 611 -9.55 30.71 -36.34
N GLU A 612 -8.40 30.65 -37.02
CA GLU A 612 -7.62 29.41 -37.06
C GLU A 612 -7.10 29.04 -35.67
N GLY A 613 -6.61 30.03 -34.92
CA GLY A 613 -6.11 29.74 -33.58
C GLY A 613 -7.18 29.20 -32.65
N LEU A 614 -8.38 29.80 -32.70
CA LEU A 614 -9.47 29.32 -31.86
C LEU A 614 -9.99 27.97 -32.35
N TYR A 615 -9.98 27.75 -33.67
CA TYR A 615 -10.46 26.49 -34.23
C TYR A 615 -9.57 25.33 -33.79
N ALA A 616 -8.25 25.56 -33.73
CA ALA A 616 -7.36 24.50 -33.27
C ALA A 616 -7.66 24.10 -31.83
N ILE A 617 -7.86 25.08 -30.95
CA ILE A 617 -8.17 24.80 -29.55
C ILE A 617 -9.51 24.09 -29.44
N ALA A 618 -10.50 24.53 -30.21
CA ALA A 618 -11.80 23.90 -30.19
C ALA A 618 -11.72 22.45 -30.66
N VAL A 619 -10.92 22.19 -31.69
CA VAL A 619 -10.76 20.82 -32.18
C VAL A 619 -10.09 19.95 -31.12
N VAL A 620 -9.07 20.49 -30.44
CA VAL A 620 -8.43 19.73 -29.37
C VAL A 620 -9.43 19.40 -28.27
N LEU A 621 -10.24 20.39 -27.87
CA LEU A 621 -11.19 20.19 -26.78
C LEU A 621 -12.39 19.32 -27.19
N SER A 622 -12.65 19.19 -28.49
CA SER A 622 -13.78 18.36 -28.93
C SER A 622 -13.61 16.92 -28.51
N PHE A 623 -12.40 16.39 -28.58
CA PHE A 623 -12.15 15.00 -28.23
C PHE A 623 -12.32 14.72 -26.74
N SER A 624 -12.47 15.76 -25.91
CA SER A 624 -12.76 15.53 -24.51
C SER A 624 -14.18 15.00 -24.29
N ARG A 625 -15.06 15.11 -25.28
CA ARG A 625 -16.42 14.61 -25.14
C ARG A 625 -16.48 13.08 -25.05
N ILE A 626 -15.37 12.40 -25.25
CA ILE A 626 -15.32 10.95 -25.04
C ILE A 626 -15.66 10.60 -23.60
N ALA A 627 -15.44 11.53 -22.68
CA ALA A 627 -15.75 11.29 -21.27
C ALA A 627 -17.24 11.04 -21.04
N TYR A 628 -18.11 11.43 -21.97
CA TYR A 628 -19.53 11.10 -21.85
C TYR A 628 -19.86 9.70 -22.32
N ILE A 629 -18.89 8.96 -22.87
CA ILE A 629 -19.17 7.66 -23.45
C ILE A 629 -18.44 6.53 -22.72
N LEU A 630 -17.27 6.80 -22.14
CA LEU A 630 -16.47 5.82 -21.42
C LEU A 630 -17.21 5.19 -20.23
N PRO A 631 -17.99 5.93 -19.44
CA PRO A 631 -18.68 5.29 -18.31
C PRO A 631 -19.58 4.13 -18.73
N ALA A 632 -20.12 4.15 -19.95
CA ALA A 632 -20.95 3.03 -20.39
C ALA A 632 -20.14 1.76 -20.55
N ASN A 633 -18.86 1.86 -20.91
CA ASN A 633 -18.02 0.69 -21.10
C ASN A 633 -17.62 0.08 -19.76
N GLU A 634 -17.56 -1.25 -19.74
CA GLU A 634 -17.26 -1.97 -18.50
C GLU A 634 -15.80 -1.88 -18.13
N SER A 635 -14.91 -1.76 -19.11
CA SER A 635 -13.47 -1.78 -18.85
C SER A 635 -12.87 -0.39 -18.67
N PHE A 636 -13.33 0.60 -19.43
CA PHE A 636 -12.79 1.95 -19.33
C PHE A 636 -13.48 2.84 -18.30
N GLY A 637 -14.66 2.44 -17.82
CA GLY A 637 -15.35 3.16 -16.80
C GLY A 637 -14.56 3.29 -15.51
N PRO A 638 -14.02 2.18 -15.00
CA PRO A 638 -13.13 2.27 -13.84
C PRO A 638 -11.89 3.10 -14.10
N LEU A 639 -11.37 3.10 -15.33
CA LEU A 639 -10.23 3.94 -15.66
C LEU A 639 -10.58 5.42 -15.51
N GLN A 640 -11.74 5.81 -16.06
CA GLN A 640 -12.19 7.19 -15.90
C GLN A 640 -12.45 7.51 -14.43
N ILE A 641 -12.92 6.53 -13.67
CA ILE A 641 -13.15 6.73 -12.24
C ILE A 641 -11.85 7.04 -11.52
N SER A 642 -10.80 6.27 -11.83
CA SER A 642 -9.49 6.54 -11.21
C SER A 642 -8.94 7.90 -11.63
N LEU A 643 -9.12 8.27 -12.90
CA LEU A 643 -8.69 9.58 -13.36
C LEU A 643 -9.38 10.69 -12.56
N GLY A 644 -10.69 10.58 -12.39
CA GLY A 644 -11.41 11.52 -11.56
C GLY A 644 -10.99 11.51 -10.11
N ARG A 645 -10.61 10.34 -9.59
CA ARG A 645 -10.10 10.27 -8.23
C ARG A 645 -8.82 11.08 -8.06
N THR A 646 -7.93 11.01 -9.05
CA THR A 646 -6.63 11.68 -8.93
C THR A 646 -6.64 13.15 -9.34
N VAL A 647 -7.58 13.58 -10.18
CA VAL A 647 -7.54 14.95 -10.71
C VAL A 647 -7.66 15.98 -9.57
N LYS A 648 -8.34 15.61 -8.49
CA LYS A 648 -8.56 16.54 -7.39
C LYS A 648 -7.26 16.97 -6.72
N ASP A 649 -6.32 16.06 -6.51
CA ASP A 649 -5.02 16.45 -5.99
C ASP A 649 -4.05 16.87 -7.10
N ILE A 650 -4.31 16.46 -8.35
CA ILE A 650 -3.59 17.04 -9.47
C ILE A 650 -3.71 18.55 -9.46
N PHE A 651 -4.93 19.06 -9.24
CA PHE A 651 -5.15 20.51 -9.24
C PHE A 651 -4.34 21.19 -8.13
N LYS A 652 -4.39 20.64 -6.92
CA LYS A 652 -3.69 21.25 -5.79
C LYS A 652 -2.19 21.25 -6.00
N PHE A 653 -1.64 20.15 -6.50
CA PHE A 653 -0.20 20.11 -6.71
C PHE A 653 0.22 20.94 -7.91
N MET A 654 -0.66 21.16 -8.89
CA MET A 654 -0.35 22.14 -9.93
C MET A 654 -0.35 23.55 -9.35
N VAL A 655 -1.20 23.82 -8.37
CA VAL A 655 -1.14 25.11 -7.68
C VAL A 655 0.20 25.29 -6.98
N LEU A 656 0.66 24.24 -6.29
CA LEU A 656 1.98 24.29 -5.65
C LEU A 656 3.09 24.46 -6.68
N PHE A 657 3.00 23.74 -7.80
CA PHE A 657 3.94 23.91 -8.90
C PHE A 657 3.97 25.37 -9.36
N ILE A 658 2.80 25.99 -9.49
CA ILE A 658 2.72 27.37 -9.94
C ILE A 658 3.38 28.30 -8.93
N MET A 659 3.16 28.06 -7.64
CA MET A 659 3.79 28.89 -6.62
C MET A 659 5.32 28.83 -6.71
N VAL A 660 5.87 27.61 -6.72
CA VAL A 660 7.32 27.44 -6.78
C VAL A 660 7.86 28.01 -8.08
N PHE A 661 7.17 27.74 -9.19
CA PHE A 661 7.59 28.21 -10.50
C PHE A 661 7.63 29.73 -10.55
N PHE A 662 6.61 30.39 -10.00
CA PHE A 662 6.58 31.85 -10.02
C PHE A 662 7.69 32.43 -9.15
N ALA A 663 7.93 31.82 -7.98
CA ALA A 663 9.04 32.27 -7.15
C ALA A 663 10.35 32.23 -7.91
N PHE A 664 10.66 31.07 -8.50
CA PHE A 664 11.94 30.94 -9.20
C PHE A 664 11.97 31.79 -10.45
N MET A 665 10.83 32.00 -11.11
CA MET A 665 10.79 32.82 -12.31
C MET A 665 11.10 34.26 -11.98
N ILE A 666 10.50 34.80 -10.92
CA ILE A 666 10.81 36.16 -10.50
C ILE A 666 12.27 36.28 -10.09
N GLY A 667 12.78 35.28 -9.37
CA GLY A 667 14.19 35.33 -8.98
C GLY A 667 15.13 35.34 -10.17
N MET A 668 14.89 34.45 -11.14
CA MET A 668 15.72 34.38 -12.33
C MET A 668 15.65 35.68 -13.13
N PHE A 669 14.44 36.21 -13.33
CA PHE A 669 14.30 37.42 -14.11
C PHE A 669 15.00 38.60 -13.43
N ILE A 670 14.84 38.73 -12.12
CA ILE A 670 15.51 39.80 -11.39
C ILE A 670 17.02 39.66 -11.49
N LEU A 671 17.53 38.42 -11.40
CA LEU A 671 18.98 38.21 -11.50
C LEU A 671 19.51 38.57 -12.88
N TYR A 672 18.82 38.13 -13.93
CA TYR A 672 19.37 38.18 -15.29
C TYR A 672 18.77 39.30 -16.15
N SER A 673 17.94 40.17 -15.60
CA SER A 673 17.29 41.18 -16.42
C SER A 673 18.28 42.19 -16.98
N TYR A 674 19.40 42.42 -16.29
CA TYR A 674 20.36 43.45 -16.67
C TYR A 674 21.40 42.97 -17.68
N TYR A 675 21.28 41.73 -18.16
CA TYR A 675 22.25 41.17 -19.08
C TYR A 675 21.58 40.76 -20.39
N LEU A 676 20.75 41.64 -20.94
CA LEU A 676 20.03 41.32 -22.17
C LEU A 676 20.98 41.04 -23.33
N GLY A 677 22.00 41.88 -23.50
CA GLY A 677 22.96 41.66 -24.56
C GLY A 677 24.25 41.03 -24.06
N ALA A 678 24.31 40.79 -22.74
CA ALA A 678 25.50 40.26 -22.10
C ALA A 678 25.43 38.75 -21.85
N LYS A 679 24.39 38.08 -22.34
CA LYS A 679 24.23 36.65 -22.13
C LYS A 679 24.37 35.91 -23.45
N VAL A 680 24.98 34.72 -23.38
CA VAL A 680 25.14 33.91 -24.59
C VAL A 680 23.78 33.48 -25.13
N ASN A 681 22.78 33.38 -24.26
CA ASN A 681 21.43 32.96 -24.63
C ASN A 681 20.45 33.87 -23.92
N ALA A 682 19.51 34.43 -24.68
CA ALA A 682 18.42 35.20 -24.07
C ALA A 682 17.48 34.22 -23.39
N ALA A 683 17.66 34.00 -22.09
CA ALA A 683 16.93 32.97 -21.37
C ALA A 683 16.08 33.54 -20.25
N PHE A 684 16.65 34.34 -19.36
CA PHE A 684 15.92 34.91 -18.23
C PHE A 684 15.86 36.43 -18.29
N THR A 685 16.13 37.01 -19.45
CA THR A 685 16.25 38.46 -19.59
C THR A 685 14.91 39.18 -19.59
N THR A 686 13.81 38.46 -19.83
CA THR A 686 12.47 39.03 -19.75
C THR A 686 11.58 38.07 -18.98
N VAL A 687 10.42 38.56 -18.55
CA VAL A 687 9.46 37.70 -17.87
C VAL A 687 8.98 36.60 -18.80
N GLU A 688 8.70 36.96 -20.05
CA GLU A 688 8.30 35.96 -21.04
C GLU A 688 9.37 34.90 -21.21
N GLU A 689 10.62 35.33 -21.41
CA GLU A 689 11.69 34.38 -21.64
C GLU A 689 11.97 33.52 -20.42
N SER A 690 11.93 34.13 -19.23
CA SER A 690 12.14 33.37 -17.99
C SER A 690 11.05 32.32 -17.81
N PHE A 691 9.79 32.71 -18.03
CA PHE A 691 8.70 31.74 -17.96
C PHE A 691 8.92 30.61 -18.94
N LYS A 692 9.30 30.96 -20.18
CA LYS A 692 9.47 29.94 -21.21
C LYS A 692 10.54 28.95 -20.83
N THR A 693 11.73 29.43 -20.48
CA THR A 693 12.83 28.52 -20.17
C THR A 693 12.54 27.70 -18.93
N LEU A 694 11.93 28.29 -17.89
CA LEU A 694 11.68 27.52 -16.69
C LEU A 694 10.58 26.49 -16.89
N PHE A 695 9.58 26.80 -17.72
CA PHE A 695 8.55 25.80 -18.00
C PHE A 695 9.11 24.65 -18.82
N TRP A 696 9.87 24.96 -19.86
CA TRP A 696 10.37 23.90 -20.72
C TRP A 696 11.59 23.18 -20.13
N SER A 697 12.12 23.68 -19.00
CA SER A 697 13.09 22.90 -18.25
C SER A 697 12.45 21.72 -17.53
N ILE A 698 11.14 21.78 -17.27
CA ILE A 698 10.45 20.68 -16.60
C ILE A 698 10.53 19.41 -17.45
N PHE A 699 10.31 19.55 -18.75
CA PHE A 699 10.33 18.42 -19.68
C PHE A 699 11.67 18.27 -20.38
N GLY A 700 12.66 19.08 -20.00
CA GLY A 700 14.01 18.91 -20.52
C GLY A 700 14.25 19.47 -21.91
N LEU A 701 13.48 20.47 -22.34
CA LEU A 701 13.68 21.09 -23.64
C LEU A 701 14.42 22.41 -23.56
N SER A 702 15.04 22.73 -22.43
CA SER A 702 15.90 23.90 -22.31
C SER A 702 17.29 23.46 -21.89
N GLU A 703 18.30 24.10 -22.50
CA GLU A 703 19.69 23.72 -22.28
C GLU A 703 20.23 24.42 -21.02
N VAL A 704 21.36 23.92 -20.52
CA VAL A 704 21.99 24.44 -19.31
C VAL A 704 22.73 25.76 -19.56
N THR A 705 23.03 26.08 -20.81
CA THR A 705 23.71 27.33 -21.14
C THR A 705 22.81 28.54 -20.95
N SER A 706 21.61 28.36 -20.41
CA SER A 706 20.69 29.44 -20.12
C SER A 706 21.18 30.37 -19.01
N VAL A 707 22.20 29.95 -18.25
CA VAL A 707 22.68 30.69 -17.10
C VAL A 707 24.13 31.15 -17.29
N VAL A 708 24.58 31.28 -18.54
CA VAL A 708 25.96 31.61 -18.85
C VAL A 708 26.01 33.02 -19.41
N LEU A 709 26.91 33.84 -18.88
CA LEU A 709 27.07 35.22 -19.31
C LEU A 709 28.22 35.34 -20.31
N LYS A 710 28.24 36.47 -21.01
CA LYS A 710 29.37 36.84 -21.83
C LYS A 710 30.37 37.73 -21.08
N TYR A 711 30.06 38.13 -19.86
CA TYR A 711 30.93 38.93 -19.03
C TYR A 711 31.58 38.07 -17.97
N ASP A 712 32.62 38.61 -17.34
CA ASP A 712 33.37 37.89 -16.32
C ASP A 712 32.81 38.20 -14.93
N HIS A 713 31.53 37.91 -14.75
CA HIS A 713 30.84 38.06 -13.47
C HIS A 713 30.47 36.66 -13.00
N LYS A 714 31.41 35.99 -12.33
CA LYS A 714 31.17 34.62 -11.89
C LYS A 714 30.19 34.55 -10.73
N PHE A 715 30.01 35.64 -9.98
CA PHE A 715 29.04 35.63 -8.90
C PHE A 715 27.62 35.47 -9.44
N ILE A 716 27.25 36.30 -10.43
CA ILE A 716 25.92 36.21 -11.02
C ILE A 716 25.72 34.87 -11.70
N GLU A 717 26.72 34.42 -12.46
CA GLU A 717 26.59 33.15 -13.19
C GLU A 717 26.47 31.97 -12.24
N ASN A 718 27.28 31.95 -11.18
CA ASN A 718 27.22 30.84 -10.23
C ASN A 718 25.91 30.85 -9.45
N ILE A 719 25.41 32.03 -9.09
CA ILE A 719 24.13 32.12 -8.40
C ILE A 719 23.02 31.63 -9.32
N GLY A 720 23.08 31.99 -10.61
CA GLY A 720 22.11 31.46 -11.55
C GLY A 720 22.17 29.96 -11.69
N TYR A 721 23.39 29.40 -11.75
CA TYR A 721 23.56 27.96 -11.78
C TYR A 721 22.91 27.30 -10.57
N VAL A 722 23.21 27.82 -9.38
CA VAL A 722 22.70 27.23 -8.15
C VAL A 722 21.18 27.33 -8.10
N LEU A 723 20.63 28.49 -8.45
CA LEU A 723 19.19 28.67 -8.41
C LEU A 723 18.49 27.77 -9.42
N TYR A 724 19.07 27.61 -10.61
CA TYR A 724 18.46 26.77 -11.63
C TYR A 724 18.51 25.30 -11.24
N GLY A 725 19.63 24.84 -10.67
CA GLY A 725 19.70 23.47 -10.17
C GLY A 725 18.73 23.23 -9.02
N ILE A 726 18.62 24.21 -8.11
CA ILE A 726 17.67 24.07 -7.00
C ILE A 726 16.25 24.06 -7.52
N TYR A 727 15.96 24.84 -8.57
CA TYR A 727 14.64 24.82 -9.17
C TYR A 727 14.32 23.44 -9.75
N ASN A 728 15.29 22.84 -10.45
CA ASN A 728 15.07 21.49 -10.99
C ASN A 728 14.84 20.48 -9.88
N VAL A 729 15.65 20.54 -8.82
CA VAL A 729 15.51 19.62 -7.71
C VAL A 729 14.15 19.80 -7.04
N THR A 730 13.73 21.04 -6.84
CA THR A 730 12.44 21.32 -6.22
C THR A 730 11.29 20.81 -7.08
N MET A 731 11.39 20.98 -8.40
CA MET A 731 10.36 20.46 -9.29
C MET A 731 10.26 18.94 -9.18
N VAL A 732 11.41 18.26 -9.15
CA VAL A 732 11.40 16.80 -8.99
C VAL A 732 10.76 16.41 -7.67
N VAL A 733 11.11 17.12 -6.59
CA VAL A 733 10.58 16.80 -5.26
C VAL A 733 9.06 16.98 -5.24
N VAL A 734 8.57 18.08 -5.81
CA VAL A 734 7.14 18.34 -5.85
C VAL A 734 6.43 17.29 -6.69
N LEU A 735 7.05 16.88 -7.80
CA LEU A 735 6.47 15.82 -8.62
C LEU A 735 6.33 14.52 -7.85
N LEU A 736 7.38 14.14 -7.11
CA LEU A 736 7.32 12.90 -6.35
C LEU A 736 6.28 12.97 -5.23
N ASN A 737 6.19 14.13 -4.57
CA ASN A 737 5.17 14.30 -3.54
C ASN A 737 3.77 14.22 -4.15
N MET A 738 3.58 14.79 -5.33
CA MET A 738 2.28 14.71 -5.99
C MET A 738 1.94 13.27 -6.36
N LEU A 739 2.94 12.51 -6.84
CA LEU A 739 2.72 11.10 -7.13
C LEU A 739 2.31 10.33 -5.89
N ILE A 740 2.96 10.60 -4.76
CA ILE A 740 2.65 9.88 -3.53
C ILE A 740 1.28 10.28 -3.00
N ALA A 741 0.92 11.56 -3.13
CA ALA A 741 -0.42 11.99 -2.75
C ALA A 741 -1.47 11.31 -3.61
N MET A 742 -1.20 11.17 -4.91
CA MET A 742 -2.12 10.47 -5.79
C MET A 742 -2.25 9.00 -5.40
N ILE A 743 -1.13 8.38 -5.02
CA ILE A 743 -1.17 6.98 -4.56
C ILE A 743 -2.02 6.86 -3.32
N ASN A 744 -1.85 7.78 -2.36
CA ASN A 744 -2.66 7.75 -1.14
C ASN A 744 -4.14 7.95 -1.46
N SER A 745 -4.45 8.89 -2.36
CA SER A 745 -5.84 9.12 -2.74
C SER A 745 -6.43 7.98 -3.54
N SER A 746 -5.57 7.13 -4.14
CA SER A 746 -6.07 5.96 -4.87
C SER A 746 -6.75 4.96 -3.96
N TYR A 747 -6.47 4.99 -2.67
CA TYR A 747 -7.15 4.11 -1.71
C TYR A 747 -7.28 4.78 -0.35
N ASP A 752 -14.93 -3.06 -2.60
CA ASP A 752 -15.30 -2.76 -3.98
C ASP A 752 -15.92 -1.37 -4.10
N ASP A 753 -15.19 -0.36 -3.62
CA ASP A 753 -15.66 1.02 -3.75
C ASP A 753 -15.50 1.54 -5.17
N SER A 754 -14.45 1.11 -5.87
CA SER A 754 -14.28 1.50 -7.26
C SER A 754 -15.40 0.93 -8.13
N ASP A 755 -15.82 -0.31 -7.86
CA ASP A 755 -16.88 -0.92 -8.63
C ASP A 755 -18.20 -0.17 -8.45
N VAL A 756 -18.53 0.18 -7.21
CA VAL A 756 -19.78 0.90 -6.97
C VAL A 756 -19.69 2.33 -7.50
N GLU A 757 -18.49 2.93 -7.47
CA GLU A 757 -18.34 4.27 -8.05
C GLU A 757 -18.57 4.24 -9.56
N TRP A 758 -17.97 3.27 -10.25
CA TRP A 758 -18.18 3.15 -11.69
C TRP A 758 -19.64 2.84 -12.01
N LYS A 759 -20.27 1.96 -11.23
CA LYS A 759 -21.68 1.64 -11.49
C LYS A 759 -22.57 2.84 -11.23
N PHE A 760 -22.24 3.67 -10.24
CA PHE A 760 -22.97 4.91 -10.02
C PHE A 760 -22.84 5.84 -11.23
N ALA A 761 -21.63 5.99 -11.76
CA ALA A 761 -21.43 6.82 -12.94
C ALA A 761 -22.20 6.28 -14.14
N ARG A 762 -22.16 4.96 -14.35
CA ARG A 762 -22.87 4.36 -15.46
C ARG A 762 -24.38 4.50 -15.30
N SER A 763 -24.89 4.42 -14.08
CA SER A 763 -26.32 4.61 -13.85
C SER A 763 -26.74 6.04 -14.11
N LYS A 764 -25.88 7.01 -13.74
CA LYS A 764 -26.16 8.39 -14.11
C LYS A 764 -26.21 8.56 -15.62
N LEU A 765 -25.27 7.93 -16.33
CA LEU A 765 -25.28 7.98 -17.80
C LEU A 765 -26.56 7.38 -18.35
N TRP A 766 -26.99 6.24 -17.81
CA TRP A 766 -28.22 5.60 -18.28
C TRP A 766 -29.43 6.48 -18.05
N LEU A 767 -29.57 7.00 -16.83
CA LEU A 767 -30.74 7.80 -16.51
C LEU A 767 -30.76 9.11 -17.27
N SER A 768 -29.61 9.59 -17.75
CA SER A 768 -29.62 10.73 -18.65
C SER A 768 -30.35 10.41 -19.94
N TYR A 769 -30.36 9.14 -20.36
CA TYR A 769 -31.01 8.72 -21.59
C TYR A 769 -32.37 8.07 -21.37
N PHE A 770 -32.73 7.77 -20.12
CA PHE A 770 -34.02 7.13 -19.86
C PHE A 770 -35.17 8.02 -20.29
N ASP A 771 -35.09 9.31 -19.96
CA ASP A 771 -36.11 10.27 -20.39
C ASP A 771 -35.49 11.65 -20.58
N LYS A 774 -34.54 13.68 -26.31
CA LYS A 774 -33.18 13.16 -26.46
C LYS A 774 -33.17 12.01 -27.45
N THR A 775 -34.29 11.79 -28.13
CA THR A 775 -34.38 10.67 -29.06
C THR A 775 -33.49 10.88 -30.29
N LEU A 776 -33.24 12.14 -30.65
CA LEU A 776 -32.39 12.43 -31.80
C LEU A 776 -31.12 13.15 -31.35
N PRO A 777 -30.02 12.95 -32.08
CA PRO A 777 -28.75 13.60 -31.71
C PRO A 777 -28.86 15.11 -31.80
N PRO A 778 -27.92 15.84 -31.19
CA PRO A 778 -27.98 17.31 -31.19
C PRO A 778 -28.08 17.92 -32.58
N PRO A 779 -27.35 17.43 -33.59
CA PRO A 779 -27.52 18.01 -34.93
C PRO A 779 -28.92 17.85 -35.49
N PHE A 780 -29.62 16.77 -35.17
CA PHE A 780 -30.97 16.53 -35.68
C PHE A 780 -32.04 17.00 -34.72
N SER A 781 -31.68 17.64 -33.61
CA SER A 781 -32.63 18.19 -32.66
C SER A 781 -33.14 19.56 -33.06
N LEU A 782 -32.57 20.17 -34.11
CA LEU A 782 -33.04 21.47 -34.56
C LEU A 782 -34.45 21.40 -35.13
N VAL A 783 -34.75 20.36 -35.89
CA VAL A 783 -36.05 20.22 -36.54
C VAL A 783 -37.07 19.62 -35.57
N GLN A 844 -57.09 -2.05 4.53
CA GLN A 844 -56.74 -1.87 3.12
C GLN A 844 -56.01 -0.53 2.87
N PRO A 845 -54.88 -0.33 3.55
CA PRO A 845 -54.19 0.97 3.46
C PRO A 845 -53.76 1.32 2.04
N THR A 846 -52.88 0.49 1.47
CA THR A 846 -52.36 0.64 0.11
C THR A 846 -51.49 -0.58 -0.16
N ARG A 847 -51.39 -0.95 -1.45
CA ARG A 847 -50.45 -1.99 -1.85
C ARG A 847 -49.02 -1.59 -1.51
N TYR A 848 -48.66 -0.33 -1.80
CA TYR A 848 -47.31 0.13 -1.47
C TYR A 848 -47.08 0.13 0.03
N GLN A 849 -48.08 0.54 0.82
CA GLN A 849 -47.93 0.53 2.27
C GLN A 849 -47.77 -0.90 2.80
N GLN A 850 -48.53 -1.85 2.24
CA GLN A 850 -48.38 -3.23 2.64
C GLN A 850 -46.98 -3.76 2.32
N ILE A 851 -46.48 -3.46 1.12
CA ILE A 851 -45.15 -3.93 0.74
C ILE A 851 -44.09 -3.29 1.63
N MET A 852 -44.23 -2.00 1.92
CA MET A 852 -43.26 -1.31 2.76
C MET A 852 -43.28 -1.87 4.18
N LYS A 853 -44.47 -2.14 4.72
CA LYS A 853 -44.57 -2.75 6.03
C LYS A 853 -43.93 -4.13 6.06
N ARG A 854 -44.16 -4.92 5.02
CA ARG A 854 -43.55 -6.25 4.92
C ARG A 854 -42.02 -6.15 4.91
N LEU A 855 -41.49 -5.23 4.10
CA LEU A 855 -40.04 -5.08 4.00
C LEU A 855 -39.44 -4.58 5.30
N ILE A 856 -40.13 -3.67 5.99
CA ILE A 856 -39.61 -3.15 7.25
C ILE A 856 -39.67 -4.21 8.34
N LYS A 857 -40.73 -5.02 8.35
CA LYS A 857 -40.77 -6.16 9.28
C LYS A 857 -39.62 -7.12 9.00
N ARG A 858 -39.34 -7.39 7.73
CA ARG A 858 -38.20 -8.22 7.38
C ARG A 858 -36.90 -7.61 7.89
N TYR A 859 -36.75 -6.30 7.75
CA TYR A 859 -35.53 -5.63 8.22
C TYR A 859 -35.39 -5.75 9.73
N VAL A 860 -36.48 -5.50 10.46
CA VAL A 860 -36.42 -5.56 11.92
C VAL A 860 -36.08 -6.97 12.38
N LEU A 861 -36.72 -7.97 11.77
CA LEU A 861 -36.43 -9.35 12.14
C LEU A 861 -34.98 -9.72 11.83
N LYS A 862 -34.47 -9.33 10.67
CA LYS A 862 -33.10 -9.68 10.31
C LYS A 862 -32.10 -8.99 11.24
N ALA A 863 -32.35 -7.72 11.58
CA ALA A 863 -31.47 -7.02 12.50
C ALA A 863 -31.47 -7.67 13.89
N GLN A 864 -32.67 -8.04 14.38
CA GLN A 864 -32.74 -8.70 15.67
C GLN A 864 -32.05 -10.06 15.65
N VAL A 865 -32.19 -10.80 14.55
CA VAL A 865 -31.53 -12.10 14.44
C VAL A 865 -30.01 -11.93 14.41
N ASP A 866 -29.52 -10.92 13.69
CA ASP A 866 -28.09 -10.66 13.69
C ASP A 866 -27.59 -10.29 15.08
N LYS A 867 -28.33 -9.44 15.79
CA LYS A 867 -27.95 -9.07 17.15
C LYS A 867 -27.94 -10.29 18.07
N GLU A 868 -28.96 -11.15 17.95
CA GLU A 868 -29.01 -12.36 18.76
C GLU A 868 -27.83 -13.27 18.45
N ASN A 869 -27.59 -13.57 17.17
CA ASN A 869 -26.46 -14.41 16.79
C ASN A 869 -25.14 -13.80 17.27
N ASP A 870 -25.08 -12.48 17.38
CA ASP A 870 -23.90 -11.86 17.98
C ASP A 870 -23.83 -12.12 19.48
N GLU A 871 -24.98 -12.13 20.16
CA GLU A 871 -24.99 -12.25 21.62
C GLU A 871 -26.05 -13.24 22.11
N VAL A 872 -26.21 -14.37 21.43
CA VAL A 872 -27.11 -15.42 21.91
C VAL A 872 -26.55 -16.07 23.16
N ASN A 873 -25.23 -16.26 23.21
CA ASN A 873 -24.61 -16.94 24.34
C ASN A 873 -24.81 -16.17 25.64
N GLU A 874 -24.67 -14.85 25.58
CA GLU A 874 -24.87 -14.00 26.75
C GLU A 874 -26.35 -13.90 27.11
N THR B 107 6.18 -36.94 45.68
CA THR B 107 5.09 -36.90 46.66
C THR B 107 5.62 -37.17 48.06
N SER B 108 6.25 -36.18 48.66
CA SER B 108 6.80 -36.29 50.00
C SER B 108 5.83 -35.84 51.09
N LEU B 109 4.64 -35.40 50.72
CA LEU B 109 3.68 -34.90 51.70
C LEU B 109 2.88 -36.05 52.31
N THR B 110 2.52 -35.89 53.58
CA THR B 110 1.81 -36.92 54.31
C THR B 110 0.34 -36.95 53.89
N ALA B 111 -0.40 -37.93 54.41
CA ALA B 111 -1.79 -38.13 54.02
C ALA B 111 -2.68 -37.01 54.56
N GLU B 112 -2.53 -36.68 55.85
CA GLU B 112 -3.39 -35.67 56.46
C GLU B 112 -3.18 -34.30 55.82
N GLU B 113 -1.92 -33.92 55.61
CA GLU B 113 -1.65 -32.64 54.98
C GLU B 113 -2.11 -32.63 53.53
N GLU B 114 -2.01 -33.77 52.84
CA GLU B 114 -2.54 -33.85 51.48
C GLU B 114 -4.04 -33.64 51.45
N ARG B 115 -4.75 -34.26 52.39
CA ARG B 115 -6.21 -34.09 52.48
C ARG B 115 -6.55 -32.64 52.77
N PHE B 116 -5.84 -32.01 53.71
CA PHE B 116 -6.10 -30.61 54.03
C PHE B 116 -5.84 -29.71 52.83
N LEU B 117 -4.74 -29.95 52.11
CA LEU B 117 -4.40 -29.11 50.97
C LEU B 117 -5.40 -29.27 49.84
N ASP B 118 -5.83 -30.50 49.54
CA ASP B 118 -6.81 -30.67 48.47
C ASP B 118 -8.17 -30.11 48.86
N ALA B 119 -8.54 -30.21 50.14
CA ALA B 119 -9.77 -29.58 50.60
C ALA B 119 -9.69 -28.07 50.46
N ALA B 120 -8.55 -27.47 50.79
CA ALA B 120 -8.38 -26.03 50.62
C ALA B 120 -8.45 -25.64 49.15
N GLU B 121 -7.82 -26.42 48.27
CA GLU B 121 -7.85 -26.10 46.85
C GLU B 121 -9.28 -26.20 46.30
N TYR B 122 -9.99 -27.26 46.67
CA TYR B 122 -11.36 -27.46 46.20
C TYR B 122 -12.35 -26.82 47.17
N ASN B 124 -14.33 -27.63 49.78
CA ASN B 124 -15.05 -28.07 50.97
C ASN B 124 -14.58 -27.33 52.21
N ILE B 125 -15.30 -26.26 52.55
CA ILE B 125 -14.97 -25.48 53.76
C ILE B 125 -15.06 -26.31 55.04
N PRO B 126 -16.07 -27.17 55.26
CA PRO B 126 -16.11 -27.89 56.56
C PRO B 126 -14.91 -28.77 56.80
N VAL B 127 -14.35 -29.39 55.76
CA VAL B 127 -13.18 -30.24 55.92
C VAL B 127 -11.99 -29.40 56.40
N VAL B 128 -11.78 -28.24 55.78
CA VAL B 128 -10.70 -27.36 56.19
C VAL B 128 -10.91 -26.86 57.61
N ARG B 129 -12.16 -26.51 57.95
CA ARG B 129 -12.45 -26.04 59.30
C ARG B 129 -12.17 -27.12 60.34
N LYS B 130 -12.56 -28.36 60.04
CA LYS B 130 -12.32 -29.45 60.97
C LYS B 130 -10.83 -29.76 61.10
N MET B 131 -10.10 -29.72 59.98
CA MET B 131 -8.68 -30.05 60.01
C MET B 131 -7.86 -28.98 60.72
N LEU B 132 -8.27 -27.71 60.59
CA LEU B 132 -7.50 -26.60 61.13
C LEU B 132 -7.90 -26.23 62.56
N GLU B 133 -8.85 -26.96 63.16
CA GLU B 133 -9.32 -26.64 64.51
C GLU B 133 -8.89 -27.73 65.48
N GLU B 134 -8.23 -27.32 66.56
CA GLU B 134 -7.83 -28.21 67.65
C GLU B 134 -7.02 -29.40 67.13
N SER B 135 -6.04 -29.10 66.28
CA SER B 135 -5.15 -30.12 65.73
C SER B 135 -3.72 -29.61 65.81
N LYS B 136 -2.88 -30.30 66.59
CA LYS B 136 -1.47 -29.93 66.68
C LYS B 136 -0.77 -30.14 65.35
N THR B 137 -1.12 -31.20 64.63
CA THR B 137 -0.55 -31.48 63.31
C THR B 137 -1.22 -30.62 62.26
N LEU B 138 -0.97 -30.93 60.98
CA LEU B 138 -1.52 -30.17 59.85
C LEU B 138 -1.08 -28.71 59.92
N ASN B 139 0.22 -28.51 59.77
CA ASN B 139 0.80 -27.16 59.80
C ASN B 139 0.21 -26.31 58.69
N VAL B 140 -0.07 -25.04 59.01
CA VAL B 140 -0.75 -24.16 58.08
C VAL B 140 0.16 -23.80 56.90
N ASN B 141 1.44 -23.53 57.17
CA ASN B 141 2.34 -23.06 56.12
C ASN B 141 3.02 -24.21 55.37
N CYS B 142 2.42 -25.39 55.39
CA CYS B 142 2.95 -26.51 54.61
C CYS B 142 2.43 -26.44 53.18
N VAL B 143 3.24 -26.93 52.24
CA VAL B 143 2.89 -26.92 50.83
C VAL B 143 3.33 -28.24 50.22
N ASP B 144 2.95 -28.44 48.96
CA ASP B 144 3.37 -29.63 48.23
C ASP B 144 4.87 -29.58 47.94
N TYR B 145 5.38 -30.65 47.34
CA TYR B 145 6.79 -30.69 46.99
C TYR B 145 7.16 -29.60 46.00
N MET B 146 6.32 -29.39 44.98
CA MET B 146 6.53 -28.34 44.00
C MET B 146 5.24 -27.59 43.70
N GLY B 147 4.27 -27.69 44.60
CA GLY B 147 2.98 -27.05 44.43
C GLY B 147 2.91 -25.70 45.13
N GLN B 148 1.70 -25.30 45.49
CA GLN B 148 1.43 -24.02 46.12
C GLN B 148 1.09 -24.22 47.59
N ASN B 149 1.21 -23.15 48.36
CA ASN B 149 0.86 -23.18 49.78
C ASN B 149 -0.65 -23.37 49.94
N ALA B 150 -1.06 -23.67 51.17
CA ALA B 150 -2.49 -23.74 51.46
C ALA B 150 -3.17 -22.41 51.20
N LEU B 151 -2.58 -21.32 51.68
CA LEU B 151 -3.13 -20.00 51.40
C LEU B 151 -3.07 -19.69 49.91
N GLN B 152 -1.97 -20.06 49.25
CA GLN B 152 -1.86 -19.80 47.82
C GLN B 152 -2.90 -20.58 47.03
N LEU B 153 -3.16 -21.83 47.42
CA LEU B 153 -4.19 -22.63 46.75
C LEU B 153 -5.58 -22.06 47.02
N ALA B 154 -5.82 -21.56 48.25
CA ALA B 154 -7.12 -21.00 48.58
C ALA B 154 -7.35 -19.65 47.92
N VAL B 155 -6.27 -18.95 47.55
CA VAL B 155 -6.41 -17.65 46.88
C VAL B 155 -6.45 -17.79 45.36
N GLY B 156 -5.70 -18.72 44.78
CA GLY B 156 -5.73 -18.90 43.33
C GLY B 156 -7.10 -19.26 42.81
N ASN B 157 -7.87 -20.02 43.58
CA ASN B 157 -9.27 -20.32 43.28
C ASN B 157 -10.14 -19.60 44.30
N GLU B 158 -11.07 -18.78 43.81
CA GLU B 158 -11.78 -17.83 44.67
C GLU B 158 -12.60 -18.51 45.75
N HIS B 159 -12.17 -18.34 47.00
CA HIS B 159 -12.90 -18.85 48.17
C HIS B 159 -12.51 -17.97 49.35
N LEU B 160 -13.38 -17.03 49.71
CA LEU B 160 -13.02 -16.02 50.70
C LEU B 160 -13.03 -16.59 52.12
N GLU B 161 -13.99 -17.45 52.43
CA GLU B 161 -14.10 -17.97 53.79
C GLU B 161 -12.93 -18.87 54.15
N VAL B 162 -12.51 -19.74 53.22
CA VAL B 162 -11.35 -20.58 53.48
C VAL B 162 -10.10 -19.74 53.60
N THR B 163 -9.99 -18.68 52.80
CA THR B 163 -8.85 -17.78 52.91
C THR B 163 -8.82 -17.09 54.27
N GLU B 164 -9.98 -16.66 54.77
CA GLU B 164 -10.04 -16.02 56.08
C GLU B 164 -9.67 -17.02 57.18
N LEU B 165 -10.15 -18.26 57.07
CA LEU B 165 -9.78 -19.27 58.06
C LEU B 165 -8.28 -19.55 58.03
N LEU B 166 -7.69 -19.61 56.85
CA LEU B 166 -6.24 -19.79 56.74
C LEU B 166 -5.49 -18.61 57.35
N LEU B 167 -5.96 -17.39 57.10
CA LEU B 167 -5.27 -16.20 57.59
C LEU B 167 -5.50 -15.98 59.08
N LYS B 168 -6.47 -16.66 59.67
CA LYS B 168 -6.70 -16.51 61.11
C LYS B 168 -5.48 -16.93 61.93
N LYS B 169 -4.67 -17.86 61.40
CA LYS B 169 -3.47 -18.29 62.10
C LYS B 169 -2.45 -17.16 62.16
N GLU B 170 -1.84 -16.97 63.33
CA GLU B 170 -0.88 -15.89 63.50
C GLU B 170 0.37 -16.12 62.67
N ASN B 171 0.85 -17.36 62.60
CA ASN B 171 2.07 -17.69 61.87
C ASN B 171 1.69 -18.34 60.55
N LEU B 172 2.04 -17.67 59.45
CA LEU B 172 1.76 -18.17 58.12
C LEU B 172 2.77 -17.60 57.14
N ALA B 173 2.92 -18.27 56.00
CA ALA B 173 3.89 -17.89 54.99
C ALA B 173 3.18 -17.64 53.65
N ARG B 174 3.93 -17.00 52.74
CA ARG B 174 3.46 -16.71 51.39
C ARG B 174 2.21 -15.84 51.41
N ILE B 175 2.13 -14.93 52.37
CA ILE B 175 1.03 -13.97 52.41
C ILE B 175 1.17 -12.95 51.28
N GLY B 176 2.38 -12.46 51.06
CA GLY B 176 2.60 -11.50 49.99
C GLY B 176 2.35 -12.08 48.62
N ASP B 177 2.75 -13.33 48.41
CA ASP B 177 2.47 -13.98 47.12
C ASP B 177 0.97 -14.16 46.93
N ALA B 178 0.25 -14.49 48.00
CA ALA B 178 -1.21 -14.59 47.91
C ALA B 178 -1.82 -13.25 47.53
N LEU B 179 -1.34 -12.16 48.15
CA LEU B 179 -1.84 -10.84 47.80
C LEU B 179 -1.56 -10.51 46.34
N LEU B 180 -0.36 -10.83 45.86
CA LEU B 180 -0.01 -10.53 44.47
C LEU B 180 -0.87 -11.34 43.50
N LEU B 181 -1.10 -12.62 43.81
CA LEU B 181 -1.93 -13.46 42.95
C LEU B 181 -3.37 -12.98 42.93
N ALA B 182 -3.90 -12.56 44.08
CA ALA B 182 -5.24 -12.01 44.12
C ALA B 182 -5.33 -10.70 43.33
N ILE B 183 -4.32 -9.84 43.47
CA ILE B 183 -4.34 -8.55 42.79
C ILE B 183 -4.23 -8.73 41.28
N SER B 184 -3.48 -9.74 40.84
CA SER B 184 -3.32 -9.97 39.41
C SER B 184 -4.66 -10.23 38.73
N LYS B 185 -5.67 -10.64 39.48
CA LYS B 185 -7.01 -10.86 38.98
C LYS B 185 -8.00 -9.96 39.75
N GLY B 186 -9.29 -10.16 39.48
CA GLY B 186 -10.30 -9.31 40.08
C GLY B 186 -10.83 -9.83 41.41
N TYR B 187 -9.93 -10.36 42.25
CA TYR B 187 -10.31 -10.96 43.52
C TYR B 187 -10.29 -9.89 44.60
N VAL B 188 -11.31 -9.04 44.58
CA VAL B 188 -11.33 -7.85 45.43
C VAL B 188 -11.47 -8.23 46.90
N ARG B 189 -12.43 -9.12 47.22
CA ARG B 189 -12.67 -9.47 48.61
C ARG B 189 -11.50 -10.23 49.21
N ILE B 190 -10.84 -11.08 48.41
CA ILE B 190 -9.65 -11.77 48.87
C ILE B 190 -8.56 -10.76 49.21
N VAL B 191 -8.39 -9.74 48.37
CA VAL B 191 -7.40 -8.71 48.64
C VAL B 191 -7.74 -7.97 49.93
N GLU B 192 -9.03 -7.66 50.14
CA GLU B 192 -9.43 -6.99 51.37
C GLU B 192 -9.11 -7.83 52.59
N ALA B 193 -9.44 -9.12 52.54
CA ALA B 193 -9.16 -10.00 53.67
C ALA B 193 -7.66 -10.10 53.94
N ILE B 194 -6.85 -10.23 52.89
CA ILE B 194 -5.42 -10.35 53.07
C ILE B 194 -4.83 -9.07 53.64
N LEU B 195 -5.30 -7.91 53.15
CA LEU B 195 -4.81 -6.64 53.68
C LEU B 195 -5.25 -6.42 55.12
N ASN B 196 -6.39 -7.00 55.51
CA ASN B 196 -6.85 -6.88 56.89
C ASN B 196 -5.96 -7.64 57.87
N HIS B 197 -5.06 -8.49 57.37
CA HIS B 197 -4.18 -9.24 58.24
C HIS B 197 -3.22 -8.30 58.98
N PRO B 198 -2.94 -8.55 60.25
CA PRO B 198 -2.05 -7.64 61.00
C PRO B 198 -0.63 -7.57 60.46
N GLY B 199 -0.19 -8.56 59.68
CA GLY B 199 1.16 -8.54 59.16
C GLY B 199 1.45 -7.33 58.28
N PHE B 200 0.48 -6.97 57.42
CA PHE B 200 0.65 -5.80 56.57
C PHE B 200 0.58 -4.52 57.39
N ALA B 201 -0.36 -4.45 58.33
CA ALA B 201 -0.55 -3.22 59.10
C ALA B 201 0.66 -2.91 59.97
N ALA B 202 1.24 -3.93 60.60
CA ALA B 202 2.35 -3.74 61.54
C ALA B 202 3.72 -3.83 60.88
N SER B 203 3.81 -3.57 59.57
CA SER B 203 5.08 -3.65 58.88
C SER B 203 5.03 -2.82 57.62
N LYS B 204 6.21 -2.56 57.06
CA LYS B 204 6.35 -1.86 55.79
C LYS B 204 6.23 -2.78 54.59
N ARG B 205 5.68 -3.98 54.77
CA ARG B 205 5.57 -4.93 53.67
C ARG B 205 4.61 -4.44 52.60
N LEU B 206 3.56 -3.72 53.01
CA LEU B 206 2.54 -3.27 52.07
C LEU B 206 3.11 -2.28 51.06
N THR B 207 3.98 -1.37 51.51
CA THR B 207 4.39 -0.26 50.66
C THR B 207 5.63 -0.57 49.84
N LEU B 208 6.73 -0.90 50.51
CA LEU B 208 8.02 -1.01 49.84
C LEU B 208 8.17 -2.35 49.13
N SER B 209 8.98 -2.36 48.07
CA SER B 209 9.08 -3.50 47.17
C SER B 209 9.73 -4.70 47.85
N PRO B 210 9.35 -5.91 47.44
CA PRO B 210 9.91 -7.11 48.08
C PRO B 210 11.43 -7.20 48.00
N CYS B 211 12.03 -6.69 46.92
CA CYS B 211 13.47 -6.82 46.76
C CYS B 211 14.23 -6.06 47.85
N GLU B 212 13.74 -4.88 48.24
CA GLU B 212 14.44 -4.03 49.18
C GLU B 212 13.57 -3.64 50.38
N GLN B 213 12.53 -4.41 50.67
CA GLN B 213 11.68 -4.09 51.82
C GLN B 213 12.45 -4.20 53.13
N GLU B 214 13.25 -5.25 53.28
CA GLU B 214 14.00 -5.51 54.50
C GLU B 214 15.09 -6.52 54.18
N LEU B 215 15.68 -7.10 55.23
CA LEU B 215 16.62 -8.19 55.03
C LEU B 215 15.94 -9.42 54.45
N GLN B 216 14.60 -9.45 54.45
CA GLN B 216 13.78 -10.48 53.80
C GLN B 216 14.25 -11.89 54.14
N ASP B 217 14.57 -12.11 55.42
CA ASP B 217 14.85 -13.47 55.88
C ASP B 217 13.63 -14.36 55.75
N ASP B 218 12.45 -13.82 56.07
CA ASP B 218 11.21 -14.56 55.91
C ASP B 218 10.73 -14.52 54.46
N ASP B 219 10.16 -15.62 54.00
CA ASP B 219 9.65 -15.73 52.63
C ASP B 219 8.25 -15.12 52.57
N PHE B 220 8.19 -13.80 52.40
CA PHE B 220 6.91 -13.11 52.37
C PHE B 220 6.28 -13.19 50.98
N TYR B 221 6.96 -12.64 49.97
CA TYR B 221 6.45 -12.61 48.60
C TYR B 221 6.98 -13.77 47.77
N ALA B 222 7.69 -14.71 48.38
CA ALA B 222 8.36 -15.77 47.64
C ALA B 222 7.36 -16.68 46.94
N TYR B 223 7.72 -17.10 45.74
CA TYR B 223 6.94 -18.05 44.96
C TYR B 223 7.37 -19.46 45.35
N ASP B 224 7.04 -20.46 44.54
CA ASP B 224 7.21 -21.86 44.89
C ASP B 224 8.57 -22.17 45.51
N GLU B 225 9.65 -22.04 44.75
CA GLU B 225 10.97 -22.44 45.23
C GLU B 225 11.93 -21.27 45.38
N ASP B 226 12.17 -20.51 44.31
CA ASP B 226 13.17 -19.44 44.35
C ASP B 226 12.66 -18.12 43.82
N GLY B 227 11.80 -18.14 42.81
CA GLY B 227 11.35 -16.92 42.16
C GLY B 227 10.27 -16.21 42.96
N THR B 228 9.68 -15.21 42.31
CA THR B 228 8.59 -14.45 42.92
C THR B 228 7.41 -14.37 41.96
N PHE B 230 6.18 -12.73 39.40
CA PHE B 230 6.44 -11.36 38.97
C PHE B 230 7.81 -10.89 39.44
N SER B 231 8.29 -9.79 38.85
CA SER B 231 9.62 -9.30 39.17
C SER B 231 9.67 -8.83 40.62
N PRO B 232 10.84 -8.94 41.25
CA PRO B 232 10.95 -8.53 42.66
C PRO B 232 10.69 -7.05 42.89
N ASP B 233 10.81 -6.22 41.86
CA ASP B 233 10.61 -4.79 42.00
C ASP B 233 9.16 -4.37 41.91
N ILE B 234 8.24 -5.29 41.62
CA ILE B 234 6.84 -4.96 41.42
C ILE B 234 6.12 -5.03 42.76
N THR B 235 5.70 -3.88 43.26
CA THR B 235 4.88 -3.80 44.46
C THR B 235 3.46 -4.23 44.13
N PRO B 236 2.65 -4.53 45.15
CA PRO B 236 1.23 -4.81 44.88
C PRO B 236 0.52 -3.65 44.19
N ILE B 237 0.86 -2.41 44.53
CA ILE B 237 0.24 -1.25 43.90
C ILE B 237 0.67 -1.16 42.44
N ILE B 238 1.94 -1.40 42.16
CA ILE B 238 2.41 -1.36 40.78
C ILE B 238 1.76 -2.47 39.96
N LEU B 239 1.60 -3.65 40.55
CA LEU B 239 0.92 -4.73 39.84
C LEU B 239 -0.54 -4.40 39.56
N ALA B 240 -1.22 -3.80 40.54
CA ALA B 240 -2.61 -3.39 40.34
C ALA B 240 -2.72 -2.36 39.23
N ALA B 241 -1.78 -1.40 39.20
CA ALA B 241 -1.77 -0.43 38.11
C ALA B 241 -1.49 -1.09 36.77
N HIS B 242 -0.58 -2.06 36.73
CA HIS B 242 -0.28 -2.78 35.50
C HIS B 242 -1.51 -3.49 34.96
N CYS B 243 -2.23 -4.19 35.84
CA CYS B 243 -3.42 -4.92 35.43
C CYS B 243 -4.63 -4.02 35.26
N GLN B 244 -4.56 -2.76 35.71
CA GLN B 244 -5.64 -1.79 35.60
C GLN B 244 -6.89 -2.28 36.33
N LYS B 245 -6.73 -2.51 37.62
CA LYS B 245 -7.83 -2.90 38.50
C LYS B 245 -8.18 -1.67 39.34
N TYR B 246 -9.23 -0.96 38.91
CA TYR B 246 -9.58 0.31 39.55
C TYR B 246 -9.94 0.11 41.02
N GLU B 247 -10.71 -0.93 41.32
CA GLU B 247 -11.08 -1.18 42.71
C GLU B 247 -9.87 -1.53 43.55
N VAL B 248 -8.98 -2.37 43.03
CA VAL B 248 -7.79 -2.76 43.78
C VAL B 248 -6.85 -1.58 43.96
N VAL B 249 -6.68 -0.77 42.91
CA VAL B 249 -5.85 0.43 43.01
C VAL B 249 -6.41 1.37 44.06
N HIS B 250 -7.74 1.56 44.06
CA HIS B 250 -8.37 2.42 45.06
C HIS B 250 -8.15 1.89 46.47
N MET B 251 -8.30 0.57 46.65
CA MET B 251 -8.09 -0.02 47.96
C MET B 251 -6.66 0.18 48.44
N LEU B 252 -5.69 -0.08 47.57
CA LEU B 252 -4.29 0.06 47.95
C LEU B 252 -3.93 1.51 48.24
N LEU B 253 -4.51 2.44 47.48
CA LEU B 253 -4.29 3.85 47.75
C LEU B 253 -4.85 4.25 49.10
N MET B 254 -6.03 3.71 49.46
CA MET B 254 -6.57 4.00 50.79
C MET B 254 -5.71 3.41 51.89
N LYS B 255 -4.97 2.34 51.60
CA LYS B 255 -4.05 1.75 52.58
C LYS B 255 -2.72 2.48 52.67
N GLY B 256 -2.46 3.44 51.78
CA GLY B 256 -1.23 4.21 51.81
C GLY B 256 -0.19 3.80 50.78
N ALA B 257 -0.52 2.87 49.90
CA ALA B 257 0.43 2.37 48.90
C ALA B 257 0.47 3.31 47.70
N ARG B 258 1.63 3.92 47.46
CA ARG B 258 1.82 4.81 46.33
C ARG B 258 3.02 4.36 45.52
N ILE B 259 2.94 4.54 44.20
CA ILE B 259 4.06 4.23 43.34
C ILE B 259 5.08 5.36 43.44
N GLU B 260 6.28 5.03 43.90
CA GLU B 260 7.35 6.01 44.02
C GLU B 260 7.92 6.30 42.65
N ARG B 261 7.97 7.58 42.28
CA ARG B 261 8.47 7.96 40.97
C ARG B 261 9.97 7.69 40.89
N PRO B 262 10.43 6.95 39.89
CA PRO B 262 11.87 6.70 39.77
C PRO B 262 12.65 7.97 39.48
N HIS B 263 13.89 7.98 39.93
CA HIS B 263 14.75 9.15 39.80
C HIS B 263 15.07 9.43 38.33
N ASP B 264 15.76 10.54 38.11
CA ASP B 264 16.21 10.89 36.77
C ASP B 264 17.23 9.87 36.27
N TYR B 265 17.30 9.71 34.94
CA TYR B 265 18.24 8.76 34.36
C TYR B 265 19.67 9.09 34.74
N PHE B 266 20.00 10.38 34.80
CA PHE B 266 21.34 10.83 35.15
C PHE B 266 21.48 11.14 36.64
N CYS B 267 20.70 10.48 37.49
CA CYS B 267 20.79 10.72 38.92
C CYS B 267 22.12 10.21 39.46
N LYS B 268 22.68 10.96 40.41
CA LYS B 268 23.97 10.62 41.01
C LYS B 268 23.86 10.31 42.49
N CYS B 269 22.67 9.96 42.99
CA CYS B 269 22.53 9.60 44.39
C CYS B 269 23.19 8.25 44.65
N GLY B 270 23.42 7.97 45.93
CA GLY B 270 24.11 6.74 46.29
C GLY B 270 23.33 5.49 45.89
N ASP B 271 22.02 5.53 46.09
CA ASP B 271 21.20 4.36 45.78
C ASP B 271 21.19 4.07 44.29
N CYS B 272 21.08 5.12 43.46
CA CYS B 272 21.07 4.91 42.01
C CYS B 272 22.40 4.36 41.52
N MET B 273 23.52 4.89 42.04
CA MET B 273 24.82 4.34 41.67
C MET B 273 24.96 2.89 42.14
N GLU B 274 24.48 2.58 43.34
CA GLU B 274 24.59 1.22 43.85
C GLU B 274 23.79 0.24 42.99
N LYS B 275 22.60 0.64 42.56
CA LYS B 275 21.81 -0.21 41.68
C LYS B 275 22.40 -0.29 40.28
N GLN B 276 23.07 0.77 39.83
CA GLN B 276 23.66 0.77 38.50
C GLN B 276 24.94 -0.05 38.44
N ARG B 277 25.67 -0.15 39.55
CA ARG B 277 26.93 -0.87 39.55
C ARG B 277 26.73 -2.34 39.19
N HIS B 278 25.80 -3.00 39.88
CA HIS B 278 25.50 -4.40 39.65
C HIS B 278 24.09 -4.53 39.11
N ASP B 279 23.94 -5.28 38.03
CA ASP B 279 22.65 -5.54 37.40
C ASP B 279 21.98 -4.23 36.98
N SER B 280 22.61 -3.55 36.02
CA SER B 280 22.00 -2.37 35.42
C SER B 280 20.76 -2.74 34.61
N PHE B 281 20.71 -3.97 34.09
CA PHE B 281 19.52 -4.43 33.38
C PHE B 281 18.32 -4.48 34.31
N SER B 282 18.51 -4.97 35.53
CA SER B 282 17.40 -4.96 36.49
C SER B 282 17.01 -3.54 36.87
N HIS B 283 17.97 -2.62 36.93
CA HIS B 283 17.66 -1.23 37.22
C HIS B 283 16.77 -0.63 36.12
N SER B 284 17.14 -0.85 34.86
CA SER B 284 16.33 -0.36 33.75
C SER B 284 14.95 -1.00 33.74
N ARG B 285 14.89 -2.31 34.00
CA ARG B 285 13.61 -3.02 34.01
C ARG B 285 12.72 -2.51 35.12
N SER B 286 13.27 -2.25 36.30
CA SER B 286 12.47 -1.73 37.40
C SER B 286 11.99 -0.31 37.12
N ARG B 287 12.83 0.50 36.48
CA ARG B 287 12.38 1.83 36.07
C ARG B 287 11.21 1.74 35.10
N ILE B 288 11.31 0.84 34.11
CA ILE B 288 10.22 0.68 33.15
C ILE B 288 8.97 0.19 33.84
N ASN B 289 9.10 -0.72 34.80
CA ASN B 289 7.93 -1.20 35.54
C ASN B 289 7.27 -0.08 36.34
N ALA B 290 8.08 0.75 37.00
CA ALA B 290 7.52 1.86 37.76
C ALA B 290 6.80 2.85 36.85
N TYR B 291 7.36 3.12 35.67
CA TYR B 291 6.70 4.03 34.75
C TYR B 291 5.46 3.40 34.12
N LYS B 292 5.45 2.09 33.95
CA LYS B 292 4.26 1.40 33.48
C LYS B 292 3.14 1.49 34.51
N GLY B 293 3.50 1.40 35.79
CA GLY B 293 2.52 1.61 36.84
C GLY B 293 2.01 3.04 36.89
N LEU B 294 2.93 4.00 36.77
CA LEU B 294 2.55 5.42 36.83
C LEU B 294 1.69 5.82 35.64
N ALA B 295 2.02 5.36 34.45
CA ALA B 295 1.30 5.70 33.24
C ALA B 295 0.00 4.91 33.08
N SER B 296 -0.39 4.14 34.08
CA SER B 296 -1.62 3.38 34.01
C SER B 296 -2.82 4.31 34.17
N PRO B 297 -3.85 4.19 33.33
CA PRO B 297 -5.03 5.05 33.49
C PRO B 297 -5.69 4.93 34.84
N ALA B 298 -5.68 3.74 35.44
CA ALA B 298 -6.26 3.57 36.77
C ALA B 298 -5.50 4.39 37.81
N TYR B 299 -4.17 4.25 37.83
CA TYR B 299 -3.37 5.01 38.79
C TYR B 299 -3.43 6.50 38.48
N LEU B 300 -3.41 6.86 37.19
CA LEU B 300 -3.51 8.27 36.81
C LEU B 300 -4.79 8.89 37.33
N SER B 301 -5.92 8.20 37.15
CA SER B 301 -7.21 8.77 37.52
C SER B 301 -7.44 8.76 39.02
N LEU B 302 -6.96 7.73 39.72
CA LEU B 302 -7.28 7.59 41.14
C LEU B 302 -6.21 8.12 42.08
N SER B 303 -5.02 8.44 41.58
CA SER B 303 -3.89 8.72 42.45
C SER B 303 -3.71 10.19 42.79
N SER B 304 -4.11 11.10 41.91
CA SER B 304 -3.86 12.51 42.09
C SER B 304 -5.09 13.33 41.72
N GLU B 305 -5.18 14.52 42.30
CA GLU B 305 -6.12 15.53 41.87
C GLU B 305 -5.50 16.29 40.70
N ASP B 306 -6.34 16.69 39.75
CA ASP B 306 -5.90 17.22 38.47
C ASP B 306 -5.01 16.19 37.77
N PRO B 307 -5.57 15.07 37.31
CA PRO B 307 -4.74 14.06 36.65
C PRO B 307 -4.44 14.33 35.19
N VAL B 308 -5.11 15.29 34.54
CA VAL B 308 -4.78 15.60 33.16
C VAL B 308 -3.41 16.26 33.07
N LEU B 309 -3.10 17.16 34.01
CA LEU B 309 -1.78 17.77 34.07
C LEU B 309 -0.71 16.72 34.36
N THR B 310 -1.00 15.82 35.30
CA THR B 310 -0.07 14.75 35.62
C THR B 310 0.21 13.88 34.41
N ALA B 311 -0.84 13.53 33.66
CA ALA B 311 -0.66 12.69 32.48
C ALA B 311 0.12 13.41 31.40
N LEU B 312 -0.12 14.72 31.21
CA LEU B 312 0.65 15.48 30.23
C LEU B 312 2.14 15.51 30.59
N GLU B 313 2.43 15.83 31.85
CA GLU B 313 3.83 15.90 32.29
C GLU B 313 4.50 14.53 32.18
N LEU B 314 3.78 13.47 32.55
CA LEU B 314 4.35 12.13 32.46
C LEU B 314 4.58 11.71 31.02
N SER B 315 3.68 12.11 30.12
CA SER B 315 3.88 11.83 28.70
C SER B 315 5.16 12.50 28.20
N ASN B 316 5.36 13.76 28.58
CA ASN B 316 6.59 14.45 28.17
C ASN B 316 7.83 13.77 28.73
N GLU B 317 7.77 13.38 30.01
CA GLU B 317 8.91 12.72 30.65
C GLU B 317 9.22 11.39 29.98
N LEU B 318 8.19 10.63 29.63
CA LEU B 318 8.40 9.35 28.98
C LEU B 318 8.93 9.51 27.56
N ALA B 319 8.51 10.56 26.86
CA ALA B 319 9.09 10.84 25.55
C ALA B 319 10.57 11.18 25.65
N LYS B 320 10.93 11.99 26.64
CA LYS B 320 12.34 12.31 26.86
C LYS B 320 13.15 11.06 27.20
N LEU B 321 12.58 10.18 28.02
CA LEU B 321 13.25 8.91 28.34
C LEU B 321 13.40 8.04 27.09
N ALA B 322 12.38 8.01 26.24
CA ALA B 322 12.48 7.25 25.01
C ALA B 322 13.62 7.75 24.15
N ASN B 323 13.79 9.07 24.07
CA ASN B 323 14.92 9.63 23.35
C ASN B 323 16.24 9.25 24.01
N ILE B 324 16.30 9.30 25.35
CA ILE B 324 17.56 9.09 26.05
C ILE B 324 18.01 7.63 25.96
N GLU B 325 17.09 6.69 26.17
CA GLU B 325 17.45 5.28 26.24
C GLU B 325 17.88 4.75 24.87
N LYS B 326 16.92 4.67 23.96
CA LYS B 326 17.06 4.10 22.61
C LYS B 326 17.16 2.58 22.65
N GLU B 327 17.26 1.98 23.84
CA GLU B 327 17.14 0.53 23.94
C GLU B 327 15.69 0.12 24.09
N PHE B 328 15.03 0.66 25.11
CA PHE B 328 13.62 0.44 25.39
C PHE B 328 12.79 1.63 24.91
N LYS B 329 13.16 2.20 23.77
CA LYS B 329 12.44 3.34 23.23
C LYS B 329 10.98 3.00 22.96
N ASN B 330 10.72 1.80 22.45
CA ASN B 330 9.35 1.40 22.16
C ASN B 330 8.51 1.33 23.42
N ASP B 331 9.08 0.84 24.53
CA ASP B 331 8.34 0.76 25.78
C ASP B 331 7.93 2.15 26.26
N TYR B 332 8.88 3.09 26.27
CA TYR B 332 8.58 4.44 26.73
C TYR B 332 7.62 5.15 25.78
N ARG B 333 7.73 4.92 24.48
CA ARG B 333 6.79 5.50 23.54
C ARG B 333 5.38 4.95 23.76
N LYS B 334 5.27 3.66 24.04
CA LYS B 334 3.96 3.09 24.33
C LYS B 334 3.36 3.68 25.60
N LEU B 335 4.19 3.88 26.63
CA LEU B 335 3.70 4.50 27.85
C LEU B 335 3.27 5.94 27.62
N SER B 336 4.04 6.70 26.85
CA SER B 336 3.66 8.08 26.56
C SER B 336 2.36 8.12 25.76
N MET B 337 2.19 7.18 24.82
CA MET B 337 0.92 7.07 24.10
C MET B 337 -0.22 6.75 25.04
N GLN B 338 0.02 5.94 26.08
CA GLN B 338 -0.99 5.67 27.08
C GLN B 338 -1.41 6.95 27.78
N CYS B 339 -0.44 7.77 28.18
CA CYS B 339 -0.76 9.04 28.85
C CYS B 339 -1.54 9.96 27.92
N LYS B 340 -1.12 10.07 26.67
CA LYS B 340 -1.83 10.91 25.71
C LYS B 340 -3.26 10.42 25.50
N ASP B 341 -3.45 9.09 25.42
CA ASP B 341 -4.77 8.53 25.25
C ASP B 341 -5.66 8.84 26.44
N PHE B 342 -5.10 8.76 27.66
CA PHE B 342 -5.88 9.09 28.84
C PHE B 342 -6.34 10.55 28.80
N VAL B 343 -5.43 11.46 28.44
CA VAL B 343 -5.78 12.88 28.37
C VAL B 343 -6.87 13.11 27.32
N VAL B 344 -6.71 12.49 26.15
CA VAL B 344 -7.69 12.68 25.08
C VAL B 344 -9.06 12.14 25.50
N GLY B 345 -9.09 10.98 26.16
CA GLY B 345 -10.36 10.43 26.60
C GLY B 345 -11.04 11.30 27.64
N VAL B 346 -10.27 11.80 28.61
CA VAL B 346 -10.85 12.68 29.62
C VAL B 346 -11.42 13.93 28.98
N LEU B 347 -10.74 14.47 27.97
CA LEU B 347 -11.33 15.59 27.22
C LEU B 347 -12.59 15.17 26.49
N ASP B 348 -12.59 13.97 25.90
CA ASP B 348 -13.73 13.48 25.13
C ASP B 348 -14.97 13.34 25.99
N LEU B 349 -14.82 13.06 27.27
CA LEU B 349 -15.98 12.91 28.16
C LEU B 349 -16.76 14.20 28.39
N CYS B 350 -16.20 15.35 28.05
CA CYS B 350 -16.85 16.61 28.39
C CYS B 350 -18.13 16.79 27.59
N ARG B 351 -19.18 17.28 28.26
CA ARG B 351 -20.46 17.53 27.61
C ARG B 351 -21.03 18.89 27.94
N ASP B 352 -20.23 19.81 28.46
CA ASP B 352 -20.66 21.16 28.73
C ASP B 352 -19.49 22.10 28.51
N SER B 353 -19.80 23.38 28.27
CA SER B 353 -18.75 24.35 28.04
C SER B 353 -17.89 24.54 29.29
N GLU B 354 -18.50 24.44 30.47
CA GLU B 354 -17.74 24.59 31.71
C GLU B 354 -16.69 23.48 31.85
N GLU B 355 -17.09 22.23 31.57
CA GLU B 355 -16.14 21.13 31.64
C GLU B 355 -15.06 21.25 30.58
N VAL B 356 -15.44 21.65 29.36
CA VAL B 356 -14.46 21.79 28.29
C VAL B 356 -13.44 22.86 28.65
N GLU B 357 -13.90 23.99 29.20
CA GLU B 357 -12.98 25.02 29.63
C GLU B 357 -12.07 24.53 30.74
N ALA B 358 -12.64 23.86 31.74
CA ALA B 358 -11.84 23.36 32.85
C ALA B 358 -10.74 22.41 32.36
N ILE B 359 -11.05 21.59 31.36
CA ILE B 359 -10.03 20.71 30.81
C ILE B 359 -9.01 21.50 30.00
N LEU B 360 -9.46 22.45 29.19
CA LEU B 360 -8.57 23.15 28.27
C LEU B 360 -7.67 24.17 28.98
N ASN B 361 -8.07 24.65 30.16
CA ASN B 361 -7.19 25.42 31.00
C ASN B 361 -7.51 25.12 32.46
N GLY B 362 -6.46 25.00 33.28
CA GLY B 362 -6.62 24.53 34.65
C GLY B 362 -7.26 25.55 35.58
N ASP B 363 -6.95 25.45 36.87
CA ASP B 363 -7.50 26.35 37.86
C ASP B 363 -6.78 27.70 37.83
N SER B 378 -6.72 32.11 28.61
CA SER B 378 -5.39 31.50 28.71
C SER B 378 -5.50 29.98 28.60
N LEU B 379 -5.41 29.48 27.38
CA LEU B 379 -5.58 28.06 27.12
C LEU B 379 -4.33 27.30 27.56
N SER B 380 -4.15 27.13 28.88
CA SER B 380 -2.90 26.60 29.40
C SER B 380 -2.67 25.16 28.97
N ARG B 381 -3.69 24.31 29.11
CA ARG B 381 -3.51 22.90 28.77
C ARG B 381 -3.38 22.68 27.27
N VAL B 382 -4.05 23.49 26.45
CA VAL B 382 -3.86 23.40 25.00
C VAL B 382 -2.43 23.76 24.62
N LYS B 383 -1.89 24.82 25.25
CA LYS B 383 -0.51 25.20 24.99
C LYS B 383 0.47 24.12 25.44
N LEU B 384 0.20 23.50 26.59
CA LEU B 384 1.05 22.42 27.07
C LEU B 384 1.00 21.22 26.14
N ALA B 385 -0.19 20.89 25.64
CA ALA B 385 -0.32 19.77 24.70
C ALA B 385 0.37 20.07 23.38
N ILE B 386 0.32 21.33 22.93
CA ILE B 386 1.07 21.72 21.74
C ILE B 386 2.56 21.57 21.98
N LYS B 387 3.03 21.99 23.15
CA LYS B 387 4.44 21.85 23.50
C LYS B 387 4.86 20.38 23.56
N TYR B 388 3.99 19.52 24.09
CA TYR B 388 4.30 18.11 24.30
C TYR B 388 3.88 17.23 23.14
N GLU B 389 3.43 17.83 22.03
CA GLU B 389 3.01 17.08 20.84
C GLU B 389 1.91 16.08 21.15
N VAL B 390 0.96 16.49 21.99
CA VAL B 390 -0.25 15.71 22.25
C VAL B 390 -1.25 16.15 21.17
N LYS B 391 -1.13 15.54 20.00
CA LYS B 391 -1.83 16.04 18.81
C LYS B 391 -3.31 15.70 18.81
N LYS B 392 -3.69 14.53 19.33
CA LYS B 392 -5.09 14.15 19.34
C LYS B 392 -5.91 14.95 20.35
N PHE B 393 -5.27 15.46 21.40
CA PHE B 393 -5.99 16.29 22.36
C PHE B 393 -6.29 17.67 21.76
N VAL B 394 -5.33 18.25 21.06
CA VAL B 394 -5.54 19.55 20.44
C VAL B 394 -6.51 19.46 19.27
N ALA B 395 -6.42 18.38 18.50
CA ALA B 395 -7.25 18.20 17.32
C ALA B 395 -8.64 17.64 17.64
N HIS B 396 -8.93 17.36 18.90
CA HIS B 396 -10.25 16.86 19.26
C HIS B 396 -11.30 17.94 19.03
N PRO B 397 -12.49 17.57 18.57
CA PRO B 397 -13.52 18.60 18.30
C PRO B 397 -13.87 19.44 19.52
N ASN B 398 -13.80 18.88 20.72
CA ASN B 398 -14.11 19.66 21.92
C ASN B 398 -13.14 20.82 22.10
N CYS B 399 -11.86 20.60 21.80
CA CYS B 399 -10.87 21.67 21.82
C CYS B 399 -10.98 22.57 20.59
N GLN B 400 -11.28 21.99 19.43
CA GLN B 400 -11.32 22.76 18.19
C GLN B 400 -12.45 23.78 18.19
N GLN B 401 -13.60 23.42 18.74
CA GLN B 401 -14.70 24.38 18.80
C GLN B 401 -14.34 25.57 19.68
N GLN B 402 -13.70 25.32 20.82
CA GLN B 402 -13.26 26.40 21.68
C GLN B 402 -12.22 27.26 20.98
N LEU B 403 -11.29 26.64 20.26
CA LEU B 403 -10.29 27.41 19.54
C LEU B 403 -10.91 28.28 18.45
N LEU B 404 -11.90 27.75 17.73
CA LEU B 404 -12.63 28.55 16.74
C LEU B 404 -13.41 29.68 17.40
N THR B 405 -13.86 29.48 18.64
CA THR B 405 -14.57 30.56 19.33
C THR B 405 -13.69 31.79 19.50
N ILE B 406 -12.45 31.60 19.96
CA ILE B 406 -11.54 32.74 20.07
C ILE B 406 -11.07 33.19 18.69
N TRP B 407 -10.85 32.25 17.77
CA TRP B 407 -10.36 32.59 16.45
C TRP B 407 -11.30 33.54 15.73
N TYR B 408 -12.59 33.20 15.68
CA TYR B 408 -13.60 34.04 15.06
C TYR B 408 -14.30 34.90 16.12
N GLU B 409 -13.49 35.65 16.87
CA GLU B 409 -14.02 36.53 17.90
C GLU B 409 -14.45 37.85 17.30
N ASN B 410 -15.48 38.46 17.89
CA ASN B 410 -16.03 39.75 17.48
C ASN B 410 -16.55 39.76 16.06
N LEU B 411 -16.56 38.61 15.37
CA LEU B 411 -17.07 38.49 14.01
C LEU B 411 -17.72 37.11 13.90
N SER B 412 -19.05 37.10 13.89
CA SER B 412 -19.78 35.84 13.92
C SER B 412 -20.25 35.42 12.53
N GLY B 413 -20.81 36.35 11.76
CA GLY B 413 -21.29 36.01 10.43
C GLY B 413 -20.18 35.60 9.49
N LEU B 414 -18.99 36.19 9.65
CA LEU B 414 -17.89 35.89 8.74
C LEU B 414 -17.39 34.46 8.89
N ARG B 415 -17.68 33.79 10.01
CA ARG B 415 -17.29 32.40 10.16
C ARG B 415 -17.97 31.52 9.12
N GLU B 416 -19.25 31.79 8.85
CA GLU B 416 -20.05 30.96 7.94
C GLU B 416 -19.86 31.32 6.48
N GLN B 417 -19.10 32.37 6.17
CA GLN B 417 -18.90 32.76 4.79
C GLN B 417 -18.01 31.74 4.07
N THR B 418 -18.12 31.75 2.74
CA THR B 418 -17.33 30.83 1.92
C THR B 418 -15.87 31.26 1.89
N ILE B 419 -15.04 30.38 1.30
CA ILE B 419 -13.61 30.68 1.16
C ILE B 419 -13.40 31.87 0.23
N ALA B 420 -14.24 32.00 -0.80
CA ALA B 420 -14.11 33.12 -1.72
C ALA B 420 -14.35 34.46 -1.01
N ILE B 421 -15.32 34.49 -0.10
CA ILE B 421 -15.56 35.72 0.66
C ILE B 421 -14.36 36.05 1.54
N LYS B 422 -13.74 35.03 2.14
CA LYS B 422 -12.54 35.25 2.94
C LYS B 422 -11.40 35.79 2.09
N CYS B 423 -11.23 35.25 0.87
CA CYS B 423 -10.21 35.75 -0.02
C CYS B 423 -10.48 37.20 -0.42
N LEU B 424 -11.75 37.53 -0.65
CA LEU B 424 -12.12 38.91 -0.96
C LEU B 424 -11.80 39.83 0.22
N VAL B 425 -12.03 39.35 1.44
CA VAL B 425 -11.68 40.13 2.63
C VAL B 425 -10.17 40.35 2.70
N VAL B 426 -9.39 39.31 2.39
CA VAL B 426 -7.94 39.46 2.37
C VAL B 426 -7.52 40.50 1.33
N LEU B 427 -8.15 40.46 0.15
CA LEU B 427 -7.82 41.44 -0.88
C LEU B 427 -8.17 42.86 -0.45
N VAL B 428 -9.33 43.03 0.19
CA VAL B 428 -9.73 44.35 0.67
C VAL B 428 -8.76 44.86 1.72
N VAL B 429 -8.34 43.98 2.64
CA VAL B 429 -7.38 44.37 3.66
C VAL B 429 -6.04 44.74 3.02
N ALA B 430 -5.63 43.98 2.00
CA ALA B 430 -4.39 44.31 1.30
C ALA B 430 -4.48 45.69 0.66
N LEU B 431 -5.62 46.01 0.07
CA LEU B 431 -5.79 47.33 -0.55
C LEU B 431 -5.80 48.44 0.50
N GLY B 432 -6.45 48.22 1.63
CA GLY B 432 -6.65 49.30 2.59
C GLY B 432 -5.84 49.21 3.88
N LEU B 433 -4.76 48.43 3.86
CA LEU B 433 -3.94 48.29 5.07
C LEU B 433 -3.40 49.60 5.61
N PRO B 434 -2.82 50.51 4.81
CA PRO B 434 -2.38 51.79 5.40
C PRO B 434 -3.49 52.58 6.05
N PHE B 435 -4.69 52.55 5.47
CA PHE B 435 -5.81 53.32 6.04
C PHE B 435 -6.21 52.79 7.40
N LEU B 436 -6.37 51.47 7.54
CA LEU B 436 -6.70 50.92 8.85
C LEU B 436 -5.54 51.06 9.83
N ALA B 437 -4.30 50.99 9.34
CA ALA B 437 -3.16 51.19 10.22
C ALA B 437 -3.14 52.60 10.81
N ILE B 438 -3.40 53.61 9.99
CA ILE B 438 -3.41 54.98 10.50
C ILE B 438 -4.67 55.23 11.33
N GLY B 439 -5.77 54.56 11.01
CA GLY B 439 -6.97 54.68 11.83
C GLY B 439 -6.88 53.95 13.14
N TYR B 440 -5.89 53.07 13.30
CA TYR B 440 -5.68 52.39 14.57
C TYR B 440 -5.34 53.35 15.70
N TRP B 441 -4.94 54.58 15.40
CA TRP B 441 -4.70 55.54 16.46
C TRP B 441 -5.97 55.87 17.22
N ILE B 442 -7.13 55.68 16.62
CA ILE B 442 -8.42 55.87 17.28
C ILE B 442 -9.24 54.58 17.35
N ALA B 443 -8.81 53.52 16.67
CA ALA B 443 -9.61 52.29 16.62
C ALA B 443 -9.95 51.69 17.97
N PRO B 444 -9.04 51.62 18.96
CA PRO B 444 -9.44 51.06 20.26
C PRO B 444 -10.64 51.76 20.89
N CYS B 445 -10.79 53.07 20.66
CA CYS B 445 -11.98 53.78 21.11
C CYS B 445 -13.16 53.59 20.17
N SER B 446 -12.96 52.94 19.02
CA SER B 446 -14.01 52.70 18.05
C SER B 446 -14.38 51.22 18.02
N ARG B 447 -15.47 50.92 17.31
CA ARG B 447 -15.92 49.54 17.18
C ARG B 447 -14.99 48.74 16.29
N LEU B 448 -14.42 49.38 15.26
CA LEU B 448 -13.55 48.68 14.32
C LEU B 448 -12.28 48.16 14.98
N GLY B 449 -11.87 48.76 16.10
CA GLY B 449 -10.70 48.24 16.81
C GLY B 449 -10.92 46.83 17.31
N LYS B 450 -12.12 46.54 17.81
CA LYS B 450 -12.44 45.18 18.22
C LYS B 450 -12.41 44.23 17.03
N ILE B 451 -12.90 44.69 15.88
CA ILE B 451 -12.92 43.85 14.69
C ILE B 451 -11.50 43.51 14.26
N LEU B 452 -10.62 44.51 14.18
CA LEU B 452 -9.27 44.26 13.68
C LEU B 452 -8.41 43.52 14.70
N ARG B 453 -8.81 43.55 15.98
CA ARG B 453 -8.03 42.89 17.02
C ARG B 453 -8.43 41.43 17.22
N SER B 454 -9.34 40.92 16.43
CA SER B 454 -9.63 39.50 16.49
C SER B 454 -8.50 38.70 15.83
N PRO B 455 -8.22 37.49 16.34
CA PRO B 455 -7.10 36.73 15.78
C PRO B 455 -7.21 36.48 14.28
N PHE B 456 -8.41 36.25 13.77
CA PHE B 456 -8.58 36.03 12.34
C PHE B 456 -8.21 37.27 11.55
N MET B 457 -8.58 38.45 12.04
CA MET B 457 -8.19 39.68 11.35
C MET B 457 -6.70 39.96 11.46
N LYS B 458 -6.07 39.57 12.57
CA LYS B 458 -4.62 39.68 12.65
C LYS B 458 -3.94 38.78 11.61
N PHE B 459 -4.43 37.55 11.47
CA PHE B 459 -3.88 36.65 10.47
C PHE B 459 -4.09 37.19 9.06
N VAL B 460 -5.29 37.73 8.80
CA VAL B 460 -5.59 38.31 7.48
C VAL B 460 -4.68 39.50 7.21
N ALA B 461 -4.46 40.34 8.21
CA ALA B 461 -3.57 41.49 8.05
C ALA B 461 -2.14 41.06 7.77
N HIS B 462 -1.66 40.02 8.45
CA HIS B 462 -0.30 39.54 8.19
C HIS B 462 -0.19 38.93 6.80
N ALA B 463 -1.21 38.18 6.36
CA ALA B 463 -1.19 37.62 5.02
C ALA B 463 -1.23 38.72 3.97
N ALA B 464 -2.04 39.76 4.20
CA ALA B 464 -2.09 40.89 3.29
C ALA B 464 -0.77 41.62 3.24
N SER B 465 -0.10 41.74 4.39
CA SER B 465 1.22 42.35 4.44
C SER B 465 2.22 41.55 3.61
N PHE B 466 2.21 40.22 3.74
CA PHE B 466 3.11 39.40 2.94
C PHE B 466 2.81 39.54 1.45
N ILE B 467 1.51 39.59 1.10
CA ILE B 467 1.13 39.77 -0.29
C ILE B 467 1.64 41.11 -0.82
N ILE B 468 1.54 42.16 -0.01
CA ILE B 468 2.01 43.49 -0.42
C ILE B 468 3.53 43.48 -0.57
N PHE B 469 4.23 42.74 0.29
CA PHE B 469 5.68 42.63 0.16
C PHE B 469 6.06 41.96 -1.15
N LEU B 470 5.38 40.86 -1.49
CA LEU B 470 5.65 40.19 -2.76
C LEU B 470 5.31 41.10 -3.93
N GLY B 471 4.21 41.86 -3.81
CA GLY B 471 3.87 42.81 -4.85
C GLY B 471 4.91 43.89 -5.04
N LEU B 472 5.47 44.39 -3.93
CA LEU B 472 6.55 45.35 -4.02
C LEU B 472 7.78 44.75 -4.69
N LEU B 473 8.12 43.50 -4.34
CA LEU B 473 9.26 42.85 -4.96
C LEU B 473 9.07 42.71 -6.46
N VAL B 474 7.87 42.34 -6.89
CA VAL B 474 7.60 42.19 -8.31
C VAL B 474 7.56 43.55 -9.00
N PHE B 475 6.95 44.55 -8.37
CA PHE B 475 6.76 45.86 -8.99
C PHE B 475 8.06 46.64 -9.07
N ASN B 476 9.01 46.36 -8.18
CA ASN B 476 10.31 47.02 -8.27
C ASN B 476 11.08 46.59 -9.51
N ALA B 477 10.77 45.41 -10.06
CA ALA B 477 11.39 44.92 -11.27
C ALA B 477 10.69 45.38 -12.53
N SER B 478 9.68 46.24 -12.40
CA SER B 478 8.97 46.76 -13.57
C SER B 478 9.91 47.66 -14.39
N ASP B 479 9.44 47.98 -15.59
CA ASP B 479 10.20 48.64 -16.66
C ASP B 479 11.27 47.71 -17.22
N ARG B 480 11.41 46.50 -16.70
CA ARG B 480 12.29 45.49 -17.27
C ARG B 480 11.54 44.22 -17.63
N PHE B 481 10.21 44.20 -17.48
CA PHE B 481 9.44 43.00 -17.77
C PHE B 481 9.60 42.59 -19.24
N GLU B 482 9.59 43.55 -20.14
CA GLU B 482 9.83 43.31 -21.55
C GLU B 482 11.29 43.44 -21.93
N GLY B 483 12.16 43.65 -20.96
CA GLY B 483 13.58 43.77 -21.18
C GLY B 483 14.06 45.21 -21.09
N ILE B 484 15.35 45.36 -20.81
CA ILE B 484 15.98 46.67 -20.75
C ILE B 484 16.12 47.23 -22.16
N THR B 485 16.14 48.56 -22.27
CA THR B 485 16.18 49.21 -23.57
C THR B 485 17.60 49.54 -24.02
N THR B 486 18.53 49.66 -23.08
CA THR B 486 19.92 50.01 -23.39
C THR B 486 20.83 48.80 -23.18
N LEU B 487 21.79 48.63 -24.07
CA LEU B 487 22.75 47.54 -23.94
C LEU B 487 23.63 47.75 -22.72
N PRO B 488 24.12 46.67 -22.10
CA PRO B 488 24.98 46.81 -20.92
C PRO B 488 26.27 47.56 -21.20
N ASN B 489 26.69 47.66 -22.46
CA ASN B 489 27.92 48.36 -22.80
C ASN B 489 27.75 49.88 -22.83
N ILE B 490 26.52 50.37 -22.84
CA ILE B 490 26.24 51.79 -23.04
C ILE B 490 25.74 52.40 -21.75
N THR B 491 26.27 53.59 -21.43
CA THR B 491 25.89 54.34 -20.25
C THR B 491 24.95 55.48 -20.63
N VAL B 492 23.89 55.66 -19.85
CA VAL B 492 22.94 56.74 -20.04
C VAL B 492 22.83 57.51 -18.73
N THR B 493 23.03 58.83 -18.80
CA THR B 493 22.98 59.69 -17.63
C THR B 493 22.01 60.83 -17.88
N ASP B 494 21.37 61.31 -16.80
CA ASP B 494 20.41 62.39 -16.92
C ASP B 494 21.08 63.67 -17.38
N TYR B 495 22.23 64.01 -16.79
CA TYR B 495 23.01 65.18 -17.17
C TYR B 495 24.46 64.78 -17.27
N PRO B 496 25.25 65.48 -18.10
CA PRO B 496 26.66 65.08 -18.28
C PRO B 496 27.47 65.05 -17.00
N LYS B 497 27.21 65.98 -16.07
CA LYS B 497 27.98 66.06 -14.84
C LYS B 497 27.75 64.88 -13.90
N GLN B 498 26.73 64.06 -14.16
CA GLN B 498 26.40 62.96 -13.26
C GLN B 498 27.28 61.75 -13.52
N ILE B 499 27.62 61.06 -12.45
CA ILE B 499 28.34 59.79 -12.51
C ILE B 499 27.34 58.69 -12.81
N PHE B 500 27.70 57.80 -13.74
CA PHE B 500 26.79 56.73 -14.15
C PHE B 500 26.46 55.81 -12.98
N ARG B 501 27.46 55.46 -12.17
CA ARG B 501 27.22 54.58 -11.04
C ARG B 501 26.32 55.23 -10.01
N VAL B 502 26.30 56.56 -9.95
CA VAL B 502 25.34 57.26 -9.10
C VAL B 502 23.92 56.95 -9.54
N LYS B 503 23.67 57.04 -10.85
CA LYS B 503 22.35 56.73 -11.37
C LYS B 503 21.98 55.27 -11.16
N THR B 504 22.94 54.36 -11.35
CA THR B 504 22.63 52.94 -11.19
C THR B 504 22.44 52.53 -9.74
N THR B 505 23.06 53.25 -8.80
CA THR B 505 22.99 52.86 -7.39
C THR B 505 22.04 53.71 -6.56
N GLN B 506 21.55 54.83 -7.09
CA GLN B 506 20.67 55.69 -6.31
C GLN B 506 19.36 54.97 -6.02
N PHE B 507 18.81 55.22 -4.83
CA PHE B 507 17.64 54.50 -4.40
C PHE B 507 16.36 55.20 -4.86
N THR B 508 15.40 54.40 -5.31
CA THR B 508 14.04 54.88 -5.59
C THR B 508 13.13 54.49 -4.45
N TRP B 509 11.89 54.99 -4.52
CA TRP B 509 10.97 54.87 -3.38
C TRP B 509 10.63 53.41 -3.08
N THR B 510 10.43 52.60 -4.12
CA THR B 510 9.95 51.24 -3.91
C THR B 510 10.91 50.41 -3.07
N GLU B 511 12.21 50.47 -3.36
CA GLU B 511 13.15 49.68 -2.54
C GLU B 511 13.40 50.33 -1.19
N MET B 512 13.09 51.62 -1.03
CA MET B 512 13.06 52.19 0.31
C MET B 512 11.95 51.56 1.14
N LEU B 513 10.76 51.41 0.55
CA LEU B 513 9.69 50.67 1.24
C LEU B 513 10.10 49.22 1.48
N ILE B 514 10.79 48.61 0.52
CA ILE B 514 11.24 47.23 0.70
C ILE B 514 12.19 47.13 1.89
N MET B 515 13.11 48.09 2.02
CA MET B 515 13.99 48.13 3.19
C MET B 515 13.19 48.31 4.47
N VAL B 516 12.20 49.21 4.47
CA VAL B 516 11.41 49.43 5.68
C VAL B 516 10.72 48.14 6.11
N TRP B 517 10.14 47.43 5.15
CA TRP B 517 9.46 46.17 5.44
C TRP B 517 10.44 45.11 5.93
N VAL B 518 11.59 45.00 5.27
CA VAL B 518 12.59 44.00 5.66
C VAL B 518 13.10 44.28 7.07
N LEU B 519 13.32 45.55 7.40
CA LEU B 519 13.68 45.91 8.75
C LEU B 519 12.56 45.59 9.73
N GLY B 520 11.31 45.71 9.29
CA GLY B 520 10.19 45.32 10.15
C GLY B 520 10.22 43.85 10.50
N MET B 521 10.38 42.99 9.49
CA MET B 521 10.46 41.56 9.79
C MET B 521 11.72 41.22 10.58
N MET B 522 12.83 41.91 10.30
CA MET B 522 14.04 41.68 11.08
C MET B 522 13.83 42.06 12.55
N TRP B 523 13.17 43.18 12.80
CA TRP B 523 12.91 43.60 14.18
C TRP B 523 12.02 42.59 14.89
N SER B 524 10.97 42.13 14.21
CA SER B 524 10.11 41.11 14.80
C SER B 524 10.89 39.85 15.14
N GLU B 525 11.59 39.30 14.14
CA GLU B 525 12.33 38.05 14.34
C GLU B 525 13.37 38.19 15.43
N CYS B 526 14.03 39.36 15.51
CA CYS B 526 14.96 39.60 16.61
C CYS B 526 14.23 39.61 17.94
N LYS B 527 12.99 40.11 17.97
CA LYS B 527 12.23 40.09 19.22
C LYS B 527 11.98 38.66 19.69
N GLU B 528 11.49 37.79 18.81
CA GLU B 528 11.30 36.40 19.25
C GLU B 528 12.63 35.71 19.53
N LEU B 529 13.69 36.07 18.80
CA LEU B 529 14.99 35.46 19.05
C LEU B 529 15.51 35.81 20.44
N TRP B 530 15.34 37.07 20.85
CA TRP B 530 15.80 37.47 22.18
C TRP B 530 14.88 36.92 23.26
N LEU B 531 13.58 36.81 22.98
CA LEU B 531 12.67 36.27 23.98
C LEU B 531 12.89 34.78 24.21
N GLU B 532 13.20 34.02 23.15
CA GLU B 532 13.35 32.57 23.26
C GLU B 532 14.79 32.13 23.47
N GLY B 533 15.76 32.94 23.09
CA GLY B 533 17.16 32.57 23.23
C GLY B 533 17.71 31.96 21.95
N PRO B 534 19.02 32.07 21.76
CA PRO B 534 19.62 31.58 20.51
C PRO B 534 19.52 30.07 20.33
N ARG B 535 19.90 29.30 21.36
CA ARG B 535 19.88 27.85 21.22
C ARG B 535 18.48 27.32 20.98
N GLU B 536 17.49 27.86 21.70
CA GLU B 536 16.11 27.45 21.49
C GLU B 536 15.62 27.81 20.09
N TYR B 537 15.99 28.99 19.59
CA TYR B 537 15.55 29.45 18.28
C TYR B 537 16.20 28.68 17.15
N ILE B 538 17.43 28.20 17.33
CA ILE B 538 18.13 27.51 16.26
C ILE B 538 17.47 26.18 15.93
N LEU B 539 16.93 25.47 16.93
CA LEU B 539 16.45 24.12 16.74
C LEU B 539 15.28 24.01 15.76
N GLN B 540 14.61 25.11 15.44
CA GLN B 540 13.57 25.11 14.41
C GLN B 540 14.25 25.43 13.08
N LEU B 541 14.22 24.48 12.16
CA LEU B 541 14.87 24.67 10.86
C LEU B 541 14.20 25.78 10.07
N TRP B 542 12.87 25.87 10.12
CA TRP B 542 12.19 26.86 9.31
C TRP B 542 12.45 28.27 9.84
N ASN B 543 12.60 28.40 11.16
CA ASN B 543 12.93 29.70 11.75
C ASN B 543 14.30 30.18 11.29
N VAL B 544 15.28 29.28 11.23
CA VAL B 544 16.60 29.70 10.77
C VAL B 544 16.58 29.96 9.26
N LEU B 545 15.69 29.28 8.53
CA LEU B 545 15.49 29.62 7.13
C LEU B 545 14.97 31.04 6.97
N ASP B 546 13.97 31.42 7.78
CA ASP B 546 13.44 32.77 7.75
C ASP B 546 14.51 33.79 8.14
N PHE B 547 15.28 33.51 9.18
CA PHE B 547 16.36 34.40 9.59
C PHE B 547 17.40 34.54 8.49
N GLY B 548 17.73 33.44 7.81
CA GLY B 548 18.66 33.52 6.70
C GLY B 548 18.14 34.35 5.55
N MET B 549 16.85 34.23 5.25
CA MET B 549 16.26 35.03 4.18
C MET B 549 16.32 36.53 4.52
N LEU B 550 15.97 36.87 5.76
CA LEU B 550 16.07 38.27 6.19
C LEU B 550 17.52 38.75 6.15
N SER B 551 18.46 37.92 6.58
CA SER B 551 19.86 38.31 6.60
C SER B 551 20.41 38.49 5.18
N ILE B 552 19.92 37.68 4.24
CA ILE B 552 20.34 37.84 2.85
C ILE B 552 19.80 39.15 2.28
N PHE B 553 18.56 39.50 2.61
CA PHE B 553 18.07 40.83 2.25
C PHE B 553 18.96 41.92 2.83
N ILE B 554 19.31 41.80 4.11
CA ILE B 554 20.12 42.84 4.76
C ILE B 554 21.48 42.94 4.09
N ALA B 555 22.10 41.81 3.77
CA ALA B 555 23.40 41.82 3.11
C ALA B 555 23.32 42.44 1.72
N ALA B 556 22.28 42.10 0.96
CA ALA B 556 22.13 42.70 -0.37
C ALA B 556 21.97 44.22 -0.28
N PHE B 557 21.14 44.68 0.66
CA PHE B 557 20.94 46.12 0.78
C PHE B 557 22.18 46.82 1.31
N THR B 558 22.96 46.16 2.17
CA THR B 558 24.21 46.73 2.63
C THR B 558 25.21 46.88 1.49
N ALA B 559 25.31 45.85 0.63
CA ALA B 559 26.20 45.96 -0.52
C ALA B 559 25.75 47.08 -1.45
N ARG B 560 24.44 47.21 -1.66
CA ARG B 560 23.92 48.32 -2.45
C ARG B 560 24.28 49.66 -1.82
N PHE B 561 24.22 49.74 -0.48
CA PHE B 561 24.53 50.99 0.20
C PHE B 561 26.01 51.36 0.06
N LEU B 562 26.92 50.39 0.18
CA LEU B 562 28.33 50.69 -0.07
C LEU B 562 28.58 51.10 -1.51
N ALA B 563 27.91 50.46 -2.47
CA ALA B 563 28.04 50.89 -3.85
C ALA B 563 27.56 52.33 -4.03
N PHE B 564 26.44 52.67 -3.40
CA PHE B 564 25.93 54.03 -3.46
C PHE B 564 26.90 55.03 -2.84
N LEU B 565 27.51 54.64 -1.71
CA LEU B 565 28.47 55.53 -1.05
C LEU B 565 29.69 55.78 -1.93
N GLN B 566 30.21 54.72 -2.56
CA GLN B 566 31.34 54.90 -3.48
C GLN B 566 30.95 55.81 -4.64
N ALA B 567 29.76 55.57 -5.22
CA ALA B 567 29.33 56.38 -6.35
C ALA B 567 29.16 57.84 -5.96
N THR B 568 28.58 58.10 -4.80
CA THR B 568 28.36 59.49 -4.39
C THR B 568 29.67 60.17 -3.99
N LYS B 569 30.64 59.41 -3.49
CA LYS B 569 31.97 59.99 -3.26
C LYS B 569 32.59 60.40 -4.59
N ALA B 570 32.46 59.55 -5.61
CA ALA B 570 32.96 59.91 -6.94
C ALA B 570 32.24 61.14 -7.49
N GLN B 571 30.92 61.21 -7.29
CA GLN B 571 30.15 62.36 -7.75
C GLN B 571 30.59 63.64 -7.05
N GLN B 572 30.79 63.56 -5.74
CA GLN B 572 31.27 64.73 -4.99
C GLN B 572 32.61 65.19 -5.52
N TYR B 573 33.53 64.25 -5.75
CA TYR B 573 34.84 64.60 -6.30
C TYR B 573 34.70 65.30 -7.65
N VAL B 574 33.91 64.71 -8.56
CA VAL B 574 33.86 65.21 -9.92
C VAL B 574 33.17 66.58 -9.97
N ASP B 575 32.16 66.79 -9.12
CA ASP B 575 31.51 68.11 -9.12
C ASP B 575 32.38 69.15 -8.43
N SER B 576 33.17 68.75 -7.43
CA SER B 576 33.98 69.71 -6.69
C SER B 576 35.19 70.17 -7.51
N TYR B 577 35.87 69.25 -8.18
CA TYR B 577 37.19 69.57 -8.76
C TYR B 577 37.11 70.04 -10.21
N VAL B 578 36.63 69.20 -11.12
CA VAL B 578 36.69 69.54 -12.54
C VAL B 578 35.50 70.41 -12.90
N GLN B 579 35.75 71.43 -13.72
CA GLN B 579 34.74 72.39 -14.15
C GLN B 579 34.66 72.39 -15.67
N GLU B 580 33.85 71.48 -16.22
CA GLU B 580 33.64 71.43 -17.65
C GLU B 580 32.15 71.20 -17.92
N SER B 581 31.72 71.64 -19.10
CA SER B 581 30.31 71.48 -19.47
C SER B 581 29.94 70.01 -19.64
N ASP B 582 30.83 69.21 -20.24
CA ASP B 582 30.57 67.81 -20.52
C ASP B 582 31.64 66.96 -19.86
N LEU B 583 31.21 65.87 -19.20
CA LEU B 583 32.15 65.00 -18.51
C LEU B 583 32.91 64.09 -19.46
N SER B 584 32.39 63.87 -20.67
CA SER B 584 33.02 62.93 -21.59
C SER B 584 34.44 63.38 -21.97
N GLU B 585 34.63 64.68 -22.20
CA GLU B 585 35.93 65.20 -22.56
C GLU B 585 36.93 65.17 -21.41
N VAL B 586 36.47 64.96 -20.19
CA VAL B 586 37.34 65.01 -19.02
C VAL B 586 38.13 63.71 -18.91
N THR B 587 39.43 63.83 -18.62
CA THR B 587 40.29 62.67 -18.36
C THR B 587 40.40 62.53 -16.84
N LEU B 588 39.42 61.85 -16.25
CA LEU B 588 39.32 61.74 -14.81
C LEU B 588 40.42 60.82 -14.26
N PRO B 589 40.79 61.00 -13.00
CA PRO B 589 41.72 60.06 -12.37
C PRO B 589 41.13 58.67 -12.34
N PRO B 590 41.97 57.64 -12.42
CA PRO B 590 41.44 56.27 -12.58
C PRO B 590 40.50 55.83 -11.48
N GLU B 591 40.76 56.22 -10.22
CA GLU B 591 39.86 55.86 -9.13
C GLU B 591 38.49 56.48 -9.33
N ILE B 592 38.45 57.74 -9.78
CA ILE B 592 37.18 58.38 -10.05
C ILE B 592 36.65 57.99 -11.43
N GLN B 593 37.55 57.70 -12.37
CA GLN B 593 37.16 57.28 -13.70
C GLN B 593 36.50 55.90 -13.71
N TYR B 594 36.75 55.08 -12.69
CA TYR B 594 36.17 53.74 -12.66
C TYR B 594 34.65 53.81 -12.63
N PHE B 595 34.09 54.74 -11.88
CA PHE B 595 32.65 54.83 -11.69
C PHE B 595 31.93 55.42 -12.89
N THR B 596 32.62 55.61 -14.01
CA THR B 596 31.98 56.03 -15.25
C THR B 596 31.78 54.88 -16.23
N TYR B 597 32.36 53.71 -15.97
CA TYR B 597 32.23 52.61 -16.91
C TYR B 597 30.84 51.97 -16.83
N ALA B 598 30.54 51.17 -17.84
CA ALA B 598 29.24 50.52 -17.97
C ALA B 598 29.24 49.18 -17.24
N ARG B 599 28.21 48.37 -17.46
CA ARG B 599 28.08 47.09 -16.77
C ARG B 599 29.21 46.15 -17.10
N ASP B 600 29.67 46.16 -18.36
CA ASP B 600 30.68 45.20 -18.81
C ASP B 600 32.00 45.41 -18.07
N LYS B 601 32.39 46.66 -17.83
CA LYS B 601 33.69 46.99 -17.28
C LYS B 601 33.65 47.19 -15.77
N TRP B 602 32.73 46.49 -15.09
CA TRP B 602 32.75 46.43 -13.63
C TRP B 602 33.67 45.31 -13.15
N LEU B 603 34.18 45.47 -11.95
CA LEU B 603 34.99 44.42 -11.34
C LEU B 603 34.10 43.21 -11.00
N PRO B 604 34.66 42.00 -11.03
CA PRO B 604 33.88 40.82 -10.64
C PRO B 604 33.34 40.90 -9.23
N SER B 605 34.09 41.51 -8.31
CA SER B 605 33.66 41.67 -6.92
C SER B 605 33.03 43.04 -6.67
N ASP B 606 32.43 43.63 -7.70
CA ASP B 606 31.80 44.93 -7.55
C ASP B 606 30.66 44.82 -6.53
N PRO B 607 30.51 45.79 -5.63
CA PRO B 607 29.45 45.70 -4.62
C PRO B 607 28.05 45.59 -5.20
N GLN B 608 27.79 46.22 -6.35
CA GLN B 608 26.47 46.09 -6.96
C GLN B 608 26.22 44.70 -7.53
N ILE B 609 27.27 44.04 -8.04
CA ILE B 609 27.13 42.66 -8.48
C ILE B 609 26.72 41.77 -7.32
N ILE B 610 27.40 41.93 -6.18
CA ILE B 610 27.05 41.16 -4.98
C ILE B 610 25.64 41.48 -4.53
N SER B 611 25.27 42.76 -4.59
CA SER B 611 23.93 43.18 -4.17
C SER B 611 22.86 42.51 -5.02
N GLU B 612 23.03 42.54 -6.34
CA GLU B 612 22.05 41.93 -7.23
C GLU B 612 21.98 40.41 -7.03
N GLY B 613 23.14 39.77 -6.89
CA GLY B 613 23.15 38.33 -6.69
C GLY B 613 22.45 37.91 -5.41
N LEU B 614 22.70 38.65 -4.31
CA LEU B 614 22.04 38.33 -3.05
C LEU B 614 20.56 38.68 -3.10
N TYR B 615 20.21 39.76 -3.81
CA TYR B 615 18.81 40.17 -3.92
C TYR B 615 17.99 39.11 -4.64
N ALA B 616 18.56 38.50 -5.69
CA ALA B 616 17.83 37.44 -6.39
C ALA B 616 17.53 36.27 -5.47
N ILE B 617 18.52 35.83 -4.69
CA ILE B 617 18.32 34.72 -3.76
C ILE B 617 17.29 35.08 -2.70
N ALA B 618 17.37 36.31 -2.18
CA ALA B 618 16.42 36.75 -1.18
C ALA B 618 15.01 36.78 -1.74
N VAL B 619 14.85 37.24 -2.99
CA VAL B 619 13.53 37.26 -3.61
C VAL B 619 12.99 35.85 -3.80
N VAL B 620 13.85 34.92 -4.21
CA VAL B 620 13.41 33.52 -4.34
C VAL B 620 12.96 32.98 -2.99
N LEU B 621 13.73 33.24 -1.93
CA LEU B 621 13.40 32.71 -0.62
C LEU B 621 12.21 33.42 0.03
N SER B 622 11.87 34.62 -0.43
CA SER B 622 10.74 35.34 0.16
C SER B 622 9.44 34.57 -0.02
N PHE B 623 9.25 33.94 -1.18
CA PHE B 623 8.02 33.21 -1.45
C PHE B 623 7.88 31.96 -0.59
N SER B 624 8.92 31.55 0.13
CA SER B 624 8.78 30.44 1.05
C SER B 624 7.92 30.79 2.27
N ARG B 625 7.68 32.08 2.52
CA ARG B 625 6.86 32.47 3.66
C ARG B 625 5.39 32.08 3.49
N ILE B 626 5.01 31.57 2.33
CA ILE B 626 3.66 31.05 2.13
C ILE B 626 3.39 29.89 3.09
N ALA B 627 4.45 29.21 3.54
CA ALA B 627 4.29 28.10 4.47
C ALA B 627 3.68 28.54 5.80
N TYR B 628 3.72 29.83 6.13
CA TYR B 628 3.04 30.31 7.33
C TYR B 628 1.56 30.56 7.13
N ILE B 629 1.04 30.40 5.91
CA ILE B 629 -0.34 30.72 5.61
C ILE B 629 -1.15 29.51 5.17
N LEU B 630 -0.51 28.53 4.52
CA LEU B 630 -1.16 27.31 4.05
C LEU B 630 -1.83 26.50 5.16
N PRO B 631 -1.24 26.36 6.35
CA PRO B 631 -1.91 25.57 7.40
C PRO B 631 -3.30 26.08 7.75
N ALA B 632 -3.57 27.38 7.58
CA ALA B 632 -4.90 27.89 7.86
C ALA B 632 -5.93 27.36 6.88
N ASN B 633 -5.53 27.09 5.64
CA ASN B 633 -6.45 26.60 4.63
C ASN B 633 -6.78 25.13 4.86
N GLU B 634 -8.03 24.78 4.58
CA GLU B 634 -8.51 23.42 4.84
C GLU B 634 -8.00 22.43 3.81
N SER B 635 -7.75 22.89 2.58
CA SER B 635 -7.36 21.99 1.50
C SER B 635 -5.85 21.87 1.32
N PHE B 636 -5.11 22.96 1.50
CA PHE B 636 -3.66 22.93 1.32
C PHE B 636 -2.88 22.58 2.59
N GLY B 637 -3.52 22.63 3.75
CA GLY B 637 -2.90 22.24 4.99
C GLY B 637 -2.42 20.80 5.00
N PRO B 638 -3.29 19.86 4.61
CA PRO B 638 -2.84 18.47 4.45
C PRO B 638 -1.74 18.31 3.42
N LEU B 639 -1.74 19.11 2.36
CA LEU B 639 -0.67 19.06 1.38
C LEU B 639 0.67 19.43 2.01
N GLN B 640 0.68 20.53 2.77
CA GLN B 640 1.90 20.91 3.48
C GLN B 640 2.30 19.85 4.49
N ILE B 641 1.32 19.20 5.11
CA ILE B 641 1.60 18.14 6.07
C ILE B 641 2.32 16.98 5.39
N SER B 642 1.84 16.58 4.21
CA SER B 642 2.51 15.50 3.46
C SER B 642 3.91 15.90 3.02
N LEU B 643 4.07 17.17 2.59
CA LEU B 643 5.40 17.65 2.23
C LEU B 643 6.36 17.54 3.41
N GLY B 644 5.93 17.98 4.58
CA GLY B 644 6.74 17.83 5.78
C GLY B 644 7.00 16.39 6.15
N ARG B 645 6.04 15.50 5.89
CA ARG B 645 6.25 14.09 6.15
C ARG B 645 7.39 13.53 5.29
N THR B 646 7.45 13.94 4.02
CA THR B 646 8.45 13.39 3.11
C THR B 646 9.80 14.08 3.16
N VAL B 647 9.87 15.34 3.60
CA VAL B 647 11.14 16.08 3.54
C VAL B 647 12.21 15.40 4.40
N LYS B 648 11.80 14.70 5.46
CA LYS B 648 12.76 14.08 6.37
C LYS B 648 13.59 13.00 5.68
N ASP B 649 12.99 12.18 4.83
CA ASP B 649 13.77 11.21 4.06
C ASP B 649 14.30 11.80 2.76
N ILE B 650 13.70 12.89 2.28
CA ILE B 650 14.32 13.66 1.20
C ILE B 650 15.74 14.04 1.57
N PHE B 651 15.93 14.54 2.80
CA PHE B 651 17.26 14.97 3.24
C PHE B 651 18.25 13.81 3.24
N LYS B 652 17.84 12.66 3.79
CA LYS B 652 18.74 11.52 3.89
C LYS B 652 19.11 10.99 2.51
N PHE B 653 18.14 10.91 1.60
CA PHE B 653 18.46 10.41 0.28
C PHE B 653 19.24 11.43 -0.54
N MET B 654 19.11 12.73 -0.26
CA MET B 654 20.02 13.69 -0.88
C MET B 654 21.43 13.52 -0.34
N VAL B 655 21.57 13.14 0.92
CA VAL B 655 22.90 12.82 1.45
C VAL B 655 23.50 11.63 0.71
N LEU B 656 22.69 10.59 0.48
CA LEU B 656 23.17 9.44 -0.30
C LEU B 656 23.51 9.85 -1.73
N PHE B 657 22.67 10.67 -2.34
CA PHE B 657 22.97 11.21 -3.67
C PHE B 657 24.32 11.93 -3.67
N ILE B 658 24.59 12.72 -2.64
CA ILE B 658 25.84 13.46 -2.55
C ILE B 658 27.02 12.51 -2.44
N MET B 659 26.87 11.45 -1.65
CA MET B 659 27.95 10.47 -1.52
C MET B 659 28.27 9.82 -2.86
N VAL B 660 27.25 9.30 -3.54
CA VAL B 660 27.48 8.63 -4.82
C VAL B 660 28.01 9.62 -5.85
N PHE B 661 27.45 10.84 -5.86
CA PHE B 661 27.87 11.87 -6.80
C PHE B 661 29.33 12.23 -6.60
N PHE B 662 29.76 12.40 -5.34
CA PHE B 662 31.15 12.75 -5.08
C PHE B 662 32.09 11.62 -5.46
N ALA B 663 31.70 10.37 -5.18
CA ALA B 663 32.51 9.24 -5.62
C ALA B 663 32.74 9.27 -7.12
N PHE B 664 31.65 9.37 -7.88
CA PHE B 664 31.78 9.34 -9.34
C PHE B 664 32.47 10.59 -9.86
N MET B 665 32.28 11.73 -9.19
CA MET B 665 32.93 12.96 -9.62
C MET B 665 34.43 12.87 -9.46
N ILE B 666 34.91 12.36 -8.33
CA ILE B 666 36.34 12.17 -8.13
C ILE B 666 36.88 11.17 -9.14
N GLY B 667 36.15 10.07 -9.38
CA GLY B 667 36.61 9.11 -10.36
C GLY B 667 36.73 9.68 -11.76
N MET B 668 35.71 10.42 -12.20
CA MET B 668 35.73 11.04 -13.52
C MET B 668 36.86 12.05 -13.63
N PHE B 669 37.03 12.90 -12.63
CA PHE B 669 38.07 13.91 -12.69
C PHE B 669 39.46 13.27 -12.74
N ILE B 670 39.68 12.25 -11.91
CA ILE B 670 40.97 11.56 -11.92
C ILE B 670 41.22 10.91 -13.27
N LEU B 671 40.18 10.32 -13.87
CA LEU B 671 40.35 9.68 -15.18
C LEU B 671 40.68 10.69 -16.26
N TYR B 672 39.97 11.82 -16.29
CA TYR B 672 40.01 12.73 -17.43
C TYR B 672 40.82 13.99 -17.18
N SER B 673 41.51 14.11 -16.05
CA SER B 673 42.21 15.35 -15.73
C SER B 673 43.38 15.59 -16.68
N TYR B 674 43.96 14.54 -17.23
CA TYR B 674 45.17 14.64 -18.06
C TYR B 674 44.87 14.92 -19.52
N TYR B 675 43.59 15.10 -19.89
CA TYR B 675 43.21 15.31 -21.27
C TYR B 675 42.49 16.64 -21.44
N LEU B 676 43.07 17.71 -20.86
CA LEU B 676 42.43 19.02 -20.93
C LEU B 676 42.28 19.50 -22.38
N GLY B 677 43.34 19.36 -23.18
CA GLY B 677 43.27 19.77 -24.56
C GLY B 677 43.06 18.60 -25.51
N ALA B 678 42.99 17.39 -24.94
CA ALA B 678 42.87 16.16 -25.71
C ALA B 678 41.43 15.64 -25.78
N LYS B 679 40.46 16.39 -25.27
CA LYS B 679 39.07 15.96 -25.27
C LYS B 679 38.25 16.85 -26.19
N VAL B 680 37.28 16.24 -26.88
CA VAL B 680 36.42 17.01 -27.77
C VAL B 680 35.59 18.01 -26.97
N ASN B 681 35.32 17.71 -25.70
CA ASN B 681 34.52 18.56 -24.83
C ASN B 681 35.21 18.62 -23.48
N ALA B 682 35.41 19.83 -22.97
CA ALA B 682 35.93 19.99 -21.61
C ALA B 682 34.81 19.63 -20.65
N ALA B 683 34.80 18.38 -20.18
CA ALA B 683 33.70 17.88 -19.37
C ALA B 683 34.14 17.44 -17.98
N PHE B 684 35.16 16.60 -17.88
CA PHE B 684 35.64 16.11 -16.59
C PHE B 684 37.07 16.53 -16.31
N THR B 685 37.57 17.53 -17.02
CA THR B 685 38.97 17.92 -16.93
C THR B 685 39.31 18.71 -15.67
N THR B 686 38.30 19.27 -15.00
CA THR B 686 38.50 19.95 -13.72
C THR B 686 37.43 19.49 -12.76
N VAL B 687 37.64 19.77 -11.47
CA VAL B 687 36.64 19.44 -10.47
C VAL B 687 35.36 20.22 -10.72
N GLU B 688 35.49 21.50 -11.06
CA GLU B 688 34.31 22.30 -11.40
C GLU B 688 33.56 21.71 -12.58
N GLU B 689 34.28 21.39 -13.65
CA GLU B 689 33.63 20.88 -14.84
C GLU B 689 33.01 19.50 -14.61
N SER B 690 33.72 18.64 -13.86
CA SER B 690 33.19 17.32 -13.55
C SER B 690 31.91 17.43 -12.72
N PHE B 691 31.93 18.29 -11.70
CA PHE B 691 30.72 18.52 -10.91
C PHE B 691 29.59 19.00 -11.79
N LYS B 692 29.88 19.96 -12.67
CA LYS B 692 28.84 20.54 -13.52
C LYS B 692 28.21 19.48 -14.41
N THR B 693 29.03 18.74 -15.15
CA THR B 693 28.49 17.75 -16.08
C THR B 693 27.75 16.64 -15.35
N LEU B 694 28.28 16.17 -14.21
CA LEU B 694 27.60 15.08 -13.52
C LEU B 694 26.30 15.54 -12.88
N PHE B 695 26.24 16.78 -12.39
CA PHE B 695 24.98 17.27 -11.84
C PHE B 695 23.94 17.45 -12.93
N TRP B 696 24.32 18.06 -14.05
CA TRP B 696 23.34 18.31 -15.09
C TRP B 696 23.04 17.08 -15.94
N SER B 697 23.79 15.98 -15.73
CA SER B 697 23.38 14.71 -16.30
C SER B 697 22.16 14.13 -15.61
N ILE B 698 21.90 14.53 -14.36
CA ILE B 698 20.73 14.02 -13.63
C ILE B 698 19.45 14.43 -14.35
N PHE B 699 19.38 15.67 -14.80
CA PHE B 699 18.20 16.19 -15.48
C PHE B 699 18.33 16.14 -17.00
N GLY B 700 19.41 15.54 -17.50
CA GLY B 700 19.55 15.31 -18.93
C GLY B 700 20.00 16.51 -19.74
N LEU B 701 20.70 17.46 -19.13
CA LEU B 701 21.21 18.62 -19.85
C LEU B 701 22.68 18.51 -20.21
N SER B 702 23.27 17.33 -20.10
CA SER B 702 24.63 17.09 -20.57
C SER B 702 24.63 15.99 -21.60
N GLU B 703 25.44 16.18 -22.65
CA GLU B 703 25.46 15.25 -23.78
C GLU B 703 26.42 14.09 -23.47
N VAL B 704 26.29 13.02 -24.26
CA VAL B 704 27.09 11.81 -24.08
C VAL B 704 28.52 11.98 -24.61
N THR B 705 28.77 12.98 -25.44
CA THR B 705 30.11 13.23 -25.96
C THR B 705 31.06 13.77 -24.89
N SER B 706 30.63 13.82 -23.64
CA SER B 706 31.45 14.25 -22.52
C SER B 706 32.59 13.28 -22.21
N VAL B 707 32.55 12.07 -22.76
CA VAL B 707 33.51 11.02 -22.46
C VAL B 707 34.31 10.62 -23.70
N VAL B 708 34.42 11.50 -24.68
CA VAL B 708 35.07 11.20 -25.95
C VAL B 708 36.37 11.98 -26.03
N LEU B 709 37.45 11.29 -26.38
CA LEU B 709 38.76 11.89 -26.49
C LEU B 709 39.07 12.25 -27.94
N LYS B 710 40.08 13.10 -28.11
CA LYS B 710 40.65 13.35 -29.43
C LYS B 710 41.84 12.45 -29.73
N TYR B 711 42.28 11.64 -28.78
CA TYR B 711 43.37 10.70 -28.95
C TYR B 711 42.84 9.29 -29.12
N ASP B 712 43.71 8.40 -29.59
CA ASP B 712 43.32 7.01 -29.82
C ASP B 712 43.63 6.14 -28.60
N HIS B 713 43.03 6.53 -27.47
CA HIS B 713 43.13 5.80 -26.21
C HIS B 713 41.75 5.25 -25.91
N LYS B 714 41.42 4.08 -26.47
CA LYS B 714 40.10 3.51 -26.29
C LYS B 714 39.90 2.96 -24.89
N PHE B 715 40.98 2.65 -24.16
CA PHE B 715 40.84 2.18 -22.80
C PHE B 715 40.25 3.26 -21.91
N ILE B 716 40.83 4.47 -21.94
CA ILE B 716 40.33 5.58 -21.14
C ILE B 716 38.91 5.94 -21.55
N GLU B 717 38.66 6.02 -22.86
CA GLU B 717 37.34 6.42 -23.34
C GLU B 717 36.27 5.40 -22.97
N ASN B 718 36.59 4.10 -23.12
CA ASN B 718 35.62 3.07 -22.77
C ASN B 718 35.37 3.01 -21.27
N ILE B 719 36.41 3.21 -20.46
CA ILE B 719 36.22 3.24 -19.02
C ILE B 719 35.37 4.43 -18.63
N GLY B 720 35.58 5.58 -19.28
CA GLY B 720 34.72 6.72 -19.02
C GLY B 720 33.28 6.47 -19.41
N TYR B 721 33.06 5.83 -20.57
CA TYR B 721 31.71 5.45 -20.98
C TYR B 721 31.05 4.56 -19.94
N VAL B 722 31.76 3.53 -19.48
CA VAL B 722 31.20 2.58 -18.53
C VAL B 722 30.89 3.27 -17.21
N LEU B 723 31.82 4.09 -16.72
CA LEU B 723 31.61 4.77 -15.46
C LEU B 723 30.46 5.75 -15.54
N TYR B 724 30.32 6.46 -16.66
CA TYR B 724 29.24 7.42 -16.81
C TYR B 724 27.89 6.73 -16.90
N GLY B 725 27.81 5.62 -17.64
CA GLY B 725 26.57 4.85 -17.68
C GLY B 725 26.21 4.27 -16.32
N ILE B 726 27.22 3.76 -15.60
CA ILE B 726 26.96 3.22 -14.27
C ILE B 726 26.52 4.33 -13.32
N TYR B 727 27.07 5.53 -13.48
CA TYR B 727 26.63 6.66 -12.67
C TYR B 727 25.17 6.99 -12.94
N ASN B 728 24.77 7.00 -14.22
CA ASN B 728 23.36 7.26 -14.54
C ASN B 728 22.46 6.19 -13.96
N VAL B 729 22.85 4.92 -14.10
CA VAL B 729 22.04 3.82 -13.57
C VAL B 729 21.93 3.92 -12.05
N THR B 730 23.03 4.24 -11.38
CA THR B 730 23.02 4.36 -9.93
C THR B 730 22.14 5.52 -9.48
N MET B 731 22.19 6.65 -10.21
CA MET B 731 21.32 7.77 -9.88
C MET B 731 19.84 7.37 -10.01
N VAL B 732 19.50 6.65 -11.08
CA VAL B 732 18.12 6.20 -11.25
C VAL B 732 17.72 5.27 -10.11
N VAL B 733 18.61 4.35 -9.73
CA VAL B 733 18.31 3.39 -8.66
C VAL B 733 18.09 4.12 -7.34
N VAL B 734 18.95 5.09 -7.03
CA VAL B 734 18.81 5.84 -5.79
C VAL B 734 17.53 6.66 -5.80
N LEU B 735 17.17 7.23 -6.96
CA LEU B 735 15.91 7.95 -7.07
C LEU B 735 14.72 7.06 -6.79
N LEU B 736 14.71 5.85 -7.37
CA LEU B 736 13.59 4.95 -7.14
C LEU B 736 13.51 4.50 -5.69
N ASN B 737 14.67 4.23 -5.08
CA ASN B 737 14.68 3.87 -3.67
C ASN B 737 14.16 5.02 -2.81
N MET B 738 14.52 6.26 -3.15
CA MET B 738 14.03 7.41 -2.40
C MET B 738 12.52 7.55 -2.55
N LEU B 739 12.00 7.32 -3.76
CA LEU B 739 10.56 7.35 -3.97
C LEU B 739 9.85 6.30 -3.14
N ILE B 740 10.41 5.10 -3.06
CA ILE B 740 9.77 4.03 -2.30
C ILE B 740 9.86 4.31 -0.80
N ALA B 741 10.97 4.88 -0.35
CA ALA B 741 11.07 5.28 1.06
C ALA B 741 10.04 6.35 1.38
N MET B 742 9.84 7.30 0.47
CA MET B 742 8.82 8.32 0.68
C MET B 742 7.42 7.71 0.73
N ILE B 743 7.17 6.72 -0.13
CA ILE B 743 5.87 6.03 -0.11
C ILE B 743 5.66 5.34 1.22
N ASN B 744 6.70 4.65 1.72
CA ASN B 744 6.59 3.99 3.02
C ASN B 744 6.36 4.98 4.14
N SER B 745 7.08 6.12 4.11
CA SER B 745 6.89 7.14 5.13
C SER B 745 5.55 7.84 5.02
N SER B 746 4.89 7.76 3.85
CA SER B 746 3.57 8.35 3.69
C SER B 746 2.52 7.67 4.55
N TYR B 747 2.77 6.43 4.97
CA TYR B 747 1.85 5.73 5.88
C TYR B 747 2.61 4.78 6.80
N ASP B 752 -7.17 8.49 10.74
CA ASP B 752 -7.13 9.91 10.41
C ASP B 752 -5.98 10.62 11.12
N ASP B 753 -4.77 10.10 10.92
CA ASP B 753 -3.59 10.74 11.50
C ASP B 753 -3.20 12.00 10.73
N SER B 754 -3.42 12.01 9.41
CA SER B 754 -3.15 13.20 8.63
C SER B 754 -4.08 14.34 9.03
N ASP B 755 -5.36 14.03 9.30
CA ASP B 755 -6.31 15.05 9.71
C ASP B 755 -5.92 15.67 11.04
N VAL B 756 -5.53 14.85 12.02
CA VAL B 756 -5.15 15.39 13.32
C VAL B 756 -3.82 16.13 13.21
N GLU B 757 -2.92 15.68 12.33
CA GLU B 757 -1.66 16.41 12.14
C GLU B 757 -1.92 17.79 11.56
N TRP B 758 -2.77 17.89 10.54
CA TRP B 758 -3.09 19.19 9.96
C TRP B 758 -3.81 20.07 10.97
N LYS B 759 -4.74 19.50 11.75
CA LYS B 759 -5.44 20.31 12.75
C LYS B 759 -4.50 20.79 13.85
N PHE B 760 -3.51 19.97 14.21
CA PHE B 760 -2.49 20.40 15.16
C PHE B 760 -1.70 21.58 14.60
N ALA B 761 -1.29 21.50 13.33
CA ALA B 761 -0.57 22.61 12.71
C ALA B 761 -1.42 23.88 12.65
N ARG B 762 -2.71 23.73 12.29
CA ARG B 762 -3.59 24.88 12.22
C ARG B 762 -3.84 25.48 13.60
N SER B 763 -3.92 24.65 14.63
CA SER B 763 -4.09 25.17 15.98
C SER B 763 -2.86 25.91 16.46
N LYS B 764 -1.67 25.42 16.09
CA LYS B 764 -0.45 26.18 16.38
C LYS B 764 -0.48 27.53 15.69
N LEU B 765 -0.90 27.55 14.43
CA LEU B 765 -1.02 28.82 13.70
C LEU B 765 -2.00 29.76 14.39
N TRP B 766 -3.15 29.24 14.83
CA TRP B 766 -4.14 30.07 15.51
C TRP B 766 -3.59 30.63 16.81
N LEU B 767 -2.99 29.78 17.64
CA LEU B 767 -2.49 30.23 18.93
C LEU B 767 -1.33 31.19 18.79
N SER B 768 -0.62 31.17 17.65
CA SER B 768 0.37 32.20 17.41
C SER B 768 -0.27 33.58 17.32
N TYR B 769 -1.54 33.65 16.89
CA TYR B 769 -2.25 34.91 16.74
C TYR B 769 -3.21 35.20 17.89
N PHE B 770 -3.46 34.23 18.77
CA PHE B 770 -4.38 34.46 19.87
C PHE B 770 -3.88 35.57 20.78
N ASP B 771 -2.59 35.55 21.11
CA ASP B 771 -1.99 36.61 21.92
C ASP B 771 -0.52 36.80 21.55
N LYS B 774 1.04 41.72 18.19
CA LYS B 774 0.88 41.10 16.88
C LYS B 774 -0.33 41.67 16.16
N THR B 775 -0.90 42.73 16.72
CA THR B 775 -2.11 43.31 16.13
C THR B 775 -1.81 43.99 14.80
N LEU B 776 -0.57 44.47 14.62
CA LEU B 776 -0.19 45.12 13.37
C LEU B 776 0.88 44.31 12.65
N PRO B 777 0.90 44.37 11.32
CA PRO B 777 1.90 43.61 10.55
C PRO B 777 3.31 44.08 10.86
N PRO B 778 4.32 43.29 10.50
CA PRO B 778 5.72 43.66 10.81
C PRO B 778 6.12 45.03 10.30
N PRO B 779 5.73 45.44 9.08
CA PRO B 779 6.09 46.80 8.65
C PRO B 779 5.51 47.89 9.52
N PHE B 780 4.32 47.70 10.08
CA PHE B 780 3.68 48.70 10.92
C PHE B 780 3.95 48.50 12.40
N SER B 781 4.79 47.53 12.76
CA SER B 781 5.16 47.28 14.14
C SER B 781 6.30 48.18 14.61
N LEU B 782 6.92 48.94 13.70
CA LEU B 782 7.99 49.85 14.10
C LEU B 782 7.48 50.97 14.99
N VAL B 783 6.32 51.54 14.67
CA VAL B 783 5.77 52.66 15.42
C VAL B 783 5.04 52.15 16.66
N GLN B 844 -16.58 22.30 50.12
CA GLN B 844 -16.47 23.38 49.14
C GLN B 844 -15.02 23.56 48.62
N PRO B 845 -14.45 22.50 48.06
CA PRO B 845 -13.03 22.55 47.66
C PRO B 845 -12.75 23.64 46.63
N THR B 846 -13.37 23.53 45.46
CA THR B 846 -13.24 24.49 44.36
C THR B 846 -14.21 24.03 43.27
N ARG B 847 -14.68 25.00 42.47
CA ARG B 847 -15.47 24.67 41.29
C ARG B 847 -14.67 23.80 40.32
N TYR B 848 -13.40 24.16 40.09
CA TYR B 848 -12.57 23.36 39.20
C TYR B 848 -12.34 21.97 39.77
N GLN B 849 -12.13 21.86 41.08
CA GLN B 849 -11.94 20.55 41.69
C GLN B 849 -13.20 19.70 41.58
N GLN B 850 -14.37 20.31 41.76
CA GLN B 850 -15.62 19.58 41.60
C GLN B 850 -15.79 19.08 40.17
N ILE B 851 -15.50 19.94 39.19
CA ILE B 851 -15.64 19.54 37.79
C ILE B 851 -14.64 18.43 37.46
N MET B 852 -13.41 18.54 37.95
CA MET B 852 -12.40 17.53 37.68
C MET B 852 -12.79 16.19 38.32
N LYS B 853 -13.31 16.23 39.55
CA LYS B 853 -13.77 15.01 40.19
C LYS B 853 -14.92 14.38 39.43
N ARG B 854 -15.85 15.20 38.95
CA ARG B 854 -16.97 14.69 38.16
C ARG B 854 -16.47 14.01 36.88
N LEU B 855 -15.54 14.66 36.18
CA LEU B 855 -15.03 14.11 34.93
C LEU B 855 -14.24 12.83 35.17
N ILE B 856 -13.48 12.77 36.26
CA ILE B 856 -12.70 11.57 36.55
C ILE B 856 -13.62 10.42 36.97
N LYS B 857 -14.67 10.72 37.73
CA LYS B 857 -15.67 9.69 38.04
C LYS B 857 -16.31 9.17 36.76
N ARG B 858 -16.64 10.06 35.83
CA ARG B 858 -17.17 9.64 34.54
C ARG B 858 -16.19 8.74 33.82
N TYR B 859 -14.91 9.09 33.84
CA TYR B 859 -13.89 8.27 33.17
C TYR B 859 -13.80 6.89 33.80
N VAL B 860 -13.77 6.83 35.13
CA VAL B 860 -13.65 5.53 35.81
C VAL B 860 -14.86 4.67 35.51
N LEU B 861 -16.06 5.25 35.57
CA LEU B 861 -17.26 4.49 35.27
C LEU B 861 -17.26 3.99 33.83
N LYS B 862 -16.88 4.84 32.87
CA LYS B 862 -16.89 4.43 31.47
C LYS B 862 -15.87 3.33 31.22
N ALA B 863 -14.68 3.44 31.83
CA ALA B 863 -13.67 2.40 31.67
C ALA B 863 -14.14 1.07 32.27
N GLN B 864 -14.76 1.12 33.45
CA GLN B 864 -15.27 -0.10 34.06
C GLN B 864 -16.39 -0.71 33.23
N VAL B 865 -17.26 0.12 32.66
CA VAL B 865 -18.34 -0.38 31.82
C VAL B 865 -17.78 -1.03 30.56
N ASP B 866 -16.76 -0.41 29.96
CA ASP B 866 -16.13 -1.03 28.79
C ASP B 866 -15.49 -2.36 29.13
N LYS B 867 -14.80 -2.43 30.27
CA LYS B 867 -14.19 -3.68 30.70
C LYS B 867 -15.26 -4.75 30.94
N GLU B 868 -16.36 -4.37 31.60
CA GLU B 868 -17.44 -5.32 31.83
C GLU B 868 -18.04 -5.81 30.53
N ASN B 869 -18.40 -4.89 29.63
CA ASN B 869 -18.95 -5.29 28.34
C ASN B 869 -17.97 -6.17 27.57
N ASP B 870 -16.67 -6.00 27.80
CA ASP B 870 -15.70 -6.92 27.22
C ASP B 870 -15.77 -8.29 27.88
N GLU B 871 -16.00 -8.34 29.19
CA GLU B 871 -15.95 -9.60 29.92
C GLU B 871 -17.13 -9.76 30.89
N VAL B 872 -18.33 -9.36 30.48
CA VAL B 872 -19.52 -9.59 31.30
C VAL B 872 -19.86 -11.06 31.34
N ASN B 873 -19.69 -11.77 30.22
CA ASN B 873 -20.05 -13.18 30.16
C ASN B 873 -19.22 -14.02 31.12
N GLU B 874 -17.92 -13.73 31.21
CA GLU B 874 -17.03 -14.45 32.12
C GLU B 874 -17.29 -14.04 33.56
N THR C 107 -28.68 -50.33 11.51
CA THR C 107 -28.83 -50.66 12.93
C THR C 107 -28.79 -52.17 13.15
N SER C 108 -27.61 -52.75 13.10
CA SER C 108 -27.42 -54.18 13.29
C SER C 108 -27.12 -54.55 14.74
N LEU C 109 -27.06 -53.58 15.64
CA LEU C 109 -26.73 -53.85 17.03
C LEU C 109 -27.98 -54.26 17.81
N THR C 110 -27.77 -55.14 18.79
CA THR C 110 -28.86 -55.67 19.58
C THR C 110 -29.34 -54.63 20.60
N ALA C 111 -30.41 -54.96 21.31
CA ALA C 111 -31.01 -54.02 22.26
C ALA C 111 -30.11 -53.81 23.48
N GLU C 112 -29.62 -54.91 24.06
CA GLU C 112 -28.81 -54.79 25.28
C GLU C 112 -27.51 -54.04 25.01
N GLU C 113 -26.84 -54.36 23.91
CA GLU C 113 -25.61 -53.65 23.58
C GLU C 113 -25.88 -52.19 23.24
N GLU C 114 -27.02 -51.91 22.61
CA GLU C 114 -27.39 -50.52 22.35
C GLU C 114 -27.59 -49.75 23.64
N ARG C 115 -28.27 -50.36 24.61
CA ARG C 115 -28.49 -49.72 25.91
C ARG C 115 -27.15 -49.47 26.60
N PHE C 116 -26.26 -50.47 26.58
CA PHE C 116 -24.95 -50.31 27.21
C PHE C 116 -24.15 -49.19 26.55
N LEU C 117 -24.17 -49.15 25.21
CA LEU C 117 -23.40 -48.14 24.49
C LEU C 117 -23.94 -46.74 24.73
N ASP C 118 -25.27 -46.57 24.73
CA ASP C 118 -25.81 -45.24 24.98
C ASP C 118 -25.59 -44.81 26.42
N ALA C 119 -25.64 -45.75 27.37
CA ALA C 119 -25.31 -45.42 28.75
C ALA C 119 -23.86 -45.00 28.88
N ALA C 120 -22.95 -45.68 28.18
CA ALA C 120 -21.54 -45.28 28.21
C ALA C 120 -21.35 -43.90 27.59
N GLU C 121 -22.03 -43.62 26.48
CA GLU C 121 -21.89 -42.31 25.84
C GLU C 121 -22.42 -41.21 26.74
N TYR C 122 -23.59 -41.43 27.35
CA TYR C 122 -24.19 -40.44 28.23
C TYR C 122 -23.74 -40.66 29.67
N ASN C 124 -24.74 -42.15 32.52
CA ASN C 124 -25.23 -42.94 33.65
C ASN C 124 -24.25 -44.05 34.02
N ILE C 125 -23.38 -43.76 34.98
CA ILE C 125 -22.42 -44.77 35.45
C ILE C 125 -23.09 -46.01 36.04
N PRO C 126 -24.16 -45.92 36.85
CA PRO C 126 -24.71 -47.17 37.42
C PRO C 126 -25.21 -48.14 36.37
N VAL C 127 -25.77 -47.65 35.27
CA VAL C 127 -26.26 -48.53 34.21
C VAL C 127 -25.09 -49.31 33.60
N VAL C 128 -23.99 -48.61 33.31
CA VAL C 128 -22.81 -49.27 32.76
C VAL C 128 -22.24 -50.27 33.75
N ARG C 129 -22.19 -49.90 35.03
CA ARG C 129 -21.67 -50.81 36.05
C ARG C 129 -22.51 -52.07 36.15
N LYS C 130 -23.83 -51.92 36.11
CA LYS C 130 -24.72 -53.07 36.18
C LYS C 130 -24.60 -53.95 34.94
N MET C 131 -24.50 -53.32 33.76
CA MET C 131 -24.44 -54.09 32.52
C MET C 131 -23.11 -54.83 32.38
N LEU C 132 -22.02 -54.23 32.87
CA LEU C 132 -20.69 -54.80 32.70
C LEU C 132 -20.29 -55.76 33.82
N GLU C 133 -21.16 -55.99 34.80
CA GLU C 133 -20.84 -56.85 35.94
C GLU C 133 -21.66 -58.13 35.88
N GLU C 134 -20.98 -59.27 35.94
CA GLU C 134 -21.60 -60.59 36.00
C GLU C 134 -22.58 -60.79 34.84
N SER C 135 -22.13 -60.46 33.64
CA SER C 135 -22.93 -60.64 32.43
C SER C 135 -22.06 -61.26 31.36
N LYS C 136 -22.41 -62.47 30.92
CA LYS C 136 -21.67 -63.12 29.84
C LYS C 136 -21.83 -62.36 28.54
N THR C 137 -23.02 -61.81 28.29
CA THR C 137 -23.28 -61.03 27.09
C THR C 137 -22.75 -59.61 27.27
N LEU C 138 -23.12 -58.71 26.36
CA LEU C 138 -22.67 -57.32 26.38
C LEU C 138 -21.15 -57.24 26.29
N ASN C 139 -20.62 -57.68 25.16
CA ASN C 139 -19.18 -57.67 24.92
C ASN C 139 -18.64 -56.24 25.01
N VAL C 140 -17.47 -56.10 25.62
CA VAL C 140 -16.91 -54.79 25.88
C VAL C 140 -16.45 -54.12 24.58
N ASN C 141 -15.82 -54.89 23.68
CA ASN C 141 -15.25 -54.31 22.47
C ASN C 141 -16.25 -54.24 21.31
N CYS C 142 -17.54 -54.26 21.62
CA CYS C 142 -18.56 -54.09 20.59
C CYS C 142 -18.79 -52.61 20.31
N VAL C 143 -19.14 -52.30 19.07
CA VAL C 143 -19.39 -50.93 18.64
C VAL C 143 -20.60 -50.91 17.73
N ASP C 144 -21.03 -49.70 17.38
CA ASP C 144 -22.14 -49.54 16.45
C ASP C 144 -21.73 -49.98 15.05
N TYR C 145 -22.68 -49.95 14.12
CA TYR C 145 -22.39 -50.33 12.75
C TYR C 145 -21.36 -49.40 12.12
N MET C 146 -21.50 -48.09 12.35
CA MET C 146 -20.54 -47.11 11.86
C MET C 146 -20.20 -46.08 12.93
N GLY C 147 -20.46 -46.40 14.19
CA GLY C 147 -20.20 -45.52 15.31
C GLY C 147 -18.85 -45.79 15.95
N GLN C 148 -18.75 -45.44 17.23
CA GLN C 148 -17.52 -45.56 17.99
C GLN C 148 -17.64 -46.70 18.99
N ASN C 149 -16.49 -47.17 19.47
CA ASN C 149 -16.46 -48.22 20.48
C ASN C 149 -17.02 -47.70 21.80
N ALA C 150 -17.28 -48.62 22.72
CA ALA C 150 -17.70 -48.23 24.06
C ALA C 150 -16.63 -47.38 24.74
N LEU C 151 -15.38 -47.83 24.67
CA LEU C 151 -14.29 -47.03 25.22
C LEU C 151 -14.14 -45.71 24.47
N GLN C 152 -14.28 -45.74 23.14
CA GLN C 152 -14.16 -44.51 22.37
C GLN C 152 -15.27 -43.53 22.71
N LEU C 153 -16.49 -44.03 22.91
CA LEU C 153 -17.60 -43.16 23.30
C LEU C 153 -17.40 -42.61 24.71
N ALA C 154 -16.84 -43.43 25.62
CA ALA C 154 -16.62 -42.98 26.98
C ALA C 154 -15.45 -42.00 27.08
N VAL C 155 -14.54 -42.02 26.11
CA VAL C 155 -13.41 -41.10 26.11
C VAL C 155 -13.72 -39.81 25.35
N GLY C 156 -14.48 -39.88 24.26
CA GLY C 156 -14.82 -38.66 23.52
C GLY C 156 -15.58 -37.66 24.35
N ASN C 157 -16.43 -38.14 25.25
CA ASN C 157 -17.12 -37.29 26.23
C ASN C 157 -16.55 -37.60 27.61
N GLU C 158 -16.07 -36.56 28.29
CA GLU C 158 -15.25 -36.74 29.49
C GLU C 158 -16.00 -37.44 30.61
N HIS C 159 -15.58 -38.67 30.91
CA HIS C 159 -16.13 -39.44 32.03
C HIS C 159 -15.06 -40.44 32.45
N LEU C 160 -14.35 -40.12 33.53
CA LEU C 160 -13.17 -40.90 33.91
C LEU C 160 -13.57 -42.24 34.54
N GLU C 161 -14.61 -42.26 35.36
CA GLU C 161 -14.98 -43.48 36.05
C GLU C 161 -15.49 -44.55 35.09
N VAL C 162 -16.32 -44.14 34.11
CA VAL C 162 -16.80 -45.10 33.11
C VAL C 162 -15.64 -45.60 32.27
N THR C 163 -14.68 -44.72 31.96
CA THR C 163 -13.51 -45.14 31.21
C THR C 163 -12.70 -46.16 31.99
N GLU C 164 -12.53 -45.94 33.30
CA GLU C 164 -11.79 -46.89 34.12
C GLU C 164 -12.52 -48.24 34.20
N LEU C 165 -13.85 -48.20 34.33
CA LEU C 165 -14.62 -49.45 34.34
C LEU C 165 -14.49 -50.19 33.02
N LEU C 166 -14.52 -49.46 31.91
CA LEU C 166 -14.32 -50.09 30.59
C LEU C 166 -12.93 -50.69 30.48
N LEU C 167 -11.91 -49.98 30.96
CA LEU C 167 -10.53 -50.45 30.84
C LEU C 167 -10.21 -51.56 31.82
N LYS C 168 -11.06 -51.77 32.82
CA LYS C 168 -10.81 -52.87 33.77
C LYS C 168 -10.80 -54.23 33.08
N LYS C 169 -11.54 -54.37 31.97
CA LYS C 169 -11.56 -55.62 31.24
C LYS C 169 -10.20 -55.89 30.61
N GLU C 170 -9.73 -57.13 30.72
CA GLU C 170 -8.42 -57.48 30.18
C GLU C 170 -8.40 -57.40 28.66
N ASN C 171 -9.46 -57.86 28.01
CA ASN C 171 -9.54 -57.87 26.55
C ASN C 171 -10.41 -56.71 26.08
N LEU C 172 -9.80 -55.78 25.35
CA LEU C 172 -10.50 -54.63 24.83
C LEU C 172 -9.79 -54.14 23.58
N ALA C 173 -10.52 -53.38 22.76
CA ALA C 173 -10.02 -52.88 21.49
C ALA C 173 -10.11 -51.36 21.45
N ARG C 174 -9.40 -50.78 20.47
CA ARG C 174 -9.39 -49.34 20.23
C ARG C 174 -8.89 -48.56 21.45
N ILE C 175 -7.93 -49.15 22.17
CA ILE C 175 -7.30 -48.45 23.28
C ILE C 175 -6.41 -47.32 22.77
N GLY C 176 -5.64 -47.58 21.72
CA GLY C 176 -4.79 -46.55 21.16
C GLY C 176 -5.56 -45.40 20.58
N ASP C 177 -6.68 -45.69 19.91
CA ASP C 177 -7.51 -44.61 19.38
C ASP C 177 -8.10 -43.79 20.52
N ALA C 178 -8.49 -44.44 21.61
CA ALA C 178 -8.98 -43.70 22.78
C ALA C 178 -7.90 -42.79 23.34
N LEU C 179 -6.67 -43.29 23.43
CA LEU C 179 -5.57 -42.46 23.91
C LEU C 179 -5.34 -41.27 22.99
N LEU C 180 -5.38 -41.49 21.68
CA LEU C 180 -5.17 -40.40 20.73
C LEU C 180 -6.27 -39.36 20.82
N LEU C 181 -7.53 -39.81 20.95
CA LEU C 181 -8.64 -38.87 21.07
C LEU C 181 -8.57 -38.07 22.36
N ALA C 182 -8.18 -38.72 23.46
CA ALA C 182 -8.00 -38.00 24.71
C ALA C 182 -6.86 -36.98 24.62
N ILE C 183 -5.75 -37.38 23.99
CA ILE C 183 -4.59 -36.49 23.87
C ILE C 183 -4.90 -35.30 22.99
N SER C 184 -5.73 -35.50 21.95
CA SER C 184 -6.06 -34.40 21.06
C SER C 184 -6.74 -33.25 21.79
N LYS C 185 -7.31 -33.52 22.96
CA LYS C 185 -7.94 -32.52 23.80
C LYS C 185 -7.25 -32.51 25.17
N GLY C 186 -7.81 -31.72 26.09
CA GLY C 186 -7.21 -31.57 27.40
C GLY C 186 -7.69 -32.58 28.43
N TYR C 187 -7.87 -33.83 28.01
CA TYR C 187 -8.41 -34.88 28.87
C TYR C 187 -7.25 -35.57 29.58
N VAL C 188 -6.72 -34.88 30.58
CA VAL C 188 -5.49 -35.33 31.24
C VAL C 188 -5.73 -36.60 32.04
N ARG C 189 -6.79 -36.63 32.85
CA ARG C 189 -7.04 -37.79 33.70
C ARG C 189 -7.39 -39.02 32.88
N ILE C 190 -8.12 -38.84 31.78
CA ILE C 190 -8.42 -39.95 30.88
C ILE C 190 -7.12 -40.51 30.31
N VAL C 191 -6.20 -39.64 29.91
CA VAL C 191 -4.91 -40.10 29.40
C VAL C 191 -4.15 -40.87 30.47
N GLU C 192 -4.18 -40.38 31.72
CA GLU C 192 -3.50 -41.09 32.80
C GLU C 192 -4.08 -42.48 33.01
N ALA C 193 -5.42 -42.58 33.03
CA ALA C 193 -6.06 -43.87 33.22
C ALA C 193 -5.73 -44.83 32.07
N ILE C 194 -5.75 -44.33 30.83
CA ILE C 194 -5.47 -45.18 29.69
C ILE C 194 -4.02 -45.65 29.70
N LEU C 195 -3.09 -44.75 30.05
CA LEU C 195 -1.69 -45.15 30.13
C LEU C 195 -1.43 -46.12 31.27
N ASN C 196 -2.24 -46.05 32.33
CA ASN C 196 -2.10 -46.99 33.44
C ASN C 196 -2.48 -48.42 33.05
N HIS C 197 -3.11 -48.60 31.89
CA HIS C 197 -3.51 -49.93 31.46
C HIS C 197 -2.27 -50.79 31.19
N PRO C 198 -2.29 -52.07 31.55
CA PRO C 198 -1.10 -52.91 31.34
C PRO C 198 -0.71 -53.10 29.88
N GLY C 199 -1.63 -52.86 28.94
CA GLY C 199 -1.31 -53.06 27.54
C GLY C 199 -0.18 -52.15 27.07
N PHE C 200 -0.19 -50.89 27.50
CA PHE C 200 0.88 -49.97 27.14
C PHE C 200 2.18 -50.35 27.84
N ALA C 201 2.11 -50.70 29.12
CA ALA C 201 3.32 -50.98 29.89
C ALA C 201 4.04 -52.22 29.36
N ALA C 202 3.28 -53.27 29.01
CA ALA C 202 3.86 -54.54 28.59
C ALA C 202 4.07 -54.64 27.08
N SER C 203 4.19 -53.50 26.38
CA SER C 203 4.37 -53.53 24.94
C SER C 203 5.02 -52.23 24.50
N LYS C 204 5.52 -52.24 23.26
CA LYS C 204 6.09 -51.07 22.62
C LYS C 204 5.04 -50.19 21.95
N ARG C 205 3.77 -50.37 22.30
CA ARG C 205 2.70 -49.59 21.66
C ARG C 205 2.80 -48.11 22.02
N LEU C 206 3.26 -47.81 23.24
CA LEU C 206 3.31 -46.43 23.70
C LEU C 206 4.30 -45.61 22.89
N THR C 207 5.45 -46.19 22.54
CA THR C 207 6.53 -45.40 21.95
C THR C 207 6.47 -45.36 20.43
N LEU C 208 6.51 -46.52 19.79
CA LEU C 208 6.68 -46.57 18.35
C LEU C 208 5.35 -46.34 17.62
N SER C 209 5.44 -45.81 16.40
CA SER C 209 4.28 -45.35 15.66
C SER C 209 3.38 -46.50 15.24
N PRO C 210 2.07 -46.25 15.14
CA PRO C 210 1.14 -47.33 14.78
C PRO C 210 1.45 -48.00 13.45
N CYS C 211 1.98 -47.24 12.48
CA CYS C 211 2.22 -47.80 11.16
C CYS C 211 3.26 -48.91 11.21
N GLU C 212 4.31 -48.75 12.02
CA GLU C 212 5.42 -49.68 12.06
C GLU C 212 5.69 -50.23 13.46
N GLN C 213 4.71 -50.15 14.36
CA GLN C 213 4.92 -50.66 15.71
C GLN C 213 5.17 -52.17 15.71
N GLU C 214 4.38 -52.91 14.93
CA GLU C 214 4.47 -54.36 14.88
C GLU C 214 3.75 -54.83 13.61
N LEU C 215 3.48 -56.13 13.55
CA LEU C 215 2.65 -56.66 12.46
C LEU C 215 1.23 -56.11 12.53
N GLN C 216 0.85 -55.50 13.65
CA GLN C 216 -0.43 -54.80 13.83
C GLN C 216 -1.62 -55.63 13.37
N ASP C 217 -1.60 -56.92 13.71
CA ASP C 217 -2.77 -57.76 13.46
C ASP C 217 -3.97 -57.27 14.27
N ASP C 218 -3.73 -56.87 15.53
CA ASP C 218 -4.78 -56.33 16.36
C ASP C 218 -5.03 -54.86 16.04
N ASP C 219 -6.29 -54.44 16.09
CA ASP C 219 -6.67 -53.07 15.81
C ASP C 219 -6.47 -52.23 17.06
N PHE C 220 -5.24 -51.75 17.26
CA PHE C 220 -4.92 -50.97 18.44
C PHE C 220 -5.32 -49.51 18.26
N TYR C 221 -4.73 -48.83 17.27
CA TYR C 221 -4.99 -47.42 17.01
C TYR C 221 -6.05 -47.22 15.94
N ALA C 222 -6.69 -48.29 15.49
CA ALA C 222 -7.61 -48.21 14.36
C ALA C 222 -8.82 -47.36 14.69
N TYR C 223 -9.27 -46.59 13.70
CA TYR C 223 -10.47 -45.77 13.80
C TYR C 223 -11.66 -46.63 13.39
N ASP C 224 -12.80 -46.00 13.09
CA ASP C 224 -14.06 -46.71 12.87
C ASP C 224 -13.92 -47.95 11.98
N GLU C 225 -13.60 -47.77 10.71
CA GLU C 225 -13.58 -48.89 9.78
C GLU C 225 -12.18 -49.19 9.24
N ASP C 226 -11.51 -48.22 8.63
CA ASP C 226 -10.22 -48.48 7.99
C ASP C 226 -9.14 -47.49 8.38
N GLY C 227 -9.51 -46.23 8.59
CA GLY C 227 -8.53 -45.19 8.86
C GLY C 227 -8.05 -45.20 10.29
N THR C 228 -7.31 -44.14 10.64
CA THR C 228 -6.81 -43.98 12.00
C THR C 228 -7.15 -42.59 12.52
N PHE C 230 -6.19 -39.45 12.55
CA PHE C 230 -4.86 -38.90 12.35
C PHE C 230 -3.99 -39.83 11.51
N SER C 231 -2.88 -39.30 11.00
CA SER C 231 -2.02 -40.08 10.13
C SER C 231 -1.39 -41.24 10.90
N PRO C 232 -1.12 -42.35 10.21
CA PRO C 232 -0.54 -43.51 10.91
C PRO C 232 0.83 -43.25 11.50
N ASP C 233 1.55 -42.23 11.03
CA ASP C 233 2.88 -41.94 11.51
C ASP C 233 2.88 -41.09 12.77
N ILE C 234 1.72 -40.62 13.23
CA ILE C 234 1.65 -39.72 14.37
C ILE C 234 1.54 -40.55 15.65
N THR C 235 2.59 -40.51 16.45
CA THR C 235 2.58 -41.14 17.77
C THR C 235 1.76 -40.29 18.72
N PRO C 236 1.36 -40.85 19.88
CA PRO C 236 0.69 -40.02 20.89
C PRO C 236 1.54 -38.84 21.34
N ILE C 237 2.86 -39.01 21.45
CA ILE C 237 3.73 -37.92 21.85
C ILE C 237 3.77 -36.84 20.77
N ILE C 238 3.84 -37.25 19.51
CA ILE C 238 3.85 -36.29 18.41
C ILE C 238 2.53 -35.54 18.36
N LEU C 239 1.42 -36.24 18.59
CA LEU C 239 0.12 -35.56 18.61
C LEU C 239 0.03 -34.56 19.76
N ALA C 240 0.53 -34.94 20.94
CA ALA C 240 0.53 -34.03 22.08
C ALA C 240 1.37 -32.80 21.78
N ALA C 241 2.53 -32.99 21.15
CA ALA C 241 3.34 -31.84 20.75
C ALA C 241 2.63 -30.97 19.72
N HIS C 242 1.94 -31.59 18.77
CA HIS C 242 1.20 -30.84 17.76
C HIS C 242 0.13 -29.97 18.40
N CYS C 243 -0.63 -30.54 19.34
CA CYS C 243 -1.69 -29.80 20.00
C CYS C 243 -1.17 -28.89 21.10
N GLN C 244 0.11 -29.02 21.48
CA GLN C 244 0.74 -28.20 22.51
C GLN C 244 0.02 -28.35 23.85
N LYS C 245 -0.02 -29.59 24.32
CA LYS C 245 -0.58 -29.91 25.63
C LYS C 245 0.59 -30.17 26.57
N TYR C 246 0.95 -29.16 27.36
CA TYR C 246 2.15 -29.26 28.20
C TYR C 246 2.02 -30.39 29.22
N GLU C 247 0.85 -30.53 29.84
CA GLU C 247 0.67 -31.60 30.81
C GLU C 247 0.74 -32.97 30.16
N VAL C 248 0.12 -33.13 29.00
CA VAL C 248 0.15 -34.41 28.30
C VAL C 248 1.55 -34.73 27.81
N VAL C 249 2.25 -33.73 27.27
CA VAL C 249 3.63 -33.93 26.83
C VAL C 249 4.50 -34.35 28.00
N HIS C 250 4.33 -33.69 29.15
CA HIS C 250 5.09 -34.05 30.34
C HIS C 250 4.80 -35.48 30.78
N MET C 251 3.52 -35.86 30.77
CA MET C 251 3.15 -37.22 31.16
C MET C 251 3.78 -38.25 30.23
N LEU C 252 3.68 -38.02 28.92
CA LEU C 252 4.23 -38.97 27.96
C LEU C 252 5.75 -39.05 28.05
N LEU C 253 6.40 -37.92 28.32
CA LEU C 253 7.85 -37.93 28.51
C LEU C 253 8.23 -38.73 29.75
N MET C 254 7.44 -38.62 30.82
CA MET C 254 7.72 -39.42 32.01
C MET C 254 7.51 -40.90 31.74
N LYS C 255 6.65 -41.24 30.78
CA LYS C 255 6.43 -42.64 30.40
C LYS C 255 7.49 -43.17 29.45
N GLY C 256 8.39 -42.32 28.95
CA GLY C 256 9.45 -42.73 28.06
C GLY C 256 9.22 -42.45 26.59
N ALA C 257 8.14 -41.75 26.25
CA ALA C 257 7.81 -41.45 24.86
C ALA C 257 8.58 -40.23 24.38
N ARG C 258 9.45 -40.43 23.39
CA ARG C 258 10.22 -39.35 22.81
C ARG C 258 10.02 -39.32 21.30
N ILE C 259 10.02 -38.11 20.74
CA ILE C 259 9.93 -37.97 19.29
C ILE C 259 11.29 -38.27 18.68
N GLU C 260 11.34 -39.30 17.85
CA GLU C 260 12.58 -39.68 17.18
C GLU C 260 12.86 -38.71 16.06
N ARG C 261 14.06 -38.14 16.05
CA ARG C 261 14.41 -37.15 15.03
C ARG C 261 14.54 -37.84 13.67
N PRO C 262 13.85 -37.38 12.65
CA PRO C 262 13.97 -38.00 11.33
C PRO C 262 15.36 -37.83 10.75
N HIS C 263 15.75 -38.79 9.92
CA HIS C 263 17.09 -38.81 9.34
C HIS C 263 17.27 -37.64 8.37
N ASP C 264 18.50 -37.52 7.87
CA ASP C 264 18.80 -36.50 6.87
C ASP C 264 18.03 -36.79 5.58
N TYR C 265 17.76 -35.72 4.82
CA TYR C 265 17.03 -35.88 3.57
C TYR C 265 17.77 -36.79 2.61
N PHE C 266 19.10 -36.71 2.58
CA PHE C 266 19.92 -37.53 1.71
C PHE C 266 20.42 -38.80 2.41
N CYS C 267 19.68 -39.30 3.39
CA CYS C 267 20.09 -40.52 4.07
C CYS C 267 20.02 -41.72 3.13
N LYS C 268 20.98 -42.62 3.27
CA LYS C 268 21.06 -43.81 2.43
C LYS C 268 20.91 -45.10 3.22
N CYS C 269 20.31 -45.04 4.42
CA CYS C 269 20.08 -46.26 5.18
C CYS C 269 18.99 -47.09 4.52
N GLY C 270 18.92 -48.36 4.93
CA GLY C 270 17.97 -49.27 4.32
C GLY C 270 16.53 -48.86 4.55
N ASP C 271 16.23 -48.40 5.76
CA ASP C 271 14.87 -48.02 6.10
C ASP C 271 14.42 -46.81 5.29
N CYS C 272 15.30 -45.81 5.16
CA CYS C 272 14.94 -44.62 4.39
C CYS C 272 14.71 -44.94 2.93
N MET C 273 15.57 -45.79 2.34
CA MET C 273 15.35 -46.20 0.95
C MET C 273 14.05 -47.00 0.82
N GLU C 274 13.76 -47.87 1.78
CA GLU C 274 12.54 -48.67 1.71
C GLU C 274 11.30 -47.78 1.77
N LYS C 275 11.32 -46.77 2.63
CA LYS C 275 10.19 -45.85 2.70
C LYS C 275 10.12 -44.94 1.48
N GLN C 276 11.27 -44.63 0.87
CA GLN C 276 11.27 -43.76 -0.30
C GLN C 276 10.81 -44.50 -1.56
N ARG C 277 11.04 -45.81 -1.63
CA ARG C 277 10.68 -46.57 -2.82
C ARG C 277 9.18 -46.50 -3.08
N HIS C 278 8.38 -46.80 -2.07
CA HIS C 278 6.93 -46.79 -2.18
C HIS C 278 6.38 -45.69 -1.28
N ASP C 279 5.50 -44.87 -1.83
CA ASP C 279 4.84 -43.79 -1.10
C ASP C 279 5.87 -42.82 -0.52
N SER C 280 6.58 -42.15 -1.43
CA SER C 280 7.48 -41.07 -1.01
C SER C 280 6.71 -39.89 -0.44
N PHE C 281 5.46 -39.70 -0.88
CA PHE C 281 4.62 -38.65 -0.31
C PHE C 281 4.36 -38.89 1.16
N SER C 282 4.08 -40.13 1.54
CA SER C 282 3.90 -40.44 2.96
C SER C 282 5.20 -40.25 3.73
N HIS C 283 6.34 -40.54 3.11
CA HIS C 283 7.63 -40.33 3.77
C HIS C 283 7.84 -38.84 4.06
N SER C 284 7.58 -37.99 3.07
CA SER C 284 7.72 -36.54 3.28
C SER C 284 6.74 -36.04 4.33
N ARG C 285 5.50 -36.53 4.28
CA ARG C 285 4.49 -36.10 5.24
C ARG C 285 4.86 -36.52 6.65
N SER C 286 5.39 -37.73 6.82
CA SER C 286 5.79 -38.18 8.15
C SER C 286 6.99 -37.38 8.66
N ARG C 287 7.92 -37.04 7.77
CA ARG C 287 9.03 -36.18 8.17
C ARG C 287 8.53 -34.83 8.65
N ILE C 288 7.58 -34.24 7.91
CA ILE C 288 7.03 -32.95 8.31
C ILE C 288 6.30 -33.06 9.63
N ASN C 289 5.58 -34.16 9.85
CA ASN C 289 4.89 -34.35 11.13
C ASN C 289 5.88 -34.47 12.28
N ALA C 290 6.96 -35.22 12.08
CA ALA C 290 7.96 -35.36 13.14
C ALA C 290 8.61 -34.01 13.45
N TYR C 291 8.90 -33.21 12.43
CA TYR C 291 9.48 -31.91 12.67
C TYR C 291 8.49 -30.93 13.29
N LYS C 292 7.21 -31.08 12.98
CA LYS C 292 6.17 -30.28 13.63
C LYS C 292 6.08 -30.62 15.12
N GLY C 293 6.23 -31.90 15.45
CA GLY C 293 6.29 -32.28 16.85
C GLY C 293 7.53 -31.77 17.55
N LEU C 294 8.69 -31.88 16.88
CA LEU C 294 9.95 -31.43 17.48
C LEU C 294 9.98 -29.92 17.68
N ALA C 295 9.49 -29.16 16.70
CA ALA C 295 9.49 -27.71 16.77
C ALA C 295 8.37 -27.15 17.64
N SER C 296 7.64 -28.00 18.34
CA SER C 296 6.57 -27.54 19.22
C SER C 296 7.17 -26.90 20.46
N PRO C 297 6.68 -25.73 20.88
CA PRO C 297 7.22 -25.12 22.11
C PRO C 297 7.08 -26.00 23.33
N ALA C 298 6.00 -26.79 23.43
CA ALA C 298 5.84 -27.69 24.56
C ALA C 298 6.94 -28.75 24.59
N TYR C 299 7.16 -29.42 23.46
CA TYR C 299 8.21 -30.43 23.39
C TYR C 299 9.59 -29.80 23.54
N LEU C 300 9.79 -28.63 22.94
CA LEU C 300 11.07 -27.94 23.08
C LEU C 300 11.39 -27.64 24.53
N SER C 301 10.40 -27.12 25.28
CA SER C 301 10.65 -26.70 26.65
C SER C 301 10.75 -27.88 27.60
N LEU C 302 9.96 -28.94 27.38
CA LEU C 302 9.90 -30.03 28.34
C LEU C 302 10.80 -31.21 28.00
N SER C 303 11.37 -31.27 26.80
CA SER C 303 12.03 -32.48 26.34
C SER C 303 13.52 -32.52 26.62
N SER C 304 14.19 -31.37 26.67
CA SER C 304 15.63 -31.32 26.80
C SER C 304 16.04 -30.24 27.79
N GLU C 305 17.22 -30.43 28.37
CA GLU C 305 17.90 -29.38 29.12
C GLU C 305 18.65 -28.51 28.13
N ASP C 306 18.71 -27.21 28.43
CA ASP C 306 19.20 -26.20 27.50
C ASP C 306 18.37 -26.25 26.21
N PRO C 307 17.10 -25.85 26.26
CA PRO C 307 16.27 -25.91 25.05
C PRO C 307 16.45 -24.74 24.10
N VAL C 308 17.12 -23.65 24.51
CA VAL C 308 17.36 -22.55 23.58
C VAL C 308 18.34 -22.97 22.49
N LEU C 309 19.39 -23.71 22.87
CA LEU C 309 20.33 -24.23 21.89
C LEU C 309 19.64 -25.23 20.95
N THR C 310 18.80 -26.10 21.52
CA THR C 310 18.06 -27.05 20.70
C THR C 310 17.16 -26.35 19.70
N ALA C 311 16.47 -25.29 20.15
CA ALA C 311 15.58 -24.56 19.25
C ALA C 311 16.36 -23.83 18.17
N LEU C 312 17.53 -23.27 18.50
CA LEU C 312 18.35 -22.61 17.49
C LEU C 312 18.81 -23.61 16.42
N GLU C 313 19.34 -24.75 16.87
CA GLU C 313 19.82 -25.75 15.93
C GLU C 313 18.68 -26.29 15.07
N LEU C 314 17.51 -26.51 15.67
CA LEU C 314 16.37 -27.01 14.92
C LEU C 314 15.87 -25.98 13.92
N SER C 315 15.91 -24.70 14.29
CA SER C 315 15.54 -23.64 13.35
C SER C 315 16.47 -23.66 12.14
N ASN C 316 17.77 -23.79 12.38
CA ASN C 316 18.71 -23.86 11.26
C ASN C 316 18.44 -25.07 10.37
N GLU C 317 18.21 -26.23 11.00
CA GLU C 317 17.94 -27.45 10.25
C GLU C 317 16.68 -27.33 9.41
N LEU C 318 15.64 -26.72 9.98
CA LEU C 318 14.39 -26.55 9.25
C LEU C 318 14.53 -25.55 8.11
N ALA C 319 15.35 -24.52 8.29
CA ALA C 319 15.62 -23.61 7.18
C ALA C 319 16.35 -24.31 6.04
N LYS C 320 17.34 -25.14 6.38
CA LYS C 320 18.03 -25.91 5.36
C LYS C 320 17.09 -26.86 4.63
N LEU C 321 16.18 -27.50 5.38
CA LEU C 321 15.19 -28.37 4.75
C LEU C 321 14.25 -27.57 3.84
N ALA C 322 13.86 -26.37 4.27
CA ALA C 322 13.02 -25.54 3.42
C ALA C 322 13.71 -25.23 2.11
N ASN C 323 15.01 -24.93 2.16
CA ASN C 323 15.77 -24.73 0.94
C ASN C 323 15.83 -25.99 0.09
N ILE C 324 16.03 -27.14 0.73
CA ILE C 324 16.24 -28.38 -0.02
C ILE C 324 14.96 -28.85 -0.70
N GLU C 325 13.84 -28.81 0.02
CA GLU C 325 12.59 -29.37 -0.50
C GLU C 325 12.04 -28.52 -1.64
N LYS C 326 11.61 -27.30 -1.31
CA LYS C 326 10.95 -26.35 -2.21
C LYS C 326 9.53 -26.78 -2.54
N GLU C 327 9.11 -27.98 -2.12
CA GLU C 327 7.70 -28.33 -2.23
C GLU C 327 6.94 -27.88 -0.99
N PHE C 328 7.40 -28.33 0.17
CA PHE C 328 6.85 -27.95 1.47
C PHE C 328 7.71 -26.88 2.13
N LYS C 329 8.23 -25.96 1.33
CA LYS C 329 9.07 -24.90 1.87
C LYS C 329 8.32 -24.06 2.90
N ASN C 330 7.05 -23.78 2.65
CA ASN C 330 6.27 -22.99 3.60
C ASN C 330 6.12 -23.69 4.93
N ASP C 331 5.93 -25.01 4.93
CA ASP C 331 5.80 -25.75 6.17
C ASP C 331 7.07 -25.65 7.01
N TYR C 332 8.23 -25.90 6.37
CA TYR C 332 9.49 -25.84 7.10
C TYR C 332 9.81 -24.42 7.55
N ARG C 333 9.47 -23.40 6.75
CA ARG C 333 9.67 -22.03 7.17
C ARG C 333 8.80 -21.69 8.37
N LYS C 334 7.56 -22.17 8.39
CA LYS C 334 6.70 -21.93 9.54
C LYS C 334 7.26 -22.61 10.80
N LEU C 335 7.78 -23.83 10.65
CA LEU C 335 8.38 -24.51 11.79
C LEU C 335 9.62 -23.78 12.30
N SER C 336 10.47 -23.31 11.38
CA SER C 336 11.65 -22.56 11.80
C SER C 336 11.26 -21.26 12.50
N MET C 337 10.21 -20.60 12.00
CA MET C 337 9.69 -19.42 12.69
C MET C 337 9.19 -19.76 14.07
N GLN C 338 8.58 -20.94 14.25
CA GLN C 338 8.17 -21.38 15.56
C GLN C 338 9.37 -21.50 16.50
N CYS C 339 10.45 -22.11 16.02
CA CYS C 339 11.65 -22.24 16.85
C CYS C 339 12.23 -20.87 17.21
N LYS C 340 12.30 -19.97 16.23
CA LYS C 340 12.81 -18.63 16.49
C LYS C 340 11.94 -17.90 17.51
N ASP C 341 10.61 -18.04 17.39
CA ASP C 341 9.70 -17.41 18.32
C ASP C 341 9.90 -17.94 19.73
N PHE C 342 10.10 -19.26 19.87
CA PHE C 342 10.35 -19.84 21.18
C PHE C 342 11.62 -19.25 21.80
N VAL C 343 12.69 -19.16 21.01
CA VAL C 343 13.95 -18.62 21.52
C VAL C 343 13.77 -17.16 21.94
N VAL C 344 13.09 -16.37 21.11
CA VAL C 344 12.88 -14.95 21.42
C VAL C 344 12.05 -14.80 22.70
N GLY C 345 11.01 -15.61 22.86
CA GLY C 345 10.20 -15.52 24.06
C GLY C 345 10.97 -15.90 25.32
N VAL C 346 11.76 -16.97 25.24
CA VAL C 346 12.56 -17.36 26.39
C VAL C 346 13.53 -16.26 26.77
N LEU C 347 14.12 -15.59 25.78
CA LEU C 347 14.95 -14.43 26.09
C LEU C 347 14.13 -13.31 26.71
N ASP C 348 12.92 -13.07 26.20
CA ASP C 348 12.07 -12.00 26.69
C ASP C 348 11.69 -12.18 28.15
N LEU C 349 11.61 -13.42 28.62
CA LEU C 349 11.25 -13.67 30.02
C LEU C 349 12.31 -13.21 31.02
N CYS C 350 13.53 -12.92 30.58
CA CYS C 350 14.60 -12.61 31.52
C CYS C 350 14.35 -11.29 32.22
N ARG C 351 14.62 -11.27 33.54
CA ARG C 351 14.43 -10.05 34.34
C ARG C 351 15.62 -9.76 35.23
N ASP C 352 16.77 -10.37 34.97
CA ASP C 352 17.99 -10.09 35.71
C ASP C 352 19.17 -10.24 34.77
N SER C 353 20.28 -9.59 35.13
CA SER C 353 21.47 -9.67 34.30
C SER C 353 22.01 -11.09 34.24
N GLU C 354 21.89 -11.84 35.34
CA GLU C 354 22.37 -13.22 35.35
C GLU C 354 21.60 -14.08 34.34
N GLU C 355 20.27 -13.94 34.32
CA GLU C 355 19.47 -14.69 33.36
C GLU C 355 19.76 -14.27 31.93
N VAL C 356 19.90 -12.96 31.71
CA VAL C 356 20.18 -12.46 30.36
C VAL C 356 21.52 -13.00 29.87
N GLU C 357 22.53 -12.99 30.74
CA GLU C 357 23.82 -13.56 30.35
C GLU C 357 23.71 -15.05 30.08
N ALA C 358 23.02 -15.79 30.94
CA ALA C 358 22.88 -17.22 30.73
C ALA C 358 22.21 -17.54 29.40
N ILE C 359 21.23 -16.72 29.00
CA ILE C 359 20.60 -16.93 27.71
C ILE C 359 21.54 -16.54 26.57
N LEU C 360 22.24 -15.42 26.71
CA LEU C 360 23.04 -14.89 25.62
C LEU C 360 24.33 -15.68 25.40
N ASN C 361 24.81 -16.39 26.41
CA ASN C 361 25.89 -17.35 26.23
C ASN C 361 25.67 -18.52 27.19
N GLY C 362 25.92 -19.73 26.70
CA GLY C 362 25.59 -20.93 27.45
C GLY C 362 26.49 -21.20 28.64
N ASP C 363 26.62 -22.46 29.01
CA ASP C 363 27.45 -22.85 30.14
C ASP C 363 28.93 -22.85 29.74
N SER C 378 32.15 -14.00 25.79
CA SER C 378 31.93 -14.84 24.61
C SER C 378 30.44 -15.05 24.38
N LEU C 379 29.84 -14.16 23.61
CA LEU C 379 28.40 -14.19 23.37
C LEU C 379 28.06 -15.31 22.40
N SER C 380 28.09 -16.56 22.89
CA SER C 380 27.97 -17.71 22.01
C SER C 380 26.60 -17.78 21.34
N ARG C 381 25.53 -17.62 22.12
CA ARG C 381 24.19 -17.73 21.55
C ARG C 381 23.85 -16.56 20.64
N VAL C 382 24.36 -15.36 20.93
CA VAL C 382 24.16 -14.24 20.03
C VAL C 382 24.85 -14.50 18.69
N LYS C 383 26.07 -15.04 18.74
CA LYS C 383 26.78 -15.38 17.50
C LYS C 383 26.04 -16.46 16.72
N LEU C 384 25.51 -17.47 17.42
CA LEU C 384 24.76 -18.52 16.76
C LEU C 384 23.48 -17.97 16.12
N ALA C 385 22.80 -17.06 16.81
CA ALA C 385 21.59 -16.45 16.25
C ALA C 385 21.92 -15.58 15.05
N ILE C 386 23.06 -14.89 15.09
CA ILE C 386 23.49 -14.12 13.92
C ILE C 386 23.78 -15.06 12.75
N LYS C 387 24.43 -16.19 13.03
CA LYS C 387 24.71 -17.17 11.98
C LYS C 387 23.42 -17.76 11.41
N TYR C 388 22.43 -18.00 12.26
CA TYR C 388 21.18 -18.65 11.86
C TYR C 388 20.10 -17.66 11.47
N GLU C 389 20.43 -16.37 11.40
CA GLU C 389 19.47 -15.33 11.00
C GLU C 389 18.25 -15.30 11.93
N VAL C 390 18.49 -15.48 13.23
CA VAL C 390 17.44 -15.31 14.24
C VAL C 390 17.48 -13.83 14.62
N LYS C 391 16.80 -13.02 13.81
CA LYS C 391 16.96 -11.57 13.89
C LYS C 391 16.24 -10.95 15.08
N LYS C 392 15.09 -11.48 15.46
CA LYS C 392 14.35 -10.92 16.58
C LYS C 392 15.01 -11.22 17.92
N PHE C 393 15.79 -12.31 18.01
CA PHE C 393 16.50 -12.60 19.24
C PHE C 393 17.67 -11.64 19.44
N VAL C 394 18.41 -11.35 18.37
CA VAL C 394 19.53 -10.43 18.46
C VAL C 394 19.05 -9.00 18.67
N ALA C 395 17.96 -8.63 18.01
CA ALA C 395 17.43 -7.27 18.08
C ALA C 395 16.57 -7.02 19.32
N HIS C 396 16.36 -8.03 20.15
CA HIS C 396 15.57 -7.84 21.36
C HIS C 396 16.30 -6.90 22.32
N PRO C 397 15.58 -6.04 23.03
CA PRO C 397 16.26 -5.10 23.94
C PRO C 397 17.11 -5.78 25.00
N ASN C 398 16.73 -6.97 25.46
CA ASN C 398 17.53 -7.67 26.46
C ASN C 398 18.91 -8.02 25.93
N CYS C 399 19.00 -8.40 24.66
CA CYS C 399 20.30 -8.63 24.02
C CYS C 399 21.00 -7.33 23.65
N GLN C 400 20.23 -6.33 23.21
CA GLN C 400 20.82 -5.08 22.76
C GLN C 400 21.50 -4.32 23.88
N GLN C 401 20.91 -4.33 25.08
CA GLN C 401 21.55 -3.65 26.20
C GLN C 401 22.87 -4.30 26.55
N GLN C 402 22.93 -5.64 26.54
CA GLN C 402 24.18 -6.32 26.81
C GLN C 402 25.20 -6.01 25.72
N LEU C 403 24.78 -5.98 24.46
CA LEU C 403 25.70 -5.65 23.38
C LEU C 403 26.25 -4.23 23.51
N LEU C 404 25.39 -3.27 23.88
CA LEU C 404 25.86 -1.91 24.14
C LEU C 404 26.81 -1.85 25.33
N THR C 405 26.63 -2.74 26.30
CA THR C 405 27.56 -2.76 27.43
C THR C 405 28.99 -3.03 27.00
N ILE C 406 29.19 -4.04 26.15
CA ILE C 406 30.53 -4.31 25.63
C ILE C 406 30.93 -3.25 24.62
N TRP C 407 29.99 -2.78 23.80
CA TRP C 407 30.30 -1.80 22.77
C TRP C 407 30.88 -0.52 23.37
N TYR C 408 30.21 0.04 24.37
CA TYR C 408 30.68 1.23 25.06
C TYR C 408 31.43 0.85 26.34
N GLU C 409 32.45 0.01 26.17
CA GLU C 409 33.26 -0.43 27.29
C GLU C 409 34.35 0.58 27.58
N ASN C 410 34.72 0.70 28.85
CA ASN C 410 35.77 1.60 29.34
C ASN C 410 35.48 3.06 29.06
N LEU C 411 34.30 3.39 28.51
CA LEU C 411 33.90 4.76 28.23
C LEU C 411 32.39 4.84 28.49
N SER C 412 32.03 5.47 29.60
CA SER C 412 30.63 5.50 30.01
C SER C 412 29.95 6.81 29.63
N GLY C 413 30.61 7.94 29.88
CA GLY C 413 30.01 9.22 29.55
C GLY C 413 29.81 9.42 28.06
N LEU C 414 30.71 8.86 27.24
CA LEU C 414 30.62 9.04 25.79
C LEU C 414 29.39 8.37 25.20
N ARG C 415 28.80 7.40 25.90
CA ARG C 415 27.58 6.77 25.40
C ARG C 415 26.44 7.77 25.29
N GLU C 416 26.33 8.67 26.29
CA GLU C 416 25.23 9.62 26.36
C GLU C 416 25.46 10.87 25.52
N GLN C 417 26.63 11.01 24.90
CA GLN C 417 26.91 12.19 24.10
C GLN C 417 26.09 12.16 22.81
N THR C 418 25.92 13.35 22.22
CA THR C 418 25.16 13.47 20.98
C THR C 418 25.95 12.91 19.80
N ILE C 419 25.26 12.83 18.66
CA ILE C 419 25.91 12.35 17.43
C ILE C 419 27.00 13.32 16.99
N ALA C 420 26.79 14.61 17.20
CA ALA C 420 27.80 15.60 16.82
C ALA C 420 29.09 15.41 17.61
N ILE C 421 28.97 15.09 18.90
CA ILE C 421 30.17 14.83 19.70
C ILE C 421 30.90 13.60 19.19
N LYS C 422 30.15 12.56 18.80
CA LYS C 422 30.78 11.37 18.23
C LYS C 422 31.50 11.69 16.93
N CYS C 423 30.89 12.53 16.08
CA CYS C 423 31.54 12.93 14.84
C CYS C 423 32.81 13.73 15.13
N LEU C 424 32.76 14.60 16.14
CA LEU C 424 33.96 15.34 16.53
C LEU C 424 35.05 14.39 17.02
N VAL C 425 34.66 13.35 17.76
CA VAL C 425 35.64 12.35 18.20
C VAL C 425 36.26 11.63 17.00
N VAL C 426 35.43 11.30 16.00
CA VAL C 426 35.96 10.67 14.79
C VAL C 426 36.95 11.60 14.09
N LEU C 427 36.62 12.89 14.02
CA LEU C 427 37.53 13.84 13.39
C LEU C 427 38.84 13.96 14.15
N VAL C 428 38.77 13.99 15.49
CA VAL C 428 39.98 14.07 16.30
C VAL C 428 40.84 12.84 16.10
N VAL C 429 40.21 11.66 16.05
CA VAL C 429 40.95 10.42 15.83
C VAL C 429 41.59 10.43 14.44
N ALA C 430 40.86 10.94 13.45
CA ALA C 430 41.43 11.03 12.11
C ALA C 430 42.66 11.93 12.10
N LEU C 431 42.59 13.05 12.81
CA LEU C 431 43.74 13.96 12.88
C LEU C 431 44.92 13.32 13.61
N GLY C 432 44.66 12.60 14.69
CA GLY C 432 45.75 12.12 15.53
C GLY C 432 46.02 10.63 15.49
N LEU C 433 45.56 9.96 14.43
CA LEU C 433 45.78 8.51 14.33
C LEU C 433 47.23 8.09 14.37
N PRO C 434 48.17 8.71 13.64
CA PRO C 434 49.58 8.30 13.79
C PRO C 434 50.11 8.44 15.20
N PHE C 435 49.71 9.49 15.91
CA PHE C 435 50.21 9.70 17.27
C PHE C 435 49.75 8.60 18.22
N LEU C 436 48.45 8.25 18.19
CA LEU C 436 47.98 7.17 19.04
C LEU C 436 48.54 5.82 18.58
N ALA C 437 48.74 5.64 17.27
CA ALA C 437 49.33 4.40 16.79
C ALA C 437 50.75 4.21 17.32
N ILE C 438 51.56 5.27 17.29
CA ILE C 438 52.93 5.15 17.80
C ILE C 438 52.92 5.08 19.33
N GLY C 439 51.96 5.72 19.98
CA GLY C 439 51.84 5.60 21.43
C GLY C 439 51.31 4.27 21.89
N TYR C 440 50.75 3.48 20.98
CA TYR C 440 50.29 2.13 21.34
C TYR C 440 51.43 1.23 21.79
N TRP C 441 52.68 1.58 21.51
CA TRP C 441 53.79 0.78 22.01
C TRP C 441 53.85 0.80 23.53
N ILE C 442 53.29 1.81 24.17
CA ILE C 442 53.21 1.89 25.63
C ILE C 442 51.76 1.92 26.13
N ALA C 443 50.78 2.06 25.24
CA ALA C 443 49.39 2.20 25.67
C ALA C 443 48.87 1.06 26.54
N PRO C 444 49.16 -0.22 26.27
CA PRO C 444 48.65 -1.27 27.16
C PRO C 444 49.08 -1.10 28.61
N CYS C 445 50.27 -0.54 28.85
CA CYS C 445 50.68 -0.20 30.21
C CYS C 445 50.08 1.11 30.69
N SER C 446 49.39 1.85 29.83
CA SER C 446 48.77 3.12 30.18
C SER C 446 47.26 2.98 30.22
N ARG C 447 46.60 4.03 30.73
CA ARG C 447 45.15 4.04 30.80
C ARG C 447 44.52 4.18 29.42
N LEU C 448 45.17 4.94 28.53
CA LEU C 448 44.63 5.17 27.20
C LEU C 448 44.55 3.90 26.37
N GLY C 449 45.35 2.89 26.69
CA GLY C 449 45.24 1.62 25.98
C GLY C 449 43.88 0.97 26.17
N LYS C 450 43.34 1.04 27.39
CA LYS C 450 42.00 0.53 27.63
C LYS C 450 40.97 1.32 26.84
N ILE C 451 41.15 2.63 26.75
CA ILE C 451 40.21 3.47 26.01
C ILE C 451 40.21 3.09 24.54
N LEU C 452 41.40 2.98 23.93
CA LEU C 452 41.46 2.72 22.49
C LEU C 452 41.09 1.28 22.16
N ARG C 453 41.15 0.37 23.14
CA ARG C 453 40.84 -1.03 22.90
C ARG C 453 39.36 -1.35 23.08
N SER C 454 38.54 -0.36 23.36
CA SER C 454 37.11 -0.60 23.39
C SER C 454 36.58 -0.75 21.96
N PRO C 455 35.55 -1.58 21.77
CA PRO C 455 35.05 -1.80 20.40
C PRO C 455 34.62 -0.53 19.70
N PHE C 456 34.02 0.41 20.42
CA PHE C 456 33.61 1.67 19.79
C PHE C 456 34.81 2.45 19.29
N MET C 457 35.89 2.48 20.06
CA MET C 457 37.10 3.17 19.60
C MET C 457 37.77 2.43 18.44
N LYS C 458 37.69 1.10 18.41
CA LYS C 458 38.19 0.38 17.24
C LYS C 458 37.39 0.75 15.99
N PHE C 459 36.07 0.82 16.12
CA PHE C 459 35.24 1.22 14.99
C PHE C 459 35.55 2.64 14.55
N VAL C 460 35.72 3.55 15.52
CA VAL C 460 36.04 4.94 15.20
C VAL C 460 37.40 5.03 14.50
N ALA C 461 38.37 4.25 14.97
CA ALA C 461 39.69 4.24 14.34
C ALA C 461 39.62 3.72 12.92
N HIS C 462 38.84 2.67 12.67
CA HIS C 462 38.70 2.15 11.32
C HIS C 462 38.00 3.15 10.41
N ALA C 463 36.96 3.82 10.92
CA ALA C 463 36.28 4.84 10.12
C ALA C 463 37.21 6.01 9.82
N ALA C 464 38.01 6.42 10.80
CA ALA C 464 38.98 7.49 10.57
C ALA C 464 40.02 7.07 9.56
N SER C 465 40.45 5.80 9.61
CA SER C 465 41.39 5.29 8.62
C SER C 465 40.79 5.34 7.21
N PHE C 466 39.53 4.93 7.06
CA PHE C 466 38.89 5.01 5.75
C PHE C 466 38.78 6.46 5.27
N ILE C 467 38.45 7.37 6.19
CA ILE C 467 38.36 8.78 5.84
C ILE C 467 39.73 9.30 5.38
N ILE C 468 40.80 8.90 6.06
CA ILE C 468 42.14 9.33 5.68
C ILE C 468 42.52 8.75 4.33
N PHE C 469 42.10 7.52 4.04
CA PHE C 469 42.36 6.93 2.73
C PHE C 469 41.67 7.71 1.63
N LEU C 470 40.40 8.07 1.84
CA LEU C 470 39.69 8.88 0.85
C LEU C 470 40.34 10.25 0.70
N GLY C 471 40.79 10.83 1.82
CA GLY C 471 41.50 12.10 1.75
C GLY C 471 42.78 12.01 0.97
N LEU C 472 43.53 10.92 1.14
CA LEU C 472 44.73 10.70 0.35
C LEU C 472 44.40 10.57 -1.13
N LEU C 473 43.34 9.83 -1.46
CA LEU C 473 42.95 9.68 -2.85
C LEU C 473 42.60 11.02 -3.47
N VAL C 474 41.88 11.86 -2.74
CA VAL C 474 41.51 13.18 -3.26
C VAL C 474 42.72 14.09 -3.34
N PHE C 475 43.59 14.06 -2.33
CA PHE C 475 44.72 14.98 -2.26
C PHE C 475 45.81 14.62 -3.26
N ASN C 476 45.89 13.34 -3.66
CA ASN C 476 46.86 12.97 -4.69
C ASN C 476 46.51 13.57 -6.04
N ALA C 477 45.24 13.92 -6.26
CA ALA C 477 44.79 14.55 -7.49
C ALA C 477 44.91 16.06 -7.45
N SER C 478 45.48 16.62 -6.38
CA SER C 478 45.67 18.06 -6.29
C SER C 478 46.68 18.53 -7.33
N ASP C 479 46.73 19.85 -7.50
CA ASP C 479 47.44 20.57 -8.57
C ASP C 479 46.78 20.33 -9.92
N ARG C 480 45.71 19.54 -9.98
CA ARG C 480 44.91 19.39 -11.19
C ARG C 480 43.46 19.76 -10.96
N PHE C 481 43.10 20.25 -9.77
CA PHE C 481 41.72 20.58 -9.47
C PHE C 481 41.21 21.66 -10.42
N GLU C 482 42.03 22.66 -10.71
CA GLU C 482 41.70 23.70 -11.66
C GLU C 482 42.17 23.37 -13.06
N GLY C 483 42.71 22.18 -13.27
CA GLY C 483 43.18 21.74 -14.57
C GLY C 483 44.70 21.76 -14.67
N ILE C 484 45.21 20.96 -15.59
CA ILE C 484 46.64 20.91 -15.87
C ILE C 484 47.05 22.18 -16.60
N THR C 485 48.32 22.56 -16.44
CA THR C 485 48.81 23.81 -17.02
C THR C 485 49.46 23.60 -18.38
N THR C 486 49.92 22.39 -18.68
CA THR C 486 50.58 22.09 -19.95
C THR C 486 49.70 21.21 -20.81
N LEU C 487 49.69 21.49 -22.11
CA LEU C 487 48.91 20.68 -23.04
C LEU C 487 49.48 19.27 -23.13
N PRO C 488 48.64 18.27 -23.42
CA PRO C 488 49.14 16.89 -23.52
C PRO C 488 50.17 16.70 -24.62
N ASN C 489 50.23 17.60 -25.59
CA ASN C 489 51.19 17.48 -26.68
C ASN C 489 52.60 17.93 -26.29
N ILE C 490 52.74 18.62 -25.17
CA ILE C 490 54.01 19.25 -24.80
C ILE C 490 54.61 18.51 -23.61
N THR C 491 55.92 18.27 -23.68
CA THR C 491 56.67 17.61 -22.63
C THR C 491 57.47 18.63 -21.84
N VAL C 492 57.44 18.50 -20.52
CA VAL C 492 58.21 19.35 -19.62
C VAL C 492 59.06 18.46 -18.73
N THR C 493 60.36 18.73 -18.70
CA THR C 493 61.31 17.95 -17.91
C THR C 493 62.12 18.88 -17.03
N ASP C 494 62.53 18.35 -15.86
CA ASP C 494 63.29 19.15 -14.91
C ASP C 494 64.65 19.52 -15.49
N TYR C 495 65.34 18.56 -16.10
CA TYR C 495 66.62 18.79 -16.75
C TYR C 495 66.61 18.11 -18.10
N PRO C 496 67.40 18.61 -19.06
CA PRO C 496 67.37 18.01 -20.41
C PRO C 496 67.70 16.53 -20.44
N LYS C 497 68.62 16.07 -19.59
CA LYS C 497 69.04 14.68 -19.61
C LYS C 497 67.96 13.72 -19.14
N GLN C 498 66.87 14.22 -18.56
CA GLN C 498 65.83 13.36 -18.01
C GLN C 498 64.87 12.90 -19.10
N ILE C 499 64.42 11.67 -18.97
CA ILE C 499 63.39 11.09 -19.82
C ILE C 499 62.04 11.56 -19.32
N PHE C 500 61.18 11.99 -20.26
CA PHE C 500 59.87 12.52 -19.88
C PHE C 500 59.03 11.47 -19.17
N ARG C 501 59.05 10.22 -19.66
CA ARG C 501 58.26 9.17 -19.04
C ARG C 501 58.76 8.86 -17.64
N VAL C 502 60.05 9.12 -17.37
CA VAL C 502 60.55 9.00 -16.01
C VAL C 502 59.83 9.97 -15.09
N LYS C 503 59.70 11.22 -15.52
CA LYS C 503 59.00 12.22 -14.72
C LYS C 503 57.53 11.87 -14.56
N THR C 504 56.89 11.38 -15.63
CA THR C 504 55.47 11.07 -15.53
C THR C 504 55.19 9.82 -14.71
N THR C 505 56.14 8.90 -14.62
CA THR C 505 55.91 7.64 -13.92
C THR C 505 56.56 7.56 -12.55
N GLN C 506 57.44 8.50 -12.21
CA GLN C 506 58.12 8.43 -10.92
C GLN C 506 57.12 8.64 -9.80
N PHE C 507 57.34 7.93 -8.69
CA PHE C 507 56.39 7.96 -7.59
C PHE C 507 56.67 9.10 -6.64
N THR C 508 55.60 9.75 -6.19
CA THR C 508 55.67 10.73 -5.10
C THR C 508 55.18 10.09 -3.82
N TRP C 509 55.32 10.84 -2.72
CA TRP C 509 55.09 10.27 -1.39
C TRP C 509 53.64 9.84 -1.21
N THR C 510 52.69 10.64 -1.71
CA THR C 510 51.28 10.38 -1.43
C THR C 510 50.83 9.02 -1.96
N GLU C 511 51.20 8.67 -3.19
CA GLU C 511 50.79 7.36 -3.71
C GLU C 511 51.63 6.23 -3.12
N MET C 512 52.80 6.54 -2.56
CA MET C 512 53.48 5.54 -1.75
C MET C 512 52.68 5.20 -0.50
N LEU C 513 52.15 6.23 0.18
CA LEU C 513 51.24 5.96 1.30
C LEU C 513 49.99 5.24 0.82
N ILE C 514 49.48 5.59 -0.35
CA ILE C 514 48.30 4.92 -0.89
C ILE C 514 48.59 3.44 -1.10
N MET C 515 49.76 3.11 -1.65
CA MET C 515 50.17 1.72 -1.78
C MET C 515 50.27 1.03 -0.43
N VAL C 516 50.86 1.70 0.57
CA VAL C 516 51.00 1.09 1.88
C VAL C 516 49.63 0.74 2.46
N TRP C 517 48.69 1.68 2.34
CA TRP C 517 47.34 1.46 2.84
C TRP C 517 46.64 0.34 2.08
N VAL C 518 46.77 0.34 0.75
CA VAL C 518 46.11 -0.68 -0.07
C VAL C 518 46.67 -2.06 0.27
N LEU C 519 47.98 -2.16 0.46
CA LEU C 519 48.57 -3.40 0.91
C LEU C 519 48.07 -3.79 2.30
N GLY C 520 47.81 -2.80 3.15
CA GLY C 520 47.24 -3.10 4.46
C GLY C 520 45.87 -3.75 4.36
N MET C 521 44.98 -3.16 3.56
CA MET C 521 43.67 -3.77 3.39
C MET C 521 43.76 -5.12 2.68
N MET C 522 44.68 -5.24 1.71
CA MET C 522 44.88 -6.52 1.05
C MET C 522 45.34 -7.59 2.04
N TRP C 523 46.27 -7.25 2.92
CA TRP C 523 46.75 -8.21 3.91
C TRP C 523 45.63 -8.63 4.84
N SER C 524 44.83 -7.66 5.31
CA SER C 524 43.70 -8.00 6.16
C SER C 524 42.73 -8.94 5.44
N GLU C 525 42.28 -8.54 4.26
CA GLU C 525 41.30 -9.33 3.52
C GLU C 525 41.83 -10.72 3.21
N CYS C 526 43.14 -10.83 2.90
CA CYS C 526 43.74 -12.15 2.72
C CYS C 526 43.70 -12.95 4.01
N LYS C 527 43.85 -12.28 5.16
CA LYS C 527 43.77 -12.99 6.43
C LYS C 527 42.39 -13.61 6.63
N GLU C 528 41.32 -12.82 6.45
CA GLU C 528 39.99 -13.43 6.58
C GLU C 528 39.71 -14.45 5.48
N LEU C 529 40.26 -14.24 4.28
CA LEU C 529 40.05 -15.20 3.20
C LEU C 529 40.67 -16.55 3.54
N TRP C 530 41.88 -16.53 4.10
CA TRP C 530 42.54 -17.78 4.46
C TRP C 530 41.89 -18.41 5.69
N LEU C 531 41.40 -17.59 6.62
CA LEU C 531 40.75 -18.14 7.81
C LEU C 531 39.41 -18.78 7.47
N GLU C 532 38.65 -18.19 6.55
CA GLU C 532 37.32 -18.69 6.22
C GLU C 532 37.29 -19.64 5.03
N GLY C 533 38.29 -19.58 4.16
CA GLY C 533 38.32 -20.43 2.99
C GLY C 533 37.74 -19.74 1.77
N PRO C 534 38.17 -20.16 0.58
CA PRO C 534 37.72 -19.49 -0.64
C PRO C 534 36.23 -19.63 -0.91
N ARG C 535 35.70 -20.85 -0.83
CA ARG C 535 34.29 -21.07 -1.16
C ARG C 535 33.39 -20.33 -0.18
N GLU C 536 33.73 -20.36 1.11
CA GLU C 536 32.94 -19.63 2.10
C GLU C 536 33.00 -18.12 1.87
N TYR C 537 34.17 -17.60 1.50
CA TYR C 537 34.35 -16.17 1.30
C TYR C 537 33.66 -15.68 0.04
N ILE C 538 33.55 -16.52 -0.99
CA ILE C 538 32.96 -16.08 -2.25
C ILE C 538 31.47 -15.79 -2.09
N LEU C 539 30.76 -16.57 -1.25
CA LEU C 539 29.32 -16.48 -1.17
C LEU C 539 28.79 -15.12 -0.71
N GLN C 540 29.63 -14.29 -0.11
CA GLN C 540 29.25 -12.92 0.24
C GLN C 540 29.59 -12.04 -0.95
N LEU C 541 28.56 -11.45 -1.56
CA LEU C 541 28.78 -10.60 -2.73
C LEU C 541 29.57 -9.36 -2.38
N TRP C 542 29.31 -8.76 -1.21
CA TRP C 542 29.99 -7.53 -0.87
C TRP C 542 31.47 -7.77 -0.58
N ASN C 543 31.78 -8.94 -0.01
CA ASN C 543 33.18 -9.31 0.24
C ASN C 543 33.95 -9.44 -1.07
N VAL C 544 33.34 -10.05 -2.09
CA VAL C 544 34.04 -10.18 -3.37
C VAL C 544 34.11 -8.82 -4.06
N LEU C 545 33.14 -7.94 -3.80
CA LEU C 545 33.27 -6.57 -4.28
C LEU C 545 34.47 -5.87 -3.67
N ASP C 546 34.66 -6.01 -2.36
CA ASP C 546 35.81 -5.42 -1.69
C ASP C 546 37.12 -6.02 -2.22
N PHE C 547 37.16 -7.34 -2.39
CA PHE C 547 38.35 -7.99 -2.93
C PHE C 547 38.63 -7.50 -4.34
N GLY C 548 37.60 -7.33 -5.16
CA GLY C 548 37.80 -6.79 -6.50
C GLY C 548 38.33 -5.38 -6.49
N MET C 549 37.84 -4.55 -5.58
CA MET C 549 38.33 -3.17 -5.48
C MET C 549 39.81 -3.16 -5.10
N LEU C 550 40.19 -3.97 -4.11
CA LEU C 550 41.60 -4.06 -3.74
C LEU C 550 42.44 -4.60 -4.90
N SER C 551 41.94 -5.60 -5.62
CA SER C 551 42.69 -6.18 -6.73
C SER C 551 42.85 -5.18 -7.87
N ILE C 552 41.84 -4.33 -8.08
CA ILE C 552 41.95 -3.30 -9.11
C ILE C 552 43.00 -2.27 -8.72
N PHE C 553 43.04 -1.89 -7.44
CA PHE C 553 44.15 -1.05 -6.98
C PHE C 553 45.49 -1.72 -7.25
N ILE C 554 45.61 -2.99 -6.91
CA ILE C 554 46.89 -3.69 -7.08
C ILE C 554 47.28 -3.73 -8.56
N ALA C 555 46.32 -4.01 -9.44
CA ALA C 555 46.60 -4.04 -10.87
C ALA C 555 47.02 -2.68 -11.39
N ALA C 556 46.34 -1.62 -10.97
CA ALA C 556 46.72 -0.28 -11.40
C ALA C 556 48.14 0.07 -10.96
N PHE C 557 48.47 -0.24 -9.71
CA PHE C 557 49.81 0.07 -9.22
C PHE C 557 50.87 -0.80 -9.88
N THR C 558 50.53 -2.05 -10.21
CA THR C 558 51.46 -2.90 -10.94
C THR C 558 51.75 -2.34 -12.33
N ALA C 559 50.70 -1.91 -13.04
CA ALA C 559 50.90 -1.30 -14.35
C ALA C 559 51.76 -0.05 -14.25
N ARG C 560 51.51 0.77 -13.22
CA ARG C 560 52.35 1.94 -13.00
C ARG C 560 53.80 1.54 -12.74
N PHE C 561 54.01 0.44 -12.00
CA PHE C 561 55.37 0.00 -11.70
C PHE C 561 56.10 -0.48 -12.95
N LEU C 562 55.41 -1.23 -13.82
CA LEU C 562 56.05 -1.61 -15.09
C LEU C 562 56.35 -0.40 -15.96
N ALA C 563 55.45 0.58 -15.99
CA ALA C 563 55.74 1.81 -16.73
C ALA C 563 56.98 2.50 -16.17
N PHE C 564 57.08 2.57 -14.84
CA PHE C 564 58.24 3.18 -14.20
C PHE C 564 59.52 2.41 -14.54
N LEU C 565 59.44 1.08 -14.55
CA LEU C 565 60.61 0.27 -14.86
C LEU C 565 61.08 0.51 -16.30
N GLN C 566 60.14 0.56 -17.24
CA GLN C 566 60.50 0.86 -18.62
C GLN C 566 61.14 2.24 -18.73
N ALA C 567 60.54 3.24 -18.06
CA ALA C 567 61.07 4.59 -18.13
C ALA C 567 62.46 4.67 -17.53
N THR C 568 62.70 4.00 -16.41
CA THR C 568 64.01 4.08 -15.77
C THR C 568 65.05 3.28 -16.55
N LYS C 569 64.64 2.22 -17.25
CA LYS C 569 65.57 1.54 -18.16
C LYS C 569 65.98 2.48 -19.28
N ALA C 570 65.02 3.22 -19.85
CA ALA C 570 65.35 4.20 -20.87
C ALA C 570 66.28 5.28 -20.33
N GLN C 571 66.01 5.76 -19.10
CA GLN C 571 66.86 6.77 -18.49
C GLN C 571 68.28 6.26 -18.28
N GLN C 572 68.41 5.02 -17.80
CA GLN C 572 69.73 4.43 -17.62
C GLN C 572 70.47 4.35 -18.94
N TYR C 573 69.79 3.91 -20.00
CA TYR C 573 70.41 3.85 -21.31
C TYR C 573 70.90 5.23 -21.77
N VAL C 574 70.02 6.24 -21.66
CA VAL C 574 70.34 7.54 -22.22
C VAL C 574 71.46 8.22 -21.42
N ASP C 575 71.49 8.01 -20.11
CA ASP C 575 72.57 8.61 -19.33
C ASP C 575 73.88 7.85 -19.52
N SER C 576 73.82 6.54 -19.76
CA SER C 576 75.03 5.75 -19.90
C SER C 576 75.70 5.99 -21.25
N TYR C 577 74.93 6.04 -22.33
CA TYR C 577 75.51 5.99 -23.68
C TYR C 577 75.79 7.37 -24.27
N VAL C 578 74.75 8.18 -24.47
CA VAL C 578 74.94 9.44 -25.18
C VAL C 578 75.42 10.51 -24.21
N GLN C 579 76.37 11.32 -24.66
CA GLN C 579 76.98 12.37 -23.86
C GLN C 579 76.79 13.71 -24.56
N GLU C 580 75.64 14.35 -24.31
CA GLU C 580 75.38 15.67 -24.87
C GLU C 580 74.74 16.54 -23.80
N SER C 581 74.90 17.86 -23.94
CA SER C 581 74.34 18.79 -22.97
C SER C 581 72.81 18.76 -23.01
N ASP C 582 72.22 18.69 -24.20
CA ASP C 582 70.78 18.73 -24.37
C ASP C 582 70.32 17.47 -25.09
N LEU C 583 69.24 16.86 -24.58
CA LEU C 583 68.73 15.63 -25.17
C LEU C 583 67.95 15.88 -26.45
N SER C 584 67.47 17.11 -26.67
CA SER C 584 66.63 17.39 -27.83
C SER C 584 67.40 17.15 -29.14
N GLU C 585 68.67 17.55 -29.19
CA GLU C 585 69.47 17.37 -30.38
C GLU C 585 69.84 15.92 -30.64
N VAL C 586 69.64 15.04 -29.67
CA VAL C 586 70.05 13.64 -29.81
C VAL C 586 69.03 12.89 -30.65
N THR C 587 69.52 12.06 -31.58
CA THR C 587 68.68 11.17 -32.37
C THR C 587 68.73 9.79 -31.72
N LEU C 588 67.89 9.59 -30.71
CA LEU C 588 67.92 8.38 -29.92
C LEU C 588 67.39 7.19 -30.73
N PRO C 589 67.79 5.98 -30.36
CA PRO C 589 67.21 4.79 -31.00
C PRO C 589 65.73 4.73 -30.72
N PRO C 590 64.95 4.17 -31.66
CA PRO C 590 63.48 4.24 -31.53
C PRO C 590 62.94 3.63 -30.25
N GLU C 591 63.51 2.53 -29.77
CA GLU C 591 63.05 1.93 -28.52
C GLU C 591 63.26 2.89 -27.35
N ILE C 592 64.41 3.57 -27.32
CA ILE C 592 64.67 4.54 -26.28
C ILE C 592 63.99 5.88 -26.60
N GLN C 593 63.85 6.20 -27.89
CA GLN C 593 63.19 7.42 -28.31
C GLN C 593 61.69 7.42 -28.00
N TYR C 594 61.09 6.25 -27.84
CA TYR C 594 59.65 6.19 -27.56
C TYR C 594 59.32 6.88 -26.25
N PHE C 595 60.15 6.72 -25.23
CA PHE C 595 59.87 7.25 -23.91
C PHE C 595 60.12 8.75 -23.81
N THR C 596 60.35 9.43 -24.93
CA THR C 596 60.45 10.88 -24.94
C THR C 596 59.19 11.55 -25.47
N TYR C 597 58.25 10.79 -26.03
CA TYR C 597 57.06 11.40 -26.59
C TYR C 597 56.08 11.83 -25.49
N ALA C 598 55.13 12.66 -25.89
CA ALA C 598 54.15 13.22 -24.97
C ALA C 598 52.94 12.29 -24.84
N ARG C 599 51.87 12.78 -24.22
CA ARG C 599 50.69 11.96 -23.98
C ARG C 599 50.05 11.50 -25.27
N ASP C 600 50.04 12.37 -26.30
CA ASP C 600 49.34 12.06 -27.54
C ASP C 600 49.97 10.86 -28.25
N LYS C 601 51.30 10.76 -28.23
CA LYS C 601 52.02 9.76 -28.99
C LYS C 601 52.36 8.52 -28.16
N TRP C 602 51.53 8.21 -27.16
CA TRP C 602 51.64 6.95 -26.44
C TRP C 602 50.86 5.86 -27.17
N LEU C 603 51.28 4.62 -26.96
CA LEU C 603 50.55 3.49 -27.52
C LEU C 603 49.21 3.34 -26.81
N PRO C 604 48.19 2.82 -27.51
CA PRO C 604 46.89 2.59 -26.87
C PRO C 604 46.98 1.65 -25.68
N SER C 605 47.87 0.65 -25.74
CA SER C 605 48.06 -0.29 -24.64
C SER C 605 49.23 0.10 -23.74
N ASP C 606 49.53 1.39 -23.66
CA ASP C 606 50.62 1.85 -22.82
C ASP C 606 50.33 1.48 -21.36
N PRO C 607 51.33 1.01 -20.60
CA PRO C 607 51.07 0.62 -19.22
C PRO C 607 50.52 1.75 -18.35
N GLN C 608 50.93 2.99 -18.60
CA GLN C 608 50.39 4.11 -17.82
C GLN C 608 48.93 4.38 -18.14
N ILE C 609 48.52 4.18 -19.40
CA ILE C 609 47.11 4.31 -19.75
C ILE C 609 46.28 3.30 -18.97
N ILE C 610 46.73 2.05 -18.93
CA ILE C 610 46.04 1.01 -18.17
C ILE C 610 46.02 1.36 -16.69
N SER C 611 47.14 1.87 -16.18
CA SER C 611 47.24 2.24 -14.76
C SER C 611 46.22 3.32 -14.41
N GLU C 612 46.14 4.37 -15.22
CA GLU C 612 45.20 5.45 -14.96
C GLU C 612 43.75 4.96 -15.06
N GLY C 613 43.46 4.15 -16.08
CA GLY C 613 42.10 3.65 -16.24
C GLY C 613 41.66 2.78 -15.07
N LEU C 614 42.55 1.90 -14.60
CA LEU C 614 42.22 1.06 -13.46
C LEU C 614 42.16 1.87 -12.17
N TYR C 615 43.01 2.89 -12.05
CA TYR C 615 43.02 3.72 -10.85
C TYR C 615 41.72 4.48 -10.71
N ALA C 616 41.17 4.98 -11.82
CA ALA C 616 39.88 5.67 -11.75
C ALA C 616 38.78 4.76 -11.24
N ILE C 617 38.71 3.53 -11.75
CA ILE C 617 37.69 2.58 -11.31
C ILE C 617 37.89 2.24 -9.84
N ALA C 618 39.14 2.03 -9.42
CA ALA C 618 39.42 1.72 -8.04
C ALA C 618 39.02 2.88 -7.12
N VAL C 619 39.27 4.11 -7.54
CA VAL C 619 38.88 5.27 -6.74
C VAL C 619 37.36 5.35 -6.63
N VAL C 620 36.65 5.09 -7.73
CA VAL C 620 35.18 5.09 -7.66
C VAL C 620 34.69 4.03 -6.69
N LEU C 621 35.27 2.82 -6.76
CA LEU C 621 34.82 1.73 -5.91
C LEU C 621 35.25 1.89 -4.46
N SER C 622 36.26 2.72 -4.19
CA SER C 622 36.71 2.91 -2.81
C SER C 622 35.61 3.49 -1.94
N PHE C 623 34.84 4.42 -2.48
CA PHE C 623 33.77 5.06 -1.71
C PHE C 623 32.63 4.11 -1.37
N SER C 624 32.60 2.92 -1.95
CA SER C 624 31.60 1.94 -1.56
C SER C 624 31.85 1.38 -0.16
N ARG C 625 33.04 1.57 0.39
CA ARG C 625 33.33 1.07 1.74
C ARG C 625 32.54 1.81 2.82
N ILE C 626 31.83 2.87 2.46
CA ILE C 626 30.95 3.54 3.42
C ILE C 626 29.88 2.58 3.92
N ALA C 627 29.55 1.56 3.14
CA ALA C 627 28.55 0.58 3.56
C ALA C 627 28.96 -0.17 4.82
N TYR C 628 30.24 -0.18 5.18
CA TYR C 628 30.66 -0.78 6.45
C TYR C 628 30.47 0.14 7.64
N ILE C 629 30.05 1.39 7.43
CA ILE C 629 29.97 2.36 8.50
C ILE C 629 28.54 2.84 8.74
N LEU C 630 27.70 2.87 7.71
CA LEU C 630 26.31 3.30 7.81
C LEU C 630 25.47 2.48 8.79
N PRO C 631 25.63 1.16 8.87
CA PRO C 631 24.81 0.40 9.83
C PRO C 631 24.97 0.86 11.27
N ALA C 632 26.12 1.42 11.64
CA ALA C 632 26.29 1.92 12.99
C ALA C 632 25.40 3.13 13.27
N ASN C 633 25.11 3.94 12.25
CA ASN C 633 24.29 5.12 12.44
C ASN C 633 22.81 4.74 12.58
N GLU C 634 22.12 5.48 13.43
CA GLU C 634 20.71 5.17 13.73
C GLU C 634 19.79 5.59 12.60
N SER C 635 20.16 6.64 11.85
CA SER C 635 19.28 7.17 10.81
C SER C 635 19.55 6.59 9.42
N PHE C 636 20.81 6.32 9.08
CA PHE C 636 21.15 5.80 7.76
C PHE C 636 21.15 4.28 7.69
N GLY C 637 21.16 3.60 8.82
CA GLY C 637 21.09 2.16 8.86
C GLY C 637 19.84 1.60 8.21
N PRO C 638 18.66 2.13 8.59
CA PRO C 638 17.43 1.73 7.88
C PRO C 638 17.45 2.06 6.40
N LEU C 639 18.11 3.15 6.01
CA LEU C 639 18.23 3.48 4.59
C LEU C 639 19.02 2.40 3.84
N GLN C 640 20.15 1.99 4.42
CA GLN C 640 20.92 0.91 3.81
C GLN C 640 20.13 -0.39 3.80
N ILE C 641 19.30 -0.61 4.83
CA ILE C 641 18.47 -1.80 4.89
C ILE C 641 17.48 -1.82 3.74
N SER C 642 16.83 -0.68 3.48
CA SER C 642 15.89 -0.60 2.35
C SER C 642 16.61 -0.78 1.01
N LEU C 643 17.81 -0.20 0.88
CA LEU C 643 18.59 -0.40 -0.34
C LEU C 643 18.87 -1.88 -0.58
N GLY C 644 19.30 -2.59 0.46
CA GLY C 644 19.50 -4.02 0.36
C GLY C 644 18.24 -4.79 0.08
N ARG C 645 17.10 -4.32 0.60
CA ARG C 645 15.83 -4.96 0.31
C ARG C 645 15.51 -4.88 -1.19
N THR C 646 15.78 -3.74 -1.81
CA THR C 646 15.40 -3.55 -3.21
C THR C 646 16.43 -4.07 -4.21
N VAL C 647 17.70 -4.19 -3.82
CA VAL C 647 18.74 -4.56 -4.80
C VAL C 647 18.47 -5.95 -5.39
N LYS C 648 17.81 -6.82 -4.62
CA LYS C 648 17.57 -8.19 -5.08
C LYS C 648 16.68 -8.24 -6.32
N ASP C 649 15.64 -7.42 -6.38
CA ASP C 649 14.84 -7.34 -7.60
C ASP C 649 15.39 -6.34 -8.61
N ILE C 650 16.23 -5.40 -8.15
CA ILE C 650 17.01 -4.60 -9.09
C ILE C 650 17.79 -5.49 -10.03
N PHE C 651 18.45 -6.51 -9.49
CA PHE C 651 19.27 -7.41 -10.31
C PHE C 651 18.42 -8.14 -11.34
N LYS C 652 17.27 -8.68 -10.92
CA LYS C 652 16.42 -9.44 -11.83
C LYS C 652 15.87 -8.56 -12.94
N PHE C 653 15.43 -7.35 -12.59
CA PHE C 653 14.89 -6.48 -13.62
C PHE C 653 15.98 -5.91 -14.52
N MET C 654 17.22 -5.79 -14.03
CA MET C 654 18.32 -5.47 -14.95
C MET C 654 18.59 -6.63 -15.89
N VAL C 655 18.40 -7.86 -15.44
CA VAL C 655 18.51 -9.00 -16.35
C VAL C 655 17.44 -8.92 -17.45
N LEU C 656 16.21 -8.59 -17.06
CA LEU C 656 15.15 -8.41 -18.05
C LEU C 656 15.47 -7.25 -19.00
N PHE C 657 15.97 -6.14 -18.46
CA PHE C 657 16.42 -5.03 -19.28
C PHE C 657 17.46 -5.49 -20.30
N ILE C 658 18.41 -6.32 -19.86
CA ILE C 658 19.46 -6.81 -20.75
C ILE C 658 18.86 -7.67 -21.85
N MET C 659 17.90 -8.52 -21.51
CA MET C 659 17.27 -9.36 -22.53
C MET C 659 16.58 -8.51 -23.59
N VAL C 660 15.73 -7.57 -23.17
CA VAL C 660 15.01 -6.73 -24.13
C VAL C 660 15.98 -5.87 -24.93
N PHE C 661 17.00 -5.34 -24.25
CA PHE C 661 18.00 -4.49 -24.90
C PHE C 661 18.76 -5.26 -25.96
N PHE C 662 19.15 -6.50 -25.66
CA PHE C 662 19.90 -7.29 -26.63
C PHE C 662 19.02 -7.66 -27.82
N ALA C 663 17.76 -8.00 -27.57
CA ALA C 663 16.84 -8.26 -28.67
C ALA C 663 16.76 -7.08 -29.62
N PHE C 664 16.48 -5.90 -29.07
CA PHE C 664 16.33 -4.71 -29.92
C PHE C 664 17.65 -4.31 -30.55
N MET C 665 18.77 -4.54 -29.85
CA MET C 665 20.07 -4.19 -30.40
C MET C 665 20.40 -5.05 -31.61
N ILE C 666 20.16 -6.36 -31.53
CA ILE C 666 20.38 -7.23 -32.67
C ILE C 666 19.45 -6.85 -33.81
N GLY C 667 18.18 -6.55 -33.50
CA GLY C 667 17.27 -6.15 -34.56
C GLY C 667 17.70 -4.88 -35.27
N MET C 668 18.09 -3.86 -34.51
CA MET C 668 18.54 -2.60 -35.08
C MET C 668 19.79 -2.80 -35.92
N PHE C 669 20.77 -3.54 -35.41
CA PHE C 669 22.00 -3.75 -36.14
C PHE C 669 21.75 -4.50 -37.44
N ILE C 670 20.93 -5.55 -37.39
CA ILE C 670 20.61 -6.29 -38.60
C ILE C 670 19.90 -5.41 -39.61
N LEU C 671 18.99 -4.54 -39.14
CA LEU C 671 18.27 -3.65 -40.06
C LEU C 671 19.22 -2.65 -40.72
N TYR C 672 20.10 -2.03 -39.93
CA TYR C 672 20.86 -0.87 -40.38
C TYR C 672 22.31 -1.18 -40.72
N SER C 673 22.73 -2.44 -40.71
CA SER C 673 24.14 -2.76 -40.93
C SER C 673 24.57 -2.44 -42.35
N TYR C 674 23.65 -2.48 -43.31
CA TYR C 674 23.99 -2.31 -44.72
C TYR C 674 24.01 -0.85 -45.16
N TYR C 675 23.80 0.09 -44.24
CA TYR C 675 23.75 1.50 -44.58
C TYR C 675 24.82 2.29 -43.83
N LEU C 676 26.06 1.77 -43.83
CA LEU C 676 27.13 2.43 -43.10
C LEU C 676 27.40 3.84 -43.63
N GLY C 677 27.46 3.99 -44.94
CA GLY C 677 27.67 5.30 -45.52
C GLY C 677 26.38 5.94 -46.02
N ALA C 678 25.29 5.21 -45.89
CA ALA C 678 23.99 5.65 -46.39
C ALA C 678 23.10 6.27 -45.32
N LYS C 679 23.61 6.45 -44.10
CA LYS C 679 22.83 7.00 -43.00
C LYS C 679 23.36 8.38 -42.63
N VAL C 680 22.45 9.27 -42.26
CA VAL C 680 22.86 10.62 -41.85
C VAL C 680 23.69 10.55 -40.57
N ASN C 681 23.47 9.52 -39.75
CA ASN C 681 24.16 9.34 -38.48
C ASN C 681 24.56 7.88 -38.37
N ALA C 682 25.83 7.63 -38.07
CA ALA C 682 26.27 6.26 -37.79
C ALA C 682 25.74 5.87 -36.42
N ALA C 683 24.59 5.19 -36.39
CA ALA C 683 23.91 4.90 -35.14
C ALA C 683 23.76 3.41 -34.89
N PHE C 684 23.23 2.65 -35.85
CA PHE C 684 23.03 1.22 -35.68
C PHE C 684 23.85 0.40 -36.67
N THR C 685 24.86 1.01 -37.27
CA THR C 685 25.61 0.37 -38.35
C THR C 685 26.60 -0.68 -37.85
N THR C 686 26.94 -0.67 -36.57
CA THR C 686 27.79 -1.69 -35.97
C THR C 686 27.17 -2.12 -34.66
N VAL C 687 27.64 -3.26 -34.14
CA VAL C 687 27.17 -3.72 -32.84
C VAL C 687 27.54 -2.73 -31.75
N GLU C 688 28.76 -2.20 -31.80
CA GLU C 688 29.19 -1.19 -30.85
C GLU C 688 28.29 0.04 -30.91
N GLU C 689 28.05 0.55 -32.12
CA GLU C 689 27.26 1.75 -32.26
C GLU C 689 25.81 1.51 -31.87
N SER C 690 25.25 0.36 -32.23
CA SER C 690 23.88 0.04 -31.85
C SER C 690 23.74 -0.05 -30.34
N PHE C 691 24.68 -0.73 -29.68
CA PHE C 691 24.67 -0.79 -28.23
C PHE C 691 24.73 0.60 -27.63
N LYS C 692 25.63 1.44 -28.16
CA LYS C 692 25.81 2.78 -27.61
C LYS C 692 24.54 3.59 -27.72
N THR C 693 23.96 3.67 -28.91
CA THR C 693 22.77 4.49 -29.10
C THR C 693 21.59 3.96 -28.30
N LEU C 694 21.40 2.63 -28.25
CA LEU C 694 20.26 2.11 -27.52
C LEU C 694 20.42 2.27 -26.02
N PHE C 695 21.65 2.17 -25.50
CA PHE C 695 21.85 2.40 -24.07
C PHE C 695 21.63 3.86 -23.72
N TRP C 696 22.18 4.77 -24.50
CA TRP C 696 22.05 6.18 -24.16
C TRP C 696 20.69 6.75 -24.56
N SER C 697 19.86 5.99 -25.26
CA SER C 697 18.47 6.38 -25.43
C SER C 697 17.67 6.22 -24.15
N ILE C 698 18.13 5.36 -23.23
CA ILE C 698 17.41 5.17 -21.96
C ILE C 698 17.38 6.47 -21.17
N PHE C 699 18.50 7.17 -21.12
CA PHE C 699 18.62 8.43 -20.39
C PHE C 699 18.43 9.65 -21.27
N GLY C 700 18.08 9.44 -22.55
CA GLY C 700 17.74 10.55 -23.43
C GLY C 700 18.92 11.30 -24.01
N LEU C 701 20.09 10.67 -24.12
CA LEU C 701 21.26 11.31 -24.72
C LEU C 701 21.50 10.91 -26.16
N SER C 702 20.53 10.27 -26.81
CA SER C 702 20.62 9.98 -28.23
C SER C 702 19.44 10.61 -28.95
N GLU C 703 19.72 11.17 -30.13
CA GLU C 703 18.72 11.92 -30.89
C GLU C 703 17.89 10.95 -31.74
N VAL C 704 16.75 11.43 -32.22
CA VAL C 704 15.82 10.63 -33.02
C VAL C 704 16.30 10.45 -34.46
N THR C 705 17.24 11.28 -34.92
CA THR C 705 17.77 11.15 -36.27
C THR C 705 18.65 9.92 -36.43
N SER C 706 18.73 9.06 -35.42
CA SER C 706 19.49 7.82 -35.48
C SER C 706 18.89 6.80 -36.45
N VAL C 707 17.66 7.02 -36.91
CA VAL C 707 16.94 6.07 -37.75
C VAL C 707 16.63 6.66 -39.12
N VAL C 708 17.40 7.65 -39.56
CA VAL C 708 17.14 8.36 -40.80
C VAL C 708 18.22 8.00 -41.80
N LEU C 709 17.81 7.64 -43.02
CA LEU C 709 18.72 7.25 -44.08
C LEU C 709 18.98 8.44 -45.01
N LYS C 710 20.05 8.31 -45.80
CA LYS C 710 20.29 9.23 -46.90
C LYS C 710 19.71 8.73 -48.22
N TYR C 711 19.15 7.52 -48.25
CA TYR C 711 18.53 6.94 -49.42
C TYR C 711 17.02 7.02 -49.30
N ASP C 712 16.34 6.80 -50.43
CA ASP C 712 14.88 6.87 -50.47
C ASP C 712 14.27 5.48 -50.25
N HIS C 713 14.61 4.89 -49.11
CA HIS C 713 14.07 3.59 -48.69
C HIS C 713 13.21 3.87 -47.45
N LYS C 714 11.95 4.23 -47.68
CA LYS C 714 11.07 4.55 -46.56
C LYS C 714 10.64 3.33 -45.78
N PHE C 715 10.71 2.13 -46.38
CA PHE C 715 10.38 0.93 -45.65
C PHE C 715 11.36 0.69 -44.51
N ILE C 716 12.66 0.72 -44.81
CA ILE C 716 13.68 0.52 -43.78
C ILE C 716 13.61 1.62 -42.73
N GLU C 717 13.47 2.87 -43.17
CA GLU C 717 13.45 3.99 -42.23
C GLU C 717 12.23 3.93 -41.33
N ASN C 718 11.06 3.62 -41.89
CA ASN C 718 9.85 3.54 -41.07
C ASN C 718 9.90 2.36 -40.11
N ILE C 719 10.45 1.23 -40.55
CA ILE C 719 10.59 0.09 -39.65
C ILE C 719 11.55 0.43 -38.52
N GLY C 720 12.63 1.14 -38.83
CA GLY C 720 13.52 1.59 -37.77
C GLY C 720 12.86 2.54 -36.80
N TYR C 721 12.06 3.48 -37.31
CA TYR C 721 11.29 4.37 -36.45
C TYR C 721 10.38 3.59 -35.52
N VAL C 722 9.63 2.63 -36.07
CA VAL C 722 8.68 1.87 -35.28
C VAL C 722 9.40 1.04 -34.23
N LEU C 723 10.49 0.37 -34.63
CA LEU C 723 11.23 -0.46 -33.69
C LEU C 723 11.85 0.38 -32.58
N TYR C 724 12.37 1.56 -32.91
CA TYR C 724 12.99 2.41 -31.91
C TYR C 724 11.96 2.97 -30.93
N GLY C 725 10.79 3.38 -31.44
CA GLY C 725 9.72 3.82 -30.55
C GLY C 725 9.22 2.69 -29.66
N ILE C 726 9.08 1.49 -30.23
CA ILE C 726 8.65 0.34 -29.43
C ILE C 726 9.69 0.00 -28.38
N TYR C 727 10.97 0.15 -28.72
CA TYR C 727 12.03 -0.07 -27.74
C TYR C 727 11.92 0.91 -26.58
N ASN C 728 11.69 2.19 -26.89
CA ASN C 728 11.53 3.18 -25.82
C ASN C 728 10.33 2.86 -24.95
N VAL C 729 9.20 2.51 -25.57
CA VAL C 729 7.99 2.18 -24.82
C VAL C 729 8.23 0.96 -23.94
N THR C 730 8.90 -0.06 -24.47
CA THR C 730 9.18 -1.26 -23.70
C THR C 730 10.10 -0.97 -22.53
N MET C 731 11.11 -0.11 -22.74
CA MET C 731 11.99 0.26 -21.64
C MET C 731 11.21 0.98 -20.54
N VAL C 732 10.31 1.89 -20.92
CA VAL C 732 9.49 2.57 -19.91
C VAL C 732 8.62 1.57 -19.16
N VAL C 733 8.01 0.62 -19.88
CA VAL C 733 7.14 -0.37 -19.26
C VAL C 733 7.92 -1.23 -18.27
N VAL C 734 9.11 -1.68 -18.66
CA VAL C 734 9.94 -2.50 -17.79
C VAL C 734 10.38 -1.70 -16.57
N LEU C 735 10.70 -0.42 -16.76
CA LEU C 735 11.05 0.44 -15.63
C LEU C 735 9.91 0.55 -14.63
N LEU C 736 8.69 0.76 -15.13
CA LEU C 736 7.55 0.89 -14.23
C LEU C 736 7.26 -0.42 -13.50
N ASN C 737 7.38 -1.54 -14.21
CA ASN C 737 7.19 -2.83 -13.57
C ASN C 737 8.25 -3.07 -12.50
N MET C 738 9.49 -2.66 -12.76
CA MET C 738 10.55 -2.81 -11.76
C MET C 738 10.26 -1.95 -10.54
N LEU C 739 9.78 -0.72 -10.76
CA LEU C 739 9.40 0.14 -9.64
C LEU C 739 8.30 -0.48 -8.81
N ILE C 740 7.30 -1.08 -9.45
CA ILE C 740 6.19 -1.68 -8.71
C ILE C 740 6.65 -2.93 -7.97
N ALA C 741 7.54 -3.71 -8.58
CA ALA C 741 8.10 -4.86 -7.88
C ALA C 741 8.89 -4.42 -6.66
N MET C 742 9.65 -3.33 -6.79
CA MET C 742 10.39 -2.80 -5.65
C MET C 742 9.44 -2.33 -4.55
N ILE C 743 8.32 -1.70 -4.94
CA ILE C 743 7.32 -1.27 -3.96
C ILE C 743 6.75 -2.47 -3.23
N ASN C 744 6.42 -3.54 -3.97
CA ASN C 744 5.90 -4.75 -3.33
C ASN C 744 6.92 -5.37 -2.40
N SER C 745 8.19 -5.42 -2.82
CA SER C 745 9.24 -5.97 -1.96
C SER C 745 9.54 -5.08 -0.76
N SER C 746 9.16 -3.80 -0.82
CA SER C 746 9.35 -2.92 0.32
C SER C 746 8.52 -3.32 1.52
N TYR C 747 7.45 -4.08 1.31
CA TYR C 747 6.64 -4.58 2.42
C TYR C 747 6.03 -5.94 2.08
N ASP C 752 7.43 -3.91 12.98
CA ASP C 752 8.76 -3.31 13.03
C ASP C 752 9.82 -4.29 12.54
N ASP C 753 9.62 -4.80 11.33
CA ASP C 753 10.61 -5.70 10.74
C ASP C 753 11.84 -4.94 10.24
N SER C 754 11.64 -3.71 9.75
CA SER C 754 12.77 -2.90 9.34
C SER C 754 13.66 -2.54 10.53
N ASP C 755 13.05 -2.26 11.69
CA ASP C 755 13.82 -1.92 12.88
C ASP C 755 14.67 -3.10 13.33
N VAL C 756 14.09 -4.30 13.36
CA VAL C 756 14.85 -5.47 13.79
C VAL C 756 15.90 -5.84 12.74
N GLU C 757 15.62 -5.60 11.45
CA GLU C 757 16.62 -5.86 10.43
C GLU C 757 17.82 -4.93 10.59
N TRP C 758 17.57 -3.64 10.80
CA TRP C 758 18.67 -2.70 11.02
C TRP C 758 19.43 -3.02 12.30
N LYS C 759 18.73 -3.39 13.36
CA LYS C 759 19.42 -3.73 14.60
C LYS C 759 20.26 -5.01 14.45
N PHE C 760 19.77 -5.96 13.66
CA PHE C 760 20.57 -7.14 13.35
C PHE C 760 21.85 -6.77 12.61
N ALA C 761 21.73 -5.89 11.61
CA ALA C 761 22.92 -5.45 10.88
C ALA C 761 23.89 -4.71 11.80
N ARG C 762 23.38 -3.83 12.66
CA ARG C 762 24.23 -3.09 13.58
C ARG C 762 24.90 -4.02 14.59
N SER C 763 24.20 -5.06 15.03
CA SER C 763 24.80 -6.02 15.96
C SER C 763 25.89 -6.83 15.28
N LYS C 764 25.69 -7.19 14.01
CA LYS C 764 26.77 -7.82 13.27
C LYS C 764 27.98 -6.91 13.17
N LEU C 765 27.75 -5.63 12.89
CA LEU C 765 28.86 -4.66 12.85
C LEU C 765 29.57 -4.59 14.19
N TRP C 766 28.82 -4.54 15.29
CA TRP C 766 29.42 -4.48 16.61
C TRP C 766 30.26 -5.71 16.91
N LEU C 767 29.69 -6.89 16.67
CA LEU C 767 30.39 -8.13 16.99
C LEU C 767 31.61 -8.33 16.10
N SER C 768 31.65 -7.69 14.92
CA SER C 768 32.87 -7.71 14.14
C SER C 768 34.01 -7.02 14.88
N TYR C 769 33.70 -6.05 15.74
CA TYR C 769 34.70 -5.30 16.49
C TYR C 769 34.86 -5.77 17.93
N PHE C 770 33.96 -6.63 18.42
CA PHE C 770 34.05 -7.08 19.80
C PHE C 770 35.35 -7.84 20.03
N ASP C 771 35.71 -8.73 19.10
CA ASP C 771 36.98 -9.46 19.19
C ASP C 771 37.50 -9.79 17.79
N LYS C 774 42.25 -6.52 15.63
CA LYS C 774 41.48 -5.47 14.99
C LYS C 774 41.62 -4.16 15.75
N THR C 775 42.54 -4.13 16.70
CA THR C 775 42.72 -2.93 17.52
C THR C 775 43.30 -1.78 16.71
N LEU C 776 44.07 -2.10 15.66
CA LEU C 776 44.65 -1.06 14.83
C LEU C 776 44.08 -1.13 13.41
N PRO C 777 44.00 0.01 12.73
CA PRO C 777 43.45 0.04 11.36
C PRO C 777 44.31 -0.78 10.41
N PRO C 778 43.78 -1.12 9.24
CA PRO C 778 44.53 -1.96 8.28
C PRO C 778 45.90 -1.39 7.92
N PRO C 779 46.05 -0.08 7.71
CA PRO C 779 47.40 0.43 7.42
C PRO C 779 48.39 0.20 8.54
N PHE C 780 47.95 0.24 9.80
CA PHE C 780 48.83 0.05 10.94
C PHE C 780 48.88 -1.39 11.42
N SER C 781 48.21 -2.31 10.73
CA SER C 781 48.22 -3.72 11.07
C SER C 781 49.44 -4.45 10.51
N LEU C 782 50.23 -3.79 9.66
CA LEU C 782 51.43 -4.42 9.11
C LEU C 782 52.46 -4.68 10.19
N VAL C 783 52.67 -3.74 11.11
CA VAL C 783 53.68 -3.87 12.15
C VAL C 783 53.14 -4.70 13.31
N GLN C 844 22.53 -30.01 43.31
CA GLN C 844 23.48 -28.98 42.91
C GLN C 844 23.98 -29.18 41.46
N PRO C 845 23.05 -29.20 40.50
CA PRO C 845 23.43 -29.51 39.11
C PRO C 845 24.44 -28.51 38.54
N THR C 846 24.04 -27.25 38.46
CA THR C 846 24.87 -26.15 37.95
C THR C 846 24.06 -24.87 38.14
N ARG C 847 24.77 -23.75 38.29
CA ARG C 847 24.11 -22.45 38.31
C ARG C 847 23.38 -22.19 36.99
N TYR C 848 24.04 -22.49 35.87
CA TYR C 848 23.40 -22.32 34.57
C TYR C 848 22.18 -23.22 34.42
N GLN C 849 22.28 -24.47 34.89
CA GLN C 849 21.14 -25.37 34.81
C GLN C 849 19.99 -24.89 35.67
N GLN C 850 20.28 -24.36 36.86
CA GLN C 850 19.23 -23.80 37.70
C GLN C 850 18.55 -22.62 37.03
N ILE C 851 19.34 -21.72 36.44
CA ILE C 851 18.76 -20.55 35.78
C ILE C 851 17.93 -20.98 34.58
N MET C 852 18.42 -21.95 33.81
CA MET C 852 17.68 -22.42 32.65
C MET C 852 16.37 -23.09 33.06
N LYS C 853 16.41 -23.89 34.13
CA LYS C 853 15.19 -24.51 34.63
C LYS C 853 14.19 -23.45 35.10
N ARG C 854 14.68 -22.43 35.79
CA ARG C 854 13.81 -21.34 36.25
C ARG C 854 13.15 -20.64 35.06
N LEU C 855 13.94 -20.32 34.03
CA LEU C 855 13.40 -19.62 32.86
C LEU C 855 12.42 -20.49 32.10
N ILE C 856 12.68 -21.79 32.00
CA ILE C 856 11.77 -22.67 31.29
C ILE C 856 10.48 -22.87 32.07
N LYS C 857 10.57 -22.96 33.40
CA LYS C 857 9.35 -22.99 34.21
C LYS C 857 8.54 -21.71 34.01
N ARG C 858 9.20 -20.56 33.97
CA ARG C 858 8.52 -19.31 33.70
C ARG C 858 7.83 -19.35 32.34
N TYR C 859 8.51 -19.90 31.33
CA TYR C 859 7.92 -19.98 29.99
C TYR C 859 6.69 -20.88 29.99
N VAL C 860 6.79 -22.04 30.63
CA VAL C 860 5.66 -22.97 30.65
C VAL C 860 4.47 -22.35 31.36
N LEU C 861 4.72 -21.71 32.51
CA LEU C 861 3.64 -21.06 33.24
C LEU C 861 3.01 -19.95 32.42
N LYS C 862 3.81 -19.11 31.77
CA LYS C 862 3.26 -18.01 30.99
C LYS C 862 2.45 -18.52 29.81
N ALA C 863 2.93 -19.57 29.14
CA ALA C 863 2.19 -20.14 28.02
C ALA C 863 0.86 -20.73 28.49
N GLN C 864 0.87 -21.45 29.62
CA GLN C 864 -0.37 -22.01 30.15
C GLN C 864 -1.34 -20.91 30.57
N VAL C 865 -0.83 -19.83 31.16
CA VAL C 865 -1.70 -18.73 31.56
C VAL C 865 -2.30 -18.06 30.33
N ASP C 866 -1.51 -17.88 29.27
CA ASP C 866 -2.07 -17.31 28.04
C ASP C 866 -3.13 -18.21 27.44
N LYS C 867 -2.89 -19.52 27.42
CA LYS C 867 -3.88 -20.45 26.91
C LYS C 867 -5.17 -20.41 27.75
N GLU C 868 -5.01 -20.37 29.07
CA GLU C 868 -6.19 -20.27 29.94
C GLU C 868 -6.96 -19.00 29.69
N ASN C 869 -6.27 -17.85 29.71
CA ASN C 869 -6.94 -16.58 29.44
C ASN C 869 -7.61 -16.58 28.07
N ASP C 870 -7.08 -17.35 27.13
CA ASP C 870 -7.77 -17.51 25.85
C ASP C 870 -9.02 -18.36 26.00
N GLU C 871 -8.99 -19.38 26.86
CA GLU C 871 -10.11 -20.32 26.97
C GLU C 871 -10.46 -20.63 28.42
N VAL C 872 -10.44 -19.62 29.30
CA VAL C 872 -10.88 -19.83 30.68
C VAL C 872 -12.38 -20.04 30.73
N ASN C 873 -13.14 -19.33 29.89
CA ASN C 873 -14.59 -19.42 29.91
C ASN C 873 -15.07 -20.82 29.56
N GLU C 874 -14.44 -21.44 28.56
CA GLU C 874 -14.79 -22.79 28.14
C GLU C 874 -14.31 -23.82 29.17
N THR D 107 -54.54 -7.92 21.26
CA THR D 107 -54.73 -9.15 22.04
C THR D 107 -56.14 -9.70 21.86
N SER D 108 -56.38 -10.34 20.73
CA SER D 108 -57.68 -10.91 20.42
C SER D 108 -57.81 -12.37 20.84
N LEU D 109 -56.76 -12.95 21.41
CA LEU D 109 -56.77 -14.35 21.79
C LEU D 109 -57.41 -14.53 23.17
N THR D 110 -58.09 -15.67 23.34
CA THR D 110 -58.80 -15.95 24.57
C THR D 110 -57.82 -16.36 25.67
N ALA D 111 -58.34 -16.55 26.88
CA ALA D 111 -57.49 -16.86 28.03
C ALA D 111 -56.92 -18.27 27.93
N GLU D 112 -57.77 -19.25 27.61
CA GLU D 112 -57.31 -20.65 27.57
C GLU D 112 -56.28 -20.85 26.47
N GLU D 113 -56.53 -20.29 25.29
CA GLU D 113 -55.56 -20.43 24.21
C GLU D 113 -54.27 -19.68 24.52
N GLU D 114 -54.38 -18.54 25.21
CA GLU D 114 -53.17 -17.83 25.63
C GLU D 114 -52.34 -18.67 26.59
N ARG D 115 -53.00 -19.31 27.55
CA ARG D 115 -52.30 -20.18 28.50
C ARG D 115 -51.63 -21.34 27.77
N PHE D 116 -52.35 -21.97 26.83
CA PHE D 116 -51.78 -23.08 26.08
C PHE D 116 -50.57 -22.63 25.26
N LEU D 117 -50.69 -21.47 24.61
CA LEU D 117 -49.60 -20.98 23.77
C LEU D 117 -48.37 -20.61 24.59
N ASP D 118 -48.56 -19.96 25.74
CA ASP D 118 -47.40 -19.61 26.56
C ASP D 118 -46.77 -20.85 27.18
N ALA D 119 -47.58 -21.85 27.53
CA ALA D 119 -47.03 -23.11 28.02
C ALA D 119 -46.22 -23.80 26.93
N ALA D 120 -46.71 -23.78 25.69
CA ALA D 120 -45.96 -24.38 24.59
C ALA D 120 -44.65 -23.63 24.35
N GLU D 121 -44.68 -22.29 24.40
CA GLU D 121 -43.46 -21.51 24.19
C GLU D 121 -42.45 -21.78 25.29
N TYR D 122 -42.91 -21.81 26.55
CA TYR D 122 -42.01 -22.05 27.67
C TYR D 122 -41.95 -23.55 27.98
N ASN D 124 -43.33 -25.85 30.02
CA ASN D 124 -44.08 -26.78 30.86
C ASN D 124 -44.85 -27.79 30.03
N ILE D 125 -44.23 -28.96 29.84
CA ILE D 125 -44.89 -30.04 29.09
C ILE D 125 -46.19 -30.51 29.74
N PRO D 126 -46.30 -30.68 31.06
CA PRO D 126 -47.58 -31.20 31.60
C PRO D 126 -48.76 -30.29 31.32
N VAL D 127 -48.56 -28.97 31.32
CA VAL D 127 -49.65 -28.05 31.04
C VAL D 127 -50.15 -28.24 29.61
N VAL D 128 -49.23 -28.35 28.66
CA VAL D 128 -49.60 -28.58 27.26
C VAL D 128 -50.30 -29.92 27.11
N ARG D 129 -49.79 -30.95 27.78
CA ARG D 129 -50.41 -32.27 27.70
C ARG D 129 -51.83 -32.26 28.24
N LYS D 130 -52.05 -31.57 29.37
CA LYS D 130 -53.38 -31.48 29.95
C LYS D 130 -54.32 -30.68 29.07
N MET D 131 -53.82 -29.57 28.49
CA MET D 131 -54.68 -28.72 27.68
C MET D 131 -55.05 -29.38 26.36
N LEU D 132 -54.14 -30.18 25.79
CA LEU D 132 -54.35 -30.78 24.48
C LEU D 132 -55.03 -32.15 24.54
N GLU D 133 -55.38 -32.63 25.74
CA GLU D 133 -55.99 -33.94 25.89
C GLU D 133 -57.44 -33.80 26.33
N GLU D 134 -58.35 -34.43 25.58
CA GLU D 134 -59.77 -34.49 25.91
C GLU D 134 -60.35 -33.09 26.12
N SER D 135 -60.05 -32.20 25.18
CA SER D 135 -60.56 -30.84 25.22
C SER D 135 -61.05 -30.46 23.83
N LYS D 136 -62.34 -30.21 23.69
CA LYS D 136 -62.89 -29.78 22.40
C LYS D 136 -62.35 -28.41 22.01
N THR D 137 -62.17 -27.52 22.99
CA THR D 137 -61.63 -26.19 22.73
C THR D 137 -60.10 -26.27 22.63
N LEU D 138 -59.44 -25.11 22.63
CA LEU D 138 -57.98 -25.03 22.51
C LEU D 138 -57.52 -25.65 21.19
N ASN D 139 -57.93 -25.02 20.09
CA ASN D 139 -57.56 -25.49 18.76
C ASN D 139 -56.04 -25.49 18.60
N VAL D 140 -55.53 -26.53 17.94
CA VAL D 140 -54.09 -26.71 17.83
C VAL D 140 -53.48 -25.66 16.90
N ASN D 141 -54.14 -25.36 15.78
CA ASN D 141 -53.57 -24.46 14.79
C ASN D 141 -53.90 -22.99 15.06
N CYS D 142 -54.22 -22.65 16.30
CA CYS D 142 -54.45 -21.26 16.66
C CYS D 142 -53.12 -20.58 16.97
N VAL D 143 -53.05 -19.28 16.70
CA VAL D 143 -51.85 -18.49 16.93
C VAL D 143 -52.26 -17.14 17.50
N ASP D 144 -51.25 -16.36 17.89
CA ASP D 144 -51.49 -15.01 18.38
C ASP D 144 -51.96 -14.11 17.24
N TYR D 145 -52.29 -12.87 17.59
CA TYR D 145 -52.72 -11.91 16.58
C TYR D 145 -51.63 -11.65 15.55
N MET D 146 -50.39 -11.48 16.01
CA MET D 146 -49.25 -11.29 15.13
C MET D 146 -48.05 -12.13 15.56
N GLY D 147 -48.30 -13.16 16.36
CA GLY D 147 -47.26 -14.03 16.86
C GLY D 147 -47.08 -15.27 16.00
N GLN D 148 -46.58 -16.33 16.63
CA GLN D 148 -46.28 -17.58 15.96
C GLN D 148 -47.30 -18.64 16.37
N ASN D 149 -47.39 -19.69 15.56
CA ASN D 149 -48.28 -20.81 15.86
C ASN D 149 -47.78 -21.56 17.09
N ALA D 150 -48.63 -22.43 17.62
CA ALA D 150 -48.22 -23.29 18.72
C ALA D 150 -47.05 -24.18 18.31
N LEU D 151 -47.15 -24.81 17.14
CA LEU D 151 -46.04 -25.60 16.64
C LEU D 151 -44.81 -24.73 16.37
N GLN D 152 -45.03 -23.54 15.80
CA GLN D 152 -43.91 -22.65 15.53
C GLN D 152 -43.23 -22.21 16.81
N LEU D 153 -44.00 -21.92 17.86
CA LEU D 153 -43.42 -21.54 19.14
C LEU D 153 -42.69 -22.71 19.78
N ALA D 154 -43.22 -23.93 19.63
CA ALA D 154 -42.58 -25.10 20.21
C ALA D 154 -41.32 -25.50 19.45
N VAL D 155 -41.21 -25.10 18.18
CA VAL D 155 -40.03 -25.42 17.39
C VAL D 155 -38.96 -24.33 17.49
N GLY D 156 -39.35 -23.06 17.56
CA GLY D 156 -38.35 -22.00 17.69
C GLY D 156 -37.50 -22.12 18.93
N ASN D 157 -38.08 -22.61 20.02
CA ASN D 157 -37.35 -22.92 21.25
C ASN D 157 -37.34 -24.44 21.41
N GLU D 158 -36.14 -25.01 21.53
CA GLU D 158 -35.96 -26.46 21.41
C GLU D 158 -36.70 -27.23 22.49
N HIS D 159 -37.74 -27.96 22.08
CA HIS D 159 -38.50 -28.84 22.98
C HIS D 159 -39.13 -29.92 22.11
N LEU D 160 -38.51 -31.11 22.11
CA LEU D 160 -38.91 -32.16 21.18
C LEU D 160 -40.23 -32.81 21.60
N GLU D 161 -40.43 -33.02 22.90
CA GLU D 161 -41.63 -33.73 23.34
C GLU D 161 -42.88 -32.91 23.10
N VAL D 162 -42.82 -31.59 23.37
CA VAL D 162 -43.98 -30.74 23.10
C VAL D 162 -44.24 -30.67 21.61
N THR D 163 -43.18 -30.65 20.80
CA THR D 163 -43.36 -30.65 19.35
C THR D 163 -44.03 -31.94 18.88
N GLU D 164 -43.64 -33.08 19.44
CA GLU D 164 -44.26 -34.35 19.07
C GLU D 164 -45.73 -34.37 19.49
N LEU D 165 -46.03 -33.86 20.69
CA LEU D 165 -47.43 -33.80 21.12
C LEU D 165 -48.25 -32.89 20.21
N LEU D 166 -47.69 -31.77 19.80
CA LEU D 166 -48.38 -30.88 18.86
C LEU D 166 -48.60 -31.56 17.52
N LEU D 167 -47.59 -32.29 17.03
CA LEU D 167 -47.70 -32.94 15.72
C LEU D 167 -48.57 -34.18 15.76
N LYS D 168 -48.88 -34.69 16.95
CA LYS D 168 -49.76 -35.86 17.03
C LYS D 168 -51.14 -35.59 16.43
N LYS D 169 -51.59 -34.33 16.47
CA LYS D 169 -52.87 -33.98 15.89
C LYS D 169 -52.84 -34.14 14.38
N GLU D 170 -53.90 -34.73 13.82
CA GLU D 170 -53.95 -34.96 12.38
C GLU D 170 -54.03 -33.66 11.60
N ASN D 171 -54.82 -32.70 12.09
CA ASN D 171 -55.02 -31.43 11.42
C ASN D 171 -54.19 -30.36 12.11
N LEU D 172 -53.22 -29.81 11.39
CA LEU D 172 -52.36 -28.77 11.92
C LEU D 172 -51.84 -27.92 10.77
N ALA D 173 -51.40 -26.71 11.10
CA ALA D 173 -50.93 -25.74 10.12
C ALA D 173 -49.50 -25.32 10.44
N ARG D 174 -48.86 -24.68 9.45
CA ARG D 174 -47.51 -24.15 9.58
C ARG D 174 -46.50 -25.25 9.91
N ILE D 175 -46.73 -26.44 9.36
CA ILE D 175 -45.76 -27.53 9.51
C ILE D 175 -44.51 -27.25 8.70
N GLY D 176 -44.67 -26.77 7.47
CA GLY D 176 -43.52 -26.46 6.65
C GLY D 176 -42.68 -25.33 7.21
N ASP D 177 -43.33 -24.30 7.76
CA ASP D 177 -42.57 -23.23 8.38
C ASP D 177 -41.81 -23.73 9.60
N ALA D 178 -42.42 -24.64 10.37
CA ALA D 178 -41.72 -25.23 11.50
C ALA D 178 -40.50 -26.01 11.04
N LEU D 179 -40.64 -26.78 9.95
CA LEU D 179 -39.50 -27.51 9.42
C LEU D 179 -38.40 -26.56 8.97
N LEU D 180 -38.77 -25.47 8.29
CA LEU D 180 -37.77 -24.51 7.82
C LEU D 180 -37.06 -23.83 8.99
N LEU D 181 -37.80 -23.46 10.03
CA LEU D 181 -37.19 -22.83 11.20
C LEU D 181 -36.26 -23.78 11.92
N ALA D 182 -36.65 -25.06 12.04
CA ALA D 182 -35.78 -26.04 12.66
C ALA D 182 -34.51 -26.26 11.82
N ILE D 183 -34.67 -26.33 10.50
CA ILE D 183 -33.53 -26.57 9.62
C ILE D 183 -32.56 -25.40 9.64
N SER D 184 -33.09 -24.18 9.77
CA SER D 184 -32.22 -23.01 9.79
C SER D 184 -31.22 -23.06 10.94
N LYS D 185 -31.51 -23.84 11.96
CA LYS D 185 -30.61 -24.05 13.09
C LYS D 185 -30.27 -25.54 13.21
N GLY D 186 -29.56 -25.88 14.29
CA GLY D 186 -29.11 -27.25 14.47
C GLY D 186 -30.09 -28.14 15.22
N TYR D 187 -31.39 -27.97 14.94
CA TYR D 187 -32.44 -28.69 15.65
C TYR D 187 -32.71 -30.00 14.91
N VAL D 188 -31.80 -30.95 15.09
CA VAL D 188 -31.83 -32.19 14.31
C VAL D 188 -33.02 -33.05 14.70
N ARG D 189 -33.24 -33.25 16.00
CA ARG D 189 -34.33 -34.13 16.44
C ARG D 189 -35.69 -33.54 16.10
N ILE D 190 -35.83 -32.22 16.19
CA ILE D 190 -37.07 -31.57 15.80
C ILE D 190 -37.34 -31.81 14.32
N VAL D 191 -36.30 -31.71 13.48
CA VAL D 191 -36.45 -31.97 12.05
C VAL D 191 -36.87 -33.42 11.82
N GLU D 192 -36.27 -34.36 12.57
CA GLU D 192 -36.65 -35.76 12.42
C GLU D 192 -38.11 -35.98 12.77
N ALA D 193 -38.56 -35.40 13.89
CA ALA D 193 -39.95 -35.56 14.30
C ALA D 193 -40.90 -34.95 13.27
N ILE D 194 -40.57 -33.77 12.75
CA ILE D 194 -41.44 -33.12 11.79
C ILE D 194 -41.50 -33.91 10.49
N LEU D 195 -40.36 -34.44 10.04
CA LEU D 195 -40.35 -35.25 8.82
C LEU D 195 -41.09 -36.57 9.02
N ASN D 196 -41.12 -37.08 10.26
CA ASN D 196 -41.86 -38.30 10.53
C ASN D 196 -43.37 -38.12 10.41
N HIS D 197 -43.84 -36.88 10.32
CA HIS D 197 -45.27 -36.63 10.20
C HIS D 197 -45.79 -37.17 8.87
N PRO D 198 -46.99 -37.76 8.85
CA PRO D 198 -47.50 -38.33 7.59
C PRO D 198 -47.74 -37.30 6.49
N GLY D 199 -47.86 -36.01 6.83
CA GLY D 199 -48.12 -35.01 5.81
C GLY D 199 -47.01 -34.93 4.78
N PHE D 200 -45.75 -35.01 5.22
CA PHE D 200 -44.62 -34.99 4.30
C PHE D 200 -44.57 -36.28 3.49
N ALA D 201 -44.78 -37.42 4.14
CA ALA D 201 -44.65 -38.71 3.46
C ALA D 201 -45.70 -38.88 2.37
N ALA D 202 -46.94 -38.46 2.64
CA ALA D 202 -48.05 -38.66 1.72
C ALA D 202 -48.26 -37.49 0.77
N SER D 203 -47.22 -36.69 0.51
CA SER D 203 -47.35 -35.55 -0.38
C SER D 203 -45.98 -35.18 -0.93
N LYS D 204 -46.00 -34.36 -1.98
CA LYS D 204 -44.80 -33.81 -2.58
C LYS D 204 -44.31 -32.55 -1.88
N ARG D 205 -44.78 -32.29 -0.66
CA ARG D 205 -44.38 -31.07 0.05
C ARG D 205 -42.91 -31.09 0.40
N LEU D 206 -42.36 -32.28 0.69
CA LEU D 206 -40.97 -32.38 1.12
C LEU D 206 -40.01 -31.96 0.02
N THR D 207 -40.31 -32.33 -1.23
CA THR D 207 -39.32 -32.15 -2.30
C THR D 207 -39.47 -30.82 -3.01
N LEU D 208 -40.64 -30.55 -3.58
CA LEU D 208 -40.80 -29.41 -4.46
C LEU D 208 -41.02 -28.12 -3.67
N SER D 209 -40.62 -26.99 -4.27
CA SER D 209 -40.57 -25.71 -3.59
C SER D 209 -41.96 -25.20 -3.24
N PRO D 210 -42.08 -24.45 -2.14
CA PRO D 210 -43.40 -23.95 -1.73
C PRO D 210 -44.10 -23.11 -2.78
N CYS D 211 -43.35 -22.36 -3.58
CA CYS D 211 -43.97 -21.46 -4.56
C CYS D 211 -44.75 -22.25 -5.61
N GLU D 212 -44.22 -23.39 -6.05
CA GLU D 212 -44.82 -24.15 -7.13
C GLU D 212 -45.11 -25.60 -6.74
N GLN D 213 -45.20 -25.90 -5.44
CA GLN D 213 -45.49 -27.27 -5.02
C GLN D 213 -46.87 -27.73 -5.50
N GLU D 214 -47.87 -26.86 -5.36
CA GLU D 214 -49.24 -27.19 -5.72
C GLU D 214 -50.02 -25.88 -5.83
N LEU D 215 -51.35 -25.98 -5.86
CA LEU D 215 -52.19 -24.80 -5.81
C LEU D 215 -52.04 -24.07 -4.48
N GLN D 216 -51.42 -24.71 -3.48
CA GLN D 216 -51.07 -24.10 -2.19
C GLN D 216 -52.23 -23.34 -1.57
N ASP D 217 -53.43 -23.93 -1.63
CA ASP D 217 -54.57 -23.37 -0.92
C ASP D 217 -54.33 -23.40 0.59
N ASP D 218 -53.75 -24.49 1.09
CA ASP D 218 -53.41 -24.59 2.50
C ASP D 218 -52.10 -23.86 2.80
N ASP D 219 -52.03 -23.23 3.96
CA ASP D 219 -50.85 -22.49 4.39
C ASP D 219 -49.85 -23.46 5.00
N PHE D 220 -49.05 -24.10 4.14
CA PHE D 220 -48.08 -25.08 4.61
C PHE D 220 -46.81 -24.40 5.11
N TYR D 221 -46.11 -23.69 4.22
CA TYR D 221 -44.86 -23.01 4.56
C TYR D 221 -45.07 -21.56 4.95
N ALA D 222 -46.31 -21.12 5.07
CA ALA D 222 -46.60 -19.71 5.29
C ALA D 222 -46.07 -19.23 6.63
N TYR D 223 -45.56 -18.00 6.64
CA TYR D 223 -45.09 -17.34 7.84
C TYR D 223 -46.27 -16.62 8.49
N ASP D 224 -46.00 -15.69 9.41
CA ASP D 224 -47.04 -15.08 10.24
C ASP D 224 -48.29 -14.67 9.46
N GLU D 225 -48.17 -13.69 8.56
CA GLU D 225 -49.34 -13.16 7.88
C GLU D 225 -49.32 -13.42 6.38
N ASP D 226 -48.28 -12.99 5.67
CA ASP D 226 -48.26 -13.10 4.21
C ASP D 226 -46.98 -13.72 3.68
N GLY D 227 -45.85 -13.44 4.31
CA GLY D 227 -44.56 -13.88 3.80
C GLY D 227 -44.29 -15.34 4.12
N THR D 228 -43.04 -15.74 3.86
CA THR D 228 -42.60 -17.10 4.16
C THR D 228 -41.30 -17.07 4.95
N PHE D 230 -38.04 -16.82 4.70
CA PHE D 230 -37.18 -17.16 3.58
C PHE D 230 -37.93 -17.05 2.25
N SER D 231 -37.19 -17.01 1.15
CA SER D 231 -37.80 -16.85 -0.16
C SER D 231 -38.66 -18.06 -0.49
N PRO D 232 -39.73 -17.85 -1.27
CA PRO D 232 -40.61 -18.99 -1.61
C PRO D 232 -39.93 -20.07 -2.42
N ASP D 233 -38.82 -19.77 -3.08
CA ASP D 233 -38.13 -20.74 -3.91
C ASP D 233 -37.18 -21.62 -3.13
N ILE D 234 -36.99 -21.37 -1.84
CA ILE D 234 -36.02 -22.09 -1.03
C ILE D 234 -36.70 -23.33 -0.44
N THR D 235 -36.30 -24.50 -0.91
CA THR D 235 -36.75 -25.76 -0.34
C THR D 235 -36.06 -26.00 0.98
N PRO D 236 -36.57 -26.93 1.80
CA PRO D 236 -35.84 -27.29 3.03
C PRO D 236 -34.43 -27.81 2.75
N ILE D 237 -34.23 -28.55 1.66
CA ILE D 237 -32.91 -29.06 1.32
C ILE D 237 -31.99 -27.90 0.92
N ILE D 238 -32.50 -26.95 0.15
CA ILE D 238 -31.70 -25.80 -0.25
C ILE D 238 -31.34 -24.96 0.98
N LEU D 239 -32.28 -24.80 1.91
CA LEU D 239 -31.96 -24.07 3.13
C LEU D 239 -30.91 -24.77 3.97
N ALA D 240 -31.01 -26.11 4.08
CA ALA D 240 -30.01 -26.87 4.81
C ALA D 240 -28.64 -26.73 4.17
N ALA D 241 -28.58 -26.77 2.84
CA ALA D 241 -27.32 -26.56 2.14
C ALA D 241 -26.78 -25.14 2.38
N HIS D 242 -27.67 -24.14 2.37
CA HIS D 242 -27.26 -22.76 2.62
C HIS D 242 -26.64 -22.62 3.99
N CYS D 243 -27.28 -23.19 5.01
CA CYS D 243 -26.78 -23.10 6.37
C CYS D 243 -25.64 -24.07 6.64
N GLN D 244 -25.39 -25.02 5.74
CA GLN D 244 -24.33 -26.01 5.87
C GLN D 244 -24.51 -26.85 7.13
N LYS D 245 -25.65 -27.52 7.19
CA LYS D 245 -25.97 -28.45 8.27
C LYS D 245 -25.80 -29.86 7.72
N TYR D 246 -24.65 -30.48 7.98
CA TYR D 246 -24.33 -31.77 7.38
C TYR D 246 -25.34 -32.84 7.81
N GLU D 247 -25.71 -32.86 9.09
CA GLU D 247 -26.68 -33.84 9.55
C GLU D 247 -28.04 -33.63 8.91
N VAL D 248 -28.49 -32.39 8.83
CA VAL D 248 -29.79 -32.09 8.22
C VAL D 248 -29.77 -32.40 6.74
N VAL D 249 -28.69 -32.04 6.05
CA VAL D 249 -28.57 -32.35 4.62
C VAL D 249 -28.61 -33.86 4.41
N HIS D 250 -27.89 -34.61 5.25
CA HIS D 250 -27.91 -36.07 5.15
C HIS D 250 -29.30 -36.63 5.37
N MET D 251 -30.01 -36.12 6.38
CA MET D 251 -31.36 -36.58 6.65
C MET D 251 -32.29 -36.31 5.47
N LEU D 252 -32.23 -35.09 4.92
CA LEU D 252 -33.11 -34.75 3.81
C LEU D 252 -32.77 -35.55 2.56
N LEU D 253 -31.49 -35.83 2.34
CA LEU D 253 -31.09 -36.67 1.22
C LEU D 253 -31.62 -38.09 1.38
N MET D 254 -31.60 -38.62 2.61
CA MET D 254 -32.17 -39.94 2.84
C MET D 254 -33.67 -39.95 2.62
N LYS D 255 -34.34 -38.80 2.80
CA LYS D 255 -35.78 -38.70 2.55
C LYS D 255 -36.11 -38.50 1.08
N GLY D 256 -35.11 -38.30 0.22
CA GLY D 256 -35.32 -38.13 -1.20
C GLY D 256 -35.27 -36.70 -1.70
N ALA D 257 -34.93 -35.74 -0.84
CA ALA D 257 -34.89 -34.34 -1.22
C ALA D 257 -33.56 -34.01 -1.89
N ARG D 258 -33.63 -33.61 -3.16
CA ARG D 258 -32.46 -33.23 -3.93
C ARG D 258 -32.65 -31.84 -4.51
N ILE D 259 -31.56 -31.09 -4.59
CA ILE D 259 -31.60 -29.77 -5.22
C ILE D 259 -31.60 -29.96 -6.73
N GLU D 260 -32.67 -29.50 -7.38
CA GLU D 260 -32.77 -29.60 -8.83
C GLU D 260 -31.89 -28.55 -9.47
N ARG D 261 -31.03 -28.96 -10.38
CA ARG D 261 -30.11 -28.03 -11.02
C ARG D 261 -30.88 -27.09 -11.94
N PRO D 262 -30.73 -25.79 -11.79
CA PRO D 262 -31.44 -24.86 -12.68
C PRO D 262 -30.98 -24.97 -14.12
N HIS D 263 -31.89 -24.67 -15.04
CA HIS D 263 -31.62 -24.79 -16.45
C HIS D 263 -30.56 -23.79 -16.90
N ASP D 264 -30.17 -23.91 -18.17
CA ASP D 264 -29.22 -22.96 -18.75
C ASP D 264 -29.84 -21.57 -18.81
N TYR D 265 -28.98 -20.55 -18.78
CA TYR D 265 -29.46 -19.18 -18.83
C TYR D 265 -30.25 -18.90 -20.10
N PHE D 266 -29.82 -19.49 -21.21
CA PHE D 266 -30.49 -19.31 -22.49
C PHE D 266 -31.49 -20.42 -22.78
N CYS D 267 -32.06 -21.03 -21.75
CA CYS D 267 -33.04 -22.09 -21.96
C CYS D 267 -34.31 -21.52 -22.58
N LYS D 268 -34.91 -22.30 -23.49
CA LYS D 268 -36.12 -21.89 -24.19
C LYS D 268 -37.31 -22.79 -23.88
N CYS D 269 -37.28 -23.52 -22.76
CA CYS D 269 -38.42 -24.34 -22.40
C CYS D 269 -39.58 -23.46 -21.96
N GLY D 270 -40.77 -24.06 -21.91
CA GLY D 270 -41.96 -23.30 -21.58
C GLY D 270 -41.92 -22.73 -20.17
N ASP D 271 -41.43 -23.53 -19.23
CA ASP D 271 -41.39 -23.09 -17.84
C ASP D 271 -40.44 -21.92 -17.65
N CYS D 272 -39.26 -21.98 -18.29
CA CYS D 272 -38.30 -20.89 -18.17
C CYS D 272 -38.83 -19.61 -18.78
N MET D 273 -39.48 -19.70 -19.95
CA MET D 273 -40.09 -18.51 -20.54
C MET D 273 -41.21 -17.96 -19.65
N GLU D 274 -42.02 -18.85 -19.07
CA GLU D 274 -43.11 -18.40 -18.21
C GLU D 274 -42.58 -17.68 -16.98
N LYS D 275 -41.52 -18.19 -16.39
CA LYS D 275 -40.92 -17.51 -15.23
C LYS D 275 -40.21 -16.22 -15.64
N GLN D 276 -39.67 -16.17 -16.86
CA GLN D 276 -38.97 -14.97 -17.30
C GLN D 276 -39.93 -13.86 -17.68
N ARG D 277 -41.14 -14.20 -18.14
CA ARG D 277 -42.09 -13.19 -18.57
C ARG D 277 -42.45 -12.25 -17.43
N HIS D 278 -42.84 -12.81 -16.29
CA HIS D 278 -43.22 -12.04 -15.12
C HIS D 278 -42.22 -12.29 -14.01
N ASP D 279 -41.73 -11.22 -13.40
CA ASP D 279 -40.79 -11.30 -12.29
C ASP D 279 -39.51 -12.05 -12.69
N SER D 280 -38.79 -11.45 -13.63
CA SER D 280 -37.48 -11.98 -14.00
C SER D 280 -36.48 -11.84 -12.84
N PHE D 281 -36.68 -10.84 -11.98
CA PHE D 281 -35.83 -10.70 -10.81
C PHE D 281 -35.97 -11.89 -9.88
N SER D 282 -37.19 -12.36 -9.67
CA SER D 282 -37.38 -13.56 -8.85
C SER D 282 -36.77 -14.78 -9.52
N HIS D 283 -36.81 -14.85 -10.85
CA HIS D 283 -36.19 -15.97 -11.57
C HIS D 283 -34.68 -15.98 -11.33
N SER D 284 -34.04 -14.82 -11.48
CA SER D 284 -32.60 -14.73 -11.23
C SER D 284 -32.26 -15.06 -9.79
N ARG D 285 -33.07 -14.54 -8.85
CA ARG D 285 -32.82 -14.80 -7.43
C ARG D 285 -32.96 -16.27 -7.10
N SER D 286 -33.96 -16.94 -7.67
CA SER D 286 -34.14 -18.36 -7.42
C SER D 286 -33.00 -19.18 -8.03
N ARG D 287 -32.53 -18.77 -9.22
CA ARG D 287 -31.36 -19.44 -9.79
C ARG D 287 -30.14 -19.30 -8.89
N ILE D 288 -29.91 -18.10 -8.36
CA ILE D 288 -28.78 -17.89 -7.47
C ILE D 288 -28.93 -18.71 -6.21
N ASN D 289 -30.15 -18.80 -5.68
CA ASN D 289 -30.38 -19.62 -4.48
C ASN D 289 -30.10 -21.09 -4.74
N ALA D 290 -30.55 -21.60 -5.89
CA ALA D 290 -30.31 -23.00 -6.23
C ALA D 290 -28.81 -23.26 -6.38
N TYR D 291 -28.08 -22.34 -7.00
CA TYR D 291 -26.65 -22.53 -7.14
C TYR D 291 -25.91 -22.37 -5.82
N LYS D 292 -26.43 -21.53 -4.92
CA LYS D 292 -25.86 -21.43 -3.58
C LYS D 292 -26.04 -22.74 -2.81
N GLY D 293 -27.20 -23.38 -2.99
CA GLY D 293 -27.40 -24.69 -2.40
C GLY D 293 -26.50 -25.75 -3.00
N LEU D 294 -26.36 -25.74 -4.33
CA LEU D 294 -25.53 -26.75 -5.01
C LEU D 294 -24.06 -26.58 -4.68
N ALA D 295 -23.57 -25.35 -4.62
CA ALA D 295 -22.17 -25.07 -4.34
C ALA D 295 -21.84 -25.17 -2.86
N SER D 296 -22.76 -25.62 -2.03
CA SER D 296 -22.51 -25.76 -0.61
C SER D 296 -21.60 -26.97 -0.37
N PRO D 297 -20.56 -26.83 0.46
CA PRO D 297 -19.70 -27.99 0.74
C PRO D 297 -20.45 -29.17 1.32
N ALA D 298 -21.47 -28.93 2.14
CA ALA D 298 -22.26 -30.02 2.70
C ALA D 298 -22.98 -30.80 1.60
N TYR D 299 -23.69 -30.09 0.72
CA TYR D 299 -24.39 -30.76 -0.37
C TYR D 299 -23.39 -31.39 -1.35
N LEU D 300 -22.29 -30.70 -1.62
CA LEU D 300 -21.27 -31.26 -2.51
C LEU D 300 -20.74 -32.58 -1.99
N SER D 301 -20.42 -32.63 -0.69
CA SER D 301 -19.81 -33.83 -0.13
C SER D 301 -20.80 -34.96 0.06
N LEU D 302 -22.05 -34.64 0.43
CA LEU D 302 -23.01 -35.69 0.78
C LEU D 302 -23.93 -36.09 -0.36
N SER D 303 -23.97 -35.34 -1.45
CA SER D 303 -25.01 -35.53 -2.46
C SER D 303 -24.62 -36.47 -3.58
N SER D 304 -23.33 -36.56 -3.92
CA SER D 304 -22.89 -37.33 -5.06
C SER D 304 -21.64 -38.13 -4.72
N GLU D 305 -21.44 -39.21 -5.46
CA GLU D 305 -20.18 -39.93 -5.46
C GLU D 305 -19.25 -39.24 -6.45
N ASP D 306 -17.96 -39.23 -6.12
CA ASP D 306 -16.97 -38.43 -6.82
C ASP D 306 -17.37 -36.96 -6.79
N PRO D 307 -17.33 -36.31 -5.62
CA PRO D 307 -17.73 -34.90 -5.54
C PRO D 307 -16.67 -33.91 -5.98
N VAL D 308 -15.41 -34.32 -6.14
CA VAL D 308 -14.39 -33.39 -6.62
C VAL D 308 -14.65 -33.01 -8.08
N LEU D 309 -15.04 -33.99 -8.90
CA LEU D 309 -15.41 -33.71 -10.28
C LEU D 309 -16.64 -32.82 -10.35
N THR D 310 -17.63 -33.11 -9.51
CA THR D 310 -18.84 -32.28 -9.46
C THR D 310 -18.51 -30.85 -9.09
N ALA D 311 -17.63 -30.67 -8.10
CA ALA D 311 -17.27 -29.32 -7.67
C ALA D 311 -16.48 -28.59 -8.75
N LEU D 312 -15.60 -29.29 -9.47
CA LEU D 312 -14.86 -28.66 -10.56
C LEU D 312 -15.81 -28.19 -11.66
N GLU D 313 -16.71 -29.08 -12.08
CA GLU D 313 -17.66 -28.73 -13.15
C GLU D 313 -18.57 -27.58 -12.71
N LEU D 314 -19.02 -27.61 -11.46
CA LEU D 314 -19.88 -26.54 -10.96
C LEU D 314 -19.14 -25.22 -10.87
N SER D 315 -17.86 -25.26 -10.49
CA SER D 315 -17.05 -24.05 -10.47
C SER D 315 -16.96 -23.45 -11.87
N ASN D 316 -16.71 -24.29 -12.87
CA ASN D 316 -16.65 -23.79 -14.24
C ASN D 316 -17.98 -23.19 -14.68
N GLU D 317 -19.08 -23.87 -14.36
CA GLU D 317 -20.41 -23.38 -14.74
C GLU D 317 -20.72 -22.05 -14.07
N LEU D 318 -20.35 -21.91 -12.80
CA LEU D 318 -20.60 -20.67 -12.09
C LEU D 318 -19.74 -19.54 -12.62
N ALA D 319 -18.50 -19.83 -13.03
CA ALA D 319 -17.68 -18.80 -13.66
C ALA D 319 -18.29 -18.33 -14.97
N LYS D 320 -18.78 -19.27 -15.78
CA LYS D 320 -19.45 -18.89 -17.02
C LYS D 320 -20.69 -18.05 -16.76
N LEU D 321 -21.46 -18.41 -15.73
CA LEU D 321 -22.63 -17.61 -15.36
C LEU D 321 -22.21 -16.22 -14.89
N ALA D 322 -21.12 -16.12 -14.14
CA ALA D 322 -20.64 -14.81 -13.71
C ALA D 322 -20.30 -13.95 -14.91
N ASN D 323 -19.67 -14.54 -15.93
CA ASN D 323 -19.40 -13.79 -17.15
C ASN D 323 -20.70 -13.39 -17.85
N ILE D 324 -21.68 -14.29 -17.90
CA ILE D 324 -22.89 -14.03 -18.67
C ILE D 324 -23.75 -12.96 -18.02
N GLU D 325 -23.93 -13.04 -16.70
CA GLU D 325 -24.85 -12.14 -16.00
C GLU D 325 -24.31 -10.71 -15.97
N LYS D 326 -23.22 -10.52 -15.23
CA LYS D 326 -22.58 -9.23 -14.97
C LYS D 326 -23.41 -8.37 -14.01
N GLU D 327 -24.62 -8.82 -13.65
CA GLU D 327 -25.35 -8.15 -12.57
C GLU D 327 -24.98 -8.74 -11.23
N PHE D 328 -25.16 -10.05 -11.10
CA PHE D 328 -24.80 -10.82 -9.91
C PHE D 328 -23.48 -11.54 -10.11
N LYS D 329 -22.54 -10.89 -10.80
CA LYS D 329 -21.24 -11.50 -11.06
C LYS D 329 -20.52 -11.84 -9.75
N ASN D 330 -20.62 -10.98 -8.75
CA ASN D 330 -19.96 -11.24 -7.49
C ASN D 330 -20.52 -12.48 -6.81
N ASP D 331 -21.84 -12.68 -6.87
CA ASP D 331 -22.45 -13.85 -6.26
C ASP D 331 -21.92 -15.13 -6.89
N TYR D 332 -21.92 -15.19 -8.23
CA TYR D 332 -21.45 -16.38 -8.92
C TYR D 332 -19.95 -16.60 -8.71
N ARG D 333 -19.16 -15.52 -8.65
CA ARG D 333 -17.75 -15.66 -8.37
C ARG D 333 -17.51 -16.21 -6.97
N LYS D 334 -18.30 -15.75 -6.00
CA LYS D 334 -18.18 -16.28 -4.64
C LYS D 334 -18.54 -17.76 -4.59
N LEU D 335 -19.58 -18.16 -5.32
CA LEU D 335 -19.95 -19.57 -5.37
C LEU D 335 -18.87 -20.41 -6.03
N SER D 336 -18.29 -19.93 -7.13
CA SER D 336 -17.22 -20.66 -7.79
C SER D 336 -16.00 -20.78 -6.87
N MET D 337 -15.70 -19.71 -6.12
CA MET D 337 -14.62 -19.80 -5.14
C MET D 337 -14.94 -20.81 -4.07
N GLN D 338 -16.21 -20.95 -3.67
CA GLN D 338 -16.59 -21.99 -2.74
C GLN D 338 -16.29 -23.37 -3.29
N CYS D 339 -16.63 -23.61 -4.55
CA CYS D 339 -16.35 -24.91 -5.17
C CYS D 339 -14.85 -25.17 -5.24
N LYS D 340 -14.08 -24.16 -5.63
CA LYS D 340 -12.63 -24.32 -5.70
C LYS D 340 -12.04 -24.61 -4.32
N ASP D 341 -12.55 -23.93 -3.29
CA ASP D 341 -12.08 -24.15 -1.93
C ASP D 341 -12.38 -25.57 -1.47
N PHE D 342 -13.57 -26.08 -1.81
CA PHE D 342 -13.91 -27.45 -1.46
C PHE D 342 -12.95 -28.44 -2.10
N VAL D 343 -12.66 -28.24 -3.40
CA VAL D 343 -11.75 -29.14 -4.11
C VAL D 343 -10.36 -29.09 -3.48
N VAL D 344 -9.88 -27.88 -3.19
CA VAL D 344 -8.54 -27.73 -2.62
C VAL D 344 -8.47 -28.39 -1.24
N GLY D 345 -9.51 -28.23 -0.42
CA GLY D 345 -9.50 -28.86 0.89
C GLY D 345 -9.52 -30.37 0.81
N VAL D 346 -10.34 -30.92 -0.08
CA VAL D 346 -10.38 -32.37 -0.24
C VAL D 346 -9.02 -32.90 -0.67
N LEU D 347 -8.34 -32.17 -1.56
CA LEU D 347 -6.96 -32.56 -1.91
C LEU D 347 -6.05 -32.45 -0.70
N ASP D 348 -6.21 -31.40 0.10
CA ASP D 348 -5.34 -31.17 1.26
C ASP D 348 -5.45 -32.29 2.29
N LEU D 349 -6.61 -32.94 2.37
CA LEU D 349 -6.78 -34.02 3.35
C LEU D 349 -5.95 -35.27 3.05
N CYS D 350 -5.40 -35.39 1.84
CA CYS D 350 -4.72 -36.62 1.47
C CYS D 350 -3.44 -36.81 2.27
N ARG D 351 -3.21 -38.05 2.72
CA ARG D 351 -2.00 -38.37 3.49
C ARG D 351 -1.31 -39.62 2.99
N ASP D 352 -1.62 -40.08 1.77
CA ASP D 352 -0.95 -41.21 1.18
C ASP D 352 -0.87 -40.99 -0.32
N SER D 353 0.08 -41.68 -0.97
CA SER D 353 0.23 -41.53 -2.41
C SER D 353 -1.00 -42.06 -3.14
N GLU D 354 -1.63 -43.11 -2.61
CA GLU D 354 -2.82 -43.66 -3.25
C GLU D 354 -3.96 -42.64 -3.26
N GLU D 355 -4.18 -41.96 -2.13
CA GLU D 355 -5.22 -40.94 -2.07
C GLU D 355 -4.90 -39.76 -2.97
N VAL D 356 -3.63 -39.34 -2.97
CA VAL D 356 -3.23 -38.20 -3.81
C VAL D 356 -3.44 -38.53 -5.27
N GLU D 357 -3.07 -39.74 -5.69
CA GLU D 357 -3.32 -40.14 -7.07
C GLU D 357 -4.81 -40.19 -7.38
N ALA D 358 -5.60 -40.78 -6.49
CA ALA D 358 -7.03 -40.87 -6.73
C ALA D 358 -7.66 -39.48 -6.89
N ILE D 359 -7.18 -38.51 -6.12
CA ILE D 359 -7.69 -37.15 -6.28
C ILE D 359 -7.19 -36.53 -7.58
N LEU D 360 -5.92 -36.71 -7.91
CA LEU D 360 -5.32 -36.04 -9.05
C LEU D 360 -5.77 -36.63 -10.38
N ASN D 361 -6.20 -37.89 -10.40
CA ASN D 361 -6.86 -38.45 -11.56
C ASN D 361 -7.93 -39.43 -11.10
N GLY D 362 -9.07 -39.41 -11.77
CA GLY D 362 -10.23 -40.18 -11.32
C GLY D 362 -10.12 -41.67 -11.53
N ASP D 363 -11.26 -42.33 -11.67
CA ASP D 363 -11.28 -43.77 -11.87
C ASP D 363 -10.93 -44.13 -13.31
N SER D 378 -2.04 -40.24 -16.50
CA SER D 378 -3.03 -39.32 -17.05
C SER D 378 -3.65 -38.47 -15.94
N LEU D 379 -3.04 -37.32 -15.67
CA LEU D 379 -3.48 -36.45 -14.59
C LEU D 379 -4.75 -35.73 -14.99
N SER D 380 -5.89 -36.45 -14.98
CA SER D 380 -7.12 -35.90 -15.53
C SER D 380 -7.62 -34.70 -14.73
N ARG D 381 -7.66 -34.83 -13.40
CA ARG D 381 -8.19 -33.75 -12.58
C ARG D 381 -7.26 -32.54 -12.54
N VAL D 382 -5.94 -32.76 -12.62
CA VAL D 382 -5.02 -31.63 -12.71
C VAL D 382 -5.23 -30.87 -14.02
N LYS D 383 -5.43 -31.60 -15.12
CA LYS D 383 -5.70 -30.96 -16.40
C LYS D 383 -7.02 -30.19 -16.37
N LEU D 384 -8.04 -30.77 -15.74
CA LEU D 384 -9.32 -30.10 -15.62
C LEU D 384 -9.21 -28.83 -14.78
N ALA D 385 -8.44 -28.90 -13.69
CA ALA D 385 -8.24 -27.71 -12.85
C ALA D 385 -7.45 -26.64 -13.58
N ILE D 386 -6.48 -27.05 -14.41
CA ILE D 386 -5.76 -26.08 -15.23
C ILE D 386 -6.72 -25.43 -16.23
N LYS D 387 -7.60 -26.22 -16.83
CA LYS D 387 -8.58 -25.69 -17.77
C LYS D 387 -9.54 -24.73 -17.08
N TYR D 388 -9.95 -25.05 -15.85
CA TYR D 388 -10.94 -24.27 -15.12
C TYR D 388 -10.32 -23.20 -14.22
N GLU D 389 -9.00 -23.00 -14.32
CA GLU D 389 -8.31 -21.98 -13.53
C GLU D 389 -8.50 -22.20 -12.02
N VAL D 390 -8.47 -23.46 -11.60
CA VAL D 390 -8.47 -23.80 -10.17
C VAL D 390 -7.00 -23.80 -9.75
N LYS D 391 -6.49 -22.61 -9.45
CA LYS D 391 -5.05 -22.42 -9.29
C LYS D 391 -4.52 -22.96 -7.97
N LYS D 392 -5.29 -22.86 -6.90
CA LYS D 392 -4.82 -23.35 -5.61
C LYS D 392 -4.79 -24.87 -5.53
N PHE D 393 -5.61 -25.56 -6.34
CA PHE D 393 -5.57 -27.01 -6.36
C PHE D 393 -4.31 -27.51 -7.08
N VAL D 394 -3.96 -26.87 -8.20
CA VAL D 394 -2.77 -27.27 -8.94
C VAL D 394 -1.50 -26.89 -8.18
N ALA D 395 -1.51 -25.74 -7.52
CA ALA D 395 -0.34 -25.24 -6.81
C ALA D 395 -0.20 -25.84 -5.41
N HIS D 396 -1.13 -26.68 -4.98
CA HIS D 396 -1.02 -27.31 -3.67
C HIS D 396 0.18 -28.26 -3.64
N PRO D 397 0.90 -28.33 -2.52
CA PRO D 397 2.08 -29.21 -2.47
C PRO D 397 1.77 -30.67 -2.77
N ASN D 398 0.58 -31.15 -2.42
CA ASN D 398 0.23 -32.54 -2.71
C ASN D 398 0.20 -32.81 -4.20
N CYS D 399 -0.28 -31.86 -4.99
CA CYS D 399 -0.23 -31.97 -6.45
C CYS D 399 1.16 -31.68 -7.00
N GLN D 400 1.87 -30.72 -6.39
CA GLN D 400 3.17 -30.32 -6.92
C GLN D 400 4.21 -31.42 -6.78
N GLN D 401 4.17 -32.18 -5.68
CA GLN D 401 5.11 -33.28 -5.53
C GLN D 401 4.88 -34.35 -6.58
N GLN D 402 3.62 -34.67 -6.87
CA GLN D 402 3.32 -35.63 -7.91
C GLN D 402 3.77 -35.11 -9.27
N LEU D 403 3.55 -33.83 -9.54
CA LEU D 403 3.98 -33.26 -10.81
C LEU D 403 5.50 -33.30 -10.96
N LEU D 404 6.24 -33.01 -9.88
CA LEU D 404 7.69 -33.13 -9.91
C LEU D 404 8.13 -34.57 -10.10
N THR D 405 7.34 -35.53 -9.61
CA THR D 405 7.69 -36.93 -9.82
C THR D 405 7.77 -37.29 -11.30
N ILE D 406 6.75 -36.89 -12.07
CA ILE D 406 6.80 -37.13 -13.51
C ILE D 406 7.81 -36.21 -14.18
N TRP D 407 7.92 -34.97 -13.72
CA TRP D 407 8.83 -34.01 -14.33
C TRP D 407 10.27 -34.50 -14.29
N TYR D 408 10.74 -34.91 -13.12
CA TYR D 408 12.08 -35.46 -12.96
C TYR D 408 12.06 -36.98 -13.02
N GLU D 409 11.50 -37.50 -14.11
CA GLU D 409 11.42 -38.94 -14.30
C GLU D 409 12.71 -39.46 -14.90
N ASN D 410 13.06 -40.70 -14.54
CA ASN D 410 14.26 -41.40 -15.02
C ASN D 410 15.55 -40.69 -14.67
N LEU D 411 15.49 -39.60 -13.89
CA LEU D 411 16.67 -38.86 -13.46
C LEU D 411 16.38 -38.35 -12.04
N SER D 412 17.01 -39.00 -11.06
CA SER D 412 16.71 -38.69 -9.66
C SER D 412 17.74 -37.74 -9.06
N GLY D 413 19.03 -38.01 -9.29
CA GLY D 413 20.06 -37.16 -8.73
C GLY D 413 20.03 -35.75 -9.28
N LEU D 414 19.64 -35.58 -10.55
CA LEU D 414 19.63 -34.27 -11.17
C LEU D 414 18.59 -33.34 -10.56
N ARG D 415 17.58 -33.89 -9.87
CA ARG D 415 16.60 -33.04 -9.21
C ARG D 415 17.26 -32.19 -8.12
N GLU D 416 18.19 -32.78 -7.37
CA GLU D 416 18.82 -32.10 -6.24
C GLU D 416 19.98 -31.21 -6.64
N GLN D 417 20.36 -31.20 -7.92
CA GLN D 417 21.47 -30.37 -8.36
C GLN D 417 21.08 -28.89 -8.32
N THR D 418 22.11 -28.04 -8.27
CA THR D 418 21.89 -26.60 -8.23
C THR D 418 21.44 -26.09 -9.60
N ILE D 419 21.05 -24.81 -9.61
CA ILE D 419 20.63 -24.17 -10.86
C ILE D 419 21.79 -24.08 -11.84
N ALA D 420 23.00 -23.87 -11.33
CA ALA D 420 24.17 -23.79 -12.20
C ALA D 420 24.42 -25.12 -12.93
N ILE D 421 24.22 -26.24 -12.23
CA ILE D 421 24.38 -27.53 -12.88
C ILE D 421 23.34 -27.72 -13.97
N LYS D 422 22.10 -27.27 -13.71
CA LYS D 422 21.06 -27.35 -14.74
C LYS D 422 21.41 -26.49 -15.95
N CYS D 423 21.96 -25.30 -15.72
CA CYS D 423 22.39 -24.46 -16.83
C CYS D 423 23.51 -25.11 -17.62
N LEU D 424 24.45 -25.75 -16.91
CA LEU D 424 25.52 -26.48 -17.59
C LEU D 424 24.96 -27.63 -18.43
N VAL D 425 23.93 -28.31 -17.91
CA VAL D 425 23.28 -29.37 -18.69
C VAL D 425 22.63 -28.79 -19.94
N VAL D 426 21.98 -27.63 -19.81
CA VAL D 426 21.39 -26.99 -20.98
C VAL D 426 22.46 -26.64 -22.01
N LEU D 427 23.60 -26.13 -21.54
CA LEU D 427 24.68 -25.80 -22.46
C LEU D 427 25.23 -27.04 -23.16
N VAL D 428 25.39 -28.14 -22.42
CA VAL D 428 25.88 -29.38 -23.01
C VAL D 428 24.90 -29.89 -24.06
N VAL D 429 23.59 -29.82 -23.75
CA VAL D 429 22.58 -30.27 -24.71
C VAL D 429 22.60 -29.37 -25.95
N ALA D 430 22.79 -28.06 -25.75
CA ALA D 430 22.88 -27.16 -26.89
C ALA D 430 24.07 -27.52 -27.78
N LEU D 431 25.20 -27.85 -27.16
CA LEU D 431 26.38 -28.23 -27.94
C LEU D 431 26.16 -29.55 -28.68
N GLY D 432 25.53 -30.52 -28.03
CA GLY D 432 25.45 -31.86 -28.61
C GLY D 432 24.08 -32.29 -29.12
N LEU D 433 23.20 -31.32 -29.39
CA LEU D 433 21.86 -31.66 -29.88
C LEU D 433 21.86 -32.48 -31.15
N PRO D 434 22.62 -32.15 -32.21
CA PRO D 434 22.60 -33.03 -33.40
C PRO D 434 23.04 -34.45 -33.11
N PHE D 435 24.02 -34.63 -32.22
CA PHE D 435 24.50 -35.98 -31.91
C PHE D 435 23.43 -36.82 -31.24
N LEU D 436 22.75 -36.27 -30.22
CA LEU D 436 21.68 -37.03 -29.58
C LEU D 436 20.49 -37.20 -30.52
N ALA D 437 20.22 -36.22 -31.39
CA ALA D 437 19.14 -36.36 -32.35
C ALA D 437 19.40 -37.52 -33.31
N ILE D 438 20.62 -37.64 -33.82
CA ILE D 438 20.92 -38.74 -34.73
C ILE D 438 21.02 -40.06 -33.97
N GLY D 439 21.45 -40.01 -32.71
CA GLY D 439 21.47 -41.23 -31.90
C GLY D 439 20.11 -41.68 -31.45
N TYR D 440 19.10 -40.82 -31.58
CA TYR D 440 17.73 -41.21 -31.24
C TYR D 440 17.21 -42.33 -32.13
N TRP D 441 17.85 -42.61 -33.27
CA TRP D 441 17.43 -43.73 -34.09
C TRP D 441 17.63 -45.05 -33.37
N ILE D 442 18.53 -45.11 -32.39
CA ILE D 442 18.75 -46.30 -31.57
C ILE D 442 18.44 -46.05 -30.09
N ALA D 443 18.22 -44.79 -29.69
CA ALA D 443 18.03 -44.48 -28.27
C ALA D 443 16.90 -45.25 -27.59
N PRO D 444 15.72 -45.44 -28.20
CA PRO D 444 14.68 -46.21 -27.50
C PRO D 444 15.12 -47.60 -27.09
N CYS D 445 16.00 -48.23 -27.88
CA CYS D 445 16.58 -49.51 -27.48
C CYS D 445 17.73 -49.34 -26.50
N SER D 446 18.16 -48.12 -26.22
CA SER D 446 19.25 -47.84 -25.30
C SER D 446 18.72 -47.18 -24.03
N ARG D 447 19.60 -47.09 -23.03
CA ARG D 447 19.23 -46.47 -21.77
C ARG D 447 19.06 -44.97 -21.92
N LEU D 448 19.85 -44.33 -22.78
CA LEU D 448 19.79 -42.89 -22.96
C LEU D 448 18.46 -42.42 -23.53
N GLY D 449 17.74 -43.31 -24.22
CA GLY D 449 16.42 -42.94 -24.72
C GLY D 449 15.45 -42.62 -23.58
N LYS D 450 15.51 -43.40 -22.50
CA LYS D 450 14.69 -43.09 -21.33
C LYS D 450 15.08 -41.75 -20.73
N ILE D 451 16.38 -41.46 -20.70
CA ILE D 451 16.85 -40.20 -20.13
C ILE D 451 16.33 -39.03 -20.95
N LEU D 452 16.47 -39.09 -22.28
CA LEU D 452 16.07 -37.95 -23.10
C LEU D 452 14.56 -37.82 -23.21
N ARG D 453 13.82 -38.89 -22.92
CA ARG D 453 12.37 -38.87 -23.03
C ARG D 453 11.69 -38.40 -21.74
N SER D 454 12.46 -38.03 -20.73
CA SER D 454 11.85 -37.43 -19.55
C SER D 454 11.41 -36.01 -19.86
N PRO D 455 10.31 -35.55 -19.23
CA PRO D 455 9.82 -34.20 -19.54
C PRO D 455 10.84 -33.11 -19.31
N PHE D 456 11.67 -33.23 -18.28
CA PHE D 456 12.69 -32.22 -18.03
C PHE D 456 13.71 -32.17 -19.16
N MET D 457 14.10 -33.34 -19.68
CA MET D 457 15.04 -33.34 -20.81
C MET D 457 14.37 -32.84 -22.09
N LYS D 458 13.08 -33.07 -22.28
CA LYS D 458 12.39 -32.47 -23.41
C LYS D 458 12.40 -30.94 -23.31
N PHE D 459 12.12 -30.42 -22.12
CA PHE D 459 12.16 -28.97 -21.92
C PHE D 459 13.55 -28.42 -22.16
N VAL D 460 14.58 -29.12 -21.65
CA VAL D 460 15.96 -28.68 -21.85
C VAL D 460 16.33 -28.70 -23.32
N ALA D 461 15.90 -29.73 -24.04
CA ALA D 461 16.16 -29.82 -25.48
C ALA D 461 15.49 -28.68 -26.23
N HIS D 462 14.25 -28.35 -25.88
CA HIS D 462 13.56 -27.24 -26.55
C HIS D 462 14.24 -25.91 -26.23
N ALA D 463 14.66 -25.71 -24.99
CA ALA D 463 15.36 -24.47 -24.64
C ALA D 463 16.70 -24.38 -25.37
N ALA D 464 17.41 -25.50 -25.47
CA ALA D 464 18.67 -25.52 -26.22
C ALA D 464 18.43 -25.23 -27.69
N SER D 465 17.34 -25.76 -28.25
CA SER D 465 16.98 -25.47 -29.63
C SER D 465 16.72 -23.98 -29.83
N PHE D 466 15.98 -23.35 -28.92
CA PHE D 466 15.74 -21.93 -29.03
C PHE D 466 17.04 -21.13 -28.92
N ILE D 467 17.93 -21.55 -28.01
CA ILE D 467 19.22 -20.89 -27.88
C ILE D 467 20.02 -21.01 -29.17
N ILE D 468 20.00 -22.19 -29.80
CA ILE D 468 20.72 -22.40 -31.05
C ILE D 468 20.12 -21.54 -32.16
N PHE D 469 18.80 -21.38 -32.16
CA PHE D 469 18.16 -20.52 -33.15
C PHE D 469 18.60 -19.08 -32.99
N LEU D 470 18.63 -18.58 -31.75
CA LEU D 470 19.11 -17.23 -31.51
C LEU D 470 20.58 -17.09 -31.90
N GLY D 471 21.38 -18.12 -31.61
CA GLY D 471 22.77 -18.10 -32.00
C GLY D 471 22.95 -18.05 -33.51
N LEU D 472 22.11 -18.80 -34.24
CA LEU D 472 22.14 -18.73 -35.70
C LEU D 472 21.77 -17.34 -36.20
N LEU D 473 20.73 -16.74 -35.59
CA LEU D 473 20.33 -15.40 -36.00
C LEU D 473 21.46 -14.40 -35.78
N VAL D 474 22.16 -14.49 -34.65
CA VAL D 474 23.25 -13.57 -34.37
C VAL D 474 24.45 -13.86 -35.28
N PHE D 475 24.76 -15.14 -35.49
CA PHE D 475 25.95 -15.51 -36.26
C PHE D 475 25.78 -15.25 -37.74
N ASN D 476 24.53 -15.23 -38.23
CA ASN D 476 24.31 -14.89 -39.63
C ASN D 476 24.65 -13.44 -39.92
N ALA D 477 24.62 -12.58 -38.91
CA ALA D 477 24.97 -11.17 -39.05
C ALA D 477 26.46 -10.93 -38.88
N SER D 478 27.27 -11.98 -38.72
CA SER D 478 28.70 -11.82 -38.57
C SER D 478 29.31 -11.28 -39.87
N ASP D 479 30.57 -10.87 -39.77
CA ASP D 479 31.31 -10.13 -40.79
C ASP D 479 30.76 -8.72 -40.96
N ARG D 480 29.72 -8.34 -40.23
CA ARG D 480 29.23 -6.97 -40.19
C ARG D 480 29.22 -6.41 -38.78
N PHE D 481 29.73 -7.15 -37.79
CA PHE D 481 29.71 -6.68 -36.42
C PHE D 481 30.51 -5.38 -36.28
N GLU D 482 31.65 -5.30 -36.94
CA GLU D 482 32.46 -4.09 -36.97
C GLU D 482 32.11 -3.19 -38.14
N GLY D 483 31.09 -3.53 -38.90
CA GLY D 483 30.64 -2.75 -40.03
C GLY D 483 31.06 -3.36 -41.36
N ILE D 484 30.32 -2.99 -42.40
CA ILE D 484 30.62 -3.44 -43.75
C ILE D 484 31.87 -2.71 -44.26
N THR D 485 32.59 -3.36 -45.17
CA THR D 485 33.84 -2.81 -45.67
C THR D 485 33.67 -2.00 -46.95
N THR D 486 32.59 -2.22 -47.69
CA THR D 486 32.35 -1.52 -48.95
C THR D 486 31.17 -0.57 -48.79
N LEU D 487 31.28 0.61 -49.40
CA LEU D 487 30.21 1.58 -49.35
C LEU D 487 29.00 1.08 -50.13
N PRO D 488 27.79 1.49 -49.73
CA PRO D 488 26.59 1.03 -50.46
C PRO D 488 26.54 1.46 -51.91
N ASN D 489 27.33 2.45 -52.31
CA ASN D 489 27.35 2.91 -53.69
C ASN D 489 28.18 2.01 -54.60
N ILE D 490 29.01 1.14 -54.04
CA ILE D 490 29.99 0.38 -54.80
C ILE D 490 29.58 -1.09 -54.84
N THR D 491 29.67 -1.69 -56.02
CA THR D 491 29.36 -3.10 -56.24
C THR D 491 30.65 -3.91 -56.32
N VAL D 492 30.66 -5.05 -55.65
CA VAL D 492 31.78 -5.99 -55.69
C VAL D 492 31.24 -7.34 -56.12
N THR D 493 31.85 -7.92 -57.16
CA THR D 493 31.44 -9.21 -57.69
C THR D 493 32.64 -10.13 -57.76
N ASP D 494 32.39 -11.44 -57.60
CA ASP D 494 33.46 -12.42 -57.63
C ASP D 494 34.11 -12.48 -59.01
N TYR D 495 33.30 -12.50 -60.05
CA TYR D 495 33.80 -12.50 -61.43
C TYR D 495 32.98 -11.49 -62.23
N PRO D 496 33.56 -10.93 -63.29
CA PRO D 496 32.84 -9.89 -64.06
C PRO D 496 31.50 -10.36 -64.62
N LYS D 497 31.40 -11.61 -65.04
CA LYS D 497 30.17 -12.11 -65.65
C LYS D 497 29.02 -12.23 -64.66
N GLN D 498 29.27 -12.11 -63.36
CA GLN D 498 28.24 -12.28 -62.36
C GLN D 498 27.42 -11.01 -62.18
N ILE D 499 26.12 -11.20 -61.96
CA ILE D 499 25.21 -10.12 -61.61
C ILE D 499 25.37 -9.80 -60.13
N PHE D 500 25.45 -8.52 -59.80
CA PHE D 500 25.65 -8.11 -58.41
C PHE D 500 24.49 -8.56 -57.53
N ARG D 501 23.26 -8.43 -58.02
CA ARG D 501 22.11 -8.83 -57.23
C ARG D 501 22.09 -10.33 -57.00
N VAL D 502 22.71 -11.11 -57.89
CA VAL D 502 22.87 -12.54 -57.64
C VAL D 502 23.72 -12.77 -56.40
N LYS D 503 24.83 -12.04 -56.29
CA LYS D 503 25.69 -12.17 -55.11
C LYS D 503 24.97 -11.70 -53.85
N THR D 504 24.22 -10.60 -53.95
CA THR D 504 23.57 -10.07 -52.75
C THR D 504 22.38 -10.92 -52.31
N THR D 505 21.75 -11.64 -53.24
CA THR D 505 20.54 -12.40 -52.90
C THR D 505 20.80 -13.90 -52.74
N GLN D 506 21.95 -14.41 -53.15
CA GLN D 506 22.21 -15.83 -53.03
C GLN D 506 22.31 -16.23 -51.56
N PHE D 507 21.80 -17.42 -51.25
CA PHE D 507 21.75 -17.85 -49.86
C PHE D 507 23.05 -18.53 -49.46
N THR D 508 23.46 -18.31 -48.20
CA THR D 508 24.51 -19.10 -47.60
C THR D 508 23.89 -20.19 -46.74
N TRP D 509 24.75 -20.99 -46.13
CA TRP D 509 24.27 -22.15 -45.38
C TRP D 509 23.46 -21.73 -44.16
N THR D 510 23.89 -20.66 -43.49
CA THR D 510 23.20 -20.25 -42.26
C THR D 510 21.75 -19.86 -42.53
N GLU D 511 21.47 -19.15 -43.63
CA GLU D 511 20.08 -18.84 -43.96
C GLU D 511 19.29 -20.12 -44.25
N MET D 512 19.93 -21.12 -44.84
CA MET D 512 19.23 -22.38 -45.09
C MET D 512 18.86 -23.07 -43.79
N LEU D 513 19.78 -23.11 -42.83
CA LEU D 513 19.43 -23.65 -41.52
C LEU D 513 18.34 -22.82 -40.85
N ILE D 514 18.40 -21.49 -40.99
CA ILE D 514 17.38 -20.65 -40.37
C ILE D 514 16.00 -20.94 -40.96
N MET D 515 15.92 -21.11 -42.29
CA MET D 515 14.66 -21.53 -42.89
C MET D 515 14.23 -22.91 -42.41
N VAL D 516 15.15 -23.86 -42.31
CA VAL D 516 14.77 -25.20 -41.85
C VAL D 516 14.15 -25.11 -40.46
N TRP D 517 14.78 -24.35 -39.58
CA TRP D 517 14.25 -24.19 -38.22
C TRP D 517 12.91 -23.46 -38.21
N VAL D 518 12.79 -22.40 -39.01
CA VAL D 518 11.55 -21.62 -39.05
C VAL D 518 10.40 -22.48 -39.58
N LEU D 519 10.68 -23.29 -40.61
CA LEU D 519 9.69 -24.23 -41.10
C LEU D 519 9.36 -25.27 -40.04
N GLY D 520 10.34 -25.65 -39.22
CA GLY D 520 10.04 -26.56 -38.12
C GLY D 520 9.04 -25.98 -37.14
N MET D 521 9.28 -24.75 -36.69
CA MET D 521 8.32 -24.13 -35.78
C MET D 521 6.98 -23.88 -36.46
N MET D 522 7.00 -23.50 -37.74
CA MET D 522 5.75 -23.33 -38.47
C MET D 522 4.96 -24.62 -38.55
N TRP D 523 5.63 -25.74 -38.83
CA TRP D 523 4.95 -27.02 -38.90
C TRP D 523 4.35 -27.40 -37.55
N SER D 524 5.12 -27.20 -36.48
CA SER D 524 4.59 -27.48 -35.15
C SER D 524 3.35 -26.63 -34.86
N GLU D 525 3.48 -25.31 -35.00
CA GLU D 525 2.38 -24.41 -34.69
C GLU D 525 1.16 -24.71 -35.55
N CYS D 526 1.37 -25.07 -36.82
CA CYS D 526 0.25 -25.50 -37.65
C CYS D 526 -0.38 -26.77 -37.11
N LYS D 527 0.43 -27.66 -36.53
CA LYS D 527 -0.14 -28.88 -35.94
C LYS D 527 -1.08 -28.55 -34.78
N GLU D 528 -0.62 -27.71 -33.84
CA GLU D 528 -1.54 -27.34 -32.76
C GLU D 528 -2.71 -26.50 -33.26
N LEU D 529 -2.49 -25.69 -34.29
CA LEU D 529 -3.59 -24.88 -34.83
C LEU D 529 -4.67 -25.77 -35.42
N TRP D 530 -4.29 -26.81 -36.15
CA TRP D 530 -5.26 -27.71 -36.74
C TRP D 530 -5.91 -28.60 -35.68
N LEU D 531 -5.15 -28.99 -34.65
CA LEU D 531 -5.72 -29.82 -33.60
C LEU D 531 -6.73 -29.06 -32.75
N GLU D 532 -6.47 -27.78 -32.47
CA GLU D 532 -7.33 -27.00 -31.60
C GLU D 532 -8.38 -26.18 -32.35
N GLY D 533 -8.15 -25.88 -33.63
CA GLY D 533 -9.08 -25.09 -34.39
C GLY D 533 -8.72 -23.62 -34.39
N PRO D 534 -9.14 -22.91 -35.44
CA PRO D 534 -8.74 -21.49 -35.56
C PRO D 534 -9.31 -20.60 -34.46
N ARG D 535 -10.61 -20.70 -34.19
CA ARG D 535 -11.23 -19.81 -33.20
C ARG D 535 -10.65 -20.06 -31.82
N GLU D 536 -10.45 -21.33 -31.45
CA GLU D 536 -9.85 -21.64 -30.16
C GLU D 536 -8.41 -21.12 -30.07
N TYR D 537 -7.64 -21.24 -31.15
CA TYR D 537 -6.25 -20.82 -31.15
C TYR D 537 -6.10 -19.31 -31.13
N ILE D 538 -7.05 -18.57 -31.70
CA ILE D 538 -6.92 -17.12 -31.76
C ILE D 538 -7.03 -16.50 -30.37
N LEU D 539 -7.86 -17.06 -29.49
CA LEU D 539 -8.16 -16.43 -28.21
C LEU D 539 -6.94 -16.28 -27.30
N GLN D 540 -5.85 -16.99 -27.56
CA GLN D 540 -4.61 -16.80 -26.82
C GLN D 540 -3.80 -15.75 -27.55
N LEU D 541 -3.57 -14.60 -26.89
CA LEU D 541 -2.83 -13.51 -27.52
C LEU D 541 -1.40 -13.91 -27.80
N TRP D 542 -0.77 -14.64 -26.88
CA TRP D 542 0.64 -14.97 -27.07
C TRP D 542 0.82 -15.96 -28.20
N ASN D 543 -0.15 -16.85 -28.38
CA ASN D 543 -0.10 -17.80 -29.50
C ASN D 543 -0.17 -17.08 -30.84
N VAL D 544 -1.03 -16.07 -30.95
CA VAL D 544 -1.11 -15.33 -32.21
C VAL D 544 0.13 -14.46 -32.39
N LEU D 545 0.75 -14.03 -31.28
CA LEU D 545 2.04 -13.35 -31.39
C LEU D 545 3.10 -14.28 -31.98
N ASP D 546 3.16 -15.53 -31.49
CA ASP D 546 4.11 -16.50 -32.03
C ASP D 546 3.81 -16.80 -33.50
N PHE D 547 2.55 -16.97 -33.85
CA PHE D 547 2.18 -17.21 -35.25
C PHE D 547 2.57 -16.02 -36.12
N GLY D 548 2.37 -14.81 -35.62
CA GLY D 548 2.78 -13.63 -36.38
C GLY D 548 4.28 -13.56 -36.58
N MET D 549 5.05 -13.92 -35.55
CA MET D 549 6.50 -13.92 -35.68
C MET D 549 6.95 -14.94 -36.73
N LEU D 550 6.38 -16.14 -36.69
CA LEU D 550 6.71 -17.14 -37.71
C LEU D 550 6.29 -16.68 -39.11
N SER D 551 5.12 -16.04 -39.22
CA SER D 551 4.65 -15.59 -40.52
C SER D 551 5.51 -14.45 -41.06
N ILE D 552 6.04 -13.60 -40.17
CA ILE D 552 6.94 -12.54 -40.60
C ILE D 552 8.25 -13.13 -41.10
N PHE D 553 8.76 -14.17 -40.43
CA PHE D 553 9.92 -14.88 -40.99
C PHE D 553 9.61 -15.43 -42.38
N ILE D 554 8.45 -16.07 -42.52
CA ILE D 554 8.10 -16.67 -43.81
C ILE D 554 8.00 -15.61 -44.89
N ALA D 555 7.39 -14.47 -44.57
CA ALA D 555 7.26 -13.39 -45.55
C ALA D 555 8.62 -12.82 -45.94
N ALA D 556 9.52 -12.64 -44.95
CA ALA D 556 10.85 -12.13 -45.26
C ALA D 556 11.60 -13.09 -46.18
N PHE D 557 11.54 -14.39 -45.88
CA PHE D 557 12.24 -15.36 -46.72
C PHE D 557 11.61 -15.47 -48.09
N THR D 558 10.28 -15.31 -48.20
CA THR D 558 9.63 -15.32 -49.50
C THR D 558 10.07 -14.13 -50.34
N ALA D 559 10.14 -12.94 -49.73
CA ALA D 559 10.61 -11.76 -50.47
C ALA D 559 12.05 -11.96 -50.92
N ARG D 560 12.90 -12.51 -50.05
CA ARG D 560 14.27 -12.82 -50.44
C ARG D 560 14.31 -13.81 -51.59
N PHE D 561 13.41 -14.80 -51.59
CA PHE D 561 13.38 -15.79 -52.65
C PHE D 561 12.97 -15.18 -53.99
N LEU D 562 11.97 -14.30 -54.00
CA LEU D 562 11.62 -13.61 -55.24
C LEU D 562 12.77 -12.73 -55.72
N ALA D 563 13.47 -12.06 -54.81
CA ALA D 563 14.64 -11.29 -55.21
C ALA D 563 15.69 -12.19 -55.84
N PHE D 564 15.93 -13.36 -55.25
CA PHE D 564 16.90 -14.30 -55.80
C PHE D 564 16.46 -14.79 -57.18
N LEU D 565 15.16 -15.05 -57.35
CA LEU D 565 14.66 -15.51 -58.65
C LEU D 565 14.86 -14.45 -59.72
N GLN D 566 14.56 -13.20 -59.39
CA GLN D 566 14.79 -12.12 -60.36
C GLN D 566 16.26 -12.01 -60.71
N ALA D 567 17.13 -12.07 -59.69
CA ALA D 567 18.56 -11.95 -59.93
C ALA D 567 19.07 -13.10 -60.79
N THR D 568 18.61 -14.32 -60.54
CA THR D 568 19.11 -15.46 -61.31
C THR D 568 18.54 -15.46 -62.72
N LYS D 569 17.33 -14.91 -62.92
CA LYS D 569 16.83 -14.72 -64.28
C LYS D 569 17.72 -13.75 -65.04
N ALA D 570 18.10 -12.65 -64.38
CA ALA D 570 19.02 -11.70 -65.01
C ALA D 570 20.37 -12.34 -65.32
N GLN D 571 20.88 -13.16 -64.39
CA GLN D 571 22.14 -13.85 -64.62
C GLN D 571 22.05 -14.82 -65.80
N GLN D 572 20.95 -15.57 -65.88
CA GLN D 572 20.75 -16.47 -67.01
C GLN D 572 20.74 -15.71 -68.32
N TYR D 573 20.01 -14.58 -68.35
CA TYR D 573 19.97 -13.76 -69.56
C TYR D 573 21.37 -13.29 -69.96
N VAL D 574 22.12 -12.74 -68.99
CA VAL D 574 23.39 -12.12 -69.32
C VAL D 574 24.42 -13.16 -69.74
N ASP D 575 24.38 -14.35 -69.13
CA ASP D 575 25.32 -15.38 -69.55
C ASP D 575 24.92 -16.00 -70.88
N SER D 576 23.62 -16.07 -71.18
CA SER D 576 23.17 -16.69 -72.41
C SER D 576 23.43 -15.80 -73.62
N TYR D 577 23.15 -14.50 -73.50
CA TYR D 577 23.11 -13.64 -74.69
C TYR D 577 24.44 -12.94 -74.98
N VAL D 578 24.92 -12.10 -74.07
CA VAL D 578 26.10 -11.30 -74.36
C VAL D 578 27.36 -12.11 -74.10
N GLN D 579 28.34 -11.98 -74.99
CA GLN D 579 29.60 -12.71 -74.91
C GLN D 579 30.75 -11.71 -74.86
N GLU D 580 31.09 -11.25 -73.66
CA GLU D 580 32.22 -10.35 -73.49
C GLU D 580 33.00 -10.78 -72.26
N SER D 581 34.29 -10.42 -72.24
CA SER D 581 35.13 -10.77 -71.10
C SER D 581 34.70 -10.04 -69.84
N ASP D 582 34.35 -8.76 -69.96
CA ASP D 582 33.98 -7.93 -68.83
C ASP D 582 32.57 -7.39 -69.02
N LEU D 583 31.76 -7.46 -67.95
CA LEU D 583 30.39 -7.00 -68.03
C LEU D 583 30.27 -5.48 -67.98
N SER D 584 31.30 -4.79 -67.48
CA SER D 584 31.22 -3.34 -67.31
C SER D 584 31.04 -2.64 -68.66
N GLU D 585 31.76 -3.10 -69.69
CA GLU D 585 31.67 -2.48 -71.00
C GLU D 585 30.35 -2.77 -71.70
N VAL D 586 29.56 -3.71 -71.20
CA VAL D 586 28.31 -4.10 -71.86
C VAL D 586 27.23 -3.08 -71.55
N THR D 587 26.47 -2.70 -72.58
CA THR D 587 25.30 -1.83 -72.42
C THR D 587 24.06 -2.73 -72.38
N LEU D 588 23.76 -3.25 -71.19
CA LEU D 588 22.70 -4.22 -71.02
C LEU D 588 21.32 -3.55 -71.20
N PRO D 589 20.31 -4.33 -71.56
CA PRO D 589 18.95 -3.78 -71.61
C PRO D 589 18.52 -3.33 -70.23
N PRO D 590 17.68 -2.29 -70.14
CA PRO D 590 17.37 -1.70 -68.82
C PRO D 590 16.79 -2.68 -67.82
N GLU D 591 15.93 -3.61 -68.26
CA GLU D 591 15.39 -4.60 -67.34
C GLU D 591 16.48 -5.48 -66.76
N ILE D 592 17.45 -5.87 -67.58
CA ILE D 592 18.57 -6.67 -67.09
C ILE D 592 19.62 -5.76 -66.45
N GLN D 593 19.75 -4.53 -66.93
CA GLN D 593 20.71 -3.58 -66.37
C GLN D 593 20.34 -3.15 -64.96
N TYR D 594 19.07 -3.26 -64.57
CA TYR D 594 18.67 -2.84 -63.23
C TYR D 594 19.39 -3.65 -62.16
N PHE D 595 19.61 -4.93 -62.40
CA PHE D 595 20.18 -5.80 -61.39
C PHE D 595 21.70 -5.67 -61.28
N THR D 596 22.29 -4.67 -61.93
CA THR D 596 23.70 -4.37 -61.77
C THR D 596 23.96 -3.18 -60.86
N TYR D 597 22.93 -2.44 -60.46
CA TYR D 597 23.11 -1.28 -59.61
C TYR D 597 23.39 -1.69 -58.17
N ALA D 598 23.90 -0.73 -57.41
CA ALA D 598 24.29 -0.93 -56.03
C ALA D 598 23.08 -0.70 -55.11
N ARG D 599 23.34 -0.61 -53.81
CA ARG D 599 22.26 -0.43 -52.84
C ARG D 599 21.51 0.86 -53.06
N ASP D 600 22.23 1.94 -53.41
CA ASP D 600 21.61 3.25 -53.54
C ASP D 600 20.57 3.27 -54.65
N LYS D 601 20.89 2.66 -55.78
CA LYS D 601 20.01 2.67 -56.95
C LYS D 601 19.11 1.44 -56.95
N TRP D 602 18.31 1.32 -55.89
CA TRP D 602 17.31 0.29 -55.75
C TRP D 602 15.94 0.93 -55.65
N LEU D 603 14.92 0.24 -56.16
CA LEU D 603 13.56 0.72 -56.03
C LEU D 603 13.15 0.70 -54.56
N PRO D 604 12.33 1.66 -54.12
CA PRO D 604 11.86 1.64 -52.73
C PRO D 604 11.11 0.37 -52.37
N SER D 605 10.38 -0.23 -53.32
CA SER D 605 9.67 -1.47 -53.12
C SER D 605 10.47 -2.68 -53.58
N ASP D 606 11.81 -2.58 -53.56
CA ASP D 606 12.64 -3.71 -53.96
C ASP D 606 12.38 -4.90 -53.04
N PRO D 607 12.27 -6.11 -53.58
CA PRO D 607 11.98 -7.27 -52.73
C PRO D 607 13.02 -7.49 -51.64
N GLN D 608 14.29 -7.19 -51.89
CA GLN D 608 15.30 -7.35 -50.85
C GLN D 608 15.14 -6.32 -49.73
N ILE D 609 14.69 -5.11 -50.05
CA ILE D 609 14.41 -4.12 -49.02
C ILE D 609 13.32 -4.63 -48.10
N ILE D 610 12.24 -5.16 -48.68
CA ILE D 610 11.14 -5.72 -47.89
C ILE D 610 11.65 -6.90 -47.07
N SER D 611 12.49 -7.74 -47.67
CA SER D 611 13.02 -8.91 -46.96
C SER D 611 13.82 -8.49 -45.74
N GLU D 612 14.71 -7.52 -45.90
CA GLU D 612 15.53 -7.06 -44.77
C GLU D 612 14.67 -6.41 -43.70
N GLY D 613 13.71 -5.59 -44.11
CA GLY D 613 12.85 -4.94 -43.13
C GLY D 613 12.03 -5.93 -42.32
N LEU D 614 11.47 -6.95 -42.99
CA LEU D 614 10.70 -7.96 -42.27
C LEU D 614 11.60 -8.84 -41.42
N TYR D 615 12.82 -9.12 -41.91
CA TYR D 615 13.76 -9.96 -41.16
C TYR D 615 14.16 -9.29 -39.85
N ALA D 616 14.36 -7.97 -39.87
CA ALA D 616 14.69 -7.27 -38.63
C ALA D 616 13.59 -7.40 -37.59
N ILE D 617 12.33 -7.22 -38.01
CA ILE D 617 11.20 -7.34 -37.09
C ILE D 617 11.08 -8.76 -36.57
N ALA D 618 11.27 -9.75 -37.45
CA ALA D 618 11.20 -11.13 -37.04
C ALA D 618 12.30 -11.46 -36.03
N VAL D 619 13.51 -10.94 -36.24
CA VAL D 619 14.60 -11.18 -35.30
C VAL D 619 14.29 -10.55 -33.96
N VAL D 620 13.73 -9.34 -33.96
CA VAL D 620 13.34 -8.71 -32.69
C VAL D 620 12.30 -9.55 -31.97
N LEU D 621 11.29 -10.03 -32.70
CA LEU D 621 10.22 -10.80 -32.08
C LEU D 621 10.65 -12.21 -31.68
N SER D 622 11.74 -12.72 -32.25
CA SER D 622 12.20 -14.06 -31.90
C SER D 622 12.56 -14.16 -30.43
N PHE D 623 13.19 -13.13 -29.88
CA PHE D 623 13.60 -13.15 -28.48
C PHE D 623 12.43 -13.12 -27.52
N SER D 624 11.21 -12.88 -28.00
CA SER D 624 10.06 -12.97 -27.12
C SER D 624 9.74 -14.41 -26.71
N ARG D 625 10.30 -15.39 -27.41
CA ARG D 625 10.05 -16.79 -27.05
C ARG D 625 10.67 -17.18 -25.72
N ILE D 626 11.45 -16.30 -25.11
CA ILE D 626 11.97 -16.55 -23.76
C ILE D 626 10.82 -16.70 -22.77
N ALA D 627 9.67 -16.12 -23.07
CA ALA D 627 8.51 -16.23 -22.19
C ALA D 627 8.04 -17.67 -22.02
N TYR D 628 8.41 -18.58 -22.92
CA TYR D 628 8.09 -19.99 -22.74
C TYR D 628 9.06 -20.71 -21.82
N ILE D 629 10.12 -20.05 -21.35
CA ILE D 629 11.14 -20.71 -20.57
C ILE D 629 11.25 -20.14 -19.15
N LEU D 630 10.94 -18.86 -18.96
CA LEU D 630 11.00 -18.19 -17.66
C LEU D 630 10.10 -18.83 -16.60
N PRO D 631 8.88 -19.28 -16.93
CA PRO D 631 8.04 -19.89 -15.88
C PRO D 631 8.69 -21.09 -15.20
N ALA D 632 9.57 -21.81 -15.89
CA ALA D 632 10.24 -22.93 -15.26
C ALA D 632 11.19 -22.48 -14.16
N ASN D 633 11.78 -21.29 -14.29
CA ASN D 633 12.71 -20.79 -13.29
C ASN D 633 11.97 -20.31 -12.04
N GLU D 634 12.59 -20.55 -10.90
CA GLU D 634 11.96 -20.22 -9.61
C GLU D 634 11.99 -18.73 -9.34
N SER D 635 13.01 -18.02 -9.84
CA SER D 635 13.17 -16.60 -9.53
C SER D 635 12.53 -15.67 -10.57
N PHE D 636 12.57 -16.03 -11.85
CA PHE D 636 12.02 -15.18 -12.89
C PHE D 636 10.55 -15.46 -13.20
N GLY D 637 10.03 -16.60 -12.76
CA GLY D 637 8.63 -16.92 -12.93
C GLY D 637 7.70 -15.91 -12.29
N PRO D 638 7.94 -15.56 -11.02
CA PRO D 638 7.14 -14.47 -10.41
C PRO D 638 7.30 -13.15 -11.12
N LEU D 639 8.48 -12.87 -11.68
CA LEU D 639 8.67 -11.64 -12.45
C LEU D 639 7.76 -11.61 -13.68
N GLN D 640 7.73 -12.72 -14.42
CA GLN D 640 6.83 -12.81 -15.56
C GLN D 640 5.38 -12.73 -15.12
N ILE D 641 5.07 -13.27 -13.95
CA ILE D 641 3.71 -13.21 -13.42
C ILE D 641 3.30 -11.76 -13.17
N SER D 642 4.20 -10.98 -12.56
CA SER D 642 3.90 -9.56 -12.33
C SER D 642 3.76 -8.79 -13.64
N LEU D 643 4.62 -9.11 -14.62
CA LEU D 643 4.50 -8.48 -15.93
C LEU D 643 3.13 -8.74 -16.54
N GLY D 644 2.69 -9.99 -16.51
CA GLY D 644 1.36 -10.32 -16.98
C GLY D 644 0.25 -9.67 -16.19
N ARG D 645 0.46 -9.48 -14.88
CA ARG D 645 -0.52 -8.77 -14.07
C ARG D 645 -0.70 -7.34 -14.54
N THR D 646 0.40 -6.67 -14.88
CA THR D 646 0.33 -5.25 -15.25
C THR D 646 -0.01 -5.00 -16.71
N VAL D 647 0.25 -5.95 -17.61
CA VAL D 647 0.06 -5.69 -19.05
C VAL D 647 -1.40 -5.37 -19.36
N LYS D 648 -2.33 -5.92 -18.57
CA LYS D 648 -3.75 -5.72 -18.83
C LYS D 648 -4.18 -4.26 -18.72
N ASP D 649 -3.67 -3.53 -17.73
CA ASP D 649 -3.95 -2.10 -17.66
C ASP D 649 -2.95 -1.27 -18.46
N ILE D 650 -1.77 -1.84 -18.77
CA ILE D 650 -0.91 -1.21 -19.76
C ILE D 650 -1.66 -0.98 -21.06
N PHE D 651 -2.40 -1.99 -21.52
CA PHE D 651 -3.14 -1.87 -22.78
C PHE D 651 -4.17 -0.75 -22.72
N LYS D 652 -4.95 -0.71 -21.63
CA LYS D 652 -6.01 0.30 -21.51
C LYS D 652 -5.43 1.70 -21.45
N PHE D 653 -4.35 1.88 -20.70
CA PHE D 653 -3.77 3.22 -20.61
C PHE D 653 -3.04 3.60 -21.88
N MET D 654 -2.54 2.64 -22.66
CA MET D 654 -2.04 2.98 -24.00
C MET D 654 -3.18 3.40 -24.91
N VAL D 655 -4.37 2.82 -24.73
CA VAL D 655 -5.54 3.29 -25.49
C VAL D 655 -5.86 4.74 -25.13
N LEU D 656 -5.82 5.06 -23.83
CA LEU D 656 -6.04 6.45 -23.41
C LEU D 656 -4.96 7.37 -23.95
N PHE D 657 -3.70 6.92 -23.91
CA PHE D 657 -2.61 7.67 -24.52
C PHE D 657 -2.89 7.95 -25.99
N ILE D 658 -3.38 6.95 -26.71
CA ILE D 658 -3.67 7.10 -28.13
C ILE D 658 -4.77 8.13 -28.35
N MET D 659 -5.81 8.09 -27.50
CA MET D 659 -6.89 9.06 -27.63
C MET D 659 -6.38 10.49 -27.45
N VAL D 660 -5.66 10.74 -26.35
CA VAL D 660 -5.15 12.08 -26.08
C VAL D 660 -4.17 12.51 -27.16
N PHE D 661 -3.29 11.58 -27.57
CA PHE D 661 -2.29 11.87 -28.60
C PHE D 661 -2.95 12.24 -29.92
N PHE D 662 -3.99 11.51 -30.32
CA PHE D 662 -4.66 11.81 -31.58
C PHE D 662 -5.38 13.16 -31.51
N ALA D 663 -6.01 13.45 -30.36
CA ALA D 663 -6.63 14.76 -30.20
C ALA D 663 -5.63 15.88 -30.41
N PHE D 664 -4.51 15.81 -29.69
CA PHE D 664 -3.51 16.88 -29.78
C PHE D 664 -2.84 16.89 -31.15
N MET D 665 -2.68 15.73 -31.78
CA MET D 665 -2.07 15.66 -33.10
C MET D 665 -2.94 16.35 -34.13
N ILE D 666 -4.25 16.09 -34.11
CA ILE D 666 -5.15 16.76 -35.03
C ILE D 666 -5.16 18.26 -34.77
N GLY D 667 -5.17 18.66 -33.49
CA GLY D 667 -5.15 20.07 -33.18
C GLY D 667 -3.90 20.77 -33.68
N MET D 668 -2.73 20.17 -33.44
CA MET D 668 -1.47 20.74 -33.89
C MET D 668 -1.42 20.82 -35.42
N PHE D 669 -1.82 19.76 -36.11
CA PHE D 669 -1.77 19.76 -37.56
C PHE D 669 -2.70 20.82 -38.14
N ILE D 670 -3.92 20.93 -37.60
CA ILE D 670 -4.85 21.94 -38.07
C ILE D 670 -4.30 23.34 -37.83
N LEU D 671 -3.66 23.56 -36.68
CA LEU D 671 -3.10 24.88 -36.38
C LEU D 671 -1.96 25.23 -37.33
N TYR D 672 -1.05 24.28 -37.57
CA TYR D 672 0.21 24.58 -38.24
C TYR D 672 0.27 24.11 -39.70
N SER D 673 -0.83 23.62 -40.26
CA SER D 673 -0.79 23.08 -41.62
C SER D 673 -0.52 24.16 -42.65
N TYR D 674 -0.91 25.40 -42.36
CA TYR D 674 -0.81 26.50 -43.33
C TYR D 674 0.54 27.20 -43.31
N TYR D 675 1.49 26.72 -42.51
CA TYR D 675 2.79 27.36 -42.40
C TYR D 675 3.91 26.40 -42.78
N LEU D 676 3.73 25.71 -43.91
CA LEU D 676 4.73 24.73 -44.34
C LEU D 676 6.10 25.38 -44.58
N GLY D 677 6.12 26.52 -45.27
CA GLY D 677 7.36 27.20 -45.52
C GLY D 677 7.58 28.38 -44.58
N ALA D 678 6.60 28.61 -43.70
CA ALA D 678 6.62 29.74 -42.79
C ALA D 678 7.10 29.38 -41.39
N LYS D 679 7.54 28.14 -41.18
CA LYS D 679 7.99 27.69 -39.86
C LYS D 679 9.49 27.44 -39.88
N VAL D 680 10.15 27.76 -38.77
CA VAL D 680 11.59 27.52 -38.67
C VAL D 680 11.88 26.03 -38.73
N ASN D 681 10.92 25.19 -38.31
CA ASN D 681 11.08 23.74 -38.28
C ASN D 681 9.80 23.13 -38.82
N ALA D 682 9.93 22.22 -39.78
CA ALA D 682 8.77 21.46 -40.25
C ALA D 682 8.41 20.46 -39.17
N ALA D 683 7.45 20.81 -38.30
CA ALA D 683 7.13 20.00 -37.14
C ALA D 683 5.69 19.51 -37.15
N PHE D 684 4.71 20.40 -37.33
CA PHE D 684 3.31 20.02 -37.32
C PHE D 684 2.64 20.31 -38.66
N THR D 685 3.42 20.49 -39.71
CA THR D 685 2.89 20.91 -41.00
C THR D 685 2.19 19.79 -41.77
N THR D 686 2.44 18.53 -41.41
CA THR D 686 1.75 17.39 -41.99
C THR D 686 1.32 16.46 -40.88
N VAL D 687 0.42 15.53 -41.21
CA VAL D 687 -0.01 14.54 -40.24
C VAL D 687 1.16 13.66 -39.82
N GLU D 688 1.98 13.26 -40.79
CA GLU D 688 3.17 12.47 -40.49
C GLU D 688 4.10 13.23 -39.55
N GLU D 689 4.39 14.48 -39.87
CA GLU D 689 5.32 15.25 -39.06
C GLU D 689 4.75 15.54 -37.68
N SER D 690 3.46 15.85 -37.60
CA SER D 690 2.83 16.09 -36.30
C SER D 690 2.88 14.84 -35.43
N PHE D 691 2.54 13.68 -36.02
CA PHE D 691 2.65 12.44 -35.27
C PHE D 691 4.06 12.21 -34.78
N LYS D 692 5.04 12.44 -35.66
CA LYS D 692 6.44 12.19 -35.30
C LYS D 692 6.87 13.06 -34.14
N THR D 693 6.66 14.37 -34.24
CA THR D 693 7.11 15.27 -33.19
C THR D 693 6.37 15.01 -31.88
N LEU D 694 5.06 14.76 -31.94
CA LEU D 694 4.34 14.55 -30.69
C LEU D 694 4.70 13.22 -30.04
N PHE D 695 4.99 12.19 -30.83
CA PHE D 695 5.41 10.92 -30.23
C PHE D 695 6.79 11.06 -29.61
N TRP D 696 7.73 11.67 -30.31
CA TRP D 696 9.08 11.76 -29.79
C TRP D 696 9.23 12.87 -28.74
N SER D 697 8.20 13.69 -28.53
CA SER D 697 8.18 14.57 -27.38
C SER D 697 7.96 13.81 -26.08
N ILE D 698 7.36 12.62 -26.15
CA ILE D 698 7.13 11.82 -24.93
C ILE D 698 8.46 11.46 -24.28
N PHE D 699 9.43 11.05 -25.08
CA PHE D 699 10.74 10.66 -24.58
C PHE D 699 11.77 11.78 -24.66
N GLY D 700 11.33 12.98 -25.05
CA GLY D 700 12.21 14.15 -25.02
C GLY D 700 13.18 14.26 -26.17
N LEU D 701 12.87 13.67 -27.33
CA LEU D 701 13.73 13.78 -28.50
C LEU D 701 13.24 14.81 -29.51
N SER D 702 12.31 15.67 -29.13
CA SER D 702 11.89 16.78 -29.98
C SER D 702 12.11 18.09 -29.24
N GLU D 703 12.59 19.09 -29.98
CA GLU D 703 12.95 20.38 -29.39
C GLU D 703 11.71 21.27 -29.29
N VAL D 704 11.81 22.33 -28.48
CA VAL D 704 10.71 23.26 -28.25
C VAL D 704 10.51 24.23 -29.42
N THR D 705 11.50 24.37 -30.29
CA THR D 705 11.37 25.25 -31.45
C THR D 705 10.40 24.69 -32.49
N SER D 706 9.71 23.60 -32.19
CA SER D 706 8.72 23.01 -33.08
C SER D 706 7.48 23.89 -33.25
N VAL D 707 7.31 24.90 -32.40
CA VAL D 707 6.12 25.74 -32.39
C VAL D 707 6.45 27.19 -32.72
N VAL D 708 7.55 27.43 -33.42
CA VAL D 708 8.03 28.78 -33.70
C VAL D 708 7.86 29.05 -35.19
N LEU D 709 7.27 30.19 -35.52
CA LEU D 709 7.02 30.59 -36.89
C LEU D 709 8.12 31.54 -37.37
N LYS D 710 8.19 31.69 -38.70
CA LYS D 710 9.01 32.72 -39.31
C LYS D 710 8.23 34.00 -39.57
N TYR D 711 6.93 34.01 -39.33
CA TYR D 711 6.08 35.17 -39.50
C TYR D 711 5.76 35.79 -38.15
N ASP D 712 5.26 37.02 -38.18
CA ASP D 712 4.93 37.75 -36.96
C ASP D 712 3.46 37.53 -36.58
N HIS D 713 3.11 36.27 -36.39
CA HIS D 713 1.77 35.86 -35.94
C HIS D 713 1.94 35.27 -34.55
N LYS D 714 1.93 36.13 -33.53
CA LYS D 714 2.13 35.67 -32.17
C LYS D 714 0.93 34.92 -31.62
N PHE D 715 -0.26 35.12 -32.20
CA PHE D 715 -1.42 34.38 -31.75
C PHE D 715 -1.27 32.90 -32.04
N ILE D 716 -0.92 32.55 -33.29
CA ILE D 716 -0.73 31.15 -33.67
C ILE D 716 0.42 30.54 -32.88
N GLU D 717 1.53 31.26 -32.77
CA GLU D 717 2.70 30.72 -32.08
C GLU D 717 2.43 30.50 -30.60
N ASN D 718 1.75 31.46 -29.95
CA ASN D 718 1.45 31.31 -28.53
C ASN D 718 0.44 30.20 -28.29
N ILE D 719 -0.55 30.06 -29.17
CA ILE D 719 -1.50 28.96 -29.04
C ILE D 719 -0.80 27.63 -29.21
N GLY D 720 0.14 27.55 -30.16
CA GLY D 720 0.92 26.33 -30.30
C GLY D 720 1.76 26.03 -29.08
N TYR D 721 2.39 27.05 -28.50
CA TYR D 721 3.14 26.88 -27.26
C TYR D 721 2.25 26.32 -26.15
N VAL D 722 1.08 26.93 -25.96
CA VAL D 722 0.18 26.53 -24.89
C VAL D 722 -0.31 25.10 -25.12
N LEU D 723 -0.71 24.78 -26.35
CA LEU D 723 -1.20 23.45 -26.64
C LEU D 723 -0.11 22.40 -26.46
N TYR D 724 1.12 22.71 -26.87
CA TYR D 724 2.21 21.76 -26.73
C TYR D 724 2.58 21.53 -25.27
N GLY D 725 2.61 22.60 -24.47
CA GLY D 725 2.84 22.44 -23.04
C GLY D 725 1.73 21.66 -22.36
N ILE D 726 0.48 21.93 -22.74
CA ILE D 726 -0.64 21.19 -22.16
C ILE D 726 -0.58 19.74 -22.58
N TYR D 727 -0.13 19.46 -23.80
CA TYR D 727 0.05 18.07 -24.24
C TYR D 727 1.08 17.36 -23.39
N ASN D 728 2.21 18.03 -23.13
CA ASN D 728 3.24 17.41 -22.28
C ASN D 728 2.71 17.16 -20.87
N VAL D 729 2.00 18.13 -20.30
CA VAL D 729 1.46 17.98 -18.96
C VAL D 729 0.45 16.84 -18.92
N THR D 730 -0.41 16.75 -19.93
CA THR D 730 -1.40 15.69 -19.99
C THR D 730 -0.75 14.32 -20.12
N MET D 731 0.32 14.22 -20.93
CA MET D 731 1.03 12.96 -21.05
C MET D 731 1.63 12.54 -19.71
N VAL D 732 2.22 13.50 -18.98
CA VAL D 732 2.77 13.18 -17.66
C VAL D 732 1.66 12.71 -16.72
N VAL D 733 0.52 13.40 -16.74
CA VAL D 733 -0.59 13.04 -15.86
C VAL D 733 -1.10 11.64 -16.17
N VAL D 734 -1.26 11.32 -17.45
CA VAL D 734 -1.73 10.00 -17.85
C VAL D 734 -0.72 8.93 -17.46
N LEU D 735 0.58 9.23 -17.60
CA LEU D 735 1.61 8.30 -17.17
C LEU D 735 1.53 8.01 -15.69
N LEU D 736 1.36 9.05 -14.87
CA LEU D 736 1.27 8.84 -13.43
C LEU D 736 0.03 8.06 -13.05
N ASN D 737 -1.10 8.35 -13.70
CA ASN D 737 -2.31 7.60 -13.45
C ASN D 737 -2.14 6.13 -13.84
N MET D 738 -1.45 5.87 -14.95
CA MET D 738 -1.20 4.49 -15.36
C MET D 738 -0.31 3.78 -14.35
N LEU D 739 0.71 4.47 -13.83
CA LEU D 739 1.56 3.89 -12.80
C LEU D 739 0.76 3.54 -11.56
N ILE D 740 -0.15 4.42 -11.14
CA ILE D 740 -0.93 4.17 -9.94
C ILE D 740 -1.93 3.04 -10.17
N ALA D 741 -2.51 2.97 -11.37
CA ALA D 741 -3.39 1.85 -11.69
C ALA D 741 -2.62 0.54 -11.66
N MET D 742 -1.39 0.54 -12.17
CA MET D 742 -0.55 -0.66 -12.12
C MET D 742 -0.24 -1.05 -10.68
N ILE D 743 0.03 -0.06 -9.83
CA ILE D 743 0.28 -0.32 -8.41
C ILE D 743 -0.94 -0.96 -7.77
N ASN D 744 -2.13 -0.41 -8.05
CA ASN D 744 -3.36 -0.99 -7.50
C ASN D 744 -3.58 -2.41 -8.00
N SER D 745 -3.34 -2.65 -9.29
CA SER D 745 -3.49 -3.99 -9.83
C SER D 745 -2.43 -4.96 -9.32
N SER D 746 -1.31 -4.44 -8.81
CA SER D 746 -0.28 -5.30 -8.24
C SER D 746 -0.76 -6.03 -7.00
N TYR D 747 -1.79 -5.52 -6.33
CA TYR D 747 -2.36 -6.21 -5.17
C TYR D 747 -3.87 -5.94 -5.07
N ASP D 752 -0.34 -15.45 -0.37
CA ASP D 752 0.59 -15.98 -1.36
C ASP D 752 -0.12 -16.28 -2.67
N ASP D 753 -0.80 -15.26 -3.21
CA ASP D 753 -1.46 -15.43 -4.51
C ASP D 753 -0.46 -15.40 -5.66
N SER D 754 0.61 -14.61 -5.52
CA SER D 754 1.64 -14.61 -6.54
C SER D 754 2.35 -15.95 -6.63
N ASP D 755 2.59 -16.59 -5.48
CA ASP D 755 3.24 -17.89 -5.47
C ASP D 755 2.39 -18.95 -6.16
N VAL D 756 1.09 -18.97 -5.87
CA VAL D 756 0.22 -19.96 -6.50
C VAL D 756 0.03 -19.64 -7.97
N GLU D 757 0.04 -18.35 -8.35
CA GLU D 757 -0.05 -18.00 -9.76
C GLU D 757 1.17 -18.49 -10.53
N TRP D 758 2.37 -18.26 -9.99
CA TRP D 758 3.58 -18.74 -10.64
C TRP D 758 3.62 -20.26 -10.69
N LYS D 759 3.20 -20.93 -9.62
CA LYS D 759 3.19 -22.39 -9.63
C LYS D 759 2.17 -22.93 -10.63
N PHE D 760 1.04 -22.26 -10.80
CA PHE D 760 0.08 -22.64 -11.83
C PHE D 760 0.70 -22.51 -13.22
N ALA D 761 1.40 -21.41 -13.48
CA ALA D 761 2.06 -21.23 -14.77
C ALA D 761 3.12 -22.30 -15.00
N ARG D 762 3.92 -22.60 -13.98
CA ARG D 762 4.96 -23.62 -14.10
C ARG D 762 4.36 -25.00 -14.32
N SER D 763 3.23 -25.29 -13.68
CA SER D 763 2.57 -26.58 -13.88
C SER D 763 2.01 -26.70 -15.28
N LYS D 764 1.47 -25.60 -15.83
CA LYS D 764 1.06 -25.61 -17.23
C LYS D 764 2.25 -25.89 -18.14
N LEU D 765 3.39 -25.25 -17.86
CA LEU D 765 4.60 -25.51 -18.65
C LEU D 765 5.01 -26.97 -18.56
N TRP D 766 4.97 -27.55 -17.36
CA TRP D 766 5.35 -28.95 -17.19
C TRP D 766 4.42 -29.87 -17.95
N LEU D 767 3.11 -29.67 -17.80
CA LEU D 767 2.15 -30.55 -18.45
C LEU D 767 2.18 -30.40 -19.96
N SER D 768 2.66 -29.28 -20.48
CA SER D 768 2.89 -29.18 -21.91
C SER D 768 3.93 -30.19 -22.38
N TYR D 769 4.87 -30.55 -21.51
CA TYR D 769 5.94 -31.49 -21.85
C TYR D 769 5.69 -32.90 -21.33
N PHE D 770 4.68 -33.09 -20.47
CA PHE D 770 4.43 -34.43 -19.94
C PHE D 770 4.07 -35.40 -21.04
N ASP D 771 3.21 -34.98 -21.97
CA ASP D 771 2.85 -35.81 -23.12
C ASP D 771 2.53 -34.93 -24.33
N LYS D 774 6.67 -34.56 -28.86
CA LYS D 774 7.40 -33.41 -28.34
C LYS D 774 8.78 -33.83 -27.86
N THR D 775 9.16 -35.07 -28.15
CA THR D 775 10.45 -35.57 -27.67
C THR D 775 11.62 -34.89 -28.38
N LEU D 776 11.40 -34.42 -29.61
CA LEU D 776 12.45 -33.75 -30.34
C LEU D 776 12.08 -32.28 -30.59
N PRO D 777 13.08 -31.41 -30.67
CA PRO D 777 12.80 -29.98 -30.90
C PRO D 777 12.14 -29.75 -32.25
N PRO D 778 11.54 -28.58 -32.46
CA PRO D 778 10.84 -28.30 -33.72
C PRO D 778 11.70 -28.50 -34.96
N PRO D 779 12.98 -28.09 -34.97
CA PRO D 779 13.79 -28.36 -36.16
C PRO D 779 13.96 -29.83 -36.47
N PHE D 780 14.01 -30.69 -35.46
CA PHE D 780 14.19 -32.12 -35.65
C PHE D 780 12.88 -32.88 -35.69
N SER D 781 11.75 -32.19 -35.64
CA SER D 781 10.43 -32.81 -35.73
C SER D 781 10.00 -33.06 -37.17
N LEU D 782 10.75 -32.56 -38.15
CA LEU D 782 10.40 -32.79 -39.55
C LEU D 782 10.54 -34.26 -39.92
N VAL D 783 11.59 -34.91 -39.46
CA VAL D 783 11.85 -36.31 -39.81
C VAL D 783 11.04 -37.25 -38.92
N GLN D 844 -17.98 -54.37 -2.28
CA GLN D 844 -16.79 -54.24 -3.11
C GLN D 844 -17.00 -53.27 -4.30
N PRO D 845 -17.38 -52.02 -4.00
CA PRO D 845 -17.73 -51.08 -5.08
C PRO D 845 -16.57 -50.84 -6.05
N THR D 846 -15.47 -50.29 -5.53
CA THR D 846 -14.26 -50.00 -6.30
C THR D 846 -13.23 -49.48 -5.30
N ARG D 847 -11.95 -49.69 -5.62
CA ARG D 847 -10.87 -49.10 -4.83
C ARG D 847 -10.96 -47.58 -4.84
N TYR D 848 -11.20 -47.00 -6.01
CA TYR D 848 -11.35 -45.55 -6.10
C TYR D 848 -12.55 -45.06 -5.31
N GLN D 849 -13.67 -45.79 -5.37
CA GLN D 849 -14.85 -45.40 -4.61
C GLN D 849 -14.60 -45.48 -3.11
N GLN D 850 -13.88 -46.51 -2.67
CA GLN D 850 -13.53 -46.62 -1.26
C GLN D 850 -12.65 -45.46 -0.82
N ILE D 851 -11.64 -45.12 -1.63
CA ILE D 851 -10.75 -44.01 -1.27
C ILE D 851 -11.51 -42.70 -1.25
N MET D 852 -12.40 -42.49 -2.22
CA MET D 852 -13.18 -41.26 -2.28
C MET D 852 -14.12 -41.16 -1.07
N LYS D 853 -14.76 -42.26 -0.70
CA LYS D 853 -15.61 -42.27 0.47
C LYS D 853 -14.82 -41.97 1.74
N ARG D 854 -13.63 -42.55 1.86
CA ARG D 854 -12.77 -42.28 3.01
C ARG D 854 -12.40 -40.80 3.09
N LEU D 855 -12.00 -40.22 1.95
CA LEU D 855 -11.60 -38.81 1.93
C LEU D 855 -12.78 -37.90 2.23
N ILE D 856 -13.97 -38.23 1.73
CA ILE D 856 -15.13 -37.40 1.98
C ILE D 856 -15.58 -37.50 3.43
N LYS D 857 -15.49 -38.70 4.02
CA LYS D 857 -15.75 -38.84 5.45
C LYS D 857 -14.77 -38.00 6.26
N ARG D 858 -13.49 -38.02 5.88
CA ARG D 858 -12.51 -37.17 6.54
C ARG D 858 -12.88 -35.70 6.42
N TYR D 859 -13.33 -35.28 5.24
CA TYR D 859 -13.72 -33.88 5.04
C TYR D 859 -14.91 -33.51 5.92
N VAL D 860 -15.92 -34.37 5.97
CA VAL D 860 -17.11 -34.07 6.77
C VAL D 860 -16.75 -33.98 8.24
N LEU D 861 -15.94 -34.93 8.72
CA LEU D 861 -15.53 -34.91 10.11
C LEU D 861 -14.72 -33.66 10.43
N LYS D 862 -13.78 -33.28 9.56
CA LYS D 862 -12.95 -32.11 9.83
C LYS D 862 -13.79 -30.84 9.83
N ALA D 863 -14.74 -30.73 8.89
CA ALA D 863 -15.61 -29.56 8.85
C ALA D 863 -16.47 -29.47 10.11
N GLN D 864 -17.03 -30.61 10.54
CA GLN D 864 -17.84 -30.61 11.76
C GLN D 864 -17.00 -30.27 12.99
N VAL D 865 -15.76 -30.76 13.05
CA VAL D 865 -14.89 -30.44 14.17
C VAL D 865 -14.55 -28.96 14.18
N ASP D 866 -14.28 -28.38 13.00
CA ASP D 866 -14.02 -26.94 12.95
C ASP D 866 -15.23 -26.14 13.39
N LYS D 867 -16.43 -26.53 12.94
CA LYS D 867 -17.64 -25.84 13.36
C LYS D 867 -17.85 -25.96 14.87
N GLU D 868 -17.61 -27.15 15.42
CA GLU D 868 -17.74 -27.33 16.87
C GLU D 868 -16.75 -26.46 17.62
N ASN D 869 -15.46 -26.53 17.25
CA ASN D 869 -14.45 -25.70 17.90
C ASN D 869 -14.79 -24.22 17.77
N ASP D 870 -15.49 -23.83 16.71
CA ASP D 870 -15.97 -22.46 16.61
C ASP D 870 -17.09 -22.19 17.60
N GLU D 871 -17.97 -23.17 17.83
CA GLU D 871 -19.15 -22.96 18.66
C GLU D 871 -19.38 -24.11 19.65
N VAL D 872 -18.32 -24.64 20.25
CA VAL D 872 -18.48 -25.66 21.28
C VAL D 872 -19.07 -25.05 22.54
N ASN D 873 -18.68 -23.82 22.88
CA ASN D 873 -19.15 -23.18 24.10
C ASN D 873 -20.66 -22.97 24.08
N GLU D 874 -21.19 -22.55 22.93
CA GLU D 874 -22.63 -22.34 22.78
C GLU D 874 -23.37 -23.68 22.71
ZN ZN E . -34.84 27.45 16.49
C10 A1L5P F . 3.02 30.93 -24.14
C12 A1L5P F . 4.61 34.96 -21.85
C13 A1L5P F . 4.50 29.00 -23.11
C14 A1L5P F . 4.40 35.40 -24.17
C15 A1L5P F . 1.24 27.72 -21.23
C16 A1L5P F . 3.33 28.28 -22.42
C17 A1L5P F . -0.10 27.67 -20.49
C18 A1L5P F . 1.90 26.43 -21.45
C19 A1L5P F . 0.13 27.51 -18.99
C20 A1L5P F . 1.11 25.24 -20.93
C22 A1L5P F . 1.25 26.52 -18.71
C23 A1L5P F . 1.00 25.18 -19.40
C07 A1L5P F . 4.43 32.83 -23.40
C08 A1L5P F . 3.07 32.43 -23.84
C09 A1L5P F . 5.44 32.43 -24.43
C11 A1L5P F . 5.49 30.92 -24.55
C21 A1L5P F . 4.62 36.42 -22.04
C24 A1L5P F . 2.16 28.88 -21.82
C25 A1L5P F . 4.73 34.34 -20.44
C26 A1L5P F . 4.74 37.37 -20.81
C27 A1L5P F . 4.86 35.25 -19.21
C28 A1L5P F . 4.86 36.77 -19.42
N04 A1L5P F . 4.33 30.22 -23.89
N05 A1L5P F . 4.48 34.33 -23.17
N06 A1L5P F . 4.49 36.69 -23.47
O02 A1L5P F . 5.59 28.55 -23.00
O03 A1L5P F . 4.29 35.27 -25.34
S01 A1L5P F . 3.23 26.74 -22.20
ZN ZN G . 18.90 8.42 42.56
C10 A1L5P H . 27.76 26.27 -9.39
C12 A1L5P H . 32.29 24.49 -8.87
C13 A1L5P H . 26.41 24.26 -10.45
C14 A1L5P H . 32.40 26.67 -9.80
C15 A1L5P H . 24.53 23.88 -6.98
C16 A1L5P H . 25.49 24.04 -9.25
C17 A1L5P H . 24.21 23.86 -5.48
C18 A1L5P H . 23.45 23.47 -7.87
C19 A1L5P H . 24.27 22.45 -4.93
C20 A1L5P H . 22.15 23.12 -7.15
C22 A1L5P H . 23.67 21.45 -5.92
C23 A1L5P H . 22.24 21.85 -6.29
C07 A1L5P H . 30.03 25.41 -9.88
C08 A1L5P H . 29.24 26.33 -9.03
C09 A1L5P H . 29.80 25.73 -11.32
C11 A1L5P H . 28.35 25.47 -11.69
C21 A1L5P H . 33.67 24.98 -8.72
C24 A1L5P H . 25.82 24.23 -7.85
C25 A1L5P H . 31.88 23.08 -8.36
C26 A1L5P H . 34.74 24.09 -8.04
C27 A1L5P H . 32.92 22.19 -7.69
C28 A1L5P H . 34.36 22.70 -7.54
N04 A1L5P H . 27.44 25.28 -10.50
N05 A1L5P H . 31.50 25.53 -9.54
N06 A1L5P H . 33.74 26.32 -9.29
O02 A1L5P H . 26.28 23.55 -11.40
O03 A1L5P H . 32.11 27.69 -10.32
S01 A1L5P H . 24.01 23.56 -9.32
ZN ZN I . 17.79 -43.27 7.11
C10 A1L5P J . 31.47 1.06 -23.60
C12 A1L5P J . 31.03 -1.90 -27.47
C13 A1L5P J . 29.07 2.14 -23.35
C14 A1L5P J . 33.04 -0.67 -27.65
C15 A1L5P J . 28.60 -0.04 -20.07
C16 A1L5P J . 28.75 1.49 -22.01
C17 A1L5P J . 28.66 -1.17 -19.04
C18 A1L5P J . 27.82 1.13 -19.68
C19 A1L5P J . 27.38 -1.99 -19.07
C20 A1L5P J . 27.22 1.04 -18.28
C22 A1L5P J . 26.16 -1.10 -19.23
C23 A1L5P J . 26.12 -0.02 -18.14
C07 A1L5P J . 31.20 0.22 -25.92
C08 A1L5P J . 31.96 0.07 -24.65
C09 A1L5P J . 31.28 1.64 -26.40
C11 A1L5P J . 30.61 2.57 -25.41
C21 A1L5P J . 31.88 -2.57 -28.47
C24 A1L5P J . 29.17 0.18 -21.54
C25 A1L5P J . 29.63 -2.47 -27.12
C26 A1L5P J . 31.39 -3.85 -29.19
C27 A1L5P J . 29.12 -3.73 -27.81
C28 A1L5P J . 30.01 -4.43 -28.86
N04 A1L5P J . 30.32 1.93 -24.07
N05 A1L5P J . 31.74 -0.73 -26.96
N06 A1L5P J . 33.12 -1.80 -28.59
O02 A1L5P J . 28.25 2.85 -23.84
O03 A1L5P J . 33.88 0.15 -27.50
S01 A1L5P J . 27.90 2.13 -20.88
ZN ZN K . -35.95 -24.24 -18.96
C10 A1L5P L . 6.73 5.73 -38.35
C12 A1L5P L . 3.35 8.57 -40.45
C13 A1L5P L . 7.16 6.88 -36.01
C14 A1L5P L . 5.05 8.06 -42.03
C15 A1L5P L . 5.31 3.80 -34.32
C16 A1L5P L . 6.60 5.72 -35.17
C17 A1L5P L . 4.36 2.63 -34.05
C18 A1L5P L . 6.27 4.09 -33.26
C19 A1L5P L . 3.23 3.07 -33.13
C20 A1L5P L . 6.18 3.16 -32.06
C22 A1L5P L . 3.74 3.98 -32.02
C23 A1L5P L . 4.88 3.31 -31.25
C07 A1L5P L . 5.60 7.64 -39.44
C08 A1L5P L . 5.80 6.17 -39.47
C09 A1L5P L . 6.93 8.34 -39.51
C11 A1L5P L . 7.75 8.02 -38.27
C21 A1L5P L . 2.83 8.87 -41.80
C24 A1L5P L . 5.51 4.84 -35.52
C25 A1L5P L . 2.48 8.79 -39.19
C26 A1L5P L . 1.39 9.42 -41.97
C27 A1L5P L . 1.05 9.33 -39.34
C28 A1L5P L . 0.51 9.65 -40.74
N04 A1L5P L . 7.21 6.86 -37.46
N05 A1L5P L . 4.72 8.07 -40.59
N06 A1L5P L . 3.87 8.57 -42.76
O02 A1L5P L . 7.57 7.84 -35.44
O03 A1L5P L . 6.07 7.73 -42.52
S01 A1L5P L . 7.11 5.31 -33.76
#